data_7UGO
#
_entry.id   7UGO
#
loop_
_entity.id
_entity.type
_entity.pdbx_description
1 polymer 'Envelope glycoprotein gp120'
2 polymer 'Envelope glycoprotein gp41'
3 polymer '10-1074 Fab heavy chain'
4 polymer '10-1074 Fab light chain'
5 polymer 'BG24 inferred germline Fab with mature CDR3s heavy chain'
6 polymer 'BG24 inferred germline Fab with mature CDR3s light chain'
7 branched alpha-D-mannopyranose-(1-3)-beta-D-mannopyranose-(1-4)-2-acetamido-2-deoxy-beta-D-glucopyranose-(1-4)-2-acetamido-2-deoxy-beta-D-glucopyranose
8 branched alpha-D-mannopyranose-(1-2)-alpha-D-mannopyranose-(1-6)-[alpha-D-mannopyranose-(1-2)]alpha-D-mannopyranose-(1-6)-beta-D-mannopyranose-(1-4)-2-acetamido-2-deoxy-beta-D-glucopyranose-(1-4)-2-acetamido-2-deoxy-beta-D-glucopyranose
9 branched 2-acetamido-2-deoxy-beta-D-glucopyranose-(1-4)-2-acetamido-2-deoxy-beta-D-glucopyranose
10 branched alpha-D-mannopyranose-(1-2)-alpha-D-mannopyranose
11 branched beta-D-mannopyranose-(1-4)-2-acetamido-2-deoxy-beta-D-glucopyranose-(1-4)-2-acetamido-2-deoxy-beta-D-glucopyranose
12 branched alpha-D-mannopyranose-(1-2)-alpha-D-mannopyranose-(1-6)-[alpha-D-mannopyranose-(1-3)]alpha-D-mannopyranose-(1-6)-beta-D-mannopyranose-(1-4)-2-acetamido-2-deoxy-beta-D-glucopyranose-(1-4)-2-acetamido-2-deoxy-beta-D-glucopyranose
13 branched alpha-D-mannopyranose-(1-2)-alpha-D-mannopyranose-(1-6)-[alpha-D-mannopyranose-(1-3)]alpha-D-mannopyranose-(1-6)-[alpha-D-mannopyranose-(1-2)-alpha-D-mannopyranose-(1-3)]beta-D-mannopyranose-(1-4)-2-acetamido-2-deoxy-beta-D-glucopyranose-(1-4)-2-acetamido-2-deoxy-beta-D-glucopyranose
14 non-polymer 2-acetamido-2-deoxy-beta-D-glucopyranose
15 non-polymer alpha-D-mannopyranose
#
loop_
_entity_poly.entity_id
_entity_poly.type
_entity_poly.pdbx_seq_one_letter_code
_entity_poly.pdbx_strand_id
1 'polypeptide(L)'
;ENLWVTVYYGVPVWKDAETTLFCASDAKAYETKKHNVWATHACVPTDPNPQEIHLENVTEEFNMWKNNMVEQMHTDIISL
WDQSLKPCVKLTPLCVTLQCTNVTNNITDDMRGELKNCSFNMTTELRDKRQKVHALFYKLDIVPINENQNTSYRLINCNT
AAITQACPKVSFEPIPIHYCAPAGFAILKCKDKKFNGTGPCPSVSTVQCTHGIKPVVSTQLLLNGSLAEEEVMIRSEDIR
NNAKNILVQFNTPVQINCTRPNNNTRKSIRIGPGQWFYATGDIIGDIRQAHCNVSKATWNETLGKVVKQLRKHFGNNTII
RFANSSGGDLEVTTHSFNCGGEFFYCDTSGLFNSTWISNTSVQGSNSTGSNDSITLPCRIKQIINMWQRIGQAMYAPPIQ
GVIRCVSNITGLILTRDGGSTDSTTETFRPSGGDMRDNWRSELYKYKVVKIEPLGVAPTRCKRRVV
;
A,B,C
2 'polypeptide(L)'
;VFLGFLGAAGSTMGAASMTLTVQARNLLSLLKLTVWGIKQLQARVLAVERYLRDQQLLGIWGCSGKLICCTNVPWNSSWS
NRNLSEIWDNMTWLQWDKEISNYTQIIYGLLEESQNQQEKNEQDLLALD
;
D,E,F
3 'polypeptide(L)'
;QVQLQESGPGLVKPSETLSVTCSVSGDSMNNYYWTWIRQSPGKGLEWIGYISDRESATYNPSLNSRVVISRDTSKNQLSL
KLNSVTPADTAVYYCATARRGQRIYGVVSFGEFFYYYSMDVWGKGTTVTVSSA
;
M,N,O
4 'polypeptide(L)'
;VRPLSVALGETARISCGRQALGSRAVQWYQHRPGQAPILLIYNNQDRPSGIPERFSGTPDINFGTRATLTISGVEAGDEA
DYYCHMWDSRSGFSWSFGGATRLTVLG
;
P,Q,R
5 'polypeptide(L)'
;QVQLVQSGAEVKKPGASVKVSCKASGYTFTGYYMHWVRQAPGQGLEWMGWINPNSGGTNYAQKFQGRVTMTRDTSISTAY
MELSRLRSDDTAVYYCATQVKLDSSAGYPFDIWGQGTMVTVSSAS
;
G,H,I
6 'polypeptide(L)'
;QSALTQPRSVSGSPGQSVTISCTGTSSDVGGYNYVSWYQQHPGKAPKLMIYDVSKRPSGVPDRFSGSKSGNTASLTISGL
QAEDEADYYCSAFEYFGGGTKLTVLS
;
J,K,L
#
loop_
_chem_comp.id
_chem_comp.type
_chem_comp.name
_chem_comp.formula
BMA D-saccharide, beta linking beta-D-mannopyranose 'C6 H12 O6'
MAN D-saccharide, alpha linking alpha-D-mannopyranose 'C6 H12 O6'
NAG D-saccharide, beta linking 2-acetamido-2-deoxy-beta-D-glucopyranose 'C8 H15 N O6'
#
# COMPACT_ATOMS: atom_id res chain seq x y z
N GLU A 1 7.18 63.82 35.41
CA GLU A 1 7.71 62.80 36.29
C GLU A 1 8.08 61.54 35.51
N ASN A 2 8.36 60.46 36.24
CA ASN A 2 8.68 59.19 35.60
C ASN A 2 7.45 58.62 34.91
N LEU A 3 7.68 57.56 34.12
CA LEU A 3 6.64 56.94 33.33
C LEU A 3 6.49 55.47 33.72
N TRP A 4 5.46 54.84 33.17
CA TRP A 4 5.18 53.44 33.45
C TRP A 4 4.87 52.73 32.13
N VAL A 5 4.69 51.41 32.20
CA VAL A 5 4.48 50.60 31.02
C VAL A 5 3.00 50.34 30.81
N THR A 6 2.63 50.04 29.58
CA THR A 6 1.28 49.65 29.21
C THR A 6 1.33 48.55 28.18
N VAL A 7 0.46 47.55 28.32
CA VAL A 7 0.37 46.44 27.39
C VAL A 7 -0.91 46.58 26.59
N TYR A 8 -0.81 46.42 25.28
CA TYR A 8 -1.95 46.55 24.38
C TYR A 8 -2.18 45.22 23.66
N TYR A 9 -3.46 44.85 23.54
CA TYR A 9 -3.85 43.63 22.86
C TYR A 9 -4.69 43.99 21.64
N GLY A 10 -4.32 43.44 20.50
CA GLY A 10 -4.97 43.75 19.24
C GLY A 10 -4.28 44.81 18.41
N VAL A 11 -3.05 45.15 18.74
CA VAL A 11 -2.33 46.20 17.99
C VAL A 11 -1.88 45.65 16.64
N PRO A 12 -1.99 46.42 15.55
CA PRO A 12 -1.58 45.92 14.24
C PRO A 12 -0.06 45.94 14.10
N VAL A 13 0.56 44.76 14.18
CA VAL A 13 2.00 44.60 13.97
C VAL A 13 2.21 43.24 13.31
N TRP A 14 2.97 43.23 12.23
CA TRP A 14 3.23 41.99 11.49
C TRP A 14 4.73 41.72 11.41
N LYS A 15 5.06 40.49 11.03
CA LYS A 15 6.43 40.05 10.87
C LYS A 15 6.51 39.03 9.76
N ASP A 16 7.57 39.11 8.95
CA ASP A 16 7.74 38.22 7.81
C ASP A 16 7.97 36.80 8.30
N ALA A 17 7.04 35.90 8.00
CA ALA A 17 7.12 34.51 8.43
C ALA A 17 6.61 33.62 7.30
N GLU A 18 6.39 32.35 7.62
CA GLU A 18 5.92 31.39 6.63
C GLU A 18 5.21 30.25 7.34
N THR A 19 4.29 29.62 6.63
CA THR A 19 3.51 28.50 7.15
C THR A 19 2.84 27.80 5.98
N THR A 20 1.93 26.88 6.30
CA THR A 20 1.19 26.12 5.30
C THR A 20 -0.16 26.77 5.02
N LEU A 21 -0.69 26.48 3.83
CA LEU A 21 -1.97 27.02 3.40
C LEU A 21 -2.79 25.89 2.79
N PHE A 22 -4.12 26.06 2.82
CA PHE A 22 -5.02 25.02 2.34
C PHE A 22 -5.72 25.46 1.06
N CYS A 23 -6.49 24.52 0.50
CA CYS A 23 -7.21 24.76 -0.75
C CYS A 23 -8.37 25.73 -0.53
N ALA A 24 -8.85 26.29 -1.64
CA ALA A 24 -10.04 27.15 -1.62
C ALA A 24 -10.60 27.17 -3.03
N SER A 25 -11.80 26.61 -3.21
CA SER A 25 -12.45 26.55 -4.51
C SER A 25 -13.85 27.15 -4.39
N ASP A 26 -14.54 27.23 -5.52
CA ASP A 26 -15.88 27.79 -5.59
C ASP A 26 -16.91 26.68 -5.80
N ALA A 27 -18.15 26.98 -5.44
CA ALA A 27 -19.22 25.99 -5.54
C ALA A 27 -19.51 25.70 -7.01
N LYS A 28 -19.26 24.45 -7.41
CA LYS A 28 -19.48 24.04 -8.79
C LYS A 28 -19.85 22.56 -8.81
N ALA A 29 -20.76 22.21 -9.73
CA ALA A 29 -21.20 20.84 -9.91
C ALA A 29 -20.95 20.41 -11.35
N TYR A 30 -20.79 19.11 -11.55
CA TYR A 30 -20.50 18.57 -12.88
C TYR A 30 -21.73 18.63 -13.77
N LYS A 33 -17.11 11.37 -14.28
CA LYS A 33 -16.48 12.39 -15.11
C LYS A 33 -16.12 13.62 -14.30
N LYS A 34 -16.06 13.45 -12.98
CA LYS A 34 -15.71 14.55 -12.08
C LYS A 34 -14.57 14.14 -11.17
N HIS A 35 -14.32 14.95 -10.13
CA HIS A 35 -13.23 14.76 -9.16
C HIS A 35 -11.92 14.44 -9.88
N ASN A 36 -11.44 15.45 -10.62
CA ASN A 36 -10.19 15.35 -11.33
C ASN A 36 -9.02 15.28 -10.35
N VAL A 37 -7.80 15.23 -10.90
CA VAL A 37 -6.60 15.05 -10.08
C VAL A 37 -6.50 16.13 -9.01
N TRP A 38 -6.80 17.37 -9.36
CA TRP A 38 -6.87 18.44 -8.37
C TRP A 38 -8.14 18.23 -7.54
N ALA A 39 -7.97 17.86 -6.28
CA ALA A 39 -9.10 17.53 -5.42
C ALA A 39 -10.03 18.73 -5.29
N THR A 40 -11.33 18.49 -5.44
CA THR A 40 -12.35 19.51 -5.28
C THR A 40 -13.32 19.22 -4.14
N HIS A 41 -13.73 17.96 -3.99
CA HIS A 41 -14.63 17.62 -2.89
C HIS A 41 -13.96 17.84 -1.53
N ALA A 42 -12.66 17.58 -1.43
CA ALA A 42 -11.93 17.78 -0.19
C ALA A 42 -11.26 19.15 -0.21
N CYS A 43 -12.09 20.18 -0.19
CA CYS A 43 -11.62 21.56 -0.20
C CYS A 43 -12.67 22.45 0.46
N VAL A 44 -12.35 23.72 0.60
CA VAL A 44 -13.20 24.70 1.27
C VAL A 44 -13.92 25.53 0.22
N PRO A 45 -15.25 25.63 0.27
CA PRO A 45 -15.95 26.52 -0.66
C PRO A 45 -15.64 27.98 -0.34
N THR A 46 -15.18 28.72 -1.35
CA THR A 46 -14.78 30.10 -1.13
C THR A 46 -16.00 30.99 -0.88
N ASP A 47 -15.73 32.20 -0.42
CA ASP A 47 -16.78 33.17 -0.19
C ASP A 47 -17.31 33.69 -1.52
N PRO A 48 -18.56 34.17 -1.56
CA PRO A 48 -19.09 34.71 -2.82
C PRO A 48 -18.31 35.91 -3.34
N ASN A 49 -18.01 36.88 -2.48
CA ASN A 49 -17.26 38.06 -2.89
C ASN A 49 -16.12 38.32 -1.91
N PRO A 50 -14.88 38.36 -2.39
CA PRO A 50 -13.76 38.67 -1.48
C PRO A 50 -13.81 40.12 -1.02
N GLN A 51 -13.57 40.31 0.28
CA GLN A 51 -13.64 41.64 0.89
C GLN A 51 -12.24 42.26 0.88
N GLU A 52 -11.86 42.74 -0.30
CA GLU A 52 -10.58 43.42 -0.44
C GLU A 52 -10.59 44.73 0.33
N ILE A 53 -9.58 44.93 1.18
CA ILE A 53 -9.48 46.10 2.03
C ILE A 53 -8.23 46.88 1.63
N HIS A 54 -8.40 48.19 1.42
CA HIS A 54 -7.29 49.03 1.02
C HIS A 54 -6.60 49.63 2.24
N LEU A 55 -5.34 50.00 2.06
CA LEU A 55 -4.53 50.60 3.10
C LEU A 55 -3.82 51.83 2.56
N GLU A 56 -3.37 52.70 3.48
CA GLU A 56 -2.69 53.92 3.11
C GLU A 56 -1.49 54.12 4.04
N ASN A 57 -0.51 54.86 3.53
CA ASN A 57 0.69 55.24 4.30
C ASN A 57 1.42 54.03 4.85
N VAL A 58 1.43 52.92 4.11
CA VAL A 58 2.07 51.69 4.53
C VAL A 58 3.09 51.28 3.47
N THR A 59 4.33 51.02 3.91
CA THR A 59 5.41 50.63 3.03
C THR A 59 6.06 49.35 3.55
N GLU A 60 6.42 48.46 2.64
CA GLU A 60 7.10 47.22 3.00
C GLU A 60 7.82 46.69 1.77
N GLU A 61 8.64 45.67 1.98
CA GLU A 61 9.48 45.12 0.93
C GLU A 61 8.84 43.87 0.33
N PHE A 62 9.37 43.47 -0.82
CA PHE A 62 8.92 42.27 -1.52
C PHE A 62 10.13 41.60 -2.15
N ASN A 63 9.94 40.33 -2.54
CA ASN A 63 10.99 39.59 -3.25
C ASN A 63 10.33 38.43 -3.98
N MET A 64 10.33 38.48 -5.31
CA MET A 64 9.70 37.43 -6.09
C MET A 64 10.62 36.23 -6.30
N TRP A 65 11.92 36.39 -6.10
CA TRP A 65 12.88 35.31 -6.28
C TRP A 65 13.25 34.61 -4.99
N LYS A 66 12.62 34.98 -3.88
CA LYS A 66 12.85 34.31 -2.60
C LYS A 66 11.54 33.96 -1.90
N ASN A 67 10.41 34.03 -2.61
CA ASN A 67 9.13 33.71 -2.01
C ASN A 67 9.06 32.23 -1.62
N ASN A 68 8.23 31.94 -0.63
CA ASN A 68 8.07 30.59 -0.12
C ASN A 68 6.78 29.92 -0.57
N MET A 69 5.88 30.66 -1.22
CA MET A 69 4.62 30.05 -1.65
C MET A 69 4.81 29.16 -2.87
N VAL A 70 5.80 29.45 -3.71
CA VAL A 70 5.98 28.67 -4.93
C VAL A 70 6.47 27.26 -4.60
N GLU A 71 7.37 27.13 -3.62
CA GLU A 71 7.84 25.81 -3.24
C GLU A 71 6.72 24.98 -2.66
N GLN A 72 5.87 25.58 -1.81
CA GLN A 72 4.75 24.85 -1.24
C GLN A 72 3.74 24.46 -2.32
N MET A 73 3.49 25.35 -3.28
CA MET A 73 2.59 24.99 -4.37
C MET A 73 3.14 23.84 -5.19
N HIS A 74 4.44 23.87 -5.49
CA HIS A 74 5.04 22.78 -6.25
C HIS A 74 4.97 21.46 -5.49
N THR A 75 5.25 21.49 -4.18
CA THR A 75 5.18 20.29 -3.38
C THR A 75 3.76 19.75 -3.33
N ASP A 76 2.77 20.63 -3.16
CA ASP A 76 1.38 20.19 -3.14
C ASP A 76 0.98 19.57 -4.47
N ILE A 77 1.38 20.21 -5.57
CA ILE A 77 1.01 19.70 -6.90
C ILE A 77 1.60 18.32 -7.12
N ILE A 78 2.90 18.16 -6.81
CA ILE A 78 3.54 16.88 -7.09
C ILE A 78 2.98 15.79 -6.16
N SER A 79 2.72 16.13 -4.90
CA SER A 79 2.16 15.14 -3.98
C SER A 79 0.77 14.71 -4.41
N LEU A 80 -0.06 15.67 -4.85
CA LEU A 80 -1.40 15.33 -5.29
C LEU A 80 -1.38 14.49 -6.56
N TRP A 81 -0.49 14.84 -7.49
CA TRP A 81 -0.38 14.06 -8.73
C TRP A 81 0.10 12.64 -8.45
N ASP A 82 0.98 12.48 -7.47
CA ASP A 82 1.44 11.14 -7.13
C ASP A 82 0.37 10.35 -6.40
N GLN A 83 -0.41 11.03 -5.54
CA GLN A 83 -1.43 10.32 -4.77
C GLN A 83 -2.62 9.94 -5.62
N SER A 84 -2.92 10.70 -6.68
CA SER A 84 -4.05 10.39 -7.53
C SER A 84 -3.73 9.32 -8.57
N LEU A 85 -2.64 8.56 -8.38
CA LEU A 85 -2.26 7.51 -9.33
C LEU A 85 -1.97 6.19 -8.62
N LYS A 86 -2.22 6.12 -7.32
CA LYS A 86 -1.90 4.89 -6.60
C LYS A 86 -2.88 3.75 -6.91
N PRO A 87 -4.20 3.93 -6.85
CA PRO A 87 -5.10 2.80 -7.10
C PRO A 87 -5.36 2.50 -8.57
N CYS A 88 -4.54 3.03 -9.47
CA CYS A 88 -4.74 2.83 -10.90
C CYS A 88 -3.96 1.62 -11.38
N VAL A 89 -4.24 1.20 -12.62
CA VAL A 89 -3.70 -0.06 -13.14
C VAL A 89 -2.20 0.07 -13.41
N LYS A 90 -1.49 -1.04 -13.29
CA LYS A 90 -0.07 -1.12 -13.57
C LYS A 90 0.17 -1.97 -14.81
N LEU A 91 0.98 -1.45 -15.73
CA LEU A 91 1.28 -2.15 -16.99
C LEU A 91 2.63 -2.85 -16.89
N THR A 92 2.65 -3.95 -16.15
CA THR A 92 3.87 -4.74 -16.02
C THR A 92 4.12 -5.63 -17.24
N PRO A 93 3.16 -6.47 -17.68
CA PRO A 93 3.49 -7.43 -18.74
C PRO A 93 3.44 -6.84 -20.14
N LEU A 94 3.43 -5.51 -20.24
CA LEU A 94 3.37 -4.86 -21.54
C LEU A 94 4.71 -4.86 -22.26
N CYS A 95 5.83 -5.07 -21.55
CA CYS A 95 7.15 -4.92 -22.12
C CYS A 95 7.66 -6.19 -22.79
N VAL A 96 6.77 -7.06 -23.26
CA VAL A 96 7.18 -8.21 -24.05
C VAL A 96 7.80 -7.70 -25.35
N THR A 97 8.68 -8.52 -25.93
CA THR A 97 9.31 -8.15 -27.19
C THR A 97 8.26 -7.90 -28.27
N LEU A 98 8.60 -7.06 -29.25
CA LEU A 98 7.67 -6.66 -30.28
C LEU A 98 8.23 -6.98 -31.66
N GLN A 99 7.32 -7.16 -32.61
CA GLN A 99 7.64 -7.29 -34.03
C GLN A 99 6.78 -6.28 -34.77
N CYS A 100 7.31 -5.08 -34.95
CA CYS A 100 6.54 -3.92 -35.38
C CYS A 100 6.94 -3.54 -36.80
N THR A 101 5.94 -3.33 -37.65
CA THR A 101 6.16 -3.06 -39.06
C THR A 101 5.82 -1.62 -39.40
N ASN A 102 6.14 -1.23 -40.63
CA ASN A 102 5.86 0.11 -41.09
C ASN A 102 4.37 0.30 -41.33
N VAL A 103 3.94 1.56 -41.26
CA VAL A 103 2.53 1.89 -41.44
C VAL A 103 2.15 1.82 -42.91
N ASN A 106 0.19 0.83 -45.83
CA ASN A 106 1.42 0.69 -46.59
C ASN A 106 1.79 2.01 -47.26
N ILE A 107 2.04 3.03 -46.45
CA ILE A 107 2.39 4.35 -46.98
C ILE A 107 3.79 4.29 -47.58
N THR A 108 3.87 4.52 -48.88
CA THR A 108 5.16 4.48 -49.56
C THR A 108 5.98 5.72 -49.22
N ASP A 109 7.29 5.61 -49.40
CA ASP A 109 8.21 6.69 -49.08
C ASP A 109 8.33 7.67 -50.26
N GLY A 113 5.82 9.18 -42.41
CA GLY A 113 5.87 8.12 -41.41
C GLY A 113 6.05 8.65 -40.00
N GLU A 114 5.05 8.41 -39.15
CA GLU A 114 5.10 8.88 -37.77
C GLU A 114 4.81 7.76 -36.80
N LEU A 115 3.92 6.84 -37.17
CA LEU A 115 3.48 5.77 -36.28
C LEU A 115 3.66 4.43 -36.96
N LYS A 116 3.70 3.37 -36.16
CA LYS A 116 3.94 2.02 -36.65
C LYS A 116 2.99 1.04 -35.96
N ASN A 117 2.57 0.02 -36.69
CA ASN A 117 1.71 -1.03 -36.14
C ASN A 117 2.56 -2.18 -35.62
N CYS A 118 2.38 -2.51 -34.35
CA CYS A 118 3.14 -3.56 -33.70
C CYS A 118 2.19 -4.66 -33.27
N SER A 119 2.69 -5.89 -33.25
CA SER A 119 1.94 -7.04 -32.80
C SER A 119 2.76 -7.83 -31.78
N PHE A 120 2.08 -8.31 -30.73
CA PHE A 120 2.80 -8.96 -29.65
C PHE A 120 1.88 -9.91 -28.91
N ASN A 121 2.50 -10.77 -28.11
CA ASN A 121 1.75 -11.71 -27.26
C ASN A 121 1.30 -11.01 -25.99
N MET A 122 0.17 -11.46 -25.45
CA MET A 122 -0.38 -10.90 -24.22
C MET A 122 -1.15 -11.98 -23.47
N THR A 123 -1.13 -11.88 -22.15
CA THR A 123 -1.79 -12.84 -21.29
C THR A 123 -3.31 -12.64 -21.34
N THR A 124 -4.01 -13.45 -20.55
CA THR A 124 -5.47 -13.39 -20.46
C THR A 124 -5.84 -13.72 -19.02
N GLU A 125 -7.14 -13.65 -18.73
CA GLU A 125 -7.60 -13.99 -17.38
C GLU A 125 -7.21 -15.42 -17.01
N LEU A 126 -7.31 -16.35 -17.96
CA LEU A 126 -6.85 -17.71 -17.74
C LEU A 126 -5.33 -17.74 -17.82
N ARG A 127 -4.69 -18.29 -16.79
CA ARG A 127 -3.24 -18.20 -16.67
C ARG A 127 -2.49 -19.00 -17.73
N ASP A 128 -3.16 -19.90 -18.45
CA ASP A 128 -2.47 -20.71 -19.45
C ASP A 128 -2.67 -20.23 -20.87
N LYS A 129 -3.74 -19.49 -21.14
CA LYS A 129 -4.00 -19.01 -22.49
C LYS A 129 -3.13 -17.81 -22.81
N ARG A 130 -2.81 -17.66 -24.10
CA ARG A 130 -1.98 -16.56 -24.58
C ARG A 130 -2.57 -16.06 -25.89
N GLN A 131 -2.97 -14.79 -25.93
CA GLN A 131 -3.59 -14.24 -27.17
C GLN A 131 -2.75 -13.10 -27.74
N LYS A 132 -2.37 -13.20 -29.02
CA LYS A 132 -1.58 -12.16 -29.73
C LYS A 132 -2.50 -10.97 -30.05
N VAL A 133 -2.01 -9.74 -29.89
CA VAL A 133 -2.83 -8.52 -30.18
C VAL A 133 -1.96 -7.51 -30.94
N HIS A 134 -2.60 -6.61 -31.69
CA HIS A 134 -1.89 -5.59 -32.44
C HIS A 134 -2.38 -4.20 -32.03
N ALA A 135 -1.49 -3.21 -32.14
CA ALA A 135 -1.81 -1.85 -31.78
C ALA A 135 -0.93 -0.90 -32.58
N LEU A 136 -1.13 0.40 -32.36
CA LEU A 136 -0.35 1.44 -33.02
C LEU A 136 0.46 2.20 -31.99
N PHE A 137 1.74 2.43 -32.30
CA PHE A 137 2.67 3.11 -31.40
C PHE A 137 3.40 4.20 -32.16
N TYR A 138 3.65 5.31 -31.46
CA TYR A 138 4.36 6.42 -32.07
C TYR A 138 5.86 6.14 -32.08
N LYS A 139 6.58 6.86 -32.94
CA LYS A 139 7.99 6.61 -33.17
C LYS A 139 8.89 7.09 -32.04
N LEU A 140 8.34 7.81 -31.07
CA LEU A 140 9.13 8.32 -29.95
C LEU A 140 8.98 7.49 -28.69
N ASP A 141 8.26 6.36 -28.76
CA ASP A 141 8.07 5.47 -27.62
C ASP A 141 8.60 4.07 -27.90
N ILE A 142 9.55 3.94 -28.83
CA ILE A 142 10.03 2.63 -29.28
C ILE A 142 11.51 2.74 -29.58
N VAL A 143 12.29 1.76 -29.13
CA VAL A 143 13.72 1.73 -29.38
C VAL A 143 14.14 0.34 -29.85
N PRO A 144 14.93 0.23 -30.92
CA PRO A 144 15.33 -1.10 -31.39
C PRO A 144 16.24 -1.80 -30.39
N ILE A 145 16.37 -3.12 -30.56
CA ILE A 145 17.15 -3.93 -29.63
C ILE A 145 18.21 -4.72 -30.39
N ASN A 146 17.99 -4.96 -31.67
CA ASN A 146 18.93 -5.75 -32.47
C ASN A 146 19.97 -4.86 -33.15
N GLU A 147 19.53 -3.95 -33.99
CA GLU A 147 20.35 -2.98 -34.72
C GLU A 147 21.24 -3.63 -35.77
N ASN A 148 21.21 -4.95 -35.90
CA ASN A 148 22.12 -5.68 -36.80
C ASN A 148 21.39 -6.74 -37.63
N GLN A 149 20.33 -6.39 -38.35
CA GLN A 149 19.79 -5.03 -38.50
C GLN A 149 18.27 -5.11 -38.55
N ASN A 150 17.73 -6.28 -38.24
CA ASN A 150 16.31 -6.57 -38.43
C ASN A 150 15.46 -5.71 -37.49
N THR A 151 14.15 -5.80 -37.67
CA THR A 151 13.19 -4.99 -36.92
C THR A 151 12.67 -5.81 -35.75
N SER A 152 13.17 -5.49 -34.55
CA SER A 152 12.65 -6.08 -33.31
C SER A 152 12.68 -4.98 -32.26
N TYR A 153 11.51 -4.47 -31.90
CA TYR A 153 11.41 -3.25 -31.12
C TYR A 153 10.96 -3.55 -29.70
N ARG A 154 11.14 -2.54 -28.84
CA ARG A 154 10.72 -2.63 -27.44
C ARG A 154 10.42 -1.22 -26.94
N LEU A 155 9.81 -1.14 -25.76
CA LEU A 155 9.46 0.16 -25.20
C LEU A 155 10.71 0.89 -24.72
N ILE A 156 10.50 2.11 -24.25
CA ILE A 156 11.59 3.02 -23.92
C ILE A 156 11.88 3.05 -22.43
N ASN A 157 10.86 2.93 -21.60
CA ASN A 157 11.03 3.18 -20.17
C ASN A 157 11.43 1.95 -19.36
N CYS A 158 10.98 0.76 -19.74
CA CYS A 158 11.22 -0.41 -18.91
C CYS A 158 12.61 -1.00 -19.09
N ASN A 159 13.55 -0.22 -19.62
CA ASN A 159 14.96 -0.57 -19.46
C ASN A 159 15.51 0.00 -18.16
N THR A 160 14.94 1.09 -17.66
CA THR A 160 15.41 1.75 -16.46
C THR A 160 14.37 1.80 -15.35
N ALA A 161 13.13 2.17 -15.66
CA ALA A 161 12.11 2.39 -14.65
C ALA A 161 10.81 1.66 -15.01
N ALA A 162 9.92 1.57 -14.04
CA ALA A 162 8.63 0.92 -14.23
C ALA A 162 7.62 1.90 -14.81
N ILE A 163 6.42 1.39 -15.10
CA ILE A 163 5.39 2.14 -15.80
C ILE A 163 4.03 1.82 -15.20
N THR A 164 3.21 2.87 -15.04
CA THR A 164 1.83 2.72 -14.59
C THR A 164 0.90 3.46 -15.53
N GLN A 165 -0.29 2.92 -15.73
CA GLN A 165 -1.28 3.53 -16.60
C GLN A 165 -2.05 4.62 -15.85
N ALA A 166 -2.72 5.48 -16.60
CA ALA A 166 -3.60 6.50 -16.05
C ALA A 166 -5.03 6.17 -16.48
N CYS A 167 -5.70 5.36 -15.67
CA CYS A 167 -7.10 5.00 -15.91
C CYS A 167 -7.94 6.26 -16.12
N PRO A 168 -8.79 6.29 -17.16
CA PRO A 168 -9.35 7.55 -17.64
C PRO A 168 -10.57 8.06 -16.88
N LYS A 169 -10.88 7.51 -15.71
CA LYS A 169 -12.02 8.03 -14.96
C LYS A 169 -11.78 9.44 -14.43
N VAL A 170 -10.54 9.90 -14.44
CA VAL A 170 -10.20 11.25 -14.00
C VAL A 170 -9.73 12.05 -15.20
N SER A 171 -9.57 13.35 -15.00
CA SER A 171 -9.15 14.27 -16.05
C SER A 171 -8.02 15.15 -15.57
N PHE A 172 -7.30 15.74 -16.52
CA PHE A 172 -6.16 16.61 -16.23
C PHE A 172 -6.47 18.08 -16.52
N GLU A 173 -7.73 18.43 -16.74
CA GLU A 173 -8.06 19.80 -17.08
C GLU A 173 -7.73 20.73 -15.90
N PRO A 174 -7.01 21.82 -16.13
CA PRO A 174 -6.72 22.75 -15.04
C PRO A 174 -7.97 23.49 -14.60
N ILE A 175 -8.05 23.73 -13.30
CA ILE A 175 -9.19 24.42 -12.71
C ILE A 175 -8.67 25.48 -11.74
N PRO A 176 -9.42 26.56 -11.49
CA PRO A 176 -8.93 27.58 -10.55
C PRO A 176 -8.78 27.02 -9.14
N ILE A 177 -7.72 27.45 -8.46
CA ILE A 177 -7.43 27.03 -7.10
C ILE A 177 -6.96 28.26 -6.33
N HIS A 178 -7.69 28.63 -5.28
CA HIS A 178 -7.34 29.76 -4.45
C HIS A 178 -6.52 29.27 -3.26
N TYR A 179 -5.40 29.94 -3.00
CA TYR A 179 -4.58 29.66 -1.83
C TYR A 179 -5.03 30.58 -0.71
N CYS A 180 -5.59 30.02 0.36
CA CYS A 180 -6.19 30.80 1.43
C CYS A 180 -5.46 30.52 2.73
N ALA A 181 -4.98 31.58 3.38
CA ALA A 181 -4.19 31.49 4.59
C ALA A 181 -5.05 31.13 5.80
N PRO A 182 -4.48 30.43 6.79
CA PRO A 182 -5.29 30.01 7.94
C PRO A 182 -5.62 31.17 8.88
N ALA A 183 -6.39 30.89 9.92
CA ALA A 183 -6.76 31.91 10.88
C ALA A 183 -5.54 32.31 11.72
N GLY A 184 -5.21 33.59 11.71
CA GLY A 184 -4.05 34.11 12.40
C GLY A 184 -3.03 34.79 11.51
N PHE A 185 -3.02 34.48 10.22
CA PHE A 185 -2.11 35.08 9.26
C PHE A 185 -2.89 36.00 8.33
N ALA A 186 -2.17 36.62 7.40
CA ALA A 186 -2.78 37.54 6.45
C ALA A 186 -1.94 37.57 5.19
N ILE A 187 -2.54 38.11 4.12
CA ILE A 187 -1.90 38.22 2.83
C ILE A 187 -1.94 39.68 2.39
N LEU A 188 -0.82 40.15 1.84
CA LEU A 188 -0.68 41.53 1.40
C LEU A 188 -0.46 41.55 -0.11
N LYS A 189 -1.28 42.31 -0.83
CA LYS A 189 -1.21 42.41 -2.27
C LYS A 189 -0.74 43.81 -2.67
N CYS A 190 0.25 43.88 -3.55
CA CYS A 190 0.74 45.14 -4.06
C CYS A 190 0.02 45.49 -5.36
N LYS A 191 -0.30 46.77 -5.52
CA LYS A 191 -1.06 47.25 -6.68
C LYS A 191 -0.32 48.40 -7.36
N ASP A 192 0.97 48.21 -7.59
CA ASP A 192 1.78 49.20 -8.30
C ASP A 192 1.86 48.82 -9.78
N LYS A 193 1.73 49.84 -10.63
CA LYS A 193 1.80 49.65 -12.07
C LYS A 193 3.22 49.75 -12.62
N LYS A 194 4.21 49.87 -11.73
CA LYS A 194 5.62 49.91 -12.14
C LYS A 194 6.46 49.05 -11.20
N PHE A 195 5.91 47.92 -10.77
CA PHE A 195 6.61 47.01 -9.86
C PHE A 195 7.69 46.28 -10.66
N ASN A 196 8.93 46.76 -10.55
CA ASN A 196 10.03 46.19 -11.32
C ASN A 196 10.55 44.88 -10.72
N GLY A 197 9.98 44.41 -9.62
CA GLY A 197 10.36 43.11 -9.09
C GLY A 197 10.77 43.13 -7.63
N THR A 198 11.47 44.17 -7.21
CA THR A 198 11.99 44.24 -5.84
C THR A 198 12.00 45.69 -5.39
N GLY A 199 11.51 45.94 -4.19
CA GLY A 199 11.47 47.26 -3.63
C GLY A 199 10.14 47.59 -2.99
N PRO A 200 10.01 48.80 -2.46
CA PRO A 200 8.75 49.19 -1.83
C PRO A 200 7.61 49.31 -2.82
N CYS A 201 6.40 49.24 -2.29
CA CYS A 201 5.18 49.36 -3.09
C CYS A 201 4.21 50.27 -2.36
N PRO A 202 3.84 51.42 -2.93
CA PRO A 202 2.96 52.36 -2.22
C PRO A 202 1.57 51.80 -1.93
N SER A 203 0.88 51.34 -2.97
CA SER A 203 -0.50 50.87 -2.84
C SER A 203 -0.47 49.41 -2.38
N VAL A 204 -0.82 49.18 -1.11
CA VAL A 204 -0.86 47.85 -0.53
C VAL A 204 -2.26 47.60 -0.01
N SER A 205 -2.79 46.42 -0.30
CA SER A 205 -4.12 46.03 0.15
C SER A 205 -4.04 44.71 0.90
N THR A 206 -5.06 44.45 1.71
CA THR A 206 -5.18 43.20 2.46
C THR A 206 -6.46 42.51 2.04
N VAL A 207 -6.32 41.31 1.48
CA VAL A 207 -7.44 40.52 1.00
C VAL A 207 -7.50 39.24 1.81
N GLN A 208 -8.71 38.70 1.97
CA GLN A 208 -8.88 37.44 2.69
C GLN A 208 -7.97 36.36 2.11
N CYS A 209 -8.05 36.15 0.80
CA CYS A 209 -7.09 35.30 0.09
C CYS A 209 -7.26 35.49 -1.41
N THR A 210 -6.35 34.87 -2.16
CA THR A 210 -6.14 35.20 -3.56
C THR A 210 -7.31 34.74 -4.43
N HIS A 211 -7.17 35.01 -5.73
CA HIS A 211 -8.14 34.64 -6.74
C HIS A 211 -7.79 33.27 -7.32
N GLY A 212 -8.41 32.91 -8.43
CA GLY A 212 -8.17 31.62 -9.03
C GLY A 212 -6.81 31.56 -9.71
N ILE A 213 -6.22 30.37 -9.67
CA ILE A 213 -4.93 30.10 -10.29
C ILE A 213 -5.06 28.81 -11.10
N LYS A 214 -4.60 28.84 -12.35
CA LYS A 214 -4.66 27.67 -13.21
C LYS A 214 -3.28 27.02 -13.26
N PRO A 215 -3.05 25.94 -12.52
CA PRO A 215 -1.72 25.31 -12.53
C PRO A 215 -1.45 24.56 -13.83
N VAL A 216 -1.16 25.31 -14.90
CA VAL A 216 -0.90 24.73 -16.21
C VAL A 216 0.60 24.59 -16.40
N VAL A 217 1.02 23.44 -16.94
CA VAL A 217 2.42 23.15 -17.16
C VAL A 217 2.79 23.57 -18.58
N SER A 218 3.90 24.27 -18.72
CA SER A 218 4.35 24.74 -20.03
C SER A 218 5.84 24.99 -19.99
N THR A 219 6.44 25.02 -21.19
CA THR A 219 7.87 25.26 -21.33
C THR A 219 8.09 26.24 -22.47
N GLN A 220 9.00 27.19 -22.24
CA GLN A 220 9.43 28.18 -23.22
C GLN A 220 8.34 29.20 -23.54
N LEU A 221 7.13 28.99 -23.03
CA LEU A 221 6.00 29.86 -23.37
C LEU A 221 4.93 29.67 -22.31
N LEU A 222 4.62 30.73 -21.57
CA LEU A 222 3.53 30.66 -20.61
C LEU A 222 2.20 30.60 -21.36
N LEU A 223 1.17 30.11 -20.66
CA LEU A 223 -0.15 29.97 -21.27
C LEU A 223 -1.22 30.25 -20.23
N ASN A 224 -2.30 30.89 -20.67
CA ASN A 224 -3.47 31.17 -19.83
C ASN A 224 -3.11 31.91 -18.56
N GLY A 225 -2.11 32.80 -18.63
CA GLY A 225 -1.66 33.54 -17.47
C GLY A 225 -2.54 34.73 -17.16
N SER A 226 -1.92 35.78 -16.63
CA SER A 226 -2.59 37.03 -16.30
C SER A 226 -2.02 38.16 -17.14
N LEU A 227 -2.89 38.91 -17.80
CA LEU A 227 -2.44 39.99 -18.66
C LEU A 227 -1.93 41.15 -17.83
N ALA A 228 -0.97 41.89 -18.38
CA ALA A 228 -0.42 43.06 -17.73
C ALA A 228 -1.36 44.25 -17.95
N GLU A 229 -0.89 45.46 -17.62
CA GLU A 229 -1.73 46.65 -17.73
C GLU A 229 -0.92 47.78 -18.35
N GLU A 230 -1.35 48.22 -19.54
CA GLU A 230 -0.89 49.45 -20.18
C GLU A 230 0.52 49.33 -20.74
N GLU A 231 1.22 48.24 -20.41
CA GLU A 231 2.59 48.02 -20.85
C GLU A 231 2.91 46.54 -20.76
N VAL A 232 4.01 46.16 -21.38
CA VAL A 232 4.58 44.83 -21.22
C VAL A 232 5.65 44.90 -20.14
N MET A 233 5.82 43.81 -19.39
CA MET A 233 6.73 43.77 -18.27
C MET A 233 7.93 42.87 -18.58
N ILE A 234 9.11 43.34 -18.20
CA ILE A 234 10.37 42.64 -18.40
C ILE A 234 11.02 42.49 -17.03
N ARG A 235 10.91 41.30 -16.44
CA ARG A 235 11.41 41.06 -15.09
C ARG A 235 12.51 40.02 -15.10
N SER A 236 13.34 40.08 -14.06
CA SER A 236 14.41 39.11 -13.83
C SER A 236 14.91 39.32 -12.41
N GLU A 237 15.97 38.58 -12.04
CA GLU A 237 16.64 38.80 -10.77
C GLU A 237 17.89 39.64 -10.94
N ASP A 238 18.75 39.29 -11.90
CA ASP A 238 19.93 40.07 -12.26
C ASP A 238 20.08 40.03 -13.77
N ILE A 239 20.03 41.20 -14.40
CA ILE A 239 20.11 41.24 -15.86
C ILE A 239 21.55 41.17 -16.35
N ARG A 240 22.51 41.64 -15.56
CA ARG A 240 23.89 41.77 -16.00
C ARG A 240 24.70 40.48 -15.87
N ASN A 241 24.04 39.33 -15.75
CA ASN A 241 24.74 38.05 -15.74
C ASN A 241 23.90 37.01 -16.47
N ASN A 242 24.59 36.10 -17.15
CA ASN A 242 23.95 35.09 -17.98
C ASN A 242 23.72 33.79 -17.21
N ALA A 243 23.04 33.89 -16.06
CA ALA A 243 22.74 32.70 -15.27
C ALA A 243 21.35 32.74 -14.68
N LYS A 244 20.47 33.63 -15.15
CA LYS A 244 19.12 33.75 -14.61
C LYS A 244 18.16 33.94 -15.77
N ASN A 245 17.13 33.10 -15.83
CA ASN A 245 16.13 33.23 -16.87
C ASN A 245 15.37 34.54 -16.72
N ILE A 246 15.05 35.17 -17.84
CA ILE A 246 14.35 36.45 -17.84
C ILE A 246 12.90 36.21 -18.22
N LEU A 247 11.98 36.74 -17.39
CA LEU A 247 10.55 36.61 -17.61
C LEU A 247 10.04 37.81 -18.38
N VAL A 248 9.14 37.57 -19.33
CA VAL A 248 8.48 38.63 -20.08
C VAL A 248 6.98 38.37 -20.05
N GLN A 249 6.21 39.42 -19.80
CA GLN A 249 4.75 39.33 -19.74
C GLN A 249 4.15 40.34 -20.70
N PHE A 250 3.29 39.88 -21.60
CA PHE A 250 2.65 40.76 -22.58
C PHE A 250 1.50 41.53 -21.94
N ASN A 251 0.99 42.51 -22.69
CA ASN A 251 -0.17 43.28 -22.29
C ASN A 251 -1.40 42.96 -23.12
N THR A 252 -1.27 42.10 -24.13
CA THR A 252 -2.39 41.69 -24.95
C THR A 252 -2.16 40.23 -25.33
N PRO A 253 -3.10 39.33 -25.02
CA PRO A 253 -2.87 37.92 -25.30
C PRO A 253 -2.92 37.64 -26.79
N VAL A 254 -2.04 36.75 -27.25
CA VAL A 254 -2.01 36.34 -28.64
C VAL A 254 -2.74 35.01 -28.77
N GLN A 255 -3.58 34.88 -29.78
CA GLN A 255 -4.33 33.65 -29.97
C GLN A 255 -3.49 32.61 -30.68
N ILE A 256 -3.60 31.35 -30.24
CA ILE A 256 -2.86 30.25 -30.83
C ILE A 256 -3.78 29.03 -30.89
N ASN A 257 -3.81 28.36 -32.05
CA ASN A 257 -4.72 27.25 -32.28
C ASN A 257 -3.93 25.99 -32.62
N CYS A 258 -3.92 25.01 -31.72
CA CYS A 258 -3.28 23.73 -31.99
C CYS A 258 -4.34 22.69 -32.34
N THR A 259 -4.01 21.80 -33.27
CA THR A 259 -4.99 20.83 -33.76
C THR A 259 -4.28 19.57 -34.22
N ARG A 260 -4.89 18.42 -33.91
CA ARG A 260 -4.48 17.12 -34.42
C ARG A 260 -5.61 16.55 -35.25
N PRO A 261 -5.55 16.67 -36.58
CA PRO A 261 -6.71 16.33 -37.41
C PRO A 261 -6.99 14.84 -37.55
N ASN A 262 -6.18 13.96 -36.96
CA ASN A 262 -6.41 12.53 -37.09
C ASN A 262 -7.71 12.13 -36.38
N ASN A 263 -8.19 10.95 -36.71
CA ASN A 263 -9.43 10.40 -36.15
C ASN A 263 -9.09 9.04 -35.53
N ASN A 264 -8.69 9.05 -34.26
CA ASN A 264 -8.24 7.85 -33.59
C ASN A 264 -9.43 7.01 -33.12
N THR A 265 -9.13 5.78 -32.71
CA THR A 265 -10.11 4.87 -32.16
C THR A 265 -9.53 4.20 -30.92
N ARG A 266 -10.31 4.15 -29.85
CA ARG A 266 -9.86 3.50 -28.62
C ARG A 266 -10.17 2.01 -28.70
N LYS A 267 -9.17 1.18 -28.45
CA LYS A 267 -9.30 -0.27 -28.49
C LYS A 267 -8.89 -0.81 -27.12
N SER A 268 -9.82 -1.48 -26.44
CA SER A 268 -9.58 -2.00 -25.10
C SER A 268 -9.38 -3.51 -25.16
N ILE A 269 -8.34 -3.99 -24.48
CA ILE A 269 -8.05 -5.41 -24.42
C ILE A 269 -7.79 -5.80 -22.97
N ARG A 270 -8.06 -7.07 -22.66
CA ARG A 270 -7.87 -7.57 -21.31
C ARG A 270 -6.42 -7.95 -21.08
N ILE A 271 -5.93 -7.71 -19.87
CA ILE A 271 -4.54 -7.98 -19.54
C ILE A 271 -4.48 -8.88 -18.32
N GLY A 272 -5.60 -9.03 -17.62
CA GLY A 272 -5.68 -9.86 -16.45
C GLY A 272 -7.05 -9.82 -15.82
N PRO A 273 -7.23 -10.54 -14.71
CA PRO A 273 -8.54 -10.56 -14.07
C PRO A 273 -8.89 -9.23 -13.42
N GLY A 274 -9.83 -8.50 -14.01
CA GLY A 274 -10.27 -7.24 -13.47
C GLY A 274 -9.53 -6.02 -13.96
N GLN A 275 -8.61 -6.17 -14.91
CA GLN A 275 -7.85 -5.06 -15.44
C GLN A 275 -8.23 -4.80 -16.89
N TRP A 276 -7.78 -3.67 -17.42
CA TRP A 276 -8.02 -3.31 -18.81
C TRP A 276 -6.84 -2.53 -19.33
N PHE A 277 -6.63 -2.60 -20.64
CA PHE A 277 -5.52 -1.90 -21.29
C PHE A 277 -6.02 -1.29 -22.58
N TYR A 278 -5.90 0.04 -22.69
CA TYR A 278 -6.38 0.77 -23.85
C TYR A 278 -5.22 1.07 -24.80
N ALA A 279 -5.54 1.17 -26.09
CA ALA A 279 -4.54 1.48 -27.09
C ALA A 279 -5.20 2.16 -28.28
N THR A 280 -4.40 2.81 -29.10
CA THR A 280 -4.95 3.45 -30.26
C THR A 280 -5.36 2.31 -31.17
N GLY A 281 -6.47 2.49 -31.87
CA GLY A 281 -6.98 1.51 -32.82
C GLY A 281 -6.42 1.76 -34.20
N ASP A 282 -6.99 1.12 -35.22
CA ASP A 282 -6.50 1.39 -36.56
C ASP A 282 -7.21 2.64 -37.03
N ILE A 283 -6.42 3.68 -37.24
CA ILE A 283 -6.94 4.98 -37.60
C ILE A 283 -7.71 4.96 -38.89
N ILE A 284 -8.87 5.60 -38.89
CA ILE A 284 -9.72 5.69 -40.07
C ILE A 284 -9.69 7.15 -40.46
N GLY A 285 -9.23 7.43 -41.67
CA GLY A 285 -9.14 8.81 -42.10
C GLY A 285 -7.90 9.10 -42.91
N ASP A 286 -7.45 10.35 -42.83
CA ASP A 286 -6.29 10.84 -43.56
C ASP A 286 -5.12 10.98 -42.60
N ILE A 287 -4.03 10.28 -42.87
CA ILE A 287 -2.83 10.38 -42.04
C ILE A 287 -2.18 11.74 -42.31
N ARG A 288 -2.17 12.61 -41.30
CA ARG A 288 -1.58 13.93 -41.42
C ARG A 288 -0.93 14.33 -40.11
N GLN A 289 -0.05 15.32 -40.18
CA GLN A 289 0.73 15.73 -39.03
C GLN A 289 -0.02 16.77 -38.21
N ALA A 290 -0.01 16.60 -36.89
CA ALA A 290 -0.66 17.56 -36.00
C ALA A 290 0.12 18.87 -36.00
N HIS A 291 -0.59 19.97 -36.15
CA HIS A 291 0.05 21.27 -36.33
C HIS A 291 -0.50 22.30 -35.36
N CYS A 292 0.07 23.49 -35.42
CA CYS A 292 -0.42 24.60 -34.60
C CYS A 292 -0.18 25.92 -35.33
N ASN A 293 -1.21 26.76 -35.35
CA ASN A 293 -1.20 28.03 -36.06
C ASN A 293 -1.16 29.20 -35.10
N VAL A 294 -0.47 30.25 -35.53
CA VAL A 294 -0.39 31.50 -34.78
C VAL A 294 -0.47 32.66 -35.77
N SER A 295 -1.17 33.72 -35.38
CA SER A 295 -1.28 34.89 -36.23
C SER A 295 0.09 35.54 -36.42
N LYS A 296 0.28 36.18 -37.58
CA LYS A 296 1.57 36.73 -37.96
C LYS A 296 1.72 38.21 -37.63
N ALA A 297 0.74 39.03 -38.02
CA ALA A 297 0.85 40.47 -37.78
C ALA A 297 0.87 40.78 -36.29
N THR A 298 0.00 40.13 -35.52
CA THR A 298 -0.02 40.37 -34.08
C THR A 298 1.29 39.94 -33.45
N TRP A 299 1.88 38.84 -33.93
CA TRP A 299 3.15 38.39 -33.38
C TRP A 299 4.26 39.41 -33.64
N ASN A 300 4.32 39.95 -34.86
CA ASN A 300 5.34 40.94 -35.18
C ASN A 300 5.12 42.22 -34.37
N GLU A 301 3.88 42.63 -34.19
CA GLU A 301 3.59 43.81 -33.38
C GLU A 301 4.02 43.60 -31.93
N THR A 302 3.73 42.42 -31.38
CA THR A 302 4.11 42.15 -29.99
C THR A 302 5.62 42.07 -29.85
N LEU A 303 6.31 41.51 -30.84
CA LEU A 303 7.77 41.47 -30.78
C LEU A 303 8.36 42.86 -30.88
N GLY A 304 7.77 43.73 -31.71
CA GLY A 304 8.21 45.11 -31.75
C GLY A 304 8.02 45.80 -30.41
N LYS A 305 6.85 45.60 -29.79
CA LYS A 305 6.61 46.18 -28.47
C LYS A 305 7.62 45.68 -27.45
N VAL A 306 7.90 44.38 -27.45
CA VAL A 306 8.79 43.85 -26.41
C VAL A 306 10.23 44.28 -26.65
N VAL A 307 10.66 44.43 -27.90
CA VAL A 307 12.02 44.90 -28.12
C VAL A 307 12.13 46.38 -27.78
N LYS A 308 11.08 47.16 -28.06
CA LYS A 308 11.08 48.57 -27.67
C LYS A 308 11.14 48.72 -26.16
N GLN A 309 10.46 47.83 -25.44
CA GLN A 309 10.52 47.88 -23.97
C GLN A 309 11.87 47.39 -23.46
N LEU A 310 12.47 46.40 -24.12
CA LEU A 310 13.73 45.85 -23.67
C LEU A 310 14.91 46.77 -23.97
N ARG A 311 14.76 47.67 -24.95
CA ARG A 311 15.84 48.59 -25.28
C ARG A 311 16.21 49.50 -24.10
N LYS A 312 15.33 49.62 -23.10
CA LYS A 312 15.63 50.51 -21.98
C LYS A 312 16.75 49.98 -21.10
N HIS A 313 16.98 48.67 -21.10
CA HIS A 313 17.97 48.06 -20.23
C HIS A 313 19.30 47.79 -20.93
N PHE A 314 19.38 48.02 -22.25
CA PHE A 314 20.59 47.68 -22.99
C PHE A 314 20.96 48.82 -23.94
N GLY A 315 20.92 50.06 -23.45
CA GLY A 315 21.30 51.19 -24.27
C GLY A 315 20.24 51.58 -25.28
N ASN A 316 20.16 52.87 -25.61
CA ASN A 316 19.11 53.36 -26.50
C ASN A 316 19.36 53.03 -27.96
N ASN A 317 20.52 52.44 -28.30
CA ASN A 317 20.79 52.06 -29.69
C ASN A 317 21.64 50.79 -29.71
N THR A 318 20.97 49.65 -29.82
CA THR A 318 21.66 48.36 -29.91
C THR A 318 20.89 47.45 -30.86
N ILE A 319 21.55 46.37 -31.26
CA ILE A 319 20.98 45.38 -32.17
C ILE A 319 20.46 44.21 -31.35
N ILE A 320 19.20 43.85 -31.56
CA ILE A 320 18.54 42.76 -30.85
C ILE A 320 18.25 41.65 -31.86
N ARG A 321 18.77 40.47 -31.58
CA ARG A 321 18.59 39.31 -32.45
C ARG A 321 18.03 38.15 -31.64
N PHE A 322 17.25 37.30 -32.30
CA PHE A 322 16.68 36.12 -31.68
C PHE A 322 17.21 34.87 -32.36
N ALA A 323 17.21 33.76 -31.62
CA ALA A 323 17.67 32.50 -32.17
C ALA A 323 16.90 31.37 -31.51
N ASN A 324 16.84 30.23 -32.20
CA ASN A 324 16.12 29.08 -31.69
C ASN A 324 16.89 28.46 -30.53
N SER A 325 16.29 27.42 -29.93
CA SER A 325 16.88 26.80 -28.76
C SER A 325 18.22 26.14 -29.09
N SER A 326 19.07 26.03 -28.06
CA SER A 326 20.38 25.43 -28.26
C SER A 326 20.28 23.94 -28.50
N GLY A 327 19.46 23.26 -27.72
CA GLY A 327 19.24 21.83 -27.88
C GLY A 327 19.78 21.04 -26.69
N GLY A 328 19.54 19.74 -26.74
CA GLY A 328 20.00 18.82 -25.74
C GLY A 328 18.92 18.05 -24.98
N ASP A 329 17.68 18.06 -25.44
CA ASP A 329 16.60 17.35 -24.78
C ASP A 329 15.38 17.37 -25.70
N LEU A 330 14.30 16.75 -25.22
CA LEU A 330 13.01 16.77 -25.91
C LEU A 330 11.95 17.52 -25.12
N GLU A 331 12.33 18.18 -24.04
CA GLU A 331 11.39 18.89 -23.18
C GLU A 331 11.68 20.36 -23.01
N VAL A 332 12.92 20.79 -23.18
CA VAL A 332 13.30 22.19 -22.99
C VAL A 332 13.87 22.80 -24.27
N THR A 333 13.72 22.12 -25.40
CA THR A 333 14.09 22.68 -26.69
C THR A 333 12.85 23.03 -27.51
N THR A 334 11.84 22.18 -27.48
CA THR A 334 10.57 22.46 -28.15
C THR A 334 9.58 23.09 -27.17
N HIS A 335 8.41 23.44 -27.69
CA HIS A 335 7.32 23.99 -26.88
C HIS A 335 6.44 22.84 -26.44
N SER A 336 6.44 22.55 -25.15
CA SER A 336 5.73 21.39 -24.61
C SER A 336 4.55 21.83 -23.76
N PHE A 337 3.40 21.19 -23.96
CA PHE A 337 2.21 21.48 -23.18
C PHE A 337 1.25 20.31 -23.32
N ASN A 338 0.10 20.43 -22.68
CA ASN A 338 -0.93 19.40 -22.74
C ASN A 338 -2.28 20.05 -22.93
N CYS A 339 -3.15 19.36 -23.68
CA CYS A 339 -4.50 19.84 -23.89
C CYS A 339 -5.37 18.69 -24.37
N GLY A 340 -6.66 18.75 -24.03
CA GLY A 340 -7.60 17.72 -24.42
C GLY A 340 -7.25 16.32 -23.96
N GLY A 341 -6.31 16.18 -23.04
CA GLY A 341 -5.87 14.87 -22.60
C GLY A 341 -4.68 14.31 -23.35
N GLU A 342 -4.00 15.12 -24.16
CA GLU A 342 -2.83 14.68 -24.91
C GLU A 342 -1.70 15.68 -24.73
N PHE A 343 -0.47 15.17 -24.74
CA PHE A 343 0.73 15.98 -24.60
C PHE A 343 1.33 16.25 -25.98
N PHE A 344 1.56 17.51 -26.29
CA PHE A 344 2.14 17.91 -27.56
C PHE A 344 3.59 18.36 -27.38
N TYR A 345 4.31 18.39 -28.49
CA TYR A 345 5.66 18.96 -28.55
C TYR A 345 5.77 19.67 -29.88
N CYS A 346 5.54 20.99 -29.88
CA CYS A 346 5.52 21.79 -31.10
C CYS A 346 6.81 22.58 -31.20
N ASP A 347 7.51 22.40 -32.31
CA ASP A 347 8.75 23.15 -32.54
C ASP A 347 8.45 24.64 -32.63
N THR A 348 9.33 25.45 -32.05
CA THR A 348 9.14 26.89 -31.99
C THR A 348 10.28 27.65 -32.68
N SER A 349 10.99 27.00 -33.61
CA SER A 349 12.06 27.69 -34.32
C SER A 349 11.51 28.74 -35.27
N GLY A 350 10.30 28.56 -35.77
CA GLY A 350 9.72 29.50 -36.71
C GLY A 350 9.19 30.77 -36.09
N LEU A 351 9.59 31.04 -34.85
CA LEU A 351 9.18 32.24 -34.14
C LEU A 351 10.33 33.17 -33.85
N PHE A 352 11.41 32.67 -33.23
CA PHE A 352 12.57 33.49 -32.90
C PHE A 352 13.62 33.40 -34.02
N ASN A 353 13.21 33.83 -35.20
CA ASN A 353 14.03 33.75 -36.42
C ASN A 353 14.03 35.09 -37.13
N SER A 354 14.30 36.17 -36.38
CA SER A 354 14.28 37.52 -36.90
C SER A 354 15.54 38.25 -36.47
N THR A 355 15.63 39.52 -36.86
CA THR A 355 16.75 40.38 -36.49
C THR A 355 16.27 41.82 -36.52
N TRP A 356 16.47 42.53 -35.41
CA TRP A 356 15.95 43.89 -35.25
C TRP A 356 17.10 44.88 -35.10
N ILE A 357 16.98 46.02 -35.77
CA ILE A 357 18.00 47.07 -35.74
C ILE A 357 17.30 48.40 -35.90
N SER A 358 17.81 49.40 -35.17
CA SER A 358 17.25 50.76 -35.16
C SER A 358 15.73 50.77 -34.94
N ASN A 371 -5.01 34.97 -42.87
CA ASN A 371 -4.26 36.08 -43.45
C ASN A 371 -2.76 35.84 -43.33
N ASP A 372 -2.29 34.76 -43.96
CA ASP A 372 -0.87 34.39 -43.98
C ASP A 372 -0.34 34.21 -42.56
N SER A 373 -0.90 33.22 -41.89
CA SER A 373 -0.52 32.90 -40.51
C SER A 373 0.65 31.91 -40.50
N ILE A 374 1.37 31.92 -39.38
CA ILE A 374 2.53 31.04 -39.21
C ILE A 374 2.07 29.68 -38.72
N THR A 375 2.67 28.64 -39.27
CA THR A 375 2.38 27.26 -38.91
C THR A 375 3.60 26.63 -38.22
N LEU A 376 3.31 25.65 -37.37
CA LEU A 376 4.35 24.96 -36.61
C LEU A 376 4.02 23.48 -36.51
N PRO A 377 4.95 22.59 -36.88
CA PRO A 377 4.70 21.16 -36.72
C PRO A 377 4.75 20.74 -35.26
N CYS A 378 4.12 19.61 -34.97
CA CYS A 378 4.03 19.10 -33.61
C CYS A 378 4.15 17.59 -33.61
N ARG A 379 4.93 17.05 -32.68
CA ARG A 379 5.00 15.62 -32.43
C ARG A 379 4.23 15.30 -31.16
N ILE A 380 3.90 14.01 -30.99
CA ILE A 380 3.10 13.56 -29.87
C ILE A 380 3.80 12.38 -29.22
N LYS A 381 3.86 12.39 -27.88
CA LYS A 381 4.39 11.30 -27.10
C LYS A 381 3.29 10.72 -26.22
N GLN A 382 3.47 9.47 -25.82
CA GLN A 382 2.55 8.81 -24.89
C GLN A 382 3.22 8.45 -23.58
N ILE A 383 4.34 7.74 -23.63
CA ILE A 383 5.06 7.36 -22.42
C ILE A 383 5.93 8.53 -21.97
N ILE A 384 5.40 9.36 -21.08
CA ILE A 384 6.09 10.56 -20.64
C ILE A 384 6.80 10.29 -19.32
N ASN A 385 7.78 11.14 -19.01
CA ASN A 385 8.54 11.07 -17.77
C ASN A 385 8.49 12.41 -17.05
N MET A 386 7.33 13.05 -17.05
CA MET A 386 7.18 14.36 -16.43
C MET A 386 7.45 14.28 -14.93
N TRP A 387 7.72 15.45 -14.34
CA TRP A 387 8.07 15.56 -12.93
C TRP A 387 9.30 14.69 -12.60
N GLN A 388 10.42 15.14 -13.15
CA GLN A 388 11.68 14.40 -13.21
C GLN A 388 11.95 13.62 -11.94
N ARG A 389 12.12 12.30 -12.09
CA ARG A 389 12.29 11.39 -10.96
C ARG A 389 12.91 10.10 -11.51
N ILE A 390 12.90 9.07 -10.68
CA ILE A 390 13.40 7.76 -11.06
C ILE A 390 12.41 6.71 -10.56
N GLY A 391 12.25 5.64 -11.34
CA GLY A 391 11.36 4.55 -10.96
C GLY A 391 9.90 4.74 -11.32
N GLN A 392 9.55 5.84 -11.98
CA GLN A 392 8.15 6.12 -12.32
C GLN A 392 8.06 6.61 -13.75
N ALA A 393 7.01 6.18 -14.44
CA ALA A 393 6.73 6.62 -15.80
C ALA A 393 5.24 6.46 -16.06
N MET A 394 4.61 7.52 -16.52
CA MET A 394 3.16 7.60 -16.64
C MET A 394 2.76 7.37 -18.09
N TYR A 395 1.96 6.33 -18.33
CA TYR A 395 1.35 6.11 -19.62
C TYR A 395 0.13 7.02 -19.77
N ALA A 396 -0.20 7.36 -21.01
CA ALA A 396 -1.33 8.24 -21.28
C ALA A 396 -2.34 7.53 -22.18
N PRO A 397 -3.61 7.47 -21.80
CA PRO A 397 -4.59 6.83 -22.66
C PRO A 397 -4.93 7.73 -23.84
N PRO A 398 -5.27 7.15 -24.98
CA PRO A 398 -5.62 7.97 -26.15
C PRO A 398 -7.02 8.56 -26.05
N ILE A 399 -7.19 9.70 -26.69
CA ILE A 399 -8.48 10.39 -26.74
C ILE A 399 -9.16 10.04 -28.05
N GLN A 400 -10.48 9.85 -27.99
CA GLN A 400 -11.26 9.46 -29.15
C GLN A 400 -11.84 10.68 -29.85
N GLY A 401 -11.78 10.69 -31.17
CA GLY A 401 -12.35 11.76 -31.96
C GLY A 401 -11.27 12.67 -32.52
N VAL A 402 -11.46 13.98 -32.35
CA VAL A 402 -10.49 14.98 -32.79
C VAL A 402 -10.27 15.96 -31.65
N ILE A 403 -9.14 16.66 -31.71
CA ILE A 403 -8.76 17.60 -30.66
C ILE A 403 -8.53 18.97 -31.29
N ARG A 404 -8.93 20.01 -30.58
CA ARG A 404 -8.84 21.38 -31.07
C ARG A 404 -8.69 22.29 -29.86
N CYS A 405 -7.50 22.86 -29.67
CA CYS A 405 -7.19 23.63 -28.47
C CYS A 405 -6.81 25.05 -28.84
N VAL A 406 -7.58 26.02 -28.35
CA VAL A 406 -7.30 27.44 -28.53
C VAL A 406 -6.76 27.99 -27.22
N SER A 407 -5.72 28.82 -27.31
CA SER A 407 -5.03 29.29 -26.13
C SER A 407 -4.59 30.73 -26.31
N ASN A 408 -4.33 31.39 -25.18
CA ASN A 408 -3.85 32.77 -25.11
C ASN A 408 -2.39 32.74 -24.67
N ILE A 409 -1.48 32.72 -25.63
CA ILE A 409 -0.07 32.85 -25.29
C ILE A 409 0.21 34.27 -24.84
N THR A 410 0.81 34.41 -23.65
CA THR A 410 1.01 35.72 -23.03
C THR A 410 2.45 35.93 -22.56
N GLY A 411 3.13 34.86 -22.17
CA GLY A 411 4.41 34.94 -21.51
C GLY A 411 5.59 34.57 -22.40
N LEU A 412 6.78 34.79 -21.84
CA LEU A 412 8.02 34.44 -22.52
C LEU A 412 9.11 34.22 -21.47
N ILE A 413 10.00 33.27 -21.75
CA ILE A 413 11.12 32.94 -20.88
C ILE A 413 12.38 32.89 -21.74
N LEU A 414 13.32 33.80 -21.47
CA LEU A 414 14.48 33.97 -22.35
C LEU A 414 15.75 34.01 -21.52
N THR A 415 16.71 33.14 -21.87
CA THR A 415 18.06 33.25 -21.33
C THR A 415 18.82 34.32 -22.09
N ARG A 416 19.71 35.02 -21.39
CA ARG A 416 20.31 36.23 -21.95
C ARG A 416 21.14 35.95 -23.20
N ASP A 417 22.30 35.31 -23.04
CA ASP A 417 23.21 35.06 -24.15
C ASP A 417 24.44 34.34 -23.61
N GLY A 418 25.32 33.97 -24.52
CA GLY A 418 26.65 33.54 -24.15
C GLY A 418 27.60 34.71 -24.02
N GLY A 419 28.87 34.38 -23.78
CA GLY A 419 29.89 35.40 -23.65
C GLY A 419 30.41 35.88 -25.00
N SER A 420 30.52 37.19 -25.15
CA SER A 420 31.03 37.81 -26.36
C SER A 420 32.10 38.82 -25.99
N THR A 421 33.01 39.07 -26.95
CA THR A 421 34.11 40.00 -26.72
C THR A 421 33.58 41.41 -26.47
N ASP A 422 32.99 42.01 -27.49
CA ASP A 422 32.36 43.33 -27.37
C ASP A 422 31.58 43.59 -28.66
N SER A 423 30.34 44.02 -28.50
CA SER A 423 29.46 44.36 -29.62
C SER A 423 28.19 45.00 -29.06
N THR A 424 27.29 45.36 -29.96
CA THR A 424 25.95 45.81 -29.60
C THR A 424 24.87 44.89 -30.16
N THR A 425 25.24 43.65 -30.49
CA THR A 425 24.37 42.69 -31.17
C THR A 425 24.16 41.43 -30.34
N GLU A 426 23.84 41.60 -29.06
CA GLU A 426 23.57 40.44 -28.22
C GLU A 426 22.30 39.74 -28.69
N THR A 427 22.30 38.41 -28.56
CA THR A 427 21.20 37.58 -29.03
C THR A 427 20.33 37.14 -27.85
N PHE A 428 19.23 36.49 -28.18
CA PHE A 428 18.31 35.95 -27.19
C PHE A 428 17.80 34.59 -27.66
N ARG A 429 17.88 33.60 -26.77
CA ARG A 429 17.46 32.24 -27.06
C ARG A 429 16.50 31.77 -25.97
N PRO A 430 15.34 31.25 -26.33
CA PRO A 430 14.41 30.74 -25.31
C PRO A 430 14.80 29.36 -24.84
N SER A 431 14.61 29.12 -23.54
CA SER A 431 14.93 27.84 -22.94
C SER A 431 13.90 27.53 -21.85
N GLY A 432 13.48 26.28 -21.79
CA GLY A 432 12.54 25.85 -20.78
C GLY A 432 13.06 26.07 -19.38
N GLY A 433 12.23 26.64 -18.52
CA GLY A 433 12.66 26.95 -17.16
C GLY A 433 12.74 25.73 -16.27
N ASP A 434 12.57 25.95 -14.96
CA ASP A 434 12.61 24.88 -13.97
C ASP A 434 11.23 24.36 -13.61
N MET A 435 10.31 24.36 -14.57
CA MET A 435 8.97 23.77 -14.47
C MET A 435 8.18 24.32 -13.29
N ARG A 436 8.65 25.40 -12.67
CA ARG A 436 7.93 26.05 -11.59
C ARG A 436 7.83 27.55 -11.74
N ASP A 437 8.54 28.16 -12.69
CA ASP A 437 8.43 29.59 -12.91
C ASP A 437 7.10 29.98 -13.56
N ASN A 438 6.35 29.02 -14.09
CA ASN A 438 5.03 29.32 -14.63
C ASN A 438 4.13 29.94 -13.58
N TRP A 439 4.29 29.55 -12.32
CA TRP A 439 3.50 30.12 -11.24
C TRP A 439 4.06 31.44 -10.73
N ARG A 440 5.34 31.72 -11.01
CA ARG A 440 5.92 32.99 -10.58
C ARG A 440 5.35 34.17 -11.35
N SER A 441 4.71 33.93 -12.49
CA SER A 441 3.98 34.98 -13.20
C SER A 441 2.61 35.24 -12.58
N GLU A 442 2.26 34.54 -11.51
CA GLU A 442 0.99 34.73 -10.82
C GLU A 442 1.13 34.93 -9.32
N LEU A 443 2.27 34.58 -8.72
CA LEU A 443 2.47 34.70 -7.29
C LEU A 443 3.57 35.70 -6.95
N TYR A 444 3.77 36.69 -7.82
CA TYR A 444 4.75 37.74 -7.57
C TYR A 444 4.18 38.95 -6.85
N LYS A 445 2.87 38.99 -6.65
CA LYS A 445 2.21 40.09 -5.94
C LYS A 445 1.49 39.59 -4.70
N TYR A 446 2.03 38.56 -4.05
CA TYR A 446 1.44 38.00 -2.84
C TYR A 446 2.53 37.73 -1.81
N LYS A 447 2.14 37.79 -0.54
CA LYS A 447 3.08 37.55 0.55
C LYS A 447 2.29 37.21 1.80
N VAL A 448 2.66 36.14 2.46
CA VAL A 448 2.03 35.74 3.71
C VAL A 448 2.76 36.43 4.87
N VAL A 449 2.00 36.76 5.91
CA VAL A 449 2.57 37.45 7.05
C VAL A 449 1.78 37.07 8.29
N LYS A 450 2.42 37.11 9.45
CA LYS A 450 1.79 36.76 10.72
C LYS A 450 1.43 38.03 11.48
N ILE A 451 0.72 37.84 12.58
CA ILE A 451 0.26 38.95 13.43
C ILE A 451 0.86 38.79 14.81
N GLU A 452 1.29 39.91 15.40
CA GLU A 452 1.82 39.95 16.75
C GLU A 452 1.02 40.98 17.53
N PRO A 453 -0.10 40.58 18.14
CA PRO A 453 -0.99 41.56 18.80
C PRO A 453 -0.50 42.04 20.16
N LEU A 454 0.75 41.80 20.53
CA LEU A 454 1.29 42.27 21.80
C LEU A 454 2.24 43.44 21.56
N GLY A 455 2.44 44.22 22.61
CA GLY A 455 3.32 45.38 22.54
C GLY A 455 3.28 46.15 23.84
N VAL A 456 4.34 46.92 24.05
CA VAL A 456 4.51 47.73 25.24
C VAL A 456 4.65 49.19 24.83
N ALA A 457 4.06 50.08 25.63
CA ALA A 457 4.09 51.51 25.36
C ALA A 457 4.25 52.28 26.65
N PRO A 458 5.07 53.33 26.67
CA PRO A 458 5.27 54.09 27.90
C PRO A 458 4.29 55.23 28.08
N THR A 459 3.63 55.28 29.24
CA THR A 459 2.80 56.42 29.62
C THR A 459 2.56 56.34 31.13
N ARG A 460 1.90 57.36 31.68
CA ARG A 460 1.72 57.47 33.11
C ARG A 460 0.56 56.61 33.60
N CYS A 461 0.83 55.78 34.61
CA CYS A 461 -0.19 54.95 35.24
C CYS A 461 0.23 54.63 36.67
N LYS A 462 -0.77 54.52 37.55
CA LYS A 462 -0.58 54.07 38.92
C LYS A 462 -1.80 53.23 39.30
N ARG A 463 -1.70 51.92 39.11
CA ARG A 463 -2.83 51.04 39.38
C ARG A 463 -3.07 50.96 40.88
N ARG A 464 -4.30 51.25 41.30
CA ARG A 464 -4.62 51.26 42.72
C ARG A 464 -4.49 49.87 43.31
N VAL A 465 -3.58 49.72 44.27
CA VAL A 465 -3.36 48.42 44.89
C VAL A 465 -4.57 48.00 45.71
N VAL A 466 -5.19 48.94 46.42
CA VAL A 466 -6.34 48.73 47.32
C VAL A 466 -6.32 47.38 48.02
N GLU B 1 -39.17 52.40 33.05
CA GLU B 1 -38.19 53.02 32.17
C GLU B 1 -37.73 52.05 31.08
N ASN B 2 -36.72 52.45 30.32
CA ASN B 2 -36.17 51.59 29.29
C ASN B 2 -35.48 50.39 29.92
N LEU B 3 -35.11 49.43 29.07
CA LEU B 3 -34.52 48.18 29.51
C LEU B 3 -33.10 48.05 28.95
N TRP B 4 -32.39 47.03 29.42
CA TRP B 4 -31.02 46.78 29.01
C TRP B 4 -30.87 45.30 28.70
N VAL B 5 -29.74 44.94 28.08
CA VAL B 5 -29.50 43.58 27.64
C VAL B 5 -28.67 42.84 28.68
N THR B 6 -28.86 41.52 28.73
CA THR B 6 -28.10 40.64 29.60
C THR B 6 -27.70 39.40 28.83
N VAL B 7 -26.47 38.93 29.04
CA VAL B 7 -25.95 37.74 28.39
C VAL B 7 -25.87 36.62 29.43
N TYR B 8 -26.35 35.44 29.05
CA TYR B 8 -26.35 34.28 29.93
C TYR B 8 -25.49 33.18 29.33
N TYR B 9 -24.66 32.57 30.16
CA TYR B 9 -23.80 31.48 29.76
C TYR B 9 -24.22 30.20 30.47
N GLY B 10 -24.42 29.13 29.69
CA GLY B 10 -24.92 27.89 30.22
C GLY B 10 -26.42 27.67 30.05
N VAL B 11 -27.08 28.49 29.25
CA VAL B 11 -28.53 28.37 29.08
C VAL B 11 -28.84 27.15 28.21
N PRO B 12 -29.85 26.34 28.56
CA PRO B 12 -30.18 25.17 27.73
C PRO B 12 -30.91 25.55 26.46
N VAL B 13 -30.20 25.52 25.34
CA VAL B 13 -30.76 25.78 24.02
C VAL B 13 -30.05 24.88 23.02
N TRP B 14 -30.82 24.15 22.21
CA TRP B 14 -30.26 23.23 21.23
C TRP B 14 -30.72 23.59 19.84
N LYS B 15 -30.03 23.02 18.85
CA LYS B 15 -30.34 23.23 17.44
C LYS B 15 -30.02 21.96 16.67
N ASP B 16 -30.90 21.60 15.74
CA ASP B 16 -30.73 20.37 14.96
C ASP B 16 -29.51 20.49 14.06
N ALA B 17 -28.49 19.68 14.34
CA ALA B 17 -27.25 19.71 13.57
C ALA B 17 -26.77 18.27 13.37
N GLU B 18 -25.54 18.13 12.91
CA GLU B 18 -24.97 16.82 12.65
C GLU B 18 -23.45 16.90 12.74
N THR B 19 -22.85 15.76 13.09
CA THR B 19 -21.40 15.67 13.23
C THR B 19 -21.02 14.18 13.26
N THR B 20 -19.76 13.90 13.55
CA THR B 20 -19.25 12.54 13.61
C THR B 20 -19.28 12.02 15.03
N LEU B 21 -19.29 10.69 15.15
CA LEU B 21 -19.34 10.01 16.44
C LEU B 21 -18.33 8.88 16.44
N PHE B 22 -17.88 8.50 17.63
CA PHE B 22 -16.86 7.47 17.77
C PHE B 22 -17.44 6.21 18.39
N CYS B 23 -16.59 5.17 18.44
CA CYS B 23 -17.00 3.88 18.97
C CYS B 23 -17.17 3.95 20.49
N ALA B 24 -17.85 2.93 21.02
CA ALA B 24 -18.02 2.78 22.46
C ALA B 24 -18.38 1.33 22.74
N SER B 25 -17.52 0.62 23.46
CA SER B 25 -17.73 -0.78 23.78
C SER B 25 -17.59 -0.97 25.29
N ASP B 26 -17.91 -2.18 25.75
CA ASP B 26 -17.85 -2.54 27.15
C ASP B 26 -16.61 -3.38 27.44
N ALA B 27 -16.20 -3.37 28.70
CA ALA B 27 -15.00 -4.11 29.11
C ALA B 27 -15.24 -5.61 28.96
N LYS B 28 -14.52 -6.23 28.03
CA LYS B 28 -14.68 -7.65 27.76
C LYS B 28 -13.35 -8.21 27.26
N ALA B 29 -13.05 -9.43 27.68
CA ALA B 29 -11.85 -10.14 27.26
C ALA B 29 -12.22 -11.46 26.60
N TYR B 30 -11.34 -11.95 25.73
CA TYR B 30 -11.59 -13.19 25.01
C TYR B 30 -11.46 -14.39 25.94
N LYS B 33 -7.64 -15.44 18.18
CA LYS B 33 -9.07 -15.68 18.07
C LYS B 33 -9.87 -14.47 18.56
N LYS B 34 -9.21 -13.31 18.59
CA LYS B 34 -9.86 -12.08 19.02
C LYS B 34 -9.63 -10.98 17.99
N HIS B 35 -9.95 -9.74 18.36
CA HIS B 35 -9.84 -8.56 17.50
C HIS B 35 -10.44 -8.84 16.11
N ASN B 36 -11.76 -9.02 16.14
CA ASN B 36 -12.51 -9.27 14.92
C ASN B 36 -12.56 -8.00 14.06
N VAL B 37 -13.29 -8.08 12.94
CA VAL B 37 -13.29 -6.98 11.98
C VAL B 37 -13.75 -5.69 12.62
N TRP B 38 -14.74 -5.77 13.52
CA TRP B 38 -15.14 -4.60 14.30
C TRP B 38 -14.08 -4.35 15.35
N ALA B 39 -13.33 -3.25 15.20
CA ALA B 39 -12.21 -2.98 16.09
C ALA B 39 -12.71 -2.82 17.52
N THR B 40 -12.03 -3.51 18.45
CA THR B 40 -12.34 -3.43 19.87
C THR B 40 -11.23 -2.81 20.69
N HIS B 41 -9.96 -3.15 20.39
CA HIS B 41 -8.86 -2.56 21.13
C HIS B 41 -8.76 -1.06 20.89
N ALA B 42 -9.09 -0.60 19.68
CA ALA B 42 -9.05 0.81 19.35
C ALA B 42 -10.45 1.42 19.50
N CYS B 43 -10.90 1.45 20.75
CA CYS B 43 -12.22 1.99 21.08
C CYS B 43 -12.19 2.46 22.53
N VAL B 44 -13.30 3.05 22.96
CA VAL B 44 -13.43 3.62 24.30
C VAL B 44 -14.24 2.67 25.16
N PRO B 45 -13.74 2.26 26.33
CA PRO B 45 -14.57 1.45 27.23
C PRO B 45 -15.70 2.27 27.81
N THR B 46 -16.93 1.76 27.66
CA THR B 46 -18.11 2.50 28.09
C THR B 46 -18.18 2.54 29.61
N ASP B 47 -19.09 3.39 30.11
CA ASP B 47 -19.31 3.47 31.54
C ASP B 47 -20.06 2.24 32.04
N PRO B 48 -19.91 1.90 33.32
CA PRO B 48 -20.65 0.74 33.84
C PRO B 48 -22.16 0.88 33.74
N ASN B 49 -22.70 2.02 34.19
CA ASN B 49 -24.14 2.24 34.15
C ASN B 49 -24.44 3.57 33.48
N PRO B 50 -25.24 3.57 32.40
CA PRO B 50 -25.60 4.83 31.75
C PRO B 50 -26.55 5.64 32.62
N GLN B 51 -26.27 6.95 32.72
CA GLN B 51 -27.07 7.84 33.57
C GLN B 51 -28.16 8.48 32.73
N GLU B 52 -29.20 7.69 32.48
CA GLU B 52 -30.35 8.20 31.74
C GLU B 52 -31.08 9.25 32.56
N ILE B 53 -31.34 10.41 31.96
CA ILE B 53 -31.97 11.54 32.62
C ILE B 53 -33.30 11.81 31.93
N HIS B 54 -34.35 11.95 32.73
CA HIS B 54 -35.68 12.22 32.19
C HIS B 54 -35.94 13.71 32.10
N LEU B 55 -36.86 14.08 31.22
CA LEU B 55 -37.26 15.47 31.03
C LEU B 55 -38.78 15.56 31.00
N GLU B 56 -39.28 16.78 31.24
CA GLU B 56 -40.71 17.03 31.25
C GLU B 56 -41.01 18.32 30.51
N ASN B 57 -42.24 18.42 29.99
CA ASN B 57 -42.74 19.62 29.32
C ASN B 57 -41.85 20.03 28.15
N VAL B 58 -41.27 19.06 27.44
CA VAL B 58 -40.38 19.32 26.32
C VAL B 58 -40.94 18.60 25.09
N THR B 59 -41.07 19.34 23.99
CA THR B 59 -41.59 18.81 22.74
C THR B 59 -40.64 19.14 21.60
N GLU B 60 -40.46 18.20 20.69
CA GLU B 60 -39.63 18.39 19.52
C GLU B 60 -40.03 17.39 18.46
N GLU B 61 -39.47 17.55 17.27
CA GLU B 61 -39.82 16.73 16.11
C GLU B 61 -38.79 15.64 15.88
N PHE B 62 -39.18 14.66 15.07
CA PHE B 62 -38.32 13.55 14.69
C PHE B 62 -38.55 13.22 13.23
N ASN B 63 -37.63 12.45 12.66
CA ASN B 63 -37.78 11.96 11.30
C ASN B 63 -36.88 10.75 11.13
N MET B 64 -37.47 9.57 10.95
CA MET B 64 -36.70 8.35 10.79
C MET B 64 -36.22 8.14 9.37
N TRP B 65 -36.82 8.82 8.39
CA TRP B 65 -36.44 8.67 6.99
C TRP B 65 -35.50 9.75 6.50
N LYS B 66 -35.08 10.65 7.39
CA LYS B 66 -34.11 11.68 7.05
C LYS B 66 -32.97 11.76 8.06
N ASN B 67 -32.84 10.77 8.93
CA ASN B 67 -31.77 10.77 9.93
C ASN B 67 -30.41 10.68 9.26
N ASN B 68 -29.40 11.22 9.94
CA ASN B 68 -28.04 11.24 9.43
C ASN B 68 -27.13 10.22 10.09
N MET B 69 -27.60 9.53 11.13
CA MET B 69 -26.75 8.55 11.80
C MET B 69 -26.60 7.27 10.98
N VAL B 70 -27.61 6.92 10.18
CA VAL B 70 -27.56 5.68 9.44
C VAL B 70 -26.53 5.75 8.32
N GLU B 71 -26.42 6.91 7.66
CA GLU B 71 -25.42 7.05 6.61
C GLU B 71 -24.01 6.95 7.19
N GLN B 72 -23.77 7.60 8.33
CA GLN B 72 -22.46 7.52 8.96
C GLN B 72 -22.16 6.10 9.43
N MET B 73 -23.16 5.40 9.96
CA MET B 73 -22.95 4.01 10.37
C MET B 73 -22.60 3.14 9.18
N HIS B 74 -23.30 3.31 8.06
CA HIS B 74 -23.00 2.52 6.87
C HIS B 74 -21.60 2.82 6.36
N THR B 75 -21.23 4.10 6.32
CA THR B 75 -19.89 4.47 5.88
C THR B 75 -18.82 3.86 6.78
N ASP B 76 -19.03 3.93 8.10
CA ASP B 76 -18.07 3.35 9.03
C ASP B 76 -17.96 1.85 8.84
N ILE B 77 -19.09 1.17 8.66
CA ILE B 77 -19.07 -0.28 8.51
C ILE B 77 -18.32 -0.67 7.25
N ILE B 78 -18.61 -0.01 6.13
CA ILE B 78 -17.96 -0.39 4.88
C ILE B 78 -16.47 -0.05 4.92
N SER B 79 -16.11 1.09 5.52
CA SER B 79 -14.70 1.45 5.59
C SER B 79 -13.94 0.47 6.48
N LEU B 80 -14.53 0.06 7.60
CA LEU B 80 -13.87 -0.89 8.48
C LEU B 80 -13.74 -2.26 7.82
N TRP B 81 -14.77 -2.71 7.12
CA TRP B 81 -14.71 -3.99 6.43
C TRP B 81 -13.66 -3.97 5.33
N ASP B 82 -13.50 -2.84 4.65
CA ASP B 82 -12.48 -2.75 3.62
C ASP B 82 -11.08 -2.68 4.23
N GLN B 83 -10.92 -1.98 5.34
CA GLN B 83 -9.61 -1.82 5.95
C GLN B 83 -9.14 -3.11 6.62
N SER B 84 -10.07 -3.93 7.10
CA SER B 84 -9.68 -5.19 7.74
C SER B 84 -9.41 -6.31 6.76
N LEU B 85 -9.20 -6.00 5.48
CA LEU B 85 -8.92 -7.01 4.46
C LEU B 85 -7.70 -6.66 3.62
N LYS B 86 -6.95 -5.62 3.98
CA LYS B 86 -5.81 -5.22 3.17
C LYS B 86 -4.61 -6.15 3.34
N PRO B 87 -4.14 -6.47 4.55
CA PRO B 87 -2.95 -7.32 4.68
C PRO B 87 -3.20 -8.80 4.49
N CYS B 88 -4.36 -9.20 3.98
CA CYS B 88 -4.69 -10.60 3.84
C CYS B 88 -4.25 -11.12 2.47
N VAL B 89 -4.34 -12.44 2.29
CA VAL B 89 -3.78 -13.09 1.11
C VAL B 89 -4.63 -12.76 -0.12
N LYS B 90 -3.98 -12.74 -1.29
CA LYS B 90 -4.65 -12.51 -2.57
C LYS B 90 -4.59 -13.79 -3.40
N LEU B 91 -5.74 -14.19 -3.94
CA LEU B 91 -5.84 -15.41 -4.74
C LEU B 91 -5.85 -15.05 -6.23
N THR B 92 -4.67 -14.70 -6.72
CA THR B 92 -4.52 -14.37 -8.14
C THR B 92 -4.43 -15.63 -9.01
N PRO B 93 -3.53 -16.60 -8.74
CA PRO B 93 -3.34 -17.70 -9.68
C PRO B 93 -4.37 -18.81 -9.53
N LEU B 94 -5.48 -18.52 -8.83
CA LEU B 94 -6.52 -19.53 -8.63
C LEU B 94 -7.39 -19.73 -9.86
N CYS B 95 -7.40 -18.78 -10.80
CA CYS B 95 -8.33 -18.81 -11.93
C CYS B 95 -7.79 -19.59 -13.11
N VAL B 96 -6.89 -20.55 -12.88
CA VAL B 96 -6.48 -21.47 -13.93
C VAL B 96 -7.69 -22.28 -14.37
N THR B 97 -7.72 -22.66 -15.65
CA THR B 97 -8.82 -23.45 -16.17
C THR B 97 -8.98 -24.75 -15.37
N LEU B 98 -10.21 -25.25 -15.33
CA LEU B 98 -10.54 -26.40 -14.51
C LEU B 98 -11.07 -27.54 -15.37
N GLN B 99 -10.93 -28.76 -14.85
CA GLN B 99 -11.54 -29.96 -15.43
C GLN B 99 -12.28 -30.63 -14.28
N CYS B 100 -13.57 -30.30 -14.14
CA CYS B 100 -14.34 -30.63 -12.96
C CYS B 100 -15.37 -31.70 -13.29
N THR B 101 -15.49 -32.70 -12.42
CA THR B 101 -16.36 -33.85 -12.67
C THR B 101 -17.53 -33.83 -11.68
N ASN B 102 -18.49 -34.72 -11.93
CA ASN B 102 -19.63 -34.84 -11.04
C ASN B 102 -19.24 -35.51 -9.73
N VAL B 103 -20.04 -35.26 -8.71
CA VAL B 103 -19.77 -35.81 -7.38
C VAL B 103 -20.19 -37.27 -7.33
N ASN B 106 -19.96 -40.80 -6.76
CA ASN B 106 -20.74 -41.09 -7.96
C ASN B 106 -22.21 -41.24 -7.62
N ILE B 107 -22.82 -40.15 -7.15
CA ILE B 107 -24.23 -40.18 -6.79
C ILE B 107 -25.07 -40.29 -8.05
N THR B 108 -25.81 -41.39 -8.20
CA THR B 108 -26.62 -41.59 -9.38
C THR B 108 -27.86 -40.70 -9.33
N ASP B 109 -28.45 -40.48 -10.50
CA ASP B 109 -29.64 -39.63 -10.63
C ASP B 109 -30.90 -40.41 -10.29
N GLY B 113 -27.41 -33.64 -6.50
CA GLY B 113 -26.14 -33.05 -6.85
C GLY B 113 -26.07 -31.56 -6.54
N GLU B 114 -25.10 -31.17 -5.72
CA GLU B 114 -24.96 -29.78 -5.33
C GLU B 114 -23.53 -29.28 -5.53
N LEU B 115 -22.56 -30.16 -5.29
CA LEU B 115 -21.15 -29.80 -5.35
C LEU B 115 -20.42 -30.70 -6.32
N LYS B 116 -19.25 -30.26 -6.77
CA LYS B 116 -18.46 -30.96 -7.78
C LYS B 116 -16.99 -30.93 -7.41
N ASN B 117 -16.28 -32.02 -7.72
CA ASN B 117 -14.85 -32.11 -7.47
C ASN B 117 -14.08 -31.64 -8.70
N CYS B 118 -13.23 -30.64 -8.49
CA CYS B 118 -12.48 -30.03 -9.59
C CYS B 118 -11.00 -30.23 -9.31
N SER B 119 -10.25 -30.58 -10.35
CA SER B 119 -8.80 -30.75 -10.28
C SER B 119 -8.12 -29.76 -11.22
N PHE B 120 -7.00 -29.21 -10.77
CA PHE B 120 -6.33 -28.18 -11.55
C PHE B 120 -4.87 -28.09 -11.17
N ASN B 121 -4.11 -27.40 -12.02
CA ASN B 121 -2.70 -27.16 -11.77
C ASN B 121 -2.52 -25.97 -10.83
N MET B 122 -1.46 -26.01 -10.02
CA MET B 122 -1.16 -24.94 -9.09
C MET B 122 0.34 -24.83 -8.90
N THR B 123 0.81 -23.60 -8.68
CA THR B 123 2.22 -23.34 -8.51
C THR B 123 2.71 -23.83 -7.14
N THR B 124 3.98 -23.60 -6.87
CA THR B 124 4.60 -23.99 -5.61
C THR B 124 5.61 -22.90 -5.24
N GLU B 125 6.26 -23.06 -4.09
CA GLU B 125 7.29 -22.10 -3.69
C GLU B 125 8.41 -22.03 -4.72
N LEU B 126 8.80 -23.17 -5.28
CA LEU B 126 9.78 -23.21 -6.35
C LEU B 126 9.11 -22.78 -7.65
N ARG B 127 9.70 -21.79 -8.32
CA ARG B 127 9.04 -21.17 -9.47
C ARG B 127 8.93 -22.09 -10.68
N ASP B 128 9.65 -23.23 -10.70
CA ASP B 128 9.59 -24.11 -11.84
C ASP B 128 8.70 -25.33 -11.63
N LYS B 129 8.45 -25.73 -10.39
CA LYS B 129 7.63 -26.90 -10.12
C LYS B 129 6.15 -26.55 -10.25
N ARG B 130 5.36 -27.54 -10.68
CA ARG B 130 3.93 -27.39 -10.84
C ARG B 130 3.24 -28.61 -10.28
N GLN B 131 2.38 -28.43 -9.29
CA GLN B 131 1.66 -29.53 -8.67
C GLN B 131 0.22 -29.57 -9.18
N LYS B 132 -0.45 -30.69 -8.90
CA LYS B 132 -1.83 -30.90 -9.32
C LYS B 132 -2.66 -31.23 -8.10
N VAL B 133 -3.63 -30.38 -7.80
CA VAL B 133 -4.45 -30.54 -6.60
C VAL B 133 -5.93 -30.56 -6.98
N HIS B 134 -6.72 -31.19 -6.12
CA HIS B 134 -8.16 -31.32 -6.29
C HIS B 134 -8.88 -30.73 -5.08
N ALA B 135 -10.09 -30.24 -5.32
CA ALA B 135 -10.90 -29.64 -4.26
C ALA B 135 -12.37 -29.80 -4.62
N LEU B 136 -13.23 -29.31 -3.73
CA LEU B 136 -14.68 -29.35 -3.92
C LEU B 136 -15.22 -27.93 -4.05
N PHE B 137 -16.06 -27.71 -5.05
CA PHE B 137 -16.64 -26.41 -5.33
C PHE B 137 -18.15 -26.53 -5.46
N TYR B 138 -18.85 -25.49 -5.00
CA TYR B 138 -20.30 -25.48 -5.10
C TYR B 138 -20.73 -25.07 -6.50
N LYS B 139 -21.98 -25.38 -6.83
CA LYS B 139 -22.49 -25.17 -8.18
C LYS B 139 -22.78 -23.72 -8.50
N LEU B 140 -22.79 -22.83 -7.50
CA LEU B 140 -23.08 -21.43 -7.72
C LEU B 140 -21.82 -20.59 -7.84
N ASP B 141 -20.64 -21.21 -7.89
CA ASP B 141 -19.37 -20.50 -8.04
C ASP B 141 -18.59 -20.98 -9.26
N ILE B 142 -19.27 -21.50 -10.26
CA ILE B 142 -18.61 -22.10 -11.42
C ILE B 142 -19.45 -21.84 -12.66
N VAL B 143 -18.81 -21.44 -13.76
CA VAL B 143 -19.54 -21.18 -15.00
C VAL B 143 -18.79 -21.86 -16.16
N PRO B 144 -19.48 -22.59 -17.02
CA PRO B 144 -18.80 -23.25 -18.15
C PRO B 144 -18.20 -22.23 -19.12
N ILE B 145 -17.26 -22.70 -19.93
CA ILE B 145 -16.55 -21.83 -20.85
C ILE B 145 -16.67 -22.35 -22.27
N ASN B 146 -16.91 -23.65 -22.42
CA ASN B 146 -17.01 -24.26 -23.75
C ASN B 146 -18.45 -24.27 -24.26
N GLU B 147 -19.35 -24.92 -23.53
CA GLU B 147 -20.77 -25.03 -23.83
C GLU B 147 -21.06 -25.84 -25.08
N ASN B 148 -20.03 -26.35 -25.77
CA ASN B 148 -20.21 -27.05 -27.04
C ASN B 148 -19.38 -28.34 -27.11
N GLN B 149 -19.52 -29.26 -26.14
CA GLN B 149 -20.43 -29.19 -25.01
C GLN B 149 -19.74 -29.78 -23.78
N ASN B 150 -18.44 -30.01 -23.90
CA ASN B 150 -17.68 -30.74 -22.90
C ASN B 150 -17.61 -29.95 -21.59
N THR B 151 -17.03 -30.58 -20.58
CA THR B 151 -16.95 -30.01 -19.23
C THR B 151 -15.58 -29.35 -19.05
N SER B 152 -15.55 -28.03 -19.14
CA SER B 152 -14.35 -27.26 -18.84
C SER B 152 -14.82 -26.01 -18.12
N TYR B 153 -14.57 -25.95 -16.81
CA TYR B 153 -15.20 -24.94 -15.96
C TYR B 153 -14.19 -23.89 -15.52
N ARG B 154 -14.72 -22.77 -15.04
CA ARG B 154 -13.91 -21.68 -14.52
C ARG B 154 -14.71 -20.95 -13.45
N LEU B 155 -14.03 -20.09 -12.70
CA LEU B 155 -14.69 -19.35 -11.65
C LEU B 155 -15.61 -18.28 -12.22
N ILE B 156 -16.33 -17.59 -11.34
CA ILE B 156 -17.38 -16.67 -11.73
C ILE B 156 -16.90 -15.22 -11.72
N ASN B 157 -16.03 -14.86 -10.77
CA ASN B 157 -15.72 -13.46 -10.55
C ASN B 157 -14.57 -12.94 -11.39
N CYS B 158 -13.57 -13.78 -11.71
CA CYS B 158 -12.39 -13.27 -12.41
C CYS B 158 -12.60 -13.14 -13.90
N ASN B 159 -13.85 -13.06 -14.37
CA ASN B 159 -14.11 -12.54 -15.70
C ASN B 159 -14.26 -11.03 -15.67
N THR B 160 -14.66 -10.47 -14.54
CA THR B 160 -14.91 -9.03 -14.39
C THR B 160 -14.02 -8.38 -13.35
N ALA B 161 -13.89 -8.97 -12.16
CA ALA B 161 -13.19 -8.35 -11.06
C ALA B 161 -12.20 -9.31 -10.42
N ALA B 162 -11.36 -8.77 -9.54
CA ALA B 162 -10.35 -9.56 -8.84
C ALA B 162 -10.95 -10.16 -7.57
N ILE B 163 -10.13 -10.97 -6.89
CA ILE B 163 -10.58 -11.74 -5.73
C ILE B 163 -9.49 -11.75 -4.67
N THR B 164 -9.90 -11.61 -3.41
CA THR B 164 -9.00 -11.71 -2.27
C THR B 164 -9.58 -12.69 -1.26
N GLN B 165 -8.70 -13.40 -0.56
CA GLN B 165 -9.11 -14.35 0.47
C GLN B 165 -9.34 -13.63 1.79
N ALA B 166 -10.06 -14.30 2.68
CA ALA B 166 -10.29 -13.82 4.05
C ALA B 166 -9.58 -14.78 4.99
N CYS B 167 -8.30 -14.52 5.24
CA CYS B 167 -7.51 -15.31 6.19
C CYS B 167 -8.24 -15.42 7.52
N PRO B 168 -8.35 -16.62 8.09
CA PRO B 168 -9.32 -16.88 9.16
C PRO B 168 -8.87 -16.49 10.55
N LYS B 169 -7.82 -15.68 10.70
CA LYS B 169 -7.44 -15.25 12.04
C LYS B 169 -8.45 -14.28 12.64
N VAL B 170 -9.35 -13.75 11.84
CA VAL B 170 -10.39 -12.84 12.32
C VAL B 170 -11.74 -13.51 12.16
N SER B 171 -12.75 -12.94 12.82
CA SER B 171 -14.09 -13.48 12.81
C SER B 171 -15.09 -12.40 12.39
N PHE B 172 -16.25 -12.85 11.92
CA PHE B 172 -17.32 -11.96 11.47
C PHE B 172 -18.48 -11.91 12.45
N GLU B 173 -18.32 -12.45 13.66
CA GLU B 173 -19.42 -12.49 14.61
C GLU B 173 -19.80 -11.07 15.02
N PRO B 174 -21.07 -10.70 14.95
CA PRO B 174 -21.47 -9.36 15.37
C PRO B 174 -21.38 -9.19 16.87
N ILE B 175 -20.98 -8.00 17.29
CA ILE B 175 -20.84 -7.67 18.71
C ILE B 175 -21.52 -6.33 18.96
N PRO B 176 -21.96 -6.05 20.18
CA PRO B 176 -22.61 -4.75 20.44
C PRO B 176 -21.64 -3.60 20.23
N ILE B 177 -22.17 -2.50 19.69
CA ILE B 177 -21.39 -1.30 19.42
C ILE B 177 -22.25 -0.10 19.81
N HIS B 178 -21.77 0.70 20.76
CA HIS B 178 -22.48 1.90 21.19
C HIS B 178 -21.94 3.10 20.43
N TYR B 179 -22.86 3.91 19.90
CA TYR B 179 -22.49 5.16 19.24
C TYR B 179 -22.57 6.28 20.26
N CYS B 180 -21.42 6.87 20.61
CA CYS B 180 -21.34 7.83 21.69
C CYS B 180 -20.90 9.18 21.12
N ALA B 181 -21.70 10.22 21.39
CA ALA B 181 -21.48 11.55 20.85
C ALA B 181 -20.31 12.24 21.56
N PRO B 182 -19.59 13.13 20.87
CA PRO B 182 -18.43 13.79 21.49
C PRO B 182 -18.83 14.84 22.50
N ALA B 183 -17.85 15.44 23.15
CA ALA B 183 -18.11 16.47 24.15
C ALA B 183 -18.62 17.74 23.47
N GLY B 184 -19.79 18.20 23.88
CA GLY B 184 -20.42 19.37 23.30
C GLY B 184 -21.77 19.10 22.67
N PHE B 185 -22.05 17.86 22.29
CA PHE B 185 -23.33 17.47 21.71
C PHE B 185 -24.11 16.63 22.71
N ALA B 186 -25.31 16.21 22.31
CA ALA B 186 -26.17 15.41 23.15
C ALA B 186 -27.08 14.57 22.28
N ILE B 187 -27.69 13.56 22.90
CA ILE B 187 -28.61 12.65 22.22
C ILE B 187 -29.95 12.68 22.95
N LEU B 188 -31.03 12.69 22.19
CA LEU B 188 -32.38 12.73 22.74
C LEU B 188 -33.12 11.46 22.33
N LYS B 189 -33.67 10.75 23.32
CA LYS B 189 -34.38 9.50 23.09
C LYS B 189 -35.86 9.68 23.39
N CYS B 190 -36.70 9.25 22.46
CA CYS B 190 -38.15 9.31 22.64
C CYS B 190 -38.65 8.00 23.22
N LYS B 191 -39.59 8.10 24.16
CA LYS B 191 -40.12 6.94 24.87
C LYS B 191 -41.65 6.89 24.77
N ASP B 192 -42.16 7.07 23.56
CA ASP B 192 -43.59 6.98 23.29
C ASP B 192 -43.94 5.57 22.82
N LYS B 193 -45.06 5.05 23.32
CA LYS B 193 -45.53 3.74 22.94
C LYS B 193 -46.44 3.76 21.72
N LYS B 194 -46.62 4.92 21.09
CA LYS B 194 -47.42 5.04 19.88
C LYS B 194 -46.71 5.94 18.87
N PHE B 195 -45.39 5.83 18.80
CA PHE B 195 -44.59 6.62 17.86
C PHE B 195 -44.79 6.07 16.46
N ASN B 196 -45.67 6.72 15.68
CA ASN B 196 -45.99 6.24 14.35
C ASN B 196 -44.94 6.58 13.32
N GLY B 197 -43.86 7.24 13.71
CA GLY B 197 -42.76 7.48 12.79
C GLY B 197 -42.34 8.93 12.67
N THR B 198 -43.31 9.84 12.68
CA THR B 198 -43.02 11.26 12.48
C THR B 198 -43.99 12.09 13.31
N GLY B 199 -43.47 13.07 14.03
CA GLY B 199 -44.29 13.94 14.85
C GLY B 199 -43.70 14.14 16.23
N PRO B 200 -44.39 14.93 17.06
CA PRO B 200 -43.88 15.19 18.41
C PRO B 200 -43.93 13.93 19.28
N CYS B 201 -43.12 13.96 20.33
CA CYS B 201 -43.03 12.87 21.30
C CYS B 201 -43.05 13.45 22.70
N PRO B 202 -44.06 13.14 23.51
CA PRO B 202 -44.15 13.74 24.86
C PRO B 202 -42.99 13.36 25.77
N SER B 203 -42.76 12.07 25.95
CA SER B 203 -41.73 11.59 26.87
C SER B 203 -40.38 11.60 26.16
N VAL B 204 -39.52 12.55 26.53
CA VAL B 204 -38.19 12.69 25.96
C VAL B 204 -37.17 12.60 27.07
N SER B 205 -36.10 11.85 26.84
CA SER B 205 -35.03 11.69 27.82
C SER B 205 -33.70 12.01 27.17
N THR B 206 -32.71 12.30 28.00
CA THR B 206 -31.35 12.58 27.56
C THR B 206 -30.41 11.57 28.19
N VAL B 207 -29.72 10.80 27.36
CA VAL B 207 -28.79 9.78 27.81
C VAL B 207 -27.40 10.13 27.30
N GLN B 208 -26.39 9.71 28.06
CA GLN B 208 -25.01 9.94 27.64
C GLN B 208 -24.77 9.44 26.22
N CYS B 209 -25.10 8.17 25.97
CA CYS B 209 -25.13 7.63 24.62
C CYS B 209 -25.83 6.28 24.63
N THR B 210 -26.06 5.75 23.43
CA THR B 210 -27.01 4.67 23.22
C THR B 210 -26.49 3.35 23.80
N HIS B 211 -27.30 2.31 23.63
CA HIS B 211 -26.99 0.97 24.09
C HIS B 211 -26.29 0.19 22.97
N GLY B 212 -26.17 -1.12 23.15
CA GLY B 212 -25.50 -1.93 22.16
C GLY B 212 -26.32 -2.12 20.90
N ILE B 213 -25.63 -2.22 19.78
CA ILE B 213 -26.24 -2.44 18.47
C ILE B 213 -25.49 -3.56 17.77
N LYS B 214 -26.22 -4.53 17.24
CA LYS B 214 -25.61 -5.65 16.53
C LYS B 214 -25.70 -5.41 15.04
N PRO B 215 -24.63 -4.97 14.37
CA PRO B 215 -24.72 -4.70 12.93
C PRO B 215 -24.78 -5.98 12.11
N VAL B 216 -25.94 -6.63 12.11
CA VAL B 216 -26.15 -7.89 11.40
C VAL B 216 -26.74 -7.57 10.03
N VAL B 217 -26.22 -8.24 9.00
CA VAL B 217 -26.69 -8.04 7.63
C VAL B 217 -27.77 -9.08 7.34
N SER B 218 -28.88 -8.63 6.76
CA SER B 218 -29.99 -9.52 6.44
C SER B 218 -30.83 -8.91 5.34
N THR B 219 -31.59 -9.77 4.67
CA THR B 219 -32.47 -9.36 3.58
C THR B 219 -33.82 -10.02 3.74
N GLN B 220 -34.88 -9.25 3.51
CA GLN B 220 -36.27 -9.70 3.53
C GLN B 220 -36.75 -10.07 4.93
N LEU B 221 -35.84 -10.09 5.90
CA LEU B 221 -36.18 -10.53 7.27
C LEU B 221 -35.13 -10.00 8.22
N LEU B 222 -35.53 -9.14 9.13
CA LEU B 222 -34.61 -8.67 10.15
C LEU B 222 -34.29 -9.80 11.13
N LEU B 223 -33.17 -9.67 11.84
CA LEU B 223 -32.74 -10.70 12.78
C LEU B 223 -32.07 -10.05 13.98
N ASN B 224 -32.32 -10.64 15.15
CA ASN B 224 -31.68 -10.21 16.40
C ASN B 224 -31.91 -8.73 16.69
N GLY B 225 -33.06 -8.20 16.28
CA GLY B 225 -33.37 -6.80 16.48
C GLY B 225 -33.82 -6.48 17.89
N SER B 226 -34.72 -5.51 18.01
CA SER B 226 -35.28 -5.10 19.28
C SER B 226 -36.78 -5.33 19.27
N LEU B 227 -37.28 -6.02 20.29
CA LEU B 227 -38.70 -6.33 20.36
C LEU B 227 -39.51 -5.08 20.68
N ALA B 228 -40.74 -5.05 20.17
CA ALA B 228 -41.65 -3.94 20.44
C ALA B 228 -42.28 -4.12 21.82
N GLU B 229 -43.32 -3.34 22.12
CA GLU B 229 -43.96 -3.38 23.43
C GLU B 229 -45.47 -3.36 23.24
N GLU B 230 -46.13 -4.42 23.71
CA GLU B 230 -47.59 -4.48 23.87
C GLU B 230 -48.33 -4.59 22.54
N GLU B 231 -47.63 -4.35 21.44
CA GLU B 231 -48.23 -4.34 20.11
C GLU B 231 -47.13 -4.56 19.07
N VAL B 232 -47.56 -4.84 17.85
CA VAL B 232 -46.67 -4.86 16.70
C VAL B 232 -46.74 -3.50 16.02
N MET B 233 -45.64 -3.10 15.40
CA MET B 233 -45.53 -1.78 14.80
C MET B 233 -45.46 -1.91 13.28
N ILE B 234 -46.17 -1.03 12.59
CA ILE B 234 -46.23 -1.01 11.13
C ILE B 234 -45.84 0.40 10.69
N ARG B 235 -44.61 0.56 10.25
CA ARG B 235 -44.07 1.88 9.94
C ARG B 235 -43.73 1.99 8.46
N SER B 236 -43.73 3.23 7.97
CA SER B 236 -43.35 3.55 6.59
C SER B 236 -43.20 5.06 6.51
N GLU B 237 -42.86 5.55 5.32
CA GLU B 237 -42.81 6.99 5.06
C GLU B 237 -44.09 7.50 4.40
N ASP B 238 -44.51 6.86 3.31
CA ASP B 238 -45.78 7.13 2.67
C ASP B 238 -46.41 5.80 2.30
N ILE B 239 -47.59 5.53 2.85
CA ILE B 239 -48.24 4.25 2.60
C ILE B 239 -49.03 4.27 1.30
N ARG B 240 -49.52 5.43 0.88
CA ARG B 240 -50.40 5.54 -0.27
C ARG B 240 -49.67 5.58 -1.61
N ASN B 241 -48.41 5.15 -1.66
CA ASN B 241 -47.67 5.03 -2.90
C ASN B 241 -46.78 3.80 -2.86
N ASN B 242 -46.63 3.17 -4.01
CA ASN B 242 -45.86 1.92 -4.13
C ASN B 242 -44.41 2.17 -4.51
N ALA B 243 -43.72 3.01 -3.73
CA ALA B 243 -42.32 3.28 -3.99
C ALA B 243 -41.49 3.34 -2.71
N LYS B 244 -42.02 2.90 -1.57
CA LYS B 244 -41.30 2.92 -0.31
C LYS B 244 -41.53 1.61 0.41
N ASN B 245 -40.44 0.95 0.80
CA ASN B 245 -40.55 -0.30 1.53
C ASN B 245 -41.18 -0.04 2.90
N ILE B 246 -42.04 -0.97 3.32
CA ILE B 246 -42.76 -0.84 4.58
C ILE B 246 -42.11 -1.75 5.61
N LEU B 247 -41.82 -1.19 6.79
CA LEU B 247 -41.18 -1.90 7.88
C LEU B 247 -42.25 -2.43 8.83
N VAL B 248 -42.06 -3.65 9.32
CA VAL B 248 -42.94 -4.24 10.32
C VAL B 248 -42.08 -4.82 11.43
N GLN B 249 -42.46 -4.55 12.67
CA GLN B 249 -41.73 -5.04 13.84
C GLN B 249 -42.69 -5.81 14.74
N PHE B 250 -42.31 -7.03 15.08
CA PHE B 250 -43.14 -7.89 15.92
C PHE B 250 -43.01 -7.48 17.39
N ASN B 251 -43.87 -8.08 18.21
CA ASN B 251 -43.82 -7.89 19.66
C ASN B 251 -43.36 -9.13 20.40
N THR B 252 -43.14 -10.24 19.70
CA THR B 252 -42.66 -11.46 20.29
C THR B 252 -41.77 -12.13 19.27
N PRO B 253 -40.50 -12.41 19.61
CA PRO B 253 -39.59 -12.99 18.62
C PRO B 253 -39.98 -14.42 18.28
N VAL B 254 -39.83 -14.78 17.01
CA VAL B 254 -40.10 -16.14 16.56
C VAL B 254 -38.77 -16.87 16.45
N GLN B 255 -38.73 -18.11 16.94
CA GLN B 255 -37.50 -18.88 16.90
C GLN B 255 -37.32 -19.53 15.54
N ILE B 256 -36.09 -19.54 15.04
CA ILE B 256 -35.77 -20.14 13.75
C ILE B 256 -34.42 -20.84 13.86
N ASN B 257 -34.35 -22.08 13.36
CA ASN B 257 -33.15 -22.89 13.48
C ASN B 257 -32.65 -23.29 12.10
N CYS B 258 -31.50 -22.75 11.70
CA CYS B 258 -30.86 -23.13 10.45
C CYS B 258 -29.72 -24.10 10.75
N THR B 259 -29.54 -25.09 9.87
CA THR B 259 -28.54 -26.12 10.09
C THR B 259 -28.02 -26.64 8.75
N ARG B 260 -26.71 -26.91 8.72
CA ARG B 260 -26.06 -27.59 7.61
C ARG B 260 -25.45 -28.88 8.13
N PRO B 261 -26.10 -30.03 7.93
CA PRO B 261 -25.67 -31.27 8.58
C PRO B 261 -24.40 -31.90 8.02
N ASN B 262 -23.80 -31.33 6.98
CA ASN B 262 -22.60 -31.91 6.40
C ASN B 262 -21.45 -31.84 7.39
N ASN B 263 -20.41 -32.64 7.11
CA ASN B 263 -19.20 -32.72 7.93
C ASN B 263 -18.01 -32.41 7.03
N ASN B 264 -17.68 -31.13 6.89
CA ASN B 264 -16.63 -30.71 5.97
C ASN B 264 -15.25 -30.93 6.60
N THR B 265 -14.23 -30.77 5.75
CA THR B 265 -12.83 -30.88 6.17
C THR B 265 -12.05 -29.76 5.52
N ARG B 266 -11.22 -29.07 6.30
CA ARG B 266 -10.38 -28.01 5.77
C ARG B 266 -9.07 -28.61 5.23
N LYS B 267 -8.75 -28.30 3.98
CA LYS B 267 -7.54 -28.79 3.33
C LYS B 267 -6.73 -27.59 2.89
N SER B 268 -5.52 -27.47 3.42
CA SER B 268 -4.65 -26.33 3.14
C SER B 268 -3.55 -26.74 2.17
N ILE B 269 -3.34 -25.92 1.14
CA ILE B 269 -2.31 -26.16 0.15
C ILE B 269 -1.51 -24.89 -0.06
N ARG B 270 -0.24 -25.06 -0.44
CA ARG B 270 0.64 -23.93 -0.67
C ARG B 270 0.42 -23.33 -2.05
N ILE B 271 0.47 -22.01 -2.12
CA ILE B 271 0.24 -21.31 -3.38
C ILE B 271 1.43 -20.43 -3.71
N GLY B 272 2.33 -20.26 -2.74
CA GLY B 272 3.52 -19.46 -2.93
C GLY B 272 4.34 -19.36 -1.67
N PRO B 273 5.45 -18.64 -1.73
CA PRO B 273 6.31 -18.50 -0.55
C PRO B 273 5.67 -17.67 0.54
N GLY B 274 5.24 -18.32 1.62
CA GLY B 274 4.66 -17.64 2.74
C GLY B 274 3.15 -17.48 2.69
N GLN B 275 2.48 -18.05 1.70
CA GLN B 275 1.04 -17.95 1.57
C GLN B 275 0.40 -19.32 1.79
N TRP B 276 -0.92 -19.32 1.92
CA TRP B 276 -1.68 -20.54 2.10
C TRP B 276 -3.04 -20.38 1.44
N PHE B 277 -3.62 -21.51 1.04
CA PHE B 277 -4.91 -21.52 0.37
C PHE B 277 -5.73 -22.67 0.93
N TYR B 278 -6.87 -22.36 1.54
CA TYR B 278 -7.74 -23.36 2.14
C TYR B 278 -8.87 -23.72 1.19
N ALA B 279 -9.35 -24.96 1.31
CA ALA B 279 -10.44 -25.44 0.48
C ALA B 279 -11.19 -26.53 1.22
N THR B 280 -12.36 -26.91 0.72
CA THR B 280 -13.08 -27.97 1.39
C THR B 280 -12.55 -29.24 0.73
N GLY B 281 -11.59 -29.88 1.38
CA GLY B 281 -10.96 -31.06 0.82
C GLY B 281 -11.84 -32.26 0.58
N ASP B 282 -12.68 -32.58 1.56
CA ASP B 282 -13.57 -33.71 1.40
C ASP B 282 -14.78 -33.57 2.31
N ILE B 283 -15.86 -34.21 1.94
CA ILE B 283 -17.06 -34.21 2.76
C ILE B 283 -17.14 -35.63 3.24
N ILE B 284 -17.14 -35.82 4.55
CA ILE B 284 -17.20 -37.15 5.10
C ILE B 284 -18.53 -37.34 5.81
N GLY B 285 -19.30 -38.33 5.37
CA GLY B 285 -20.59 -38.57 6.00
C GLY B 285 -21.72 -38.76 5.02
N ASP B 286 -22.81 -38.04 5.20
CA ASP B 286 -24.00 -38.16 4.38
C ASP B 286 -24.23 -36.85 3.63
N ILE B 287 -24.27 -36.93 2.30
CA ILE B 287 -24.53 -35.76 1.47
C ILE B 287 -25.99 -35.39 1.61
N ARG B 288 -26.28 -34.24 2.22
CA ARG B 288 -27.64 -33.78 2.40
C ARG B 288 -27.68 -32.27 2.29
N GLN B 289 -28.89 -31.74 2.05
CA GLN B 289 -29.08 -30.33 1.81
C GLN B 289 -29.27 -29.56 3.11
N ALA B 290 -28.58 -28.43 3.23
CA ALA B 290 -28.71 -27.59 4.41
C ALA B 290 -30.09 -26.96 4.44
N HIS B 291 -30.75 -27.01 5.61
CA HIS B 291 -32.13 -26.60 5.73
C HIS B 291 -32.32 -25.62 6.87
N CYS B 292 -33.55 -25.14 7.02
CA CYS B 292 -33.88 -24.27 8.14
C CYS B 292 -35.34 -24.48 8.53
N ASN B 293 -35.58 -24.61 9.82
CA ASN B 293 -36.88 -24.90 10.39
C ASN B 293 -37.43 -23.68 11.13
N VAL B 294 -38.76 -23.54 11.06
CA VAL B 294 -39.47 -22.48 11.76
C VAL B 294 -40.79 -23.06 12.27
N SER B 295 -41.17 -22.65 13.48
CA SER B 295 -42.42 -23.12 14.06
C SER B 295 -43.61 -22.64 13.23
N LYS B 296 -44.67 -23.46 13.21
CA LYS B 296 -45.82 -23.20 12.36
C LYS B 296 -46.94 -22.45 13.06
N ALA B 297 -47.34 -22.89 14.26
CA ALA B 297 -48.44 -22.24 14.96
C ALA B 297 -48.08 -20.80 15.34
N THR B 298 -46.87 -20.59 15.86
CA THR B 298 -46.44 -19.24 16.21
C THR B 298 -46.40 -18.34 14.98
N TRP B 299 -45.99 -18.88 13.84
CA TRP B 299 -45.94 -18.08 12.62
C TRP B 299 -47.33 -17.66 12.19
N ASN B 300 -48.30 -18.59 12.24
CA ASN B 300 -49.66 -18.24 11.86
C ASN B 300 -50.26 -17.23 12.82
N GLU B 301 -49.99 -17.38 14.12
CA GLU B 301 -50.48 -16.41 15.11
C GLU B 301 -49.88 -15.04 14.85
N THR B 302 -48.58 -14.97 14.55
CA THR B 302 -47.94 -13.69 14.29
C THR B 302 -48.48 -13.06 13.01
N LEU B 303 -48.75 -13.87 11.99
CA LEU B 303 -49.32 -13.33 10.76
C LEU B 303 -50.73 -12.81 11.00
N GLY B 304 -51.51 -13.52 11.83
CA GLY B 304 -52.82 -13.01 12.19
C GLY B 304 -52.75 -11.68 12.92
N LYS B 305 -51.82 -11.59 13.88
CA LYS B 305 -51.63 -10.32 14.59
C LYS B 305 -51.25 -9.20 13.64
N VAL B 306 -50.32 -9.45 12.72
CA VAL B 306 -49.85 -8.39 11.86
C VAL B 306 -50.92 -7.98 10.85
N VAL B 307 -51.74 -8.92 10.37
CA VAL B 307 -52.79 -8.51 9.45
C VAL B 307 -53.89 -7.76 10.20
N LYS B 308 -54.18 -8.15 11.45
CA LYS B 308 -55.14 -7.40 12.24
C LYS B 308 -54.66 -5.99 12.50
N GLN B 309 -53.35 -5.82 12.71
CA GLN B 309 -52.81 -4.48 12.91
C GLN B 309 -52.79 -3.68 11.61
N LEU B 310 -52.54 -4.36 10.49
CA LEU B 310 -52.46 -3.67 9.20
C LEU B 310 -53.83 -3.29 8.67
N ARG B 311 -54.90 -3.97 9.11
CA ARG B 311 -56.24 -3.63 8.64
C ARG B 311 -56.64 -2.22 8.99
N LYS B 312 -55.95 -1.58 9.94
CA LYS B 312 -56.33 -0.22 10.34
C LYS B 312 -56.04 0.80 9.25
N HIS B 313 -55.07 0.52 8.38
CA HIS B 313 -54.66 1.48 7.34
C HIS B 313 -55.33 1.22 5.99
N PHE B 314 -56.05 0.12 5.84
CA PHE B 314 -56.63 -0.23 4.54
C PHE B 314 -58.08 -0.64 4.70
N GLY B 315 -58.85 0.13 5.45
CA GLY B 315 -60.27 -0.17 5.61
C GLY B 315 -60.54 -1.32 6.54
N ASN B 316 -61.68 -1.28 7.24
CA ASN B 316 -61.98 -2.29 8.25
C ASN B 316 -62.43 -3.61 7.64
N ASN B 317 -62.60 -3.70 6.31
CA ASN B 317 -63.00 -4.95 5.67
C ASN B 317 -62.35 -5.03 4.28
N THR B 318 -61.20 -5.69 4.22
CA THR B 318 -60.50 -5.89 2.95
C THR B 318 -59.83 -7.27 2.96
N ILE B 319 -59.43 -7.70 1.77
CA ILE B 319 -58.77 -8.98 1.58
C ILE B 319 -57.27 -8.75 1.52
N ILE B 320 -56.51 -9.47 2.35
CA ILE B 320 -55.07 -9.36 2.43
C ILE B 320 -54.46 -10.67 1.94
N ARG B 321 -53.58 -10.57 0.94
CA ARG B 321 -52.94 -11.72 0.35
C ARG B 321 -51.43 -11.52 0.34
N PHE B 322 -50.69 -12.62 0.41
CA PHE B 322 -49.24 -12.59 0.37
C PHE B 322 -48.74 -13.38 -0.84
N ALA B 323 -47.55 -13.01 -1.31
CA ALA B 323 -46.96 -13.70 -2.45
C ALA B 323 -45.45 -13.69 -2.29
N ASN B 324 -44.80 -14.64 -2.96
CA ASN B 324 -43.36 -14.75 -2.88
C ASN B 324 -42.70 -13.63 -3.67
N SER B 325 -41.36 -13.58 -3.62
CA SER B 325 -40.62 -12.51 -4.25
C SER B 325 -40.82 -12.51 -5.76
N SER B 326 -40.63 -11.33 -6.36
CA SER B 326 -40.80 -11.19 -7.79
C SER B 326 -39.68 -11.89 -8.56
N GLY B 327 -38.45 -11.69 -8.14
CA GLY B 327 -37.30 -12.32 -8.76
C GLY B 327 -36.40 -11.30 -9.45
N GLY B 328 -35.28 -11.80 -9.94
CA GLY B 328 -34.32 -11.01 -10.65
C GLY B 328 -32.93 -10.90 -10.04
N ASP B 329 -32.61 -11.73 -9.05
CA ASP B 329 -31.30 -11.69 -8.40
C ASP B 329 -31.17 -12.93 -7.53
N LEU B 330 -30.02 -13.04 -6.85
CA LEU B 330 -29.76 -14.09 -5.89
C LEU B 330 -29.58 -13.56 -4.48
N GLU B 331 -29.83 -12.27 -4.27
CA GLU B 331 -29.62 -11.65 -2.97
C GLU B 331 -30.86 -10.99 -2.39
N VAL B 332 -31.80 -10.54 -3.21
CA VAL B 332 -33.00 -9.88 -2.75
C VAL B 332 -34.26 -10.62 -3.16
N THR B 333 -34.12 -11.87 -3.62
CA THR B 333 -35.25 -12.75 -3.83
C THR B 333 -35.36 -13.82 -2.75
N THR B 334 -34.24 -14.37 -2.33
CA THR B 334 -34.20 -15.31 -1.23
C THR B 334 -33.88 -14.60 0.09
N HIS B 335 -33.84 -15.37 1.17
CA HIS B 335 -33.50 -14.86 2.49
C HIS B 335 -32.01 -15.10 2.70
N SER B 336 -31.24 -14.01 2.75
CA SER B 336 -29.78 -14.11 2.82
C SER B 336 -29.28 -13.63 4.17
N PHE B 337 -28.37 -14.38 4.76
CA PHE B 337 -27.76 -14.01 6.03
C PHE B 337 -26.46 -14.80 6.18
N ASN B 338 -25.79 -14.58 7.32
CA ASN B 338 -24.55 -15.26 7.62
C ASN B 338 -24.55 -15.70 9.06
N CYS B 339 -23.94 -16.86 9.31
CA CYS B 339 -23.83 -17.38 10.67
C CYS B 339 -22.74 -18.43 10.71
N GLY B 340 -22.09 -18.56 11.87
CA GLY B 340 -21.04 -19.54 12.05
C GLY B 340 -19.86 -19.39 11.10
N GLY B 341 -19.77 -18.28 10.37
CA GLY B 341 -18.74 -18.11 9.37
C GLY B 341 -19.11 -18.53 7.97
N GLU B 342 -20.40 -18.77 7.71
CA GLU B 342 -20.86 -19.16 6.38
C GLU B 342 -22.07 -18.34 5.98
N PHE B 343 -22.20 -18.11 4.69
CA PHE B 343 -23.31 -17.34 4.13
C PHE B 343 -24.34 -18.28 3.55
N PHE B 344 -25.60 -18.12 3.97
CA PHE B 344 -26.69 -18.96 3.50
C PHE B 344 -27.59 -18.17 2.56
N TYR B 345 -28.41 -18.91 1.80
CA TYR B 345 -29.46 -18.33 0.97
C TYR B 345 -30.64 -19.30 1.05
N CYS B 346 -31.59 -19.00 1.93
CA CYS B 346 -32.73 -19.87 2.18
C CYS B 346 -33.97 -19.30 1.51
N ASP B 347 -34.58 -20.10 0.64
CA ASP B 347 -35.80 -19.67 -0.02
C ASP B 347 -36.91 -19.44 1.00
N THR B 348 -37.68 -18.36 0.80
CA THR B 348 -38.73 -17.99 1.73
C THR B 348 -40.11 -18.04 1.10
N SER B 349 -40.28 -18.82 0.04
CA SER B 349 -41.59 -18.92 -0.61
C SER B 349 -42.59 -19.66 0.26
N GLY B 350 -42.12 -20.56 1.12
CA GLY B 350 -43.01 -21.35 1.96
C GLY B 350 -43.56 -20.60 3.16
N LEU B 351 -43.45 -19.27 3.15
CA LEU B 351 -43.95 -18.44 4.24
C LEU B 351 -45.07 -17.52 3.79
N PHE B 352 -44.87 -16.76 2.72
CA PHE B 352 -45.89 -15.82 2.23
C PHE B 352 -46.74 -16.49 1.14
N ASN B 353 -47.41 -17.56 1.54
CA ASN B 353 -48.20 -18.40 0.64
C ASN B 353 -49.58 -18.66 1.24
N SER B 354 -50.23 -17.59 1.70
CA SER B 354 -51.53 -17.68 2.34
C SER B 354 -52.47 -16.64 1.75
N THR B 355 -53.70 -16.64 2.26
CA THR B 355 -54.72 -15.68 1.84
C THR B 355 -55.68 -15.46 3.00
N TRP B 356 -55.88 -14.20 3.37
CA TRP B 356 -56.67 -13.86 4.54
C TRP B 356 -57.90 -13.06 4.13
N ILE B 357 -59.04 -13.40 4.73
CA ILE B 357 -60.31 -12.73 4.45
C ILE B 357 -61.14 -12.73 5.72
N SER B 358 -61.85 -11.63 5.95
CA SER B 358 -62.69 -11.43 7.13
C SER B 358 -61.94 -11.75 8.42
N ASN B 371 -43.61 -30.30 16.43
CA ASN B 371 -45.06 -30.31 16.28
C ASN B 371 -45.47 -29.75 14.92
N ASP B 372 -45.12 -30.47 13.85
CA ASP B 372 -45.47 -30.10 12.48
C ASP B 372 -44.91 -28.71 12.14
N SER B 373 -43.60 -28.63 12.14
CA SER B 373 -42.89 -27.38 11.84
C SER B 373 -42.68 -27.24 10.34
N ILE B 374 -42.42 -26.00 9.92
CA ILE B 374 -42.19 -25.70 8.51
C ILE B 374 -40.69 -25.76 8.21
N THR B 375 -40.37 -26.32 7.04
CA THR B 375 -38.99 -26.47 6.59
C THR B 375 -38.75 -25.62 5.36
N LEU B 376 -37.50 -25.23 5.18
CA LEU B 376 -37.08 -24.38 4.05
C LEU B 376 -35.71 -24.80 3.56
N PRO B 377 -35.55 -25.02 2.26
CA PRO B 377 -34.22 -25.37 1.73
C PRO B 377 -33.30 -24.16 1.72
N CYS B 378 -32.00 -24.45 1.65
CA CYS B 378 -30.99 -23.40 1.67
C CYS B 378 -29.82 -23.80 0.78
N ARG B 379 -29.33 -22.85 0.00
CA ARG B 379 -28.12 -23.00 -0.77
C ARG B 379 -26.98 -22.21 -0.12
N ILE B 380 -25.75 -22.54 -0.51
CA ILE B 380 -24.56 -21.94 0.09
C ILE B 380 -23.67 -21.43 -1.03
N LYS B 381 -23.16 -20.21 -0.88
CA LYS B 381 -22.19 -19.62 -1.79
C LYS B 381 -20.89 -19.37 -1.05
N GLN B 382 -19.80 -19.30 -1.81
CA GLN B 382 -18.50 -18.98 -1.25
C GLN B 382 -17.94 -17.69 -1.80
N ILE B 383 -17.86 -17.54 -3.12
CA ILE B 383 -17.35 -16.31 -3.73
C ILE B 383 -18.47 -15.29 -3.78
N ILE B 384 -18.55 -14.44 -2.75
CA ILE B 384 -19.63 -13.49 -2.63
C ILE B 384 -19.19 -12.13 -3.17
N ASN B 385 -20.17 -11.28 -3.47
CA ASN B 385 -19.94 -9.93 -3.96
C ASN B 385 -20.68 -8.92 -3.08
N MET B 386 -20.69 -9.14 -1.78
CA MET B 386 -21.42 -8.29 -0.86
C MET B 386 -20.85 -6.87 -0.90
N TRP B 387 -21.66 -5.92 -0.42
CA TRP B 387 -21.31 -4.49 -0.44
C TRP B 387 -21.03 -4.03 -1.87
N GLN B 388 -22.11 -4.03 -2.65
CA GLN B 388 -22.10 -3.86 -4.10
C GLN B 388 -21.06 -2.83 -4.55
N ARG B 389 -20.16 -3.27 -5.41
CA ARG B 389 -19.03 -2.46 -5.88
C ARG B 389 -18.49 -3.10 -7.14
N ILE B 390 -17.31 -2.64 -7.57
CA ILE B 390 -16.63 -3.19 -8.72
C ILE B 390 -15.15 -3.36 -8.37
N GLY B 391 -14.54 -4.42 -8.91
CA GLY B 391 -13.14 -4.67 -8.69
C GLY B 391 -12.79 -5.42 -7.42
N GLN B 392 -13.79 -5.86 -6.66
CA GLN B 392 -13.55 -6.56 -5.41
C GLN B 392 -14.49 -7.75 -5.28
N ALA B 393 -13.96 -8.85 -4.74
CA ALA B 393 -14.74 -10.05 -4.49
C ALA B 393 -14.07 -10.83 -3.37
N MET B 394 -14.84 -11.16 -2.33
CA MET B 394 -14.31 -11.73 -1.11
C MET B 394 -14.55 -13.23 -1.10
N TYR B 395 -13.47 -14.00 -1.04
CA TYR B 395 -13.56 -15.43 -0.82
C TYR B 395 -13.83 -15.71 0.66
N ALA B 396 -14.47 -16.85 0.93
CA ALA B 396 -14.81 -17.23 2.28
C ALA B 396 -14.18 -18.58 2.61
N PRO B 397 -13.43 -18.68 3.71
CA PRO B 397 -12.84 -19.97 4.06
C PRO B 397 -13.89 -20.91 4.62
N PRO B 398 -13.74 -22.21 4.44
CA PRO B 398 -14.73 -23.15 4.95
C PRO B 398 -14.57 -23.38 6.45
N ILE B 399 -15.69 -23.66 7.10
CA ILE B 399 -15.72 -23.94 8.52
C ILE B 399 -15.69 -25.44 8.73
N GLN B 400 -14.94 -25.88 9.73
CA GLN B 400 -14.77 -27.31 10.00
C GLN B 400 -15.80 -27.79 11.02
N GLY B 401 -16.36 -28.95 10.77
CA GLY B 401 -17.33 -29.56 11.68
C GLY B 401 -18.75 -29.41 11.16
N VAL B 402 -19.66 -29.00 12.04
CA VAL B 402 -21.05 -28.76 11.68
C VAL B 402 -21.45 -27.40 12.22
N ILE B 403 -22.51 -26.84 11.63
CA ILE B 403 -22.99 -25.52 11.99
C ILE B 403 -24.45 -25.61 12.39
N ARG B 404 -24.82 -24.83 13.41
CA ARG B 404 -26.17 -24.85 13.95
C ARG B 404 -26.46 -23.46 14.50
N CYS B 405 -27.37 -22.73 13.86
CA CYS B 405 -27.62 -21.33 14.21
C CYS B 405 -29.08 -21.14 14.59
N VAL B 406 -29.30 -20.68 15.82
CA VAL B 406 -30.64 -20.36 16.31
C VAL B 406 -30.78 -18.84 16.34
N SER B 407 -31.93 -18.35 15.91
CA SER B 407 -32.12 -16.91 15.74
C SER B 407 -33.53 -16.51 16.11
N ASN B 408 -33.70 -15.23 16.42
CA ASN B 408 -34.98 -14.61 16.77
C ASN B 408 -35.40 -13.72 15.61
N ILE B 409 -36.18 -14.27 14.68
CA ILE B 409 -36.74 -13.45 13.62
C ILE B 409 -37.81 -12.54 14.21
N THR B 410 -37.69 -11.24 13.96
CA THR B 410 -38.57 -10.25 14.56
C THR B 410 -39.17 -9.29 13.54
N GLY B 411 -38.44 -8.99 12.47
CA GLY B 411 -38.80 -7.95 11.55
C GLY B 411 -39.39 -8.45 10.24
N LEU B 412 -39.85 -7.49 9.43
CA LEU B 412 -40.39 -7.78 8.12
C LEU B 412 -40.25 -6.54 7.24
N ILE B 413 -39.97 -6.75 5.96
CA ILE B 413 -39.84 -5.68 4.98
C ILE B 413 -40.71 -6.05 3.79
N LEU B 414 -41.72 -5.22 3.51
CA LEU B 414 -42.73 -5.56 2.51
C LEU B 414 -42.97 -4.38 1.58
N THR B 415 -42.84 -4.62 0.27
CA THR B 415 -43.28 -3.65 -0.72
C THR B 415 -44.79 -3.78 -0.93
N ARG B 416 -45.44 -2.64 -1.17
CA ARG B 416 -46.90 -2.60 -1.12
C ARG B 416 -47.55 -3.51 -2.16
N ASP B 417 -47.47 -3.14 -3.43
CA ASP B 417 -48.11 -3.90 -4.51
C ASP B 417 -47.86 -3.18 -5.82
N GLY B 418 -48.31 -3.80 -6.91
CA GLY B 418 -48.39 -3.12 -8.18
C GLY B 418 -49.69 -2.36 -8.33
N GLY B 419 -49.88 -1.80 -9.52
CA GLY B 419 -51.09 -1.04 -9.80
C GLY B 419 -52.25 -1.97 -10.18
N SER B 420 -53.42 -1.70 -9.60
CA SER B 420 -54.62 -2.44 -9.89
C SER B 420 -55.75 -1.47 -10.21
N THR B 421 -56.73 -1.96 -10.98
CA THR B 421 -57.86 -1.13 -11.38
C THR B 421 -58.67 -0.68 -10.18
N ASP B 422 -59.31 -1.63 -9.50
CA ASP B 422 -60.04 -1.37 -8.27
C ASP B 422 -60.44 -2.72 -7.67
N SER B 423 -60.19 -2.88 -6.38
CA SER B 423 -60.54 -4.09 -5.64
C SER B 423 -60.27 -3.82 -4.16
N THR B 424 -60.54 -4.85 -3.35
CA THR B 424 -60.18 -4.86 -1.93
C THR B 424 -59.21 -5.99 -1.61
N THR B 425 -58.50 -6.50 -2.61
CA THR B 425 -57.65 -7.68 -2.49
C THR B 425 -56.21 -7.36 -2.86
N GLU B 426 -55.67 -6.27 -2.31
CA GLU B 426 -54.28 -5.94 -2.58
C GLU B 426 -53.35 -6.99 -1.95
N THR B 427 -52.24 -7.25 -2.62
CA THR B 427 -51.28 -8.26 -2.21
C THR B 427 -50.08 -7.61 -1.54
N PHE B 428 -49.21 -8.47 -1.01
CA PHE B 428 -47.97 -8.03 -0.39
C PHE B 428 -46.85 -9.00 -0.75
N ARG B 429 -45.72 -8.45 -1.21
CA ARG B 429 -44.57 -9.23 -1.62
C ARG B 429 -43.33 -8.72 -0.88
N PRO B 430 -42.57 -9.60 -0.25
CA PRO B 430 -41.34 -9.15 0.43
C PRO B 430 -40.20 -8.98 -0.56
N SER B 431 -39.39 -7.96 -0.33
CA SER B 431 -38.24 -7.67 -1.19
C SER B 431 -37.11 -7.14 -0.34
N GLY B 432 -35.89 -7.55 -0.66
CA GLY B 432 -34.71 -7.08 0.04
C GLY B 432 -34.54 -5.59 -0.07
N GLY B 433 -34.29 -4.94 1.06
CA GLY B 433 -34.16 -3.49 1.08
C GLY B 433 -32.85 -2.99 0.50
N ASP B 434 -32.41 -1.82 0.96
CA ASP B 434 -31.16 -1.21 0.52
C ASP B 434 -30.00 -1.51 1.45
N MET B 435 -29.99 -2.69 2.07
CA MET B 435 -28.91 -3.22 2.89
C MET B 435 -28.51 -2.27 4.03
N ARG B 436 -29.33 -1.26 4.29
CA ARG B 436 -29.09 -0.37 5.41
C ARG B 436 -30.32 -0.12 6.28
N ASP B 437 -31.51 -0.57 5.86
CA ASP B 437 -32.70 -0.42 6.69
C ASP B 437 -32.70 -1.32 7.91
N ASN B 438 -31.83 -2.33 7.95
CA ASN B 438 -31.72 -3.18 9.12
C ASN B 438 -31.39 -2.37 10.37
N TRP B 439 -30.63 -1.28 10.22
CA TRP B 439 -30.30 -0.43 11.35
C TRP B 439 -31.39 0.59 11.64
N ARG B 440 -32.28 0.86 10.68
CA ARG B 440 -33.37 1.80 10.92
C ARG B 440 -34.39 1.25 11.91
N SER B 441 -34.41 -0.06 12.14
CA SER B 441 -35.22 -0.64 13.20
C SER B 441 -34.59 -0.49 14.57
N GLU B 442 -33.43 0.15 14.65
CA GLU B 442 -32.74 0.39 15.92
C GLU B 442 -32.34 1.84 16.14
N LEU B 443 -32.29 2.66 15.09
CA LEU B 443 -31.88 4.06 15.20
C LEU B 443 -33.02 5.01 14.85
N TYR B 444 -34.25 4.58 15.08
CA TYR B 444 -35.40 5.45 14.85
C TYR B 444 -35.81 6.23 16.08
N LYS B 445 -35.20 5.97 17.24
CA LYS B 445 -35.49 6.69 18.47
C LYS B 445 -34.26 7.41 19.00
N TYR B 446 -33.40 7.88 18.10
CA TYR B 446 -32.19 8.61 18.47
C TYR B 446 -32.04 9.82 17.58
N LYS B 447 -31.40 10.86 18.12
CA LYS B 447 -31.17 12.08 17.37
C LYS B 447 -30.04 12.86 18.05
N VAL B 448 -29.06 13.28 17.28
CA VAL B 448 -27.96 14.09 17.78
C VAL B 448 -28.35 15.55 17.72
N VAL B 449 -27.84 16.34 18.67
CA VAL B 449 -28.17 17.76 18.72
C VAL B 449 -26.99 18.48 19.37
N LYS B 450 -26.82 19.76 19.03
CA LYS B 450 -25.76 20.57 19.57
C LYS B 450 -26.30 21.49 20.66
N ILE B 451 -25.38 22.19 21.32
CA ILE B 451 -25.71 23.10 22.41
C ILE B 451 -25.28 24.51 22.03
N GLU B 452 -26.12 25.48 22.35
CA GLU B 452 -25.84 26.91 22.13
C GLU B 452 -25.98 27.63 23.46
N PRO B 453 -24.93 27.67 24.27
CA PRO B 453 -25.04 28.23 25.62
C PRO B 453 -25.08 29.76 25.68
N LEU B 454 -25.27 30.45 24.57
CA LEU B 454 -25.35 31.90 24.56
C LEU B 454 -26.80 32.36 24.36
N GLY B 455 -27.07 33.59 24.78
CA GLY B 455 -28.40 34.14 24.64
C GLY B 455 -28.45 35.53 25.26
N VAL B 456 -29.46 36.28 24.82
CA VAL B 456 -29.69 37.65 25.28
C VAL B 456 -31.07 37.73 25.92
N ALA B 457 -31.18 38.50 26.99
CA ALA B 457 -32.44 38.67 27.70
C ALA B 457 -32.59 40.11 28.16
N PRO B 458 -33.77 40.72 28.01
CA PRO B 458 -33.95 42.11 28.43
C PRO B 458 -34.39 42.25 29.89
N THR B 459 -33.67 43.07 30.66
CA THR B 459 -34.09 43.46 32.00
C THR B 459 -33.29 44.70 32.39
N ARG B 460 -33.58 45.21 33.60
CA ARG B 460 -33.01 46.47 34.04
C ARG B 460 -31.62 46.26 34.62
N CYS B 461 -30.66 47.01 34.11
CA CYS B 461 -29.29 46.99 34.62
C CYS B 461 -28.62 48.32 34.32
N LYS B 462 -27.71 48.73 35.22
CA LYS B 462 -26.87 49.92 35.04
C LYS B 462 -25.51 49.58 35.64
N ARG B 463 -24.59 49.11 34.81
CA ARG B 463 -23.27 48.72 35.29
C ARG B 463 -22.48 49.96 35.68
N ARG B 464 -22.02 50.01 36.93
CA ARG B 464 -21.30 51.17 37.42
C ARG B 464 -19.99 51.35 36.67
N VAL B 465 -19.86 52.48 35.98
CA VAL B 465 -18.65 52.75 35.21
C VAL B 465 -17.45 52.94 36.13
N VAL B 466 -17.65 53.63 37.26
CA VAL B 466 -16.61 53.97 38.25
C VAL B 466 -15.24 54.22 37.64
N GLU C 1 -11.16 30.81 65.66
CA GLU C 1 -12.47 30.59 65.05
C GLU C 1 -12.38 29.55 63.93
N ASN C 2 -13.47 29.40 63.17
CA ASN C 2 -13.48 28.47 62.06
C ASN C 2 -12.56 28.98 60.94
N LEU C 3 -12.31 28.09 59.97
CA LEU C 3 -11.41 28.37 58.87
C LEU C 3 -12.16 28.28 57.55
N TRP C 4 -11.46 28.62 56.47
CA TRP C 4 -12.03 28.61 55.13
C TRP C 4 -11.03 27.96 54.17
N VAL C 5 -11.45 27.81 52.92
CA VAL C 5 -10.64 27.11 51.93
C VAL C 5 -9.89 28.12 51.07
N THR C 6 -8.82 27.65 50.44
CA THR C 6 -8.03 28.44 49.50
C THR C 6 -7.58 27.53 48.36
N VAL C 7 -7.67 28.04 47.14
CA VAL C 7 -7.25 27.31 45.95
C VAL C 7 -5.97 27.93 45.43
N TYR C 8 -4.98 27.09 45.12
CA TYR C 8 -3.68 27.53 44.64
C TYR C 8 -3.44 26.98 43.24
N TYR C 9 -2.91 27.83 42.36
CA TYR C 9 -2.58 27.45 41.00
C TYR C 9 -1.08 27.58 40.80
N GLY C 10 -0.45 26.51 40.32
CA GLY C 10 0.98 26.47 40.16
C GLY C 10 1.72 25.75 41.26
N VAL C 11 1.02 25.04 42.14
CA VAL C 11 1.68 24.36 43.26
C VAL C 11 2.40 23.12 42.73
N PRO C 12 3.65 22.87 43.16
CA PRO C 12 4.38 21.69 42.67
C PRO C 12 3.86 20.40 43.30
N VAL C 13 3.11 19.63 42.52
CA VAL C 13 2.60 18.33 42.95
C VAL C 13 2.58 17.42 41.73
N TRP C 14 3.18 16.24 41.86
CA TRP C 14 3.27 15.29 40.75
C TRP C 14 2.60 13.97 41.12
N LYS C 15 2.36 13.16 40.09
CA LYS C 15 1.75 11.85 40.25
C LYS C 15 2.31 10.91 39.18
N ASP C 16 2.56 9.67 39.58
CA ASP C 16 3.14 8.67 38.67
C ASP C 16 2.14 8.35 37.57
N ALA C 17 2.50 8.69 36.32
CA ALA C 17 1.63 8.46 35.18
C ALA C 17 2.49 8.03 34.01
N GLU C 18 1.88 8.01 32.81
CA GLU C 18 2.58 7.59 31.61
C GLU C 18 1.90 8.22 30.40
N THR C 19 2.67 8.41 29.34
CA THR C 19 2.19 9.01 28.10
C THR C 19 3.21 8.72 27.00
N THR C 20 3.03 9.38 25.86
CA THR C 20 3.92 9.22 24.72
C THR C 20 4.96 10.34 24.70
N LEU C 21 6.07 10.07 24.01
CA LEU C 21 7.17 11.01 23.89
C LEU C 21 7.65 11.03 22.45
N PHE C 22 8.27 12.14 22.06
CA PHE C 22 8.72 12.33 20.68
C PHE C 22 10.24 12.33 20.59
N CYS C 23 10.72 12.38 19.36
CA CYS C 23 12.16 12.35 19.09
C CYS C 23 12.80 13.66 19.51
N ALA C 24 14.14 13.62 19.62
CA ALA C 24 14.92 14.82 19.89
C ALA C 24 16.35 14.54 19.47
N SER C 25 16.81 15.25 18.44
CA SER C 25 18.17 15.07 17.92
C SER C 25 18.87 16.43 17.89
N ASP C 26 20.14 16.41 17.53
CA ASP C 26 20.97 17.60 17.46
C ASP C 26 21.22 18.00 16.01
N ALA C 27 21.57 19.28 15.82
CA ALA C 27 21.81 19.80 14.49
C ALA C 27 23.04 19.16 13.88
N LYS C 28 22.85 18.39 12.80
CA LYS C 28 23.94 17.71 12.14
C LYS C 28 23.62 17.57 10.66
N ALA C 29 24.65 17.72 9.83
CA ALA C 29 24.53 17.57 8.39
C ALA C 29 25.48 16.48 7.90
N TYR C 30 25.13 15.89 6.76
CA TYR C 30 25.93 14.81 6.20
C TYR C 30 27.23 15.34 5.61
N LYS C 33 23.28 9.40 0.96
CA LYS C 33 24.03 8.73 2.01
C LYS C 33 23.61 9.23 3.39
N LYS C 34 22.41 9.81 3.45
CA LYS C 34 21.87 10.32 4.71
C LYS C 34 20.47 9.78 4.94
N HIS C 35 19.75 10.35 5.92
CA HIS C 35 18.40 9.95 6.32
C HIS C 35 18.31 8.42 6.47
N ASN C 36 19.04 7.94 7.47
CA ASN C 36 19.06 6.52 7.80
C ASN C 36 17.71 6.09 8.37
N VAL C 37 17.62 4.82 8.77
CA VAL C 37 16.35 4.25 9.21
C VAL C 37 15.78 5.03 10.38
N TRP C 38 16.63 5.49 11.30
CA TRP C 38 16.19 6.38 12.37
C TRP C 38 15.96 7.76 11.77
N ALA C 39 14.70 8.18 11.70
CA ALA C 39 14.37 9.45 11.06
C ALA C 39 15.06 10.61 11.76
N THR C 40 15.65 11.49 10.95
CA THR C 40 16.32 12.68 11.46
C THR C 40 15.69 13.97 10.98
N HIS C 41 15.28 14.04 9.71
CA HIS C 41 14.63 15.24 9.20
C HIS C 41 13.29 15.48 9.88
N ALA C 42 12.56 14.41 10.21
CA ALA C 42 11.28 14.54 10.89
C ALA C 42 11.48 14.36 12.39
N CYS C 43 12.18 15.32 12.98
CA CYS C 43 12.44 15.32 14.42
C CYS C 43 12.66 16.76 14.87
N VAL C 44 12.85 16.94 16.16
CA VAL C 44 12.99 18.25 16.78
C VAL C 44 14.48 18.48 17.07
N PRO C 45 15.06 19.60 16.61
CA PRO C 45 16.45 19.90 16.99
C PRO C 45 16.54 20.25 18.47
N THR C 46 17.42 19.56 19.19
CA THR C 46 17.53 19.74 20.62
C THR C 46 18.15 21.09 20.95
N ASP C 47 18.06 21.46 22.22
CA ASP C 47 18.67 22.69 22.68
C ASP C 47 20.19 22.54 22.74
N PRO C 48 20.93 23.65 22.65
CA PRO C 48 22.40 23.53 22.74
C PRO C 48 22.88 22.96 24.07
N ASN C 49 22.43 23.52 25.19
CA ASN C 49 22.84 23.04 26.50
C ASN C 49 21.61 22.72 27.35
N PRO C 50 21.49 21.49 27.84
CA PRO C 50 20.35 21.15 28.71
C PRO C 50 20.48 21.85 30.06
N GLN C 51 19.35 22.37 30.54
CA GLN C 51 19.32 23.12 31.80
C GLN C 51 18.94 22.17 32.93
N GLU C 52 19.92 21.38 33.36
CA GLU C 52 19.72 20.48 34.48
C GLU C 52 19.51 21.26 35.77
N ILE C 53 18.44 20.95 36.48
CA ILE C 53 18.08 21.65 37.71
C ILE C 53 18.15 20.66 38.86
N HIS C 54 18.84 21.05 39.93
CA HIS C 54 18.98 20.18 41.09
C HIS C 54 17.86 20.44 42.10
N LEU C 55 17.60 19.44 42.93
CA LEU C 55 16.57 19.52 43.96
C LEU C 55 17.14 19.00 45.27
N GLU C 56 16.48 19.37 46.37
CA GLU C 56 16.90 18.96 47.69
C GLU C 56 15.69 18.56 48.52
N ASN C 57 15.94 17.71 49.52
CA ASN C 57 14.92 17.27 50.47
C ASN C 57 13.72 16.62 49.78
N VAL C 58 13.96 15.93 48.67
CA VAL C 58 12.91 15.29 47.89
C VAL C 58 13.21 13.80 47.80
N THR C 59 12.21 12.98 48.12
CA THR C 59 12.34 11.53 48.10
C THR C 59 11.20 10.93 47.30
N GLU C 60 11.51 9.90 46.51
CA GLU C 60 10.49 9.19 45.74
C GLU C 60 11.03 7.82 45.38
N GLU C 61 10.15 6.98 44.84
CA GLU C 61 10.48 5.60 44.53
C GLU C 61 10.83 5.44 43.06
N PHE C 62 11.44 4.30 42.74
CA PHE C 62 11.83 3.96 41.40
C PHE C 62 11.60 2.46 41.18
N ASN C 63 11.58 2.05 39.91
CA ASN C 63 11.48 0.63 39.58
C ASN C 63 11.98 0.46 38.15
N MET C 64 13.11 -0.23 37.99
CA MET C 64 13.67 -0.45 36.67
C MET C 64 13.04 -1.62 35.94
N TRP C 65 12.36 -2.51 36.66
CA TRP C 65 11.72 -3.68 36.05
C TRP C 65 10.25 -3.48 35.78
N LYS C 66 9.71 -2.29 36.04
CA LYS C 66 8.32 -1.98 35.73
C LYS C 66 8.19 -0.66 34.97
N ASN C 67 9.28 -0.12 34.46
CA ASN C 67 9.23 1.14 33.73
C ASN C 67 8.44 0.98 32.43
N ASN C 68 7.87 2.09 31.98
CA ASN C 68 7.04 2.09 30.77
C ASN C 68 7.74 2.70 29.56
N MET C 69 8.93 3.29 29.76
CA MET C 69 9.62 3.90 28.63
C MET C 69 10.24 2.85 27.71
N VAL C 70 10.63 1.70 28.26
CA VAL C 70 11.31 0.69 27.44
C VAL C 70 10.33 0.06 26.44
N GLU C 71 9.08 -0.17 26.85
CA GLU C 71 8.10 -0.73 25.94
C GLU C 71 7.81 0.24 24.80
N GLN C 72 7.67 1.53 25.11
CA GLN C 72 7.44 2.52 24.06
C GLN C 72 8.63 2.65 23.14
N MET C 73 9.85 2.58 23.69
CA MET C 73 11.03 2.64 22.84
C MET C 73 11.09 1.44 21.90
N HIS C 74 10.79 0.25 22.42
CA HIS C 74 10.80 -0.94 21.57
C HIS C 74 9.74 -0.85 20.48
N THR C 75 8.53 -0.39 20.83
CA THR C 75 7.48 -0.24 19.84
C THR C 75 7.88 0.77 18.76
N ASP C 76 8.45 1.90 19.17
CA ASP C 76 8.88 2.90 18.20
C ASP C 76 9.96 2.35 17.29
N ILE C 77 10.93 1.62 17.85
CA ILE C 77 12.02 1.08 17.05
C ILE C 77 11.49 0.10 16.02
N ILE C 78 10.61 -0.82 16.45
CA ILE C 78 10.14 -1.84 15.52
C ILE C 78 9.23 -1.21 14.46
N SER C 79 8.40 -0.24 14.85
CA SER C 79 7.53 0.40 13.87
C SER C 79 8.35 1.19 12.85
N LEU C 80 9.39 1.89 13.30
CA LEU C 80 10.22 2.65 12.37
C LEU C 80 10.99 1.73 11.45
N TRP C 81 11.52 0.62 11.98
CA TRP C 81 12.25 -0.32 11.14
C TRP C 81 11.33 -0.97 10.10
N ASP C 82 10.07 -1.21 10.46
CA ASP C 82 9.15 -1.78 9.50
C ASP C 82 8.72 -0.75 8.46
N GLN C 83 8.56 0.51 8.88
CA GLN C 83 8.12 1.54 7.94
C GLN C 83 9.22 1.95 6.97
N SER C 84 10.48 1.84 7.39
CA SER C 84 11.58 2.21 6.50
C SER C 84 11.96 1.11 5.53
N LEU C 85 11.08 0.13 5.30
CA LEU C 85 11.36 -0.98 4.39
C LEU C 85 10.21 -1.21 3.42
N LYS C 86 9.18 -0.35 3.43
CA LYS C 86 8.03 -0.58 2.57
C LYS C 86 8.33 -0.29 1.10
N PRO C 87 8.88 0.87 0.72
CA PRO C 87 9.10 1.15 -0.70
C PRO C 87 10.32 0.47 -1.31
N CYS C 88 10.91 -0.51 -0.62
CA CYS C 88 12.11 -1.16 -1.09
C CYS C 88 11.76 -2.40 -1.91
N VAL C 89 12.77 -2.97 -2.57
CA VAL C 89 12.54 -4.02 -3.55
C VAL C 89 12.13 -5.32 -2.86
N LYS C 90 11.34 -6.13 -3.55
CA LYS C 90 10.92 -7.44 -3.08
C LYS C 90 11.57 -8.53 -3.93
N LEU C 91 12.17 -9.52 -3.27
CA LEU C 91 12.84 -10.62 -3.95
C LEU C 91 11.94 -11.85 -3.99
N THR C 92 10.95 -11.79 -4.88
CA THR C 92 10.05 -12.92 -5.07
C THR C 92 10.68 -14.01 -5.95
N PRO C 93 11.17 -13.70 -7.17
CA PRO C 93 11.60 -14.78 -8.06
C PRO C 93 12.99 -15.31 -7.76
N LEU C 94 13.52 -15.01 -6.58
CA LEU C 94 14.85 -15.48 -6.21
C LEU C 94 14.86 -16.95 -5.78
N CYS C 95 13.71 -17.52 -5.45
CA CYS C 95 13.64 -18.86 -4.87
C CYS C 95 13.58 -19.96 -5.92
N VAL C 96 14.09 -19.72 -7.12
CA VAL C 96 14.21 -20.79 -8.09
C VAL C 96 15.20 -21.83 -7.56
N THR C 97 15.02 -23.08 -8.00
CA THR C 97 15.92 -24.15 -7.57
C THR C 97 17.35 -23.81 -7.96
N LEU C 98 18.31 -24.34 -7.20
CA LEU C 98 19.71 -24.03 -7.37
C LEU C 98 20.51 -25.30 -7.66
N GLN C 99 21.64 -25.12 -8.33
CA GLN C 99 22.63 -26.17 -8.55
C GLN C 99 23.96 -25.59 -8.10
N CYS C 100 24.29 -25.78 -6.82
CA CYS C 100 25.37 -25.07 -6.17
C CYS C 100 26.51 -26.04 -5.90
N THR C 101 27.74 -25.60 -6.21
CA THR C 101 28.92 -26.45 -6.09
C THR C 101 29.84 -25.94 -4.99
N ASN C 102 30.85 -26.74 -4.69
CA ASN C 102 31.83 -26.37 -3.68
C ASN C 102 32.73 -25.24 -4.18
N VAL C 103 33.30 -24.50 -3.23
CA VAL C 103 34.17 -23.39 -3.57
C VAL C 103 35.54 -23.89 -3.98
N ASN C 106 38.57 -24.25 -6.10
CA ASN C 106 38.52 -25.66 -5.73
C ASN C 106 39.39 -25.92 -4.51
N ILE C 107 38.97 -25.41 -3.35
CA ILE C 107 39.72 -25.58 -2.11
C ILE C 107 39.62 -27.04 -1.69
N THR C 108 40.76 -27.73 -1.66
CA THR C 108 40.79 -29.12 -1.26
C THR C 108 40.61 -29.26 0.24
N ASP C 109 40.18 -30.44 0.66
CA ASP C 109 39.94 -30.73 2.06
C ASP C 109 41.22 -31.14 2.78
N GLY C 113 36.06 -24.61 4.10
CA GLY C 113 34.85 -24.38 3.33
C GLY C 113 33.77 -23.66 4.12
N GLU C 114 33.41 -22.46 3.63
CA GLU C 114 32.41 -21.65 4.32
C GLU C 114 31.32 -21.19 3.35
N LEU C 115 31.69 -20.90 2.11
CA LEU C 115 30.78 -20.37 1.12
C LEU C 115 30.80 -21.24 -0.13
N LYS C 116 29.74 -21.12 -0.93
CA LYS C 116 29.57 -21.95 -2.11
C LYS C 116 29.08 -21.11 -3.27
N ASN C 117 29.52 -21.45 -4.49
CA ASN C 117 29.07 -20.77 -5.69
C ASN C 117 27.87 -21.49 -6.29
N CYS C 118 26.78 -20.77 -6.48
CA CYS C 118 25.56 -21.34 -6.99
C CYS C 118 25.17 -20.62 -8.28
N SER C 119 24.51 -21.28 -9.23
CA SER C 119 24.17 -20.57 -10.51
C SER C 119 22.67 -20.53 -10.85
N PHE C 120 22.02 -19.40 -11.12
CA PHE C 120 20.57 -19.51 -11.39
C PHE C 120 19.96 -18.69 -12.52
N ASN C 121 18.79 -19.13 -12.99
CA ASN C 121 18.05 -18.49 -14.10
C ASN C 121 17.50 -17.07 -13.94
N MET C 122 16.95 -16.75 -12.77
CA MET C 122 16.41 -15.40 -12.50
C MET C 122 15.39 -14.96 -13.56
N THR C 123 15.50 -13.72 -14.03
CA THR C 123 14.59 -13.15 -15.03
C THR C 123 15.24 -11.98 -15.75
N THR C 124 14.57 -11.50 -16.80
CA THR C 124 15.03 -10.36 -17.58
C THR C 124 13.86 -9.40 -17.74
N GLU C 125 14.12 -8.14 -18.09
CA GLU C 125 13.01 -7.20 -18.22
C GLU C 125 12.03 -7.67 -19.30
N LEU C 126 12.52 -8.13 -20.43
CA LEU C 126 11.63 -8.64 -21.44
C LEU C 126 11.06 -9.91 -20.82
N ARG C 127 9.76 -10.10 -20.89
CA ARG C 127 9.16 -11.28 -20.27
C ARG C 127 9.61 -12.60 -20.88
N ASP C 128 9.68 -12.67 -22.21
CA ASP C 128 10.07 -13.91 -22.86
C ASP C 128 11.51 -14.40 -22.63
N LYS C 129 12.47 -13.47 -22.57
CA LYS C 129 13.87 -13.82 -22.39
C LYS C 129 14.25 -14.42 -21.05
N ARG C 130 15.24 -15.31 -21.07
CA ARG C 130 15.76 -15.96 -19.87
C ARG C 130 17.28 -15.86 -19.86
N GLN C 131 17.86 -15.85 -18.68
CA GLN C 131 19.30 -15.74 -18.53
C GLN C 131 19.80 -16.78 -17.52
N LYS C 132 21.09 -16.73 -17.22
CA LYS C 132 21.68 -17.66 -16.24
C LYS C 132 22.82 -16.94 -15.52
N VAL C 133 22.67 -16.77 -14.21
CA VAL C 133 23.64 -16.01 -13.43
C VAL C 133 24.16 -16.88 -12.29
N HIS C 134 25.36 -16.52 -11.83
CA HIS C 134 26.04 -17.22 -10.74
C HIS C 134 26.40 -16.22 -9.64
N ALA C 135 26.43 -16.71 -8.41
CA ALA C 135 26.74 -15.87 -7.26
C ALA C 135 27.32 -16.73 -6.16
N LEU C 136 27.67 -16.10 -5.04
CA LEU C 136 28.23 -16.78 -3.89
C LEU C 136 27.28 -16.66 -2.70
N PHE C 137 27.06 -17.77 -2.01
CA PHE C 137 26.14 -17.84 -0.87
C PHE C 137 26.84 -18.51 0.31
N TYR C 138 26.49 -18.06 1.50
CA TYR C 138 27.06 -18.64 2.70
C TYR C 138 26.34 -19.93 3.07
N LYS C 139 26.99 -20.73 3.91
CA LYS C 139 26.50 -22.06 4.24
C LYS C 139 25.31 -22.05 5.20
N LEU C 140 24.99 -20.90 5.79
CA LEU C 140 23.88 -20.81 6.73
C LEU C 140 22.61 -20.26 6.09
N ASP C 141 22.62 -20.00 4.79
CA ASP C 141 21.45 -19.51 4.07
C ASP C 141 21.01 -20.47 2.97
N ILE C 142 21.32 -21.76 3.12
CA ILE C 142 21.04 -22.75 2.08
C ILE C 142 20.68 -24.06 2.75
N VAL C 143 19.64 -24.71 2.25
CA VAL C 143 19.19 -25.99 2.80
C VAL C 143 18.95 -26.98 1.66
N PRO C 144 19.45 -28.21 1.74
CA PRO C 144 19.22 -29.17 0.67
C PRO C 144 17.76 -29.56 0.56
N ILE C 145 17.39 -30.10 -0.61
CA ILE C 145 16.00 -30.43 -0.89
C ILE C 145 15.88 -31.90 -1.26
N ASN C 146 16.96 -32.50 -1.76
CA ASN C 146 16.92 -33.89 -2.17
C ASN C 146 17.33 -34.83 -1.03
N GLU C 147 18.57 -34.69 -0.54
CA GLU C 147 19.15 -35.46 0.55
C GLU C 147 19.39 -36.93 0.17
N ASN C 148 19.06 -37.35 -1.06
CA ASN C 148 19.20 -38.74 -1.45
C ASN C 148 19.84 -38.89 -2.84
N GLN C 149 21.02 -38.30 -3.08
CA GLN C 149 21.83 -37.56 -2.12
C GLN C 149 22.50 -36.38 -2.82
N ASN C 150 22.08 -36.13 -4.06
CA ASN C 150 22.76 -35.19 -4.92
C ASN C 150 22.65 -33.77 -4.39
N THR C 151 23.34 -32.85 -5.06
CA THR C 151 23.43 -31.45 -4.63
C THR C 151 22.39 -30.65 -5.41
N SER C 152 21.29 -30.31 -4.74
CA SER C 152 20.28 -29.41 -5.29
C SER C 152 19.75 -28.58 -4.14
N TYR C 153 20.12 -27.30 -4.09
CA TYR C 153 19.93 -26.49 -2.91
C TYR C 153 18.83 -25.45 -3.14
N ARG C 154 18.36 -24.88 -2.03
CA ARG C 154 17.35 -23.83 -2.05
C ARG C 154 17.56 -22.93 -0.85
N LEU C 155 16.86 -21.81 -0.85
CA LEU C 155 16.99 -20.86 0.25
C LEU C 155 16.30 -21.39 1.50
N ILE C 156 16.40 -20.60 2.57
CA ILE C 156 15.94 -21.03 3.90
C ILE C 156 14.60 -20.40 4.26
N ASN C 157 14.36 -19.16 3.81
CA ASN C 157 13.21 -18.42 4.30
C ASN C 157 11.92 -18.73 3.55
N CYS C 158 11.99 -18.96 2.24
CA CYS C 158 10.77 -19.07 1.44
C CYS C 158 10.17 -20.47 1.46
N ASN C 159 10.49 -21.28 2.47
CA ASN C 159 9.65 -22.42 2.78
C ASN C 159 8.51 -22.03 3.71
N THR C 160 8.71 -20.99 4.52
CA THR C 160 7.73 -20.55 5.50
C THR C 160 7.26 -19.12 5.27
N ALA C 161 8.17 -18.19 5.03
CA ALA C 161 7.83 -16.77 4.95
C ALA C 161 8.43 -16.13 3.71
N ALA C 162 7.98 -14.91 3.42
CA ALA C 162 8.47 -14.16 2.28
C ALA C 162 9.73 -13.38 2.64
N ILE C 163 10.32 -12.73 1.65
CA ILE C 163 11.60 -12.06 1.80
C ILE C 163 11.58 -10.75 1.01
N THR C 164 12.12 -9.68 1.62
CA THR C 164 12.30 -8.40 0.96
C THR C 164 13.75 -7.95 1.12
N GLN C 165 14.24 -7.26 0.10
CA GLN C 165 15.61 -6.76 0.12
C GLN C 165 15.68 -5.44 0.90
N ALA C 166 16.90 -5.08 1.30
CA ALA C 166 17.18 -3.79 1.92
C ALA C 166 18.05 -2.99 0.96
N CYS C 167 17.39 -2.27 0.06
CA CYS C 167 18.06 -1.38 -0.88
C CYS C 167 19.01 -0.43 -0.14
N PRO C 168 20.25 -0.28 -0.59
CA PRO C 168 21.31 0.28 0.25
C PRO C 168 21.36 1.80 0.30
N LYS C 169 20.34 2.52 -0.16
CA LYS C 169 20.38 3.97 -0.05
C LYS C 169 20.31 4.45 1.39
N VAL C 170 19.93 3.58 2.32
CA VAL C 170 19.87 3.93 3.73
C VAL C 170 20.95 3.13 4.47
N SER C 171 21.18 3.51 5.72
CA SER C 171 22.20 2.89 6.55
C SER C 171 21.62 2.49 7.90
N PHE C 172 22.30 1.56 8.56
CA PHE C 172 21.88 1.04 9.85
C PHE C 172 22.74 1.54 11.00
N GLU C 173 23.60 2.53 10.75
CA GLU C 173 24.49 3.01 11.80
C GLU C 173 23.67 3.65 12.92
N PRO C 174 23.90 3.26 14.18
CA PRO C 174 23.16 3.87 15.28
C PRO C 174 23.61 5.31 15.51
N ILE C 175 22.64 6.15 15.87
CA ILE C 175 22.90 7.55 16.14
C ILE C 175 22.22 7.93 17.45
N PRO C 176 22.70 8.95 18.17
CA PRO C 176 22.06 9.32 19.43
C PRO C 176 20.62 9.79 19.20
N ILE C 177 19.75 9.43 20.15
CA ILE C 177 18.34 9.80 20.10
C ILE C 177 17.91 10.18 21.51
N HIS C 178 17.48 11.42 21.68
CA HIS C 178 17.01 11.91 22.97
C HIS C 178 15.50 11.75 23.06
N TYR C 179 15.03 11.17 24.16
CA TYR C 179 13.60 11.06 24.42
C TYR C 179 13.17 12.28 25.23
N CYS C 180 12.32 13.12 24.65
CA CYS C 180 11.94 14.39 25.25
C CYS C 180 10.45 14.42 25.51
N ALA C 181 10.06 14.67 26.76
CA ALA C 181 8.68 14.64 27.20
C ALA C 181 7.92 15.86 26.69
N PRO C 182 6.61 15.73 26.47
CA PRO C 182 5.83 16.86 25.93
C PRO C 182 5.60 17.95 26.97
N ALA C 183 4.96 19.04 26.55
CA ALA C 183 4.68 20.14 27.46
C ALA C 183 3.60 19.73 28.46
N GLY C 184 3.91 19.81 29.75
CA GLY C 184 3.01 19.41 30.80
C GLY C 184 3.56 18.32 31.70
N PHE C 185 4.50 17.51 31.22
CA PHE C 185 5.12 16.46 31.99
C PHE C 185 6.56 16.85 32.36
N ALA C 186 7.22 15.97 33.08
CA ALA C 186 8.60 16.21 33.50
C ALA C 186 9.30 14.87 33.69
N ILE C 187 10.63 14.95 33.76
CA ILE C 187 11.48 13.78 33.94
C ILE C 187 12.34 13.97 35.18
N LEU C 188 12.47 12.92 35.97
CA LEU C 188 13.25 12.95 37.21
C LEU C 188 14.42 11.98 37.09
N LYS C 189 15.62 12.47 37.36
CA LYS C 189 16.84 11.68 37.24
C LYS C 189 17.45 11.47 38.62
N CYS C 190 17.83 10.23 38.92
CA CYS C 190 18.52 9.90 40.16
C CYS C 190 20.02 9.95 39.96
N LYS C 191 20.72 10.49 40.96
CA LYS C 191 22.17 10.64 40.92
C LYS C 191 22.81 10.01 42.15
N ASP C 192 22.37 8.79 42.49
CA ASP C 192 22.93 8.05 43.60
C ASP C 192 24.00 7.09 43.09
N LYS C 193 25.12 7.02 43.82
CA LYS C 193 26.22 6.14 43.46
C LYS C 193 26.09 4.75 44.06
N LYS C 194 24.96 4.45 44.71
CA LYS C 194 24.71 3.12 45.27
C LYS C 194 23.27 2.71 45.00
N PHE C 195 22.77 3.06 43.82
CA PHE C 195 21.39 2.70 43.43
C PHE C 195 21.35 1.22 43.11
N ASN C 196 20.88 0.42 44.07
CA ASN C 196 20.86 -1.03 43.90
C ASN C 196 19.69 -1.51 43.05
N GLY C 197 18.86 -0.61 42.54
CA GLY C 197 17.81 -1.00 41.62
C GLY C 197 16.42 -0.56 42.02
N THR C 198 16.11 -0.59 43.31
CA THR C 198 14.77 -0.26 43.78
C THR C 198 14.87 0.38 45.16
N GLY C 199 14.17 1.49 45.34
CA GLY C 199 14.16 2.19 46.61
C GLY C 199 14.30 3.68 46.44
N PRO C 200 14.32 4.41 47.55
CA PRO C 200 14.42 5.86 47.49
C PRO C 200 15.77 6.32 46.96
N CYS C 201 15.79 7.55 46.46
CA CYS C 201 17.00 8.17 45.90
C CYS C 201 17.15 9.56 46.47
N PRO C 202 18.21 9.84 47.24
CA PRO C 202 18.36 11.17 47.85
C PRO C 202 18.54 12.29 46.82
N SER C 203 19.55 12.16 45.97
CA SER C 203 19.87 13.21 45.00
C SER C 203 19.00 13.03 43.76
N VAL C 204 18.00 13.89 43.61
CA VAL C 204 17.09 13.87 42.48
C VAL C 204 17.18 15.19 41.75
N SER C 205 17.23 15.13 40.42
CA SER C 205 17.31 16.31 39.59
C SER C 205 16.20 16.28 38.54
N THR C 206 15.88 17.47 38.01
CA THR C 206 14.89 17.62 36.96
C THR C 206 15.55 18.22 35.73
N VAL C 207 15.53 17.47 34.64
CA VAL C 207 16.16 17.88 33.39
C VAL C 207 15.07 18.00 32.33
N GLN C 208 15.27 18.92 31.38
CA GLN C 208 14.31 19.08 30.29
C GLN C 208 14.04 17.75 29.60
N CYS C 209 15.10 17.06 29.18
CA CYS C 209 14.99 15.69 28.71
C CYS C 209 16.38 15.08 28.58
N THR C 210 16.41 13.78 28.30
CA THR C 210 17.61 12.97 28.48
C THR C 210 18.68 13.31 27.44
N HIS C 211 19.79 12.58 27.54
CA HIS C 211 20.92 12.71 26.64
C HIS C 211 20.78 11.73 25.49
N GLY C 212 21.85 11.56 24.72
CA GLY C 212 21.80 10.66 23.57
C GLY C 212 21.77 9.21 23.99
N ILE C 213 21.08 8.40 23.18
CA ILE C 213 20.98 6.97 23.39
C ILE C 213 21.25 6.28 22.07
N LYS C 214 22.13 5.27 22.09
CA LYS C 214 22.46 4.52 20.89
C LYS C 214 21.70 3.21 20.88
N PRO C 215 20.61 3.08 20.14
CA PRO C 215 19.84 1.84 20.13
C PRO C 215 20.56 0.72 19.38
N VAL C 216 21.59 0.15 19.99
CA VAL C 216 22.37 -0.91 19.38
C VAL C 216 21.82 -2.25 19.85
N VAL C 217 21.70 -3.18 18.91
CA VAL C 217 21.18 -4.52 19.21
C VAL C 217 22.34 -5.45 19.51
N SER C 218 22.22 -6.22 20.59
CA SER C 218 23.29 -7.13 20.98
C SER C 218 22.70 -8.24 21.85
N THR C 219 23.44 -9.34 21.93
CA THR C 219 23.04 -10.50 22.71
C THR C 219 24.23 -11.00 23.51
N GLN C 220 23.96 -11.35 24.78
CA GLN C 220 24.94 -11.92 25.69
C GLN C 220 26.02 -10.92 26.12
N LEU C 221 26.04 -9.74 25.50
CA LEU C 221 27.10 -8.77 25.74
C LEU C 221 26.60 -7.41 25.29
N LEU C 222 26.46 -6.47 26.23
CA LEU C 222 26.12 -5.11 25.85
C LEU C 222 27.29 -4.44 25.14
N LEU C 223 26.99 -3.41 24.37
CA LEU C 223 28.01 -2.70 23.60
C LEU C 223 27.71 -1.22 23.57
N ASN C 224 28.77 -0.41 23.64
CA ASN C 224 28.68 1.05 23.53
C ASN C 224 27.71 1.65 24.54
N GLY C 225 27.62 1.06 25.73
CA GLY C 225 26.71 1.53 26.75
C GLY C 225 27.23 2.73 27.51
N SER C 226 26.88 2.80 28.79
CA SER C 226 27.31 3.88 29.67
C SER C 226 28.14 3.28 30.79
N LEU C 227 29.33 3.85 31.01
CA LEU C 227 30.22 3.34 32.04
C LEU C 227 29.71 3.69 33.43
N ALA C 228 30.01 2.84 34.39
CA ALA C 228 29.64 3.06 35.78
C ALA C 228 30.63 4.04 36.41
N GLU C 229 30.58 4.17 37.74
CA GLU C 229 31.43 5.12 38.45
C GLU C 229 31.98 4.46 39.70
N GLU C 230 33.31 4.33 39.76
CA GLU C 230 34.06 3.97 40.96
C GLU C 230 33.88 2.50 41.33
N GLU C 231 32.95 1.81 40.69
CA GLU C 231 32.65 0.42 41.00
C GLU C 231 31.93 -0.21 39.82
N VAL C 232 31.83 -1.53 39.84
CA VAL C 232 31.00 -2.27 38.91
C VAL C 232 29.67 -2.54 39.58
N MET C 233 28.60 -2.57 38.79
CA MET C 233 27.25 -2.70 39.30
C MET C 233 26.68 -4.07 38.94
N ILE C 234 26.02 -4.69 39.90
CA ILE C 234 25.42 -6.01 39.75
C ILE C 234 23.95 -5.89 40.11
N ARG C 235 23.08 -5.83 39.10
CA ARG C 235 21.67 -5.57 39.30
C ARG C 235 20.83 -6.75 38.83
N SER C 236 19.62 -6.84 39.36
CA SER C 236 18.62 -7.83 38.96
C SER C 236 17.30 -7.43 39.59
N GLU C 237 16.29 -8.29 39.45
CA GLU C 237 15.03 -8.10 40.13
C GLU C 237 14.93 -8.95 41.39
N ASP C 238 15.20 -10.25 41.27
CA ASP C 238 15.27 -11.16 42.41
C ASP C 238 16.44 -12.09 42.20
N ILE C 239 17.38 -12.09 43.16
CA ILE C 239 18.58 -12.91 43.01
C ILE C 239 18.33 -14.34 43.46
N ARG C 240 17.41 -14.57 44.39
CA ARG C 240 17.21 -15.86 45.01
C ARG C 240 16.32 -16.79 44.19
N ASN C 241 16.10 -16.50 42.90
CA ASN C 241 15.36 -17.39 42.03
C ASN C 241 16.00 -17.39 40.64
N ASN C 242 15.96 -18.55 40.00
CA ASN C 242 16.59 -18.76 38.70
C ASN C 242 15.60 -18.53 37.56
N ALA C 243 14.97 -17.36 37.53
CA ALA C 243 14.03 -17.04 36.46
C ALA C 243 14.15 -15.60 35.99
N LYS C 244 15.21 -14.89 36.37
CA LYS C 244 15.40 -13.50 35.98
C LYS C 244 16.85 -13.29 35.58
N ASN C 245 17.06 -12.77 34.38
CA ASN C 245 18.41 -12.49 33.91
C ASN C 245 19.06 -11.42 34.79
N ILE C 246 20.33 -11.59 35.07
CA ILE C 246 21.08 -10.68 35.93
C ILE C 246 21.95 -9.78 35.07
N LEU C 247 21.84 -8.47 35.30
CA LEU C 247 22.59 -7.47 34.56
C LEU C 247 23.87 -7.12 35.31
N VAL C 248 24.97 -6.96 34.59
CA VAL C 248 26.24 -6.52 35.15
C VAL C 248 26.78 -5.39 34.30
N GLN C 249 27.25 -4.32 34.95
CA GLN C 249 27.80 -3.16 34.26
C GLN C 249 29.21 -2.90 34.78
N PHE C 250 30.16 -2.82 33.86
CA PHE C 250 31.55 -2.59 34.22
C PHE C 250 31.80 -1.11 34.54
N ASN C 251 32.97 -0.83 35.10
CA ASN C 251 33.41 0.53 35.37
C ASN C 251 34.52 0.99 34.44
N THR C 252 35.02 0.11 33.57
CA THR C 252 36.06 0.47 32.62
C THR C 252 35.77 -0.34 31.36
N PRO C 253 35.59 0.33 30.21
CA PRO C 253 35.24 -0.41 28.99
C PRO C 253 36.43 -1.22 28.49
N VAL C 254 36.13 -2.43 28.02
CA VAL C 254 37.16 -3.31 27.45
C VAL C 254 37.12 -3.16 25.94
N GLN C 255 38.29 -3.08 25.31
CA GLN C 255 38.35 -2.92 23.86
C GLN C 255 38.22 -4.27 23.17
N ILE C 256 37.48 -4.29 22.07
CA ILE C 256 37.28 -5.51 21.28
C ILE C 256 37.32 -5.14 19.80
N ASN C 257 38.07 -5.91 19.02
CA ASN C 257 38.28 -5.61 17.60
C ASN C 257 37.82 -6.78 16.75
N CYS C 258 36.73 -6.59 16.01
CA CYS C 258 36.24 -7.60 15.07
C CYS C 258 36.64 -7.20 13.66
N THR C 259 36.97 -8.21 12.83
CA THR C 259 37.46 -7.96 11.49
C THR C 259 37.10 -9.12 10.58
N ARG C 260 36.71 -8.79 9.35
CA ARG C 260 36.52 -9.77 8.28
C ARG C 260 37.51 -9.47 7.18
N PRO C 261 38.62 -10.21 7.09
CA PRO C 261 39.71 -9.82 6.18
C PRO C 261 39.43 -10.09 4.70
N ASN C 262 38.28 -10.66 4.35
CA ASN C 262 38.00 -10.94 2.95
C ASN C 262 37.85 -9.64 2.16
N ASN C 263 37.94 -9.75 0.83
CA ASN C 263 37.81 -8.62 -0.08
C ASN C 263 36.68 -8.94 -1.05
N ASN C 264 35.45 -8.59 -0.66
CA ASN C 264 34.28 -8.93 -1.44
C ASN C 264 34.12 -7.99 -2.63
N THR C 265 33.20 -8.35 -3.52
CA THR C 265 32.87 -7.55 -4.69
C THR C 265 31.35 -7.55 -4.86
N ARG C 266 30.78 -6.35 -5.06
CA ARG C 266 29.35 -6.25 -5.28
C ARG C 266 29.03 -6.46 -6.75
N LYS C 267 28.14 -7.40 -7.04
CA LYS C 267 27.74 -7.71 -8.42
C LYS C 267 26.24 -7.47 -8.51
N SER C 268 25.84 -6.56 -9.40
CA SER C 268 24.44 -6.19 -9.55
C SER C 268 23.88 -6.80 -10.84
N ILE C 269 22.71 -7.41 -10.74
CA ILE C 269 22.05 -8.02 -11.88
C ILE C 269 20.60 -7.55 -11.91
N ARG C 270 20.02 -7.55 -13.11
CA ARG C 270 18.63 -7.14 -13.28
C ARG C 270 17.68 -8.28 -12.99
N ILE C 271 16.55 -7.96 -12.36
CA ILE C 271 15.59 -8.97 -11.97
C ILE C 271 14.23 -8.62 -12.55
N GLY C 272 14.09 -7.39 -13.04
CA GLY C 272 12.84 -6.94 -13.62
C GLY C 272 12.93 -5.50 -14.08
N PRO C 273 11.85 -4.98 -14.65
CA PRO C 273 11.86 -3.59 -15.13
C PRO C 273 11.91 -2.60 -13.99
N GLY C 274 13.07 -1.95 -13.82
CA GLY C 274 13.24 -0.94 -12.79
C GLY C 274 13.76 -1.45 -11.47
N GLN C 275 14.09 -2.73 -11.35
CA GLN C 275 14.59 -3.30 -10.11
C GLN C 275 16.06 -3.70 -10.27
N TRP C 276 16.68 -4.04 -9.14
CA TRP C 276 18.07 -4.48 -9.14
C TRP C 276 18.25 -5.48 -8.02
N PHE C 277 19.25 -6.36 -8.19
CA PHE C 277 19.53 -7.40 -7.21
C PHE C 277 21.05 -7.50 -7.06
N TYR C 278 21.54 -7.26 -5.85
CA TYR C 278 22.96 -7.29 -5.56
C TYR C 278 23.35 -8.63 -4.95
N ALA C 279 24.53 -9.12 -5.28
CA ALA C 279 24.96 -10.38 -4.71
C ALA C 279 26.45 -10.33 -4.59
N THR C 280 27.00 -11.04 -3.62
CA THR C 280 28.44 -11.03 -3.50
C THR C 280 29.00 -11.70 -4.74
N GLY C 281 30.06 -11.12 -5.28
CA GLY C 281 30.73 -11.60 -6.48
C GLY C 281 31.77 -12.65 -6.18
N ASP C 282 32.67 -12.89 -7.13
CA ASP C 282 33.73 -13.86 -6.87
C ASP C 282 34.80 -13.14 -6.06
N ILE C 283 35.00 -13.63 -4.85
CA ILE C 283 35.92 -13.00 -3.92
C ILE C 283 37.33 -13.03 -4.47
N ILE C 284 38.00 -11.89 -4.37
CA ILE C 284 39.37 -11.78 -4.84
C ILE C 284 40.22 -11.62 -3.60
N GLY C 285 41.15 -12.55 -3.41
CA GLY C 285 42.01 -12.48 -2.24
C GLY C 285 42.24 -13.83 -1.60
N ASP C 286 42.51 -13.78 -0.30
CA ASP C 286 42.78 -14.97 0.51
C ASP C 286 41.52 -15.34 1.28
N ILE C 287 41.04 -16.56 1.06
CA ILE C 287 39.86 -17.05 1.77
C ILE C 287 40.26 -17.33 3.21
N ARG C 288 39.71 -16.55 4.15
CA ARG C 288 40.01 -16.73 5.57
C ARG C 288 38.77 -16.42 6.38
N GLN C 289 38.78 -16.89 7.63
CA GLN C 289 37.62 -16.78 8.50
C GLN C 289 37.62 -15.45 9.25
N ALA C 290 36.47 -14.79 9.29
CA ALA C 290 36.35 -13.54 10.01
C ALA C 290 36.47 -13.78 11.50
N HIS C 291 37.31 -12.99 12.16
CA HIS C 291 37.63 -13.22 13.56
C HIS C 291 37.41 -11.98 14.40
N CYS C 292 37.62 -12.13 15.70
CA CYS C 292 37.52 -11.01 16.63
C CYS C 292 38.45 -11.23 17.80
N ASN C 293 39.19 -10.18 18.17
CA ASN C 293 40.21 -10.22 19.21
C ASN C 293 39.78 -9.41 20.42
N VAL C 294 40.18 -9.90 21.59
CA VAL C 294 39.94 -9.22 22.85
C VAL C 294 41.19 -9.36 23.71
N SER C 295 41.52 -8.30 24.45
CA SER C 295 42.68 -8.33 25.33
C SER C 295 42.48 -9.35 26.45
N LYS C 296 43.58 -9.94 26.89
CA LYS C 296 43.54 -11.04 27.86
C LYS C 296 43.70 -10.56 29.30
N ALA C 297 44.72 -9.75 29.58
CA ALA C 297 44.95 -9.31 30.95
C ALA C 297 43.80 -8.46 31.46
N THR C 298 43.32 -7.51 30.64
CA THR C 298 42.21 -6.67 31.06
C THR C 298 40.96 -7.49 31.31
N TRP C 299 40.74 -8.54 30.50
CA TRP C 299 39.57 -9.38 30.71
C TRP C 299 39.65 -10.13 32.03
N ASN C 300 40.82 -10.67 32.35
CA ASN C 300 40.98 -11.38 33.62
C ASN C 300 40.84 -10.44 34.80
N GLU C 301 41.38 -9.21 34.68
CA GLU C 301 41.21 -8.23 35.75
C GLU C 301 39.75 -7.86 35.94
N THR C 302 39.01 -7.68 34.85
CA THR C 302 37.60 -7.34 34.94
C THR C 302 36.79 -8.48 35.54
N LEU C 303 37.13 -9.72 35.17
CA LEU C 303 36.43 -10.85 35.77
C LEU C 303 36.73 -10.99 37.25
N GLY C 304 37.98 -10.71 37.65
CA GLY C 304 38.29 -10.68 39.07
C GLY C 304 37.50 -9.62 39.82
N LYS C 305 37.41 -8.43 39.23
CA LYS C 305 36.62 -7.37 39.85
C LYS C 305 35.16 -7.77 39.98
N VAL C 306 34.59 -8.36 38.94
CA VAL C 306 33.16 -8.68 38.97
C VAL C 306 32.88 -9.83 39.94
N VAL C 307 33.81 -10.80 40.06
CA VAL C 307 33.54 -11.86 41.02
C VAL C 307 33.73 -11.35 42.45
N LYS C 308 34.68 -10.43 42.66
CA LYS C 308 34.83 -9.83 43.98
C LYS C 308 33.59 -9.04 44.36
N GLN C 309 32.97 -8.36 43.39
CA GLN C 309 31.75 -7.62 43.67
C GLN C 309 30.56 -8.56 43.88
N LEU C 310 30.54 -9.68 43.16
CA LEU C 310 29.42 -10.61 43.25
C LEU C 310 29.49 -11.45 44.52
N ARG C 311 30.67 -11.61 45.11
CA ARG C 311 30.79 -12.39 46.34
C ARG C 311 29.97 -11.82 47.49
N LYS C 312 29.55 -10.55 47.41
CA LYS C 312 28.79 -9.95 48.49
C LYS C 312 27.40 -10.54 48.63
N HIS C 313 26.84 -11.06 47.54
CA HIS C 313 25.48 -11.58 47.55
C HIS C 313 25.40 -13.09 47.75
N PHE C 314 26.54 -13.78 47.76
CA PHE C 314 26.53 -15.23 47.86
C PHE C 314 27.55 -15.71 48.88
N GLY C 315 27.57 -15.09 50.06
CA GLY C 315 28.47 -15.51 51.11
C GLY C 315 29.91 -15.08 50.87
N ASN C 316 30.65 -14.83 51.95
CA ASN C 316 32.01 -14.33 51.82
C ASN C 316 33.01 -15.39 51.41
N ASN C 317 32.60 -16.65 51.30
CA ASN C 317 33.51 -17.72 50.87
C ASN C 317 32.73 -18.75 50.07
N THR C 318 32.72 -18.60 48.75
CA THR C 318 32.07 -19.56 47.86
C THR C 318 32.89 -19.70 46.58
N ILE C 319 32.59 -20.75 45.83
CA ILE C 319 33.26 -21.04 44.57
C ILE C 319 32.39 -20.53 43.42
N ILE C 320 32.99 -19.72 42.54
CA ILE C 320 32.30 -19.14 41.41
C ILE C 320 32.88 -19.73 40.14
N ARG C 321 32.02 -20.34 39.32
CA ARG C 321 32.43 -20.98 38.08
C ARG C 321 31.59 -20.43 36.93
N PHE C 322 32.20 -20.41 35.74
CA PHE C 322 31.53 -19.95 34.54
C PHE C 322 31.45 -21.09 33.53
N ALA C 323 30.45 -21.01 32.66
CA ALA C 323 30.27 -22.03 31.63
C ALA C 323 29.68 -21.37 30.40
N ASN C 324 29.90 -22.02 29.24
CA ASN C 324 29.38 -21.49 28.00
C ASN C 324 27.87 -21.66 27.93
N SER C 325 27.28 -21.16 26.84
CA SER C 325 25.84 -21.18 26.70
C SER C 325 25.31 -22.62 26.62
N SER C 326 24.05 -22.78 27.03
CA SER C 326 23.44 -24.10 27.03
C SER C 326 23.19 -24.59 25.61
N GLY C 327 22.64 -23.73 24.77
CA GLY C 327 22.38 -24.06 23.38
C GLY C 327 20.90 -24.07 23.06
N GLY C 328 20.61 -24.25 21.79
CA GLY C 328 19.25 -24.34 21.30
C GLY C 328 18.83 -23.29 20.28
N ASP C 329 19.74 -22.52 19.72
CA ASP C 329 19.41 -21.49 18.74
C ASP C 329 20.70 -20.99 18.12
N LEU C 330 20.55 -20.07 17.17
CA LEU C 330 21.67 -19.39 16.55
C LEU C 330 21.72 -17.90 16.88
N GLU C 331 20.93 -17.46 17.85
CA GLU C 331 20.86 -16.05 18.21
C GLU C 331 21.06 -15.78 19.70
N VAL C 332 20.82 -16.75 20.56
CA VAL C 332 20.95 -16.56 22.01
C VAL C 332 21.97 -17.51 22.62
N THR C 333 22.68 -18.26 21.79
CA THR C 333 23.80 -19.09 22.23
C THR C 333 25.14 -18.48 21.85
N THR C 334 25.22 -17.90 20.66
CA THR C 334 26.39 -17.19 20.20
C THR C 334 26.30 -15.71 20.54
N HIS C 335 27.39 -15.00 20.29
CA HIS C 335 27.43 -13.54 20.43
C HIS C 335 27.07 -12.94 19.08
N SER C 336 26.01 -12.14 19.05
CA SER C 336 25.49 -11.60 17.81
C SER C 336 25.43 -10.08 17.87
N PHE C 337 25.82 -9.44 16.77
CA PHE C 337 25.77 -7.99 16.66
C PHE C 337 25.89 -7.62 15.18
N ASN C 338 25.88 -6.31 14.93
CA ASN C 338 25.99 -5.80 13.57
C ASN C 338 26.95 -4.63 13.57
N CYS C 339 27.72 -4.52 12.49
CA CYS C 339 28.66 -3.42 12.33
C CYS C 339 29.05 -3.31 10.87
N GLY C 340 29.34 -2.09 10.42
CA GLY C 340 29.72 -1.85 9.05
C GLY C 340 28.70 -2.27 8.01
N GLY C 341 27.49 -2.59 8.42
CA GLY C 341 26.48 -3.09 7.51
C GLY C 341 26.40 -4.58 7.39
N GLU C 342 27.07 -5.32 8.28
CA GLU C 342 27.05 -6.78 8.26
C GLU C 342 26.75 -7.31 9.65
N PHE C 343 26.10 -8.48 9.69
CA PHE C 343 25.75 -9.14 10.94
C PHE C 343 26.73 -10.28 11.20
N PHE C 344 27.21 -10.37 12.44
CA PHE C 344 28.14 -11.40 12.84
C PHE C 344 27.51 -12.34 13.84
N TYR C 345 28.09 -13.54 13.96
CA TYR C 345 27.66 -14.53 14.95
C TYR C 345 28.91 -15.32 15.35
N CYS C 346 29.36 -15.16 16.58
CA CYS C 346 30.48 -15.95 17.09
C CYS C 346 30.38 -16.22 18.58
N ASP C 347 30.65 -17.47 18.95
CA ASP C 347 30.51 -17.93 20.32
C ASP C 347 31.44 -17.17 21.26
N THR C 348 31.08 -17.17 22.54
CA THR C 348 31.89 -16.55 23.58
C THR C 348 32.39 -17.59 24.58
N SER C 349 32.52 -18.85 24.15
CA SER C 349 32.98 -19.90 25.05
C SER C 349 34.43 -19.69 25.46
N GLY C 350 35.20 -18.97 24.66
CA GLY C 350 36.58 -18.69 24.99
C GLY C 350 36.71 -17.59 26.04
N LEU C 351 35.59 -17.20 26.65
CA LEU C 351 35.59 -16.18 27.68
C LEU C 351 35.12 -16.73 29.03
N PHE C 352 33.98 -17.41 29.07
CA PHE C 352 33.46 -17.98 30.31
C PHE C 352 33.89 -19.44 30.46
N ASN C 353 35.21 -19.63 30.51
CA ASN C 353 35.84 -20.94 30.60
C ASN C 353 36.87 -20.96 31.70
N SER C 354 36.49 -20.47 32.88
CA SER C 354 37.39 -20.36 34.01
C SER C 354 36.74 -20.96 35.26
N THR C 355 37.44 -20.87 36.38
CA THR C 355 36.95 -21.35 37.66
C THR C 355 37.67 -20.58 38.76
N TRP C 356 36.92 -19.97 39.66
CA TRP C 356 37.47 -19.11 40.70
C TRP C 356 37.19 -19.68 42.08
N ILE C 357 38.19 -19.62 42.95
CA ILE C 357 38.07 -20.13 44.31
C ILE C 357 38.93 -19.26 45.22
N SER C 358 38.42 -19.00 46.42
CA SER C 358 39.12 -18.19 47.42
C SER C 358 39.49 -16.81 46.87
N ASN C 371 49.78 -8.91 22.83
CA ASN C 371 50.32 -9.52 24.04
C ASN C 371 49.49 -10.73 24.46
N ASP C 372 49.44 -11.74 23.58
CA ASP C 372 48.72 -12.98 23.82
C ASP C 372 47.24 -12.71 24.10
N SER C 373 46.59 -12.15 23.08
CA SER C 373 45.18 -11.82 23.16
C SER C 373 44.32 -13.02 22.77
N ILE C 374 43.06 -12.98 23.20
CA ILE C 374 42.13 -14.07 22.92
C ILE C 374 41.43 -13.82 21.60
N THR C 375 41.26 -14.89 20.83
CA THR C 375 40.64 -14.85 19.51
C THR C 375 39.34 -15.62 19.51
N LEU C 376 38.42 -15.19 18.64
CA LEU C 376 37.11 -15.82 18.50
C LEU C 376 36.71 -15.86 17.03
N PRO C 377 36.36 -17.03 16.50
CA PRO C 377 36.00 -17.12 15.08
C PRO C 377 34.53 -16.79 14.86
N CYS C 378 34.28 -15.83 13.97
CA CYS C 378 32.92 -15.34 13.74
C CYS C 378 32.44 -15.72 12.35
N ARG C 379 31.25 -16.30 12.28
CA ARG C 379 30.56 -16.59 11.04
C ARG C 379 29.61 -15.44 10.69
N ILE C 380 29.15 -15.45 9.43
CA ILE C 380 28.35 -14.36 8.89
C ILE C 380 27.11 -14.93 8.26
N LYS C 381 25.96 -14.30 8.52
CA LYS C 381 24.70 -14.63 7.89
C LYS C 381 24.24 -13.45 7.03
N GLN C 382 23.40 -13.75 6.04
CA GLN C 382 22.81 -12.72 5.20
C GLN C 382 21.30 -12.65 5.35
N ILE C 383 20.60 -13.77 5.21
CA ILE C 383 19.16 -13.80 5.38
C ILE C 383 18.82 -13.91 6.86
N ILE C 384 18.53 -12.78 7.49
CA ILE C 384 18.25 -12.76 8.92
C ILE C 384 16.74 -12.73 9.14
N ASN C 385 16.33 -13.12 10.35
CA ASN C 385 14.93 -13.07 10.77
C ASN C 385 14.79 -12.27 12.05
N MET C 386 15.52 -11.16 12.15
CA MET C 386 15.52 -10.35 13.36
C MET C 386 14.13 -9.80 13.63
N TRP C 387 13.91 -9.38 14.89
CA TRP C 387 12.61 -8.88 15.34
C TRP C 387 11.53 -9.94 15.12
N GLN C 388 11.66 -11.02 15.91
CA GLN C 388 10.92 -12.26 15.75
C GLN C 388 9.47 -12.03 15.35
N ARG C 389 9.08 -12.62 14.24
CA ARG C 389 7.75 -12.43 13.66
C ARG C 389 7.50 -13.57 12.68
N ILE C 390 6.44 -13.43 11.89
CA ILE C 390 6.11 -14.40 10.85
C ILE C 390 5.75 -13.64 9.58
N GLY C 391 6.13 -14.22 8.44
CA GLY C 391 5.82 -13.62 7.16
C GLY C 391 6.81 -12.57 6.67
N GLN C 392 7.90 -12.35 7.39
CA GLN C 392 8.87 -11.33 7.02
C GLN C 392 10.29 -11.87 7.20
N ALA C 393 11.16 -11.52 6.26
CA ALA C 393 12.57 -11.90 6.33
C ALA C 393 13.37 -10.89 5.53
N MET C 394 14.40 -10.31 6.15
CA MET C 394 15.13 -9.19 5.59
C MET C 394 16.44 -9.67 5.00
N TYR C 395 16.62 -9.45 3.71
CA TYR C 395 17.89 -9.68 3.05
C TYR C 395 18.84 -8.53 3.36
N ALA C 396 20.14 -8.82 3.32
CA ALA C 396 21.15 -7.82 3.61
C ALA C 396 22.09 -7.69 2.42
N PRO C 397 22.31 -6.49 1.89
CA PRO C 397 23.23 -6.34 0.76
C PRO C 397 24.67 -6.46 1.24
N PRO C 398 25.57 -6.96 0.39
CA PRO C 398 26.96 -7.09 0.80
C PRO C 398 27.69 -5.77 0.77
N ILE C 399 28.66 -5.64 1.67
CA ILE C 399 29.50 -4.44 1.76
C ILE C 399 30.77 -4.67 0.99
N GLN C 400 31.22 -3.65 0.27
CA GLN C 400 32.41 -3.75 -0.58
C GLN C 400 33.64 -3.29 0.18
N GLY C 401 34.74 -4.02 -0.02
CA GLY C 401 36.00 -3.66 0.59
C GLY C 401 36.32 -4.57 1.78
N VAL C 402 36.69 -3.96 2.90
CA VAL C 402 36.98 -4.68 4.13
C VAL C 402 36.27 -3.99 5.28
N ILE C 403 36.06 -4.74 6.36
CA ILE C 403 35.34 -4.25 7.51
C ILE C 403 36.23 -4.38 8.75
N ARG C 404 36.16 -3.38 9.62
CA ARG C 404 37.01 -3.32 10.80
C ARG C 404 36.25 -2.54 11.87
N CYS C 405 35.78 -3.23 12.92
CA CYS C 405 34.92 -2.62 13.92
C CYS C 405 35.57 -2.73 15.29
N VAL C 406 35.80 -1.58 15.91
CA VAL C 406 36.32 -1.51 17.28
C VAL C 406 35.18 -1.10 18.20
N SER C 407 35.09 -1.75 19.35
CA SER C 407 33.95 -1.55 20.24
C SER C 407 34.40 -1.60 21.69
N ASN C 408 33.56 -1.03 22.56
CA ASN C 408 33.77 -1.00 24.00
C ASN C 408 32.77 -1.94 24.65
N ILE C 409 33.18 -3.18 24.88
CA ILE C 409 32.34 -4.10 25.64
C ILE C 409 32.32 -3.67 27.10
N THR C 410 31.11 -3.48 27.64
CA THR C 410 30.96 -2.94 28.98
C THR C 410 29.99 -3.74 29.83
N GLY C 411 29.04 -4.43 29.21
CA GLY C 411 27.96 -5.07 29.92
C GLY C 411 28.05 -6.59 29.95
N LEU C 412 27.14 -7.18 30.72
CA LEU C 412 27.05 -8.63 30.83
C LEU C 412 25.64 -9.01 31.24
N ILE C 413 25.15 -10.12 30.70
CA ILE C 413 23.83 -10.66 31.01
C ILE C 413 24.00 -12.12 31.35
N LEU C 414 23.68 -12.50 32.59
CA LEU C 414 23.98 -13.85 33.09
C LEU C 414 22.74 -14.42 33.78
N THR C 415 22.33 -15.62 33.35
CA THR C 415 21.34 -16.38 34.08
C THR C 415 22.01 -17.12 35.22
N ARG C 416 21.29 -17.25 36.34
CA ARG C 416 21.92 -17.69 37.58
C ARG C 416 22.49 -19.09 37.48
N ASP C 417 21.62 -20.11 37.43
CA ASP C 417 22.05 -21.50 37.42
C ASP C 417 20.81 -22.39 37.39
N GLY C 418 21.06 -23.70 37.28
CA GLY C 418 20.02 -24.66 37.51
C GLY C 418 19.89 -25.03 38.99
N GLY C 419 19.06 -26.03 39.25
CA GLY C 419 18.87 -26.49 40.62
C GLY C 419 19.94 -27.48 41.03
N SER C 420 20.45 -27.29 42.25
CA SER C 420 21.45 -28.17 42.83
C SER C 420 21.04 -28.56 44.24
N THR C 421 21.54 -29.71 44.69
CA THR C 421 21.20 -30.21 46.02
C THR C 421 21.69 -29.25 47.09
N ASP C 422 23.01 -29.13 47.23
CA ASP C 422 23.63 -28.16 48.13
C ASP C 422 25.13 -28.15 47.85
N SER C 423 25.70 -26.96 47.73
CA SER C 423 27.12 -26.77 47.52
C SER C 423 27.41 -25.27 47.62
N THR C 424 28.69 -24.93 47.49
CA THR C 424 29.12 -23.55 47.37
C THR C 424 29.74 -23.26 46.01
N THR C 425 29.39 -24.06 45.00
CA THR C 425 30.02 -24.02 43.69
C THR C 425 28.99 -23.75 42.60
N GLU C 426 28.12 -22.77 42.81
CA GLU C 426 27.14 -22.42 41.79
C GLU C 426 27.83 -21.84 40.56
N THR C 427 27.29 -22.14 39.39
CA THR C 427 27.87 -21.72 38.12
C THR C 427 27.12 -20.53 37.55
N PHE C 428 27.64 -20.01 36.45
CA PHE C 428 27.02 -18.91 35.73
C PHE C 428 27.17 -19.13 34.23
N ARG C 429 26.06 -18.99 33.51
CA ARG C 429 26.03 -19.19 32.06
C ARG C 429 25.40 -17.96 31.41
N PRO C 430 26.02 -17.39 30.38
CA PRO C 430 25.41 -16.24 29.70
C PRO C 430 24.35 -16.69 28.70
N SER C 431 23.27 -15.92 28.63
CA SER C 431 22.18 -16.21 27.71
C SER C 431 21.62 -14.91 27.17
N GLY C 432 21.30 -14.92 25.88
CA GLY C 432 20.72 -13.75 25.24
C GLY C 432 19.40 -13.37 25.87
N GLY C 433 19.24 -12.10 26.19
CA GLY C 433 18.03 -11.63 26.84
C GLY C 433 16.83 -11.55 25.92
N ASP C 434 15.90 -10.66 26.24
CA ASP C 434 14.68 -10.46 25.44
C ASP C 434 14.82 -9.32 24.45
N MET C 435 16.02 -9.10 23.91
CA MET C 435 16.32 -8.14 22.85
C MET C 435 15.86 -6.72 23.18
N ARG C 436 15.52 -6.47 24.45
CA ARG C 436 15.15 -5.14 24.89
C ARG C 436 15.81 -4.71 26.18
N ASP C 437 16.51 -5.61 26.88
CA ASP C 437 17.22 -5.23 28.09
C ASP C 437 18.46 -4.40 27.81
N ASN C 438 18.92 -4.36 26.56
CA ASN C 438 20.05 -3.51 26.21
C ASN C 438 19.77 -2.05 26.55
N TRP C 439 18.51 -1.61 26.43
CA TRP C 439 18.14 -0.25 26.78
C TRP C 439 17.92 -0.08 28.27
N ARG C 440 17.70 -1.16 29.01
CA ARG C 440 17.52 -1.05 30.45
C ARG C 440 18.81 -0.67 31.16
N SER C 441 19.96 -0.82 30.51
CA SER C 441 21.21 -0.29 31.04
C SER C 441 21.37 1.20 30.80
N GLU C 442 20.38 1.84 30.18
CA GLU C 442 20.41 3.27 29.93
C GLU C 442 19.17 4.00 30.40
N LEU C 443 18.06 3.31 30.65
CA LEU C 443 16.81 3.93 31.05
C LEU C 443 16.40 3.49 32.46
N TYR C 444 17.38 3.17 33.30
CA TYR C 444 17.10 2.80 34.68
C TYR C 444 17.15 4.00 35.63
N LYS C 445 17.57 5.16 35.15
CA LYS C 445 17.63 6.37 35.96
C LYS C 445 16.74 7.47 35.41
N TYR C 446 15.61 7.09 34.81
CA TYR C 446 14.67 8.05 34.25
C TYR C 446 13.25 7.63 34.61
N LYS C 447 12.37 8.63 34.71
CA LYS C 447 10.98 8.38 35.04
C LYS C 447 10.16 9.59 34.62
N VAL C 448 9.08 9.35 33.89
CA VAL C 448 8.18 10.40 33.46
C VAL C 448 7.14 10.62 34.55
N VAL C 449 6.71 11.87 34.71
CA VAL C 449 5.75 12.21 35.75
C VAL C 449 4.93 13.41 35.25
N LYS C 450 3.69 13.49 35.73
CA LYS C 450 2.80 14.58 35.35
C LYS C 450 2.74 15.62 36.46
N ILE C 451 2.07 16.73 36.16
CA ILE C 451 1.94 17.85 37.09
C ILE C 451 0.46 18.06 37.41
N GLU C 452 0.17 18.34 38.68
CA GLU C 452 -1.18 18.65 39.15
C GLU C 452 -1.14 19.99 39.85
N PRO C 453 -1.31 21.10 39.11
CA PRO C 453 -1.16 22.43 39.71
C PRO C 453 -2.34 22.90 40.54
N LEU C 454 -3.25 22.01 40.91
CA LEU C 454 -4.39 22.39 41.75
C LEU C 454 -4.22 21.83 43.15
N GLY C 455 -4.91 22.45 44.10
CA GLY C 455 -4.83 22.03 45.49
C GLY C 455 -5.65 22.94 46.36
N VAL C 456 -6.01 22.42 47.53
CA VAL C 456 -6.81 23.13 48.51
C VAL C 456 -6.02 23.26 49.80
N ALA C 457 -6.16 24.40 50.48
CA ALA C 457 -5.45 24.63 51.72
C ALA C 457 -6.35 25.40 52.69
N PRO C 458 -6.36 25.03 53.97
CA PRO C 458 -7.22 25.73 54.92
C PRO C 458 -6.55 26.94 55.56
N THR C 459 -7.22 28.09 55.50
CA THR C 459 -6.79 29.30 56.20
C THR C 459 -7.97 30.26 56.25
N ARG C 460 -7.76 31.39 56.91
CA ARG C 460 -8.85 32.33 57.16
C ARG C 460 -9.05 33.25 55.95
N CYS C 461 -10.29 33.30 55.46
CA CYS C 461 -10.67 34.19 54.38
C CYS C 461 -12.14 34.55 54.51
N LYS C 462 -12.48 35.80 54.17
CA LYS C 462 -13.86 36.25 54.08
C LYS C 462 -13.94 37.20 52.89
N ARG C 463 -14.27 36.65 51.72
CA ARG C 463 -14.34 37.44 50.50
C ARG C 463 -15.52 38.40 50.57
N ARG C 464 -15.25 39.69 50.39
CA ARG C 464 -16.30 40.70 50.46
C ARG C 464 -17.32 40.48 49.35
N VAL C 465 -18.57 40.23 49.76
CA VAL C 465 -19.63 40.01 48.78
C VAL C 465 -19.90 41.26 47.96
N VAL C 466 -19.82 42.43 48.61
CA VAL C 466 -20.10 43.76 48.02
C VAL C 466 -21.17 43.73 46.94
N VAL D 1 -13.47 54.26 9.63
CA VAL D 1 -12.24 53.61 10.07
C VAL D 1 -12.49 52.13 10.26
N PHE D 2 -13.77 51.74 10.25
CA PHE D 2 -14.15 50.33 10.38
C PHE D 2 -14.04 49.67 9.01
N LEU D 3 -12.81 49.33 8.64
CA LEU D 3 -12.54 48.68 7.36
C LEU D 3 -12.42 47.17 7.47
N GLY D 4 -12.00 46.65 8.62
CA GLY D 4 -11.83 45.22 8.81
C GLY D 4 -10.42 44.89 9.27
N PHE D 5 -10.00 43.67 8.95
CA PHE D 5 -8.69 43.17 9.38
C PHE D 5 -7.57 44.11 8.90
N LEU D 6 -6.75 44.56 9.84
CA LEU D 6 -5.62 45.44 9.54
C LEU D 6 -6.09 46.71 8.81
N GLY D 7 -7.22 47.25 9.25
CA GLY D 7 -7.80 48.41 8.59
C GLY D 7 -7.13 49.73 8.92
N ALA D 8 -6.27 49.77 9.93
CA ALA D 8 -5.63 51.02 10.35
C ALA D 8 -4.15 50.78 10.62
N ALA D 9 -3.49 50.01 9.76
CA ALA D 9 -2.08 49.73 9.95
C ALA D 9 -1.20 50.95 9.73
N GLY D 10 -1.68 51.94 8.97
CA GLY D 10 -0.90 53.12 8.68
C GLY D 10 -1.26 54.29 9.58
N SER D 11 -2.38 54.18 10.29
CA SER D 11 -2.81 55.25 11.18
C SER D 11 -1.87 55.36 12.39
N THR D 12 -1.96 56.49 13.07
CA THR D 12 -1.13 56.73 14.24
C THR D 12 -1.65 55.95 15.45
N MET D 13 -0.99 56.13 16.58
CA MET D 13 -1.40 55.44 17.79
C MET D 13 -2.76 55.91 18.29
N GLY D 14 -3.07 57.20 18.12
CA GLY D 14 -4.35 57.71 18.57
C GLY D 14 -5.53 57.08 17.85
N ALA D 15 -5.39 56.85 16.55
CA ALA D 15 -6.47 56.23 15.79
C ALA D 15 -6.53 54.73 16.03
N ALA D 16 -5.38 54.07 16.10
CA ALA D 16 -5.35 52.64 16.34
C ALA D 16 -5.80 52.27 17.75
N SER D 17 -5.71 53.21 18.69
CA SER D 17 -6.11 52.96 20.07
C SER D 17 -7.63 53.00 20.26
N MET D 18 -8.41 52.99 19.17
CA MET D 18 -9.86 53.04 19.27
C MET D 18 -10.56 51.84 18.63
N THR D 19 -9.87 51.07 17.79
CA THR D 19 -10.48 49.95 17.08
C THR D 19 -9.66 48.69 17.30
N LEU D 20 -9.32 48.41 18.57
CA LEU D 20 -8.56 47.21 18.88
C LEU D 20 -9.35 45.94 18.58
N THR D 21 -10.64 45.93 18.97
CA THR D 21 -11.44 44.71 18.86
C THR D 21 -11.52 44.19 17.44
N VAL D 22 -11.35 45.05 16.44
CA VAL D 22 -11.40 44.60 15.05
C VAL D 22 -10.30 43.58 14.80
N GLN D 23 -9.11 43.81 15.36
CA GLN D 23 -8.02 42.85 15.24
C GLN D 23 -8.06 41.77 16.30
N ALA D 24 -9.13 41.70 17.11
CA ALA D 24 -9.22 40.76 18.21
C ALA D 24 -10.25 39.66 17.97
N ARG D 25 -11.38 39.98 17.36
CA ARG D 25 -12.44 38.98 17.21
C ARG D 25 -12.18 38.02 16.06
N ASN D 26 -11.35 38.40 15.09
CA ASN D 26 -11.03 37.55 13.95
C ASN D 26 -9.69 36.85 14.09
N LEU D 27 -9.09 36.86 15.29
CA LEU D 27 -7.81 36.22 15.50
C LEU D 27 -7.92 34.71 15.63
N LEU D 28 -9.12 34.17 15.83
CA LEU D 28 -9.32 32.74 16.01
C LEU D 28 -10.07 32.08 14.85
N SER D 29 -11.06 32.75 14.28
CA SER D 29 -11.82 32.19 13.17
C SER D 29 -12.42 33.29 12.30
N LEU D 30 -14.17 8.13 0.88
CA LEU D 30 -14.19 7.16 1.97
C LEU D 30 -12.99 7.34 2.88
N LEU D 31 -11.87 7.76 2.30
CA LEU D 31 -10.63 7.95 3.05
C LEU D 31 -10.47 9.42 3.42
N LYS D 32 -9.85 9.66 4.58
CA LYS D 32 -9.57 11.01 5.05
C LYS D 32 -8.07 11.26 5.12
N LEU D 33 -7.31 10.64 4.22
CA LEU D 33 -5.87 10.84 4.13
C LEU D 33 -5.48 11.74 2.96
N THR D 34 -6.41 12.57 2.49
CA THR D 34 -6.14 13.44 1.35
C THR D 34 -5.11 14.50 1.72
N VAL D 35 -4.52 15.11 0.69
CA VAL D 35 -3.47 16.09 0.91
C VAL D 35 -4.04 17.37 1.51
N TRP D 36 -5.30 17.68 1.20
CA TRP D 36 -5.94 18.88 1.73
C TRP D 36 -6.62 18.63 3.07
N GLY D 37 -6.53 17.43 3.61
CA GLY D 37 -7.11 17.14 4.92
C GLY D 37 -6.10 17.28 6.04
N ILE D 38 -4.91 16.70 5.83
CA ILE D 38 -3.85 16.82 6.83
C ILE D 38 -3.43 18.27 6.98
N LYS D 39 -3.44 19.04 5.89
CA LYS D 39 -3.09 20.45 5.99
C LYS D 39 -4.08 21.22 6.84
N GLN D 40 -5.38 20.94 6.67
CA GLN D 40 -6.38 21.56 7.53
C GLN D 40 -6.20 21.15 8.98
N LEU D 41 -5.99 19.85 9.23
CA LEU D 41 -5.84 19.38 10.60
C LEU D 41 -4.58 19.94 11.25
N GLN D 42 -3.59 20.31 10.45
CA GLN D 42 -2.39 20.94 11.01
C GLN D 42 -2.61 22.42 11.27
N ALA D 43 -3.19 23.12 10.30
CA ALA D 43 -3.37 24.56 10.43
C ALA D 43 -4.33 24.91 11.57
N ARG D 44 -5.40 24.13 11.71
CA ARG D 44 -6.37 24.41 12.77
C ARG D 44 -5.74 24.31 14.15
N VAL D 45 -5.03 23.20 14.41
CA VAL D 45 -4.42 23.04 15.72
C VAL D 45 -3.28 24.03 15.92
N LEU D 46 -2.57 24.39 14.85
CA LEU D 46 -1.52 25.40 14.98
C LEU D 46 -2.11 26.74 15.41
N ALA D 47 -3.22 27.15 14.79
CA ALA D 47 -3.83 28.41 15.15
C ALA D 47 -4.39 28.38 16.57
N VAL D 48 -5.09 27.31 16.93
CA VAL D 48 -5.70 27.26 18.25
C VAL D 48 -4.64 27.13 19.34
N GLU D 49 -3.44 26.66 19.00
CA GLU D 49 -2.37 26.64 19.99
C GLU D 49 -1.66 27.97 20.07
N ARG D 50 -1.44 28.63 18.93
CA ARG D 50 -0.73 29.90 18.93
C ARG D 50 -1.56 31.01 19.56
N TYR D 51 -2.89 30.91 19.48
CA TYR D 51 -3.73 31.94 20.10
C TYR D 51 -3.63 31.90 21.62
N LEU D 52 -3.42 30.72 22.20
CA LEU D 52 -3.47 30.59 23.65
C LEU D 52 -2.28 31.21 24.36
N ARG D 53 -1.17 31.44 23.65
CA ARG D 53 0.01 32.01 24.30
C ARG D 53 -0.26 33.42 24.80
N ASP D 54 -0.93 34.23 23.98
CA ASP D 54 -1.24 35.60 24.37
C ASP D 54 -2.17 35.62 25.58
N GLN D 55 -3.18 34.75 25.58
CA GLN D 55 -4.09 34.69 26.72
C GLN D 55 -3.36 34.25 27.98
N GLN D 56 -2.44 33.29 27.85
CA GLN D 56 -1.65 32.86 29.00
C GLN D 56 -0.81 34.00 29.55
N LEU D 57 -0.18 34.77 28.67
CA LEU D 57 0.64 35.90 29.11
C LEU D 57 -0.22 36.95 29.81
N LEU D 58 -1.35 37.31 29.21
CA LEU D 58 -2.20 38.33 29.81
C LEU D 58 -2.81 37.84 31.12
N GLY D 59 -3.01 36.53 31.26
CA GLY D 59 -3.52 36.01 32.51
C GLY D 59 -2.48 35.97 33.61
N ILE D 60 -1.23 35.64 33.26
CA ILE D 60 -0.17 35.63 34.26
C ILE D 60 0.28 37.03 34.63
N TRP D 61 0.05 38.02 33.76
CA TRP D 61 0.36 39.40 34.12
C TRP D 61 -0.75 40.06 34.95
N GLY D 62 -1.98 39.59 34.82
CA GLY D 62 -3.08 40.11 35.61
C GLY D 62 -4.11 40.88 34.81
N CYS D 63 -4.21 40.60 33.52
CA CYS D 63 -5.18 41.25 32.63
C CYS D 63 -5.88 40.24 31.74
N SER D 64 -6.48 39.22 32.34
CA SER D 64 -7.21 38.23 31.55
C SER D 64 -8.39 38.86 30.80
N GLY D 65 -9.08 39.81 31.43
CA GLY D 65 -10.29 40.36 30.85
C GLY D 65 -10.12 41.54 29.91
N LYS D 66 -9.56 42.64 30.41
CA LYS D 66 -9.54 43.89 29.66
C LYS D 66 -8.52 43.82 28.52
N LEU D 67 -8.47 44.90 27.74
CA LEU D 67 -7.51 45.06 26.66
C LEU D 67 -6.41 46.06 27.00
N ILE D 68 -6.78 47.20 27.56
CA ILE D 68 -5.81 48.21 27.97
C ILE D 68 -5.44 47.95 29.43
N CYS D 69 -4.14 47.98 29.71
CA CYS D 69 -3.63 47.69 31.05
C CYS D 69 -2.36 48.48 31.30
N CYS D 70 -2.13 48.79 32.57
CA CYS D 70 -0.88 49.38 32.99
C CYS D 70 -0.64 49.05 34.45
N THR D 71 0.59 48.65 34.77
CA THR D 71 0.98 48.27 36.12
C THR D 71 1.86 49.36 36.73
N ASN D 72 2.32 49.11 37.94
CA ASN D 72 3.08 50.11 38.70
C ASN D 72 4.58 50.01 38.48
N VAL D 73 5.04 49.12 37.62
CA VAL D 73 6.49 49.02 37.36
C VAL D 73 6.95 50.27 36.61
N PRO D 74 8.00 50.94 37.07
CA PRO D 74 8.41 52.20 36.44
C PRO D 74 9.19 51.97 35.15
N TRP D 75 8.89 52.80 34.16
CA TRP D 75 9.57 52.72 32.88
C TRP D 75 10.98 53.30 32.99
N ASN D 76 11.98 52.45 32.87
CA ASN D 76 13.36 52.91 32.88
C ASN D 76 13.68 53.62 31.56
N SER D 77 14.39 54.74 31.67
CA SER D 77 14.79 55.48 30.47
C SER D 77 15.98 54.85 29.75
N SER D 78 16.48 53.71 30.24
CA SER D 78 17.63 53.07 29.61
C SER D 78 17.30 52.53 28.22
N TRP D 79 16.03 52.21 27.96
CA TRP D 79 15.64 51.64 26.68
C TRP D 79 15.35 52.72 25.64
N SER D 80 14.61 53.76 26.03
CA SER D 80 14.26 54.84 25.12
C SER D 80 14.35 56.17 25.86
N ASN D 81 14.52 57.24 25.08
CA ASN D 81 14.63 58.58 25.64
C ASN D 81 13.83 59.59 24.83
N ARG D 82 12.79 59.14 24.14
CA ARG D 82 11.99 60.01 23.30
C ARG D 82 10.93 60.74 24.13
N ASN D 83 10.30 61.72 23.50
CA ASN D 83 9.27 62.50 24.17
C ASN D 83 7.96 61.72 24.23
N LEU D 84 7.06 62.19 25.09
CA LEU D 84 5.76 61.53 25.25
C LEU D 84 4.81 61.93 24.13
N SER D 85 4.59 63.23 23.94
CA SER D 85 3.69 63.70 22.90
C SER D 85 4.25 63.46 21.50
N GLU D 86 5.54 63.15 21.38
CA GLU D 86 6.13 62.91 20.07
C GLU D 86 5.80 61.49 19.57
N ILE D 87 5.96 60.49 20.43
CA ILE D 87 5.77 59.11 20.00
C ILE D 87 4.29 58.79 19.85
N TRP D 88 3.42 59.47 20.60
CA TRP D 88 2.00 59.14 20.57
C TRP D 88 1.24 59.94 19.51
N ASP D 89 1.90 60.82 18.77
CA ASP D 89 1.23 61.61 17.74
C ASP D 89 1.97 61.67 16.41
N ASN D 90 3.26 61.34 16.36
CA ASN D 90 4.05 61.47 15.14
C ASN D 90 4.91 60.22 14.95
N MET D 91 4.32 59.05 15.13
CA MET D 91 5.05 57.80 14.98
C MET D 91 4.05 56.67 14.77
N THR D 92 4.35 55.78 13.82
CA THR D 92 3.53 54.60 13.57
C THR D 92 4.04 53.43 14.41
N TRP D 93 3.22 52.37 14.44
CA TRP D 93 3.52 51.25 15.33
C TRP D 93 4.67 50.39 14.81
N LEU D 94 4.85 50.32 13.50
CA LEU D 94 5.87 49.44 12.93
C LEU D 94 7.26 49.84 13.38
N GLN D 95 7.60 51.12 13.25
CA GLN D 95 8.92 51.58 13.66
C GLN D 95 9.11 51.44 15.15
N TRP D 96 8.05 51.66 15.94
CA TRP D 96 8.15 51.49 17.38
C TRP D 96 8.48 50.04 17.74
N ASP D 97 7.75 49.10 17.13
CA ASP D 97 8.02 47.68 17.39
C ASP D 97 9.42 47.30 16.96
N LYS D 98 9.85 47.77 15.78
CA LYS D 98 11.20 47.47 15.32
C LYS D 98 12.28 48.10 16.19
N GLU D 99 11.96 49.19 16.88
CA GLU D 99 12.92 49.85 17.75
C GLU D 99 12.99 49.21 19.13
N ILE D 100 11.87 48.73 19.65
CA ILE D 100 11.84 48.12 20.98
C ILE D 100 11.74 46.59 20.88
N SER D 101 12.22 46.01 19.78
CA SER D 101 12.07 44.58 19.54
C SER D 101 13.05 43.73 20.35
N ASN D 102 13.98 44.34 21.08
CA ASN D 102 15.04 43.58 21.73
C ASN D 102 15.01 43.65 23.25
N TYR D 103 14.48 44.71 23.84
CA TYR D 103 14.38 44.82 25.29
C TYR D 103 13.11 44.20 25.85
N THR D 104 12.38 43.42 25.05
CA THR D 104 11.05 42.98 25.47
C THR D 104 11.10 41.83 26.46
N GLN D 105 12.09 40.95 26.35
CA GLN D 105 12.10 39.73 27.17
C GLN D 105 12.30 40.06 28.64
N ILE D 106 13.31 40.87 28.95
CA ILE D 106 13.57 41.23 30.35
C ILE D 106 12.41 42.05 30.91
N ILE D 107 11.78 42.87 30.08
CA ILE D 107 10.61 43.63 30.52
C ILE D 107 9.50 42.68 30.94
N TYR D 108 9.17 41.73 30.06
CA TYR D 108 8.13 40.76 30.38
C TYR D 108 8.44 40.02 31.68
N GLY D 109 9.67 39.51 31.78
CA GLY D 109 10.02 38.71 32.95
C GLY D 109 9.95 39.51 34.25
N LEU D 110 10.63 40.66 34.29
CA LEU D 110 10.62 41.49 35.48
C LEU D 110 9.20 41.87 35.86
N LEU D 111 8.42 42.36 34.88
CA LEU D 111 7.04 42.73 35.14
C LEU D 111 6.28 41.59 35.79
N GLU D 112 6.18 40.45 35.09
CA GLU D 112 5.36 39.35 35.61
C GLU D 112 5.82 38.95 37.01
N GLU D 113 7.09 38.59 37.16
CA GLU D 113 7.58 38.09 38.44
C GLU D 113 7.32 39.10 39.55
N SER D 114 7.95 40.27 39.46
CA SER D 114 7.90 41.24 40.54
C SER D 114 6.45 41.64 40.85
N GLN D 115 5.73 42.11 39.84
CA GLN D 115 4.40 42.66 40.10
C GLN D 115 3.44 41.60 40.62
N ASN D 116 3.39 40.44 39.96
CA ASN D 116 2.48 39.41 40.42
C ASN D 116 2.77 39.01 41.85
N GLN D 117 4.05 38.70 42.16
CA GLN D 117 4.36 38.20 43.49
C GLN D 117 4.06 39.26 44.55
N GLN D 118 4.47 40.51 44.30
CA GLN D 118 4.23 41.57 45.27
C GLN D 118 2.74 41.75 45.51
N GLU D 119 1.96 41.93 44.44
CA GLU D 119 0.55 42.23 44.61
C GLU D 119 -0.20 41.07 45.27
N LYS D 120 0.07 39.84 44.84
CA LYS D 120 -0.68 38.71 45.41
C LYS D 120 -0.32 38.49 46.87
N ASN D 121 0.97 38.59 47.22
CA ASN D 121 1.35 38.40 48.62
C ASN D 121 0.79 39.52 49.49
N GLU D 122 0.82 40.77 48.99
CA GLU D 122 0.30 41.88 49.77
C GLU D 122 -1.20 41.74 49.99
N GLN D 123 -1.94 41.34 48.95
CA GLN D 123 -3.38 41.15 49.10
C GLN D 123 -3.69 40.00 50.06
N ASP D 124 -2.91 38.92 49.99
CA ASP D 124 -3.13 37.80 50.89
C ASP D 124 -2.89 38.20 52.35
N LEU D 125 -1.81 38.94 52.60
CA LEU D 125 -1.53 39.38 53.96
C LEU D 125 -2.52 40.44 54.45
N LEU D 126 -3.09 41.24 53.54
CA LEU D 126 -4.02 42.27 53.96
C LEU D 126 -5.40 41.69 54.25
N ALA D 127 -5.88 40.77 53.42
CA ALA D 127 -7.20 40.20 53.63
C ALA D 127 -7.26 39.37 54.90
N LEU D 128 -6.11 38.89 55.38
CA LEU D 128 -6.08 38.10 56.60
C LEU D 128 -6.34 38.92 57.85
N ASP D 129 -5.99 40.20 57.85
CA ASP D 129 -6.20 41.06 59.02
C ASP D 129 -7.35 42.03 58.80
N VAL E 1 -33.59 19.37 41.42
CA VAL E 1 -33.44 19.98 40.10
C VAL E 1 -32.06 19.64 39.54
N PHE E 2 -31.19 19.10 40.40
CA PHE E 2 -29.86 18.68 39.98
C PHE E 2 -29.95 17.29 39.35
N LEU E 3 -30.38 17.28 38.09
CA LEU E 3 -30.51 16.04 37.34
C LEU E 3 -29.30 15.75 36.45
N GLY E 4 -28.58 16.77 36.00
CA GLY E 4 -27.43 16.60 35.14
C GLY E 4 -27.58 17.40 33.85
N PHE E 5 -26.92 16.91 32.80
CA PHE E 5 -26.92 17.60 31.52
C PHE E 5 -28.34 17.81 31.01
N LEU E 6 -28.68 19.06 30.70
CA LEU E 6 -30.00 19.42 30.19
C LEU E 6 -31.10 18.95 31.13
N GLY E 7 -30.87 19.09 32.43
CA GLY E 7 -31.83 18.63 33.42
C GLY E 7 -33.04 19.52 33.61
N ALA E 8 -33.01 20.74 33.08
CA ALA E 8 -34.10 21.69 33.26
C ALA E 8 -34.44 22.38 31.95
N ALA E 9 -34.46 21.62 30.86
CA ALA E 9 -34.76 22.20 29.55
C ALA E 9 -36.20 22.65 29.43
N GLY E 10 -37.10 22.09 30.23
CA GLY E 10 -38.51 22.44 30.16
C GLY E 10 -38.92 23.45 31.20
N SER E 11 -38.07 23.68 32.19
CA SER E 11 -38.38 24.62 33.24
C SER E 11 -38.35 26.05 32.70
N THR E 12 -38.94 26.96 33.47
CA THR E 12 -39.01 28.36 33.08
C THR E 12 -37.67 29.04 33.30
N MET E 13 -37.62 30.35 33.01
CA MET E 13 -36.39 31.09 33.17
C MET E 13 -35.97 31.21 34.63
N GLY E 14 -36.94 31.30 35.54
CA GLY E 14 -36.61 31.43 36.95
C GLY E 14 -35.89 30.21 37.49
N ALA E 15 -36.31 29.01 37.07
CA ALA E 15 -35.65 27.79 37.52
C ALA E 15 -34.33 27.57 36.80
N ALA E 16 -34.28 27.86 35.49
CA ALA E 16 -33.05 27.68 34.74
C ALA E 16 -31.97 28.68 35.14
N SER E 17 -32.36 29.82 35.73
CA SER E 17 -31.41 30.84 36.15
C SER E 17 -30.72 30.51 37.47
N MET E 18 -30.81 29.26 37.93
CA MET E 18 -30.20 28.86 39.19
C MET E 18 -29.20 27.73 39.05
N THR E 19 -29.21 26.98 37.96
CA THR E 19 -28.33 25.83 37.76
C THR E 19 -27.60 25.95 36.44
N LEU E 20 -27.01 27.12 36.19
CA LEU E 20 -26.25 27.32 34.96
C LEU E 20 -25.02 26.43 34.91
N THR E 21 -24.29 26.35 36.02
CA THR E 21 -23.01 25.63 36.03
C THR E 21 -23.14 24.18 35.62
N VAL E 22 -24.32 23.58 35.78
CA VAL E 22 -24.52 22.19 35.37
C VAL E 22 -24.28 22.04 33.88
N GLN E 23 -24.73 23.01 33.09
CA GLN E 23 -24.48 23.00 31.65
C GLN E 23 -23.16 23.64 31.27
N ALA E 24 -22.31 23.98 32.25
CA ALA E 24 -21.05 24.66 31.99
C ALA E 24 -19.83 23.79 32.23
N ARG E 25 -19.84 22.96 33.28
CA ARG E 25 -18.66 22.17 33.61
C ARG E 25 -18.49 20.97 32.71
N ASN E 26 -19.55 20.50 32.05
CA ASN E 26 -19.48 19.35 31.16
C ASN E 26 -19.45 19.75 29.69
N LEU E 27 -19.18 21.03 29.40
CA LEU E 27 -19.15 21.47 28.01
C LEU E 27 -17.84 21.12 27.32
N LEU E 28 -16.81 20.75 28.07
CA LEU E 28 -15.50 20.44 27.51
C LEU E 28 -15.14 18.96 27.57
N SER E 29 -15.47 18.28 28.67
CA SER E 29 -15.17 16.86 28.79
C SER E 29 -16.14 16.18 29.74
N LEU E 30 -0.04 -1.78 16.23
CA LEU E 30 1.20 -1.07 15.94
C LEU E 30 0.92 0.21 15.17
N LEU E 31 -0.13 0.20 14.36
CA LEU E 31 -0.50 1.36 13.54
C LEU E 31 -1.59 2.15 14.23
N LYS E 32 -1.57 3.47 14.03
CA LYS E 32 -2.58 4.37 14.57
C LYS E 32 -3.41 5.02 13.47
N LEU E 33 -3.61 4.29 12.36
CA LEU E 33 -4.44 4.75 11.26
C LEU E 33 -5.81 4.09 11.24
N THR E 34 -6.27 3.59 12.38
CA THR E 34 -7.55 2.91 12.44
C THR E 34 -8.70 3.88 12.19
N VAL E 35 -9.86 3.32 11.86
CA VAL E 35 -11.01 4.16 11.55
C VAL E 35 -11.54 4.85 12.80
N TRP E 36 -11.38 4.23 13.96
CA TRP E 36 -11.83 4.82 15.22
C TRP E 36 -10.79 5.71 15.86
N GLY E 37 -9.64 5.93 15.22
CA GLY E 37 -8.63 6.82 15.75
C GLY E 37 -8.70 8.20 15.14
N ILE E 38 -8.85 8.26 13.81
CA ILE E 38 -8.99 9.53 13.12
C ILE E 38 -10.26 10.24 13.57
N LYS E 39 -11.33 9.47 13.82
CA LYS E 39 -12.57 10.08 14.28
C LYS E 39 -12.40 10.73 15.65
N GLN E 40 -11.69 10.05 16.56
CA GLN E 40 -11.39 10.65 17.85
C GLN E 40 -10.53 11.89 17.71
N LEU E 41 -9.48 11.82 16.89
CA LEU E 41 -8.59 12.96 16.72
C LEU E 41 -9.31 14.13 16.07
N GLN E 42 -10.36 13.87 15.31
CA GLN E 42 -11.14 14.95 14.72
C GLN E 42 -12.12 15.53 15.74
N ALA E 43 -12.84 14.66 16.45
CA ALA E 43 -13.86 15.14 17.39
C ALA E 43 -13.25 15.93 18.53
N ARG E 44 -12.10 15.46 19.04
CA ARG E 44 -11.47 16.16 20.16
C ARG E 44 -11.09 17.58 19.78
N VAL E 45 -10.40 17.75 18.65
CA VAL E 45 -9.99 19.09 18.24
C VAL E 45 -11.20 19.92 17.86
N LEU E 46 -12.24 19.31 17.29
CA LEU E 46 -13.44 20.08 16.97
C LEU E 46 -14.09 20.63 18.22
N ALA E 47 -14.19 19.81 19.28
CA ALA E 47 -14.80 20.28 20.52
C ALA E 47 -13.94 21.35 21.18
N VAL E 48 -12.63 21.14 21.26
CA VAL E 48 -11.77 22.11 21.94
C VAL E 48 -11.68 23.40 21.15
N GLU E 49 -11.97 23.38 19.84
CA GLU E 49 -12.00 24.62 19.09
C GLU E 49 -13.35 25.31 19.22
N ARG E 50 -14.44 24.54 19.20
CA ARG E 50 -15.77 25.14 19.28
C ARG E 50 -16.03 25.74 20.65
N TYR E 51 -15.42 25.18 21.70
CA TYR E 51 -15.61 25.75 23.03
C TYR E 51 -15.00 27.14 23.15
N LEU E 52 -13.90 27.39 22.46
CA LEU E 52 -13.16 28.64 22.66
C LEU E 52 -13.88 29.86 22.09
N ARG E 53 -14.83 29.66 21.17
CA ARG E 53 -15.52 30.80 20.58
C ARG E 53 -16.34 31.56 21.61
N ASP E 54 -17.07 30.83 22.47
CA ASP E 54 -17.87 31.47 23.49
C ASP E 54 -16.99 32.21 24.50
N GLN E 55 -15.86 31.61 24.88
CA GLN E 55 -14.95 32.30 25.79
C GLN E 55 -14.38 33.55 25.15
N GLN E 56 -14.05 33.48 23.86
CA GLN E 56 -13.56 34.66 23.16
C GLN E 56 -14.60 35.77 23.15
N LEU E 57 -15.86 35.42 22.89
CA LEU E 57 -16.92 36.42 22.86
C LEU E 57 -17.12 37.04 24.23
N LEU E 58 -17.18 36.22 25.28
CA LEU E 58 -17.39 36.75 26.62
C LEU E 58 -16.19 37.58 27.08
N GLY E 59 -14.98 37.24 26.62
CA GLY E 59 -13.82 38.02 26.98
C GLY E 59 -13.75 39.35 26.25
N ILE E 60 -14.16 39.37 24.99
CA ILE E 60 -14.15 40.63 24.25
C ILE E 60 -15.30 41.54 24.66
N TRP E 61 -16.41 40.98 25.16
CA TRP E 61 -17.50 41.81 25.64
C TRP E 61 -17.24 42.39 27.03
N GLY E 62 -16.39 41.73 27.82
CA GLY E 62 -16.04 42.24 29.14
C GLY E 62 -16.57 41.39 30.28
N CYS E 63 -16.85 40.12 30.01
CA CYS E 63 -17.32 39.17 31.02
C CYS E 63 -16.62 37.83 30.90
N SER E 64 -15.28 37.86 30.90
CA SER E 64 -14.54 36.60 30.85
C SER E 64 -14.80 35.74 32.07
N GLY E 65 -14.96 36.36 33.24
CA GLY E 65 -15.06 35.61 34.47
C GLY E 65 -16.45 35.14 34.87
N LYS E 66 -17.38 36.08 35.05
CA LYS E 66 -18.68 35.75 35.61
C LYS E 66 -19.56 35.04 34.56
N LEU E 67 -20.76 34.66 35.00
CA LEU E 67 -21.75 34.05 34.14
C LEU E 67 -22.90 34.99 33.82
N ILE E 68 -23.42 35.68 34.82
CA ILE E 68 -24.48 36.67 34.61
C ILE E 68 -23.85 38.04 34.40
N CYS E 69 -24.28 38.73 33.36
CA CYS E 69 -23.74 40.03 32.99
C CYS E 69 -24.81 40.89 32.37
N CYS E 70 -24.67 42.20 32.56
CA CYS E 70 -25.52 43.15 31.85
C CYS E 70 -24.79 44.47 31.72
N THR E 71 -24.81 45.04 30.52
CA THR E 71 -24.09 46.26 30.19
C THR E 71 -25.07 47.44 30.09
N ASN E 72 -24.54 48.60 29.75
CA ASN E 72 -25.31 49.84 29.76
C ASN E 72 -25.99 50.14 28.42
N VAL E 73 -25.88 49.26 27.45
CA VAL E 73 -26.53 49.52 26.15
C VAL E 73 -28.04 49.37 26.32
N PRO E 74 -28.84 50.33 25.84
CA PRO E 74 -30.29 50.26 26.07
C PRO E 74 -30.97 49.30 25.10
N TRP E 75 -31.92 48.54 25.63
CA TRP E 75 -32.68 47.60 24.82
C TRP E 75 -33.71 48.35 23.98
N ASN E 76 -33.51 48.35 22.66
CA ASN E 76 -34.48 48.96 21.76
C ASN E 76 -35.72 48.09 21.67
N SER E 77 -36.89 48.73 21.70
CA SER E 77 -38.14 48.01 21.58
C SER E 77 -38.46 47.59 20.15
N SER E 78 -37.56 47.88 19.20
CA SER E 78 -37.81 47.51 17.81
C SER E 78 -37.82 46.00 17.60
N TRP E 79 -37.11 45.25 18.43
CA TRP E 79 -37.02 43.80 18.27
C TRP E 79 -38.19 43.08 18.94
N SER E 80 -38.53 43.47 20.16
CA SER E 80 -39.62 42.84 20.90
C SER E 80 -40.42 43.91 21.62
N ASN E 81 -41.67 43.57 21.94
CA ASN E 81 -42.57 44.49 22.63
C ASN E 81 -43.38 43.77 23.70
N ARG E 82 -42.85 42.67 24.23
CA ARG E 82 -43.56 41.90 25.23
C ARG E 82 -43.35 42.48 26.63
N ASN E 83 -44.13 41.99 27.58
CA ASN E 83 -44.02 42.45 28.94
C ASN E 83 -42.80 41.85 29.64
N LEU E 84 -42.45 42.42 30.78
CA LEU E 84 -41.29 41.94 31.54
C LEU E 84 -41.65 40.72 32.37
N SER E 85 -42.69 40.84 33.21
CA SER E 85 -43.10 39.71 34.05
C SER E 85 -43.73 38.59 33.24
N GLU E 86 -44.08 38.84 31.98
CA GLU E 86 -44.67 37.79 31.16
C GLU E 86 -43.61 36.85 30.61
N ILE E 87 -42.52 37.41 30.07
CA ILE E 87 -41.50 36.57 29.45
C ILE E 87 -40.67 35.84 30.48
N TRP E 88 -40.54 36.40 31.68
CA TRP E 88 -39.69 35.80 32.70
C TRP E 88 -40.43 34.81 33.59
N ASP E 89 -41.74 34.62 33.39
CA ASP E 89 -42.50 33.69 34.21
C ASP E 89 -43.43 32.77 33.42
N ASN E 90 -43.74 33.07 32.16
CA ASN E 90 -44.68 32.29 31.38
C ASN E 90 -44.15 32.06 29.97
N MET E 91 -42.87 31.69 29.88
CA MET E 91 -42.25 31.44 28.59
C MET E 91 -41.00 30.60 28.79
N THR E 92 -40.81 29.61 27.92
CA THR E 92 -39.63 28.78 27.95
C THR E 92 -38.54 29.36 27.04
N TRP E 93 -37.33 28.82 27.18
CA TRP E 93 -36.18 29.39 26.48
C TRP E 93 -36.20 29.09 24.98
N LEU E 94 -36.78 27.95 24.58
CA LEU E 94 -36.72 27.54 23.18
C LEU E 94 -37.47 28.54 22.30
N GLN E 95 -38.71 28.89 22.68
CA GLN E 95 -39.47 29.84 21.87
C GLN E 95 -38.81 31.21 21.86
N TRP E 96 -38.20 31.60 22.98
CA TRP E 96 -37.50 32.88 23.03
C TRP E 96 -36.34 32.90 22.05
N ASP E 97 -35.52 31.85 22.06
CA ASP E 97 -34.40 31.78 21.12
C ASP E 97 -34.87 31.76 19.69
N LYS E 98 -35.94 31.01 19.41
CA LYS E 98 -36.47 30.96 18.05
C LYS E 98 -37.08 32.29 17.62
N GLU E 99 -37.54 33.10 18.57
CA GLU E 99 -38.13 34.40 18.25
C GLU E 99 -37.08 35.48 18.06
N ILE E 100 -35.98 35.42 18.80
CA ILE E 100 -34.91 36.42 18.70
C ILE E 100 -33.70 35.86 17.95
N SER E 101 -33.93 34.89 17.05
CA SER E 101 -32.84 34.20 16.39
C SER E 101 -32.19 35.01 15.26
N ASN E 102 -32.78 36.15 14.88
CA ASN E 102 -32.26 36.89 13.73
C ASN E 102 -31.68 38.25 14.07
N TYR E 103 -32.14 38.88 15.15
CA TYR E 103 -31.62 40.19 15.55
C TYR E 103 -30.33 40.09 16.37
N THR E 104 -29.71 38.91 16.44
CA THR E 104 -28.61 38.71 17.37
C THR E 104 -27.29 39.31 16.86
N GLN E 105 -27.08 39.30 15.54
CA GLN E 105 -25.79 39.70 15.00
C GLN E 105 -25.53 41.18 15.22
N ILE E 106 -26.49 42.03 14.87
CA ILE E 106 -26.31 43.46 15.04
C ILE E 106 -26.23 43.82 16.51
N ILE E 107 -26.95 43.09 17.37
CA ILE E 107 -26.85 43.30 18.80
C ILE E 107 -25.43 43.03 19.28
N TYR E 108 -24.89 41.87 18.93
CA TYR E 108 -23.52 41.53 19.31
C TYR E 108 -22.55 42.61 18.84
N GLY E 109 -22.65 43.00 17.57
CA GLY E 109 -21.68 43.94 17.02
C GLY E 109 -21.74 45.29 17.69
N LEU E 110 -22.95 45.87 17.77
CA LEU E 110 -23.11 47.18 18.41
C LEU E 110 -22.63 47.14 19.85
N LEU E 111 -23.08 46.13 20.60
CA LEU E 111 -22.66 45.97 21.99
C LEU E 111 -21.15 45.99 22.10
N GLU E 112 -20.48 45.04 21.45
CA GLU E 112 -19.03 44.93 21.61
C GLU E 112 -18.35 46.24 21.23
N GLU E 113 -18.57 46.72 20.00
CA GLU E 113 -17.87 47.91 19.54
C GLU E 113 -18.08 49.06 20.51
N SER E 114 -19.34 49.50 20.65
CA SER E 114 -19.63 50.70 21.43
C SER E 114 -19.14 50.56 22.86
N GLN E 115 -19.58 49.51 23.55
CA GLN E 115 -19.31 49.42 24.98
C GLN E 115 -17.83 49.24 25.26
N ASN E 116 -17.17 48.31 24.56
CA ASN E 116 -15.74 48.13 24.79
C ASN E 116 -14.98 49.42 24.55
N GLN E 117 -15.16 50.05 23.39
CA GLN E 117 -14.37 51.24 23.09
C GLN E 117 -14.63 52.35 24.10
N GLN E 118 -15.91 52.62 24.39
CA GLN E 118 -16.25 53.71 25.31
C GLN E 118 -15.68 53.46 26.69
N GLU E 119 -15.95 52.28 27.27
CA GLU E 119 -15.54 52.03 28.64
C GLU E 119 -14.03 52.00 28.76
N LYS E 120 -13.33 51.35 27.84
CA LYS E 120 -11.87 51.25 27.97
C LYS E 120 -11.21 52.61 27.78
N ASN E 121 -11.68 53.42 26.81
CA ASN E 121 -11.08 54.73 26.62
C ASN E 121 -11.37 55.64 27.80
N GLU E 122 -12.59 55.56 28.34
CA GLU E 122 -12.93 56.41 29.49
C GLU E 122 -12.12 56.03 30.72
N GLN E 123 -11.94 54.74 30.96
CA GLN E 123 -11.12 54.31 32.09
C GLN E 123 -9.67 54.72 31.92
N ASP E 124 -9.15 54.63 30.69
CA ASP E 124 -7.78 55.05 30.43
C ASP E 124 -7.61 56.54 30.69
N LEU E 125 -8.55 57.35 30.22
CA LEU E 125 -8.44 58.79 30.44
C LEU E 125 -8.65 59.17 31.90
N LEU E 126 -9.45 58.39 32.64
CA LEU E 126 -9.69 58.72 34.04
C LEU E 126 -8.52 58.34 34.92
N ALA E 127 -7.95 57.14 34.70
CA ALA E 127 -6.83 56.71 35.54
C ALA E 127 -5.60 57.59 35.33
N LEU E 128 -5.51 58.25 34.17
CA LEU E 128 -4.39 59.14 33.89
C LEU E 128 -4.43 60.40 34.74
N ASP E 129 -5.60 60.91 35.08
CA ASP E 129 -5.72 62.13 35.86
C ASP E 129 -6.12 61.82 37.31
N VAL F 1 16.12 31.05 44.67
CA VAL F 1 14.96 30.15 44.67
C VAL F 1 14.43 30.03 43.24
N PHE F 2 14.85 30.95 42.37
CA PHE F 2 14.44 30.93 40.97
C PHE F 2 15.34 29.95 40.22
N LEU F 3 15.02 28.66 40.37
CA LEU F 3 15.77 27.60 39.70
C LEU F 3 15.14 27.16 38.39
N GLY F 4 13.83 27.27 38.25
CA GLY F 4 13.13 26.84 37.06
C GLY F 4 12.00 25.87 37.39
N PHE F 5 11.68 25.01 36.43
CA PHE F 5 10.60 24.06 36.58
C PHE F 5 10.83 23.17 37.81
N LEU F 6 9.84 23.13 38.70
CA LEU F 6 9.90 22.31 39.91
C LEU F 6 11.13 22.65 40.74
N GLY F 7 11.47 23.94 40.81
CA GLY F 7 12.65 24.37 41.52
C GLY F 7 12.54 24.39 43.02
N ALA F 8 11.33 24.25 43.56
CA ALA F 8 11.12 24.31 45.00
C ALA F 8 10.18 23.21 45.45
N ALA F 9 10.36 22.00 44.91
CA ALA F 9 9.49 20.89 45.28
C ALA F 9 9.72 20.43 46.72
N GLY F 10 10.89 20.70 47.28
CA GLY F 10 11.19 20.26 48.63
C GLY F 10 11.00 21.35 49.65
N SER F 11 10.85 22.59 49.19
CA SER F 11 10.64 23.70 50.11
C SER F 11 9.26 23.63 50.75
N THR F 12 9.10 24.37 51.85
CA THR F 12 7.85 24.38 52.59
C THR F 12 6.82 25.23 51.85
N MET F 13 5.63 25.35 52.46
CA MET F 13 4.56 26.12 51.83
C MET F 13 4.90 27.61 51.78
N GLY F 14 5.61 28.12 52.78
CA GLY F 14 5.95 29.53 52.77
C GLY F 14 6.86 29.93 51.61
N ALA F 15 7.81 29.06 51.27
CA ALA F 15 8.70 29.35 50.15
C ALA F 15 8.03 29.08 48.82
N ALA F 16 7.22 28.02 48.74
CA ALA F 16 6.52 27.70 47.49
C ALA F 16 5.43 28.71 47.18
N SER F 17 4.93 29.43 48.18
CA SER F 17 3.88 30.42 47.99
C SER F 17 4.39 31.75 47.44
N MET F 18 5.63 31.78 46.93
CA MET F 18 6.20 33.00 46.39
C MET F 18 6.64 32.90 44.94
N THR F 19 6.80 31.70 44.40
CA THR F 19 7.28 31.49 43.04
C THR F 19 6.32 30.59 42.27
N LEU F 20 5.03 30.91 42.33
CA LEU F 20 4.03 30.12 41.62
C LEU F 20 4.21 30.23 40.11
N THR F 21 4.49 31.45 39.62
CA THR F 21 4.55 31.68 38.18
C THR F 21 5.55 30.79 37.47
N VAL F 22 6.61 30.35 38.18
CA VAL F 22 7.61 29.51 37.56
C VAL F 22 6.98 28.20 37.07
N GLN F 23 6.01 27.68 37.81
CA GLN F 23 5.30 26.48 37.41
C GLN F 23 4.06 26.80 36.57
N ALA F 24 3.83 28.05 36.22
CA ALA F 24 2.63 28.45 35.49
C ALA F 24 2.90 28.85 34.06
N ARG F 25 4.02 29.54 33.78
CA ARG F 25 4.26 30.04 32.43
C ARG F 25 4.79 28.96 31.50
N ASN F 26 5.35 27.88 32.04
CA ASN F 26 5.89 26.79 31.22
C ASN F 26 4.95 25.59 31.17
N LEU F 27 3.70 25.75 31.61
CA LEU F 27 2.75 24.64 31.59
C LEU F 27 2.18 24.37 30.21
N LEU F 28 2.33 25.30 29.26
CA LEU F 28 1.78 25.15 27.93
C LEU F 28 2.83 24.92 26.85
N SER F 29 3.97 25.60 26.92
CA SER F 29 5.03 25.43 25.94
C SER F 29 6.39 25.73 26.53
N LEU F 30 8.21 14.16 1.53
CA LEU F 30 6.99 14.46 0.82
C LEU F 30 5.77 14.01 1.62
N LEU F 31 5.92 12.92 2.37
CA LEU F 31 4.84 12.38 3.16
C LEU F 31 4.95 12.87 4.60
N LYS F 32 3.79 13.04 5.25
CA LYS F 32 3.73 13.45 6.65
C LYS F 32 3.11 12.37 7.52
N LEU F 33 3.31 11.10 7.14
CA LEU F 33 2.84 9.96 7.91
C LEU F 33 3.95 9.29 8.71
N THR F 34 5.03 10.01 8.99
CA THR F 34 6.15 9.44 9.72
C THR F 34 5.75 9.11 11.15
N VAL F 35 6.56 8.26 11.79
CA VAL F 35 6.25 7.81 13.13
C VAL F 35 6.43 8.94 14.14
N TRP F 36 7.34 9.88 13.86
CA TRP F 36 7.58 11.01 14.73
C TRP F 36 6.67 12.20 14.44
N GLY F 37 5.76 12.08 13.48
CA GLY F 37 4.83 13.14 13.18
C GLY F 37 3.50 12.96 13.87
N ILE F 38 2.96 11.74 13.82
CA ILE F 38 1.71 11.46 14.50
C ILE F 38 1.88 11.61 16.00
N LYS F 39 3.05 11.25 16.53
CA LYS F 39 3.30 11.40 17.96
C LYS F 39 3.28 12.87 18.36
N GLN F 40 3.88 13.74 17.55
CA GLN F 40 3.83 15.17 17.83
C GLN F 40 2.39 15.68 17.75
N LEU F 41 1.66 15.29 16.71
CA LEU F 41 0.29 15.77 16.55
C LEU F 41 -0.62 15.26 17.66
N GLN F 42 -0.26 14.14 18.29
CA GLN F 42 -1.03 13.65 19.43
C GLN F 42 -0.65 14.38 20.71
N ALA F 43 0.65 14.52 20.96
CA ALA F 43 1.10 15.15 22.21
C ALA F 43 0.68 16.61 22.28
N ARG F 44 0.76 17.33 21.15
CA ARG F 44 0.39 18.75 21.17
C ARG F 44 -1.06 18.94 21.55
N VAL F 45 -1.97 18.19 20.89
CA VAL F 45 -3.39 18.35 21.19
C VAL F 45 -3.70 17.83 22.58
N LEU F 46 -2.99 16.79 23.04
CA LEU F 46 -3.21 16.31 24.41
C LEU F 46 -2.85 17.36 25.43
N ALA F 47 -1.72 18.05 25.24
CA ALA F 47 -1.32 19.09 26.17
C ALA F 47 -2.27 20.27 26.13
N VAL F 48 -2.64 20.73 24.93
CA VAL F 48 -3.51 21.90 24.83
C VAL F 48 -4.91 21.58 25.33
N GLU F 49 -5.31 20.31 25.34
CA GLU F 49 -6.61 19.97 25.92
C GLU F 49 -6.53 19.81 27.42
N ARG F 50 -5.44 19.24 27.93
CA ARG F 50 -5.32 19.02 29.37
C ARG F 50 -5.11 20.34 30.11
N TYR F 51 -4.49 21.33 29.46
CA TYR F 51 -4.31 22.61 30.14
C TYR F 51 -5.63 23.33 30.37
N LEU F 52 -6.61 23.14 29.48
CA LEU F 52 -7.84 23.92 29.56
C LEU F 52 -8.74 23.50 30.72
N ARG F 53 -8.55 22.31 31.27
CA ARG F 53 -9.40 21.87 32.37
C ARG F 53 -9.21 22.74 33.61
N ASP F 54 -7.96 23.06 33.94
CA ASP F 54 -7.70 23.89 35.11
C ASP F 54 -8.27 25.29 34.91
N GLN F 55 -8.13 25.86 33.71
CA GLN F 55 -8.69 27.17 33.44
C GLN F 55 -10.20 27.14 33.53
N GLN F 56 -10.83 26.07 33.03
CA GLN F 56 -12.28 25.95 33.14
C GLN F 56 -12.72 25.89 34.59
N LEU F 57 -12.00 25.13 35.42
CA LEU F 57 -12.36 25.02 36.83
C LEU F 57 -12.20 26.37 37.54
N LEU F 58 -11.07 27.05 37.32
CA LEU F 58 -10.85 28.33 37.97
C LEU F 58 -11.84 29.39 37.47
N GLY F 59 -12.30 29.27 36.22
CA GLY F 59 -13.27 30.21 35.71
C GLY F 59 -14.67 29.96 36.24
N ILE F 60 -15.04 28.70 36.40
CA ILE F 60 -16.37 28.40 36.95
C ILE F 60 -16.42 28.64 38.45
N TRP F 61 -15.29 28.54 39.15
CA TRP F 61 -15.29 28.82 40.59
C TRP F 61 -15.31 30.32 40.88
N GLY F 62 -14.78 31.14 39.98
CA GLY F 62 -14.79 32.58 40.19
C GLY F 62 -13.41 33.14 40.50
N CYS F 63 -12.36 32.44 40.09
CA CYS F 63 -10.99 32.87 40.30
C CYS F 63 -10.20 32.73 39.01
N SER F 64 -10.77 33.23 37.91
CA SER F 64 -10.17 33.03 36.60
C SER F 64 -8.88 33.81 36.43
N GLY F 65 -8.83 35.05 36.92
CA GLY F 65 -7.69 35.89 36.67
C GLY F 65 -6.52 35.69 37.61
N LYS F 66 -6.78 35.78 38.91
CA LYS F 66 -5.71 35.73 39.90
C LYS F 66 -5.22 34.30 40.07
N LEU F 67 -4.21 34.13 40.93
CA LEU F 67 -3.69 32.83 41.29
C LEU F 67 -4.10 32.41 42.70
N ILE F 68 -3.99 33.31 43.67
CA ILE F 68 -4.44 33.06 45.03
C ILE F 68 -5.87 33.54 45.15
N CYS F 69 -6.76 32.64 45.56
CA CYS F 69 -8.18 32.94 45.64
C CYS F 69 -8.79 32.15 46.78
N CYS F 70 -9.78 32.75 47.44
CA CYS F 70 -10.48 32.07 48.53
C CYS F 70 -11.91 32.56 48.59
N THR F 71 -12.83 31.64 48.84
CA THR F 71 -14.26 31.91 48.91
C THR F 71 -14.72 31.86 50.37
N ASN F 72 -16.03 32.00 50.57
CA ASN F 72 -16.60 32.10 51.91
C ASN F 72 -17.07 30.76 52.47
N VAL F 73 -16.87 29.65 51.75
CA VAL F 73 -17.34 28.36 52.24
C VAL F 73 -16.50 27.96 53.47
N PRO F 74 -17.13 27.52 54.55
CA PRO F 74 -16.36 27.21 55.77
C PRO F 74 -15.69 25.85 55.69
N TRP F 75 -14.46 25.79 56.19
CA TRP F 75 -13.71 24.55 56.21
C TRP F 75 -14.22 23.65 57.33
N ASN F 76 -14.82 22.53 56.97
CA ASN F 76 -15.26 21.55 57.96
C ASN F 76 -14.07 20.80 58.53
N SER F 77 -14.07 20.62 59.84
CA SER F 77 -12.99 19.87 60.48
C SER F 77 -13.11 18.36 60.29
N SER F 78 -14.13 17.89 59.57
CA SER F 78 -14.32 16.47 59.37
C SER F 78 -13.21 15.84 58.53
N TRP F 79 -12.54 16.63 57.69
CA TRP F 79 -11.48 16.11 56.83
C TRP F 79 -10.13 16.10 57.52
N SER F 80 -9.78 17.19 58.19
CA SER F 80 -8.51 17.31 58.88
C SER F 80 -8.71 17.98 60.23
N ASN F 81 -7.77 17.74 61.14
CA ASN F 81 -7.83 18.31 62.48
C ASN F 81 -6.46 18.80 62.93
N ARG F 82 -5.58 19.13 62.00
CA ARG F 82 -4.24 19.57 62.33
C ARG F 82 -4.23 21.07 62.67
N ASN F 83 -3.10 21.52 63.21
CA ASN F 83 -2.95 22.92 63.58
C ASN F 83 -2.72 23.78 62.35
N LEU F 84 -2.86 25.09 62.52
CA LEU F 84 -2.66 26.03 61.42
C LEU F 84 -1.17 26.31 61.21
N SER F 85 -0.48 26.74 62.26
CA SER F 85 0.94 27.04 62.14
C SER F 85 1.79 25.78 61.94
N GLU F 86 1.22 24.61 62.17
CA GLU F 86 1.96 23.37 62.00
C GLU F 86 2.03 22.98 60.52
N ILE F 87 0.90 23.03 59.83
CA ILE F 87 0.86 22.58 58.44
C ILE F 87 1.53 23.59 57.52
N TRP F 88 1.50 24.87 57.87
CA TRP F 88 2.05 25.91 57.01
C TRP F 88 3.53 26.18 57.25
N ASP F 89 4.16 25.49 58.20
CA ASP F 89 5.57 25.69 58.50
C ASP F 89 6.38 24.41 58.62
N ASN F 90 5.76 23.27 58.90
CA ASN F 90 6.49 22.02 59.14
C ASN F 90 5.84 20.89 58.35
N MET F 91 5.56 21.13 57.07
CA MET F 91 4.95 20.11 56.22
C MET F 91 5.17 20.48 54.77
N THR F 92 5.52 19.50 53.95
CA THR F 92 5.69 19.69 52.52
C THR F 92 4.38 19.42 51.79
N TRP F 93 4.35 19.80 50.51
CA TRP F 93 3.11 19.72 49.75
C TRP F 93 2.74 18.29 49.38
N LEU F 94 3.73 17.42 49.20
CA LEU F 94 3.45 16.06 48.73
C LEU F 94 2.62 15.29 49.74
N GLN F 95 3.03 15.31 51.01
CA GLN F 95 2.27 14.59 52.03
C GLN F 95 0.87 15.20 52.20
N TRP F 96 0.76 16.52 52.06
CA TRP F 96 -0.55 17.16 52.18
C TRP F 96 -1.48 16.68 51.06
N ASP F 97 -0.98 16.67 49.83
CA ASP F 97 -1.78 16.19 48.71
C ASP F 97 -2.16 14.73 48.88
N LYS F 98 -1.21 13.90 49.32
CA LYS F 98 -1.50 12.48 49.53
C LYS F 98 -2.48 12.26 50.67
N GLU F 99 -2.55 13.20 51.63
CA GLU F 99 -3.47 13.07 52.75
C GLU F 99 -4.87 13.56 52.41
N ILE F 100 -4.98 14.60 51.59
CA ILE F 100 -6.28 15.15 51.21
C ILE F 100 -6.65 14.75 49.78
N SER F 101 -6.12 13.63 49.30
CA SER F 101 -6.36 13.21 47.91
C SER F 101 -7.74 12.61 47.70
N ASN F 102 -8.50 12.34 48.75
CA ASN F 102 -9.76 11.63 48.61
C ASN F 102 -10.99 12.48 48.86
N TYR F 103 -10.90 13.49 49.72
CA TYR F 103 -12.04 14.37 49.97
C TYR F 103 -12.15 15.50 48.96
N THR F 104 -11.35 15.47 47.89
CA THR F 104 -11.27 16.63 47.00
C THR F 104 -12.51 16.77 46.11
N GLN F 105 -13.13 15.66 45.73
CA GLN F 105 -14.25 15.72 44.79
C GLN F 105 -15.45 16.43 45.40
N ILE F 106 -15.84 16.01 46.59
CA ILE F 106 -17.00 16.63 47.25
C ILE F 106 -16.71 18.08 47.59
N ILE F 107 -15.44 18.40 47.92
CA ILE F 107 -15.08 19.78 48.19
C ILE F 107 -15.27 20.63 46.94
N TYR F 108 -14.73 20.17 45.81
CA TYR F 108 -14.90 20.89 44.56
C TYR F 108 -16.38 21.10 44.25
N GLY F 109 -17.16 20.03 44.34
CA GLY F 109 -18.57 20.13 43.98
C GLY F 109 -19.34 21.10 44.86
N LEU F 110 -19.24 20.92 46.18
CA LEU F 110 -19.94 21.80 47.11
C LEU F 110 -19.52 23.25 46.90
N LEU F 111 -18.20 23.48 46.85
CA LEU F 111 -17.69 24.84 46.63
C LEU F 111 -18.31 25.46 45.39
N GLU F 112 -18.12 24.83 44.23
CA GLU F 112 -18.60 25.43 42.99
C GLU F 112 -20.11 25.68 43.06
N GLU F 113 -20.89 24.64 43.32
CA GLU F 113 -22.34 24.79 43.31
C GLU F 113 -22.77 25.91 44.26
N SER F 114 -22.52 25.72 45.55
CA SER F 114 -23.02 26.65 46.56
C SER F 114 -22.54 28.07 46.29
N GLN F 115 -21.22 28.26 46.22
CA GLN F 115 -20.69 29.61 46.14
C GLN F 115 -21.13 30.31 44.86
N ASN F 116 -20.95 29.65 43.71
CA ASN F 116 -21.34 30.28 42.45
C ASN F 116 -22.80 30.68 42.48
N GLN F 117 -23.71 29.74 42.76
CA GLN F 117 -25.13 30.07 42.64
C GLN F 117 -25.52 31.16 43.65
N GLN F 118 -25.11 31.02 44.91
CA GLN F 118 -25.50 31.99 45.92
C GLN F 118 -24.97 33.37 45.59
N GLU F 119 -23.68 33.48 45.30
CA GLU F 119 -23.09 34.80 45.08
C GLU F 119 -23.65 35.46 43.82
N LYS F 120 -23.81 34.71 42.73
CA LYS F 120 -24.31 35.33 41.51
C LYS F 120 -25.77 35.75 41.66
N ASN F 121 -26.59 34.93 42.32
CA ASN F 121 -27.98 35.32 42.51
C ASN F 121 -28.09 36.53 43.44
N GLU F 122 -27.27 36.57 44.49
CA GLU F 122 -27.30 37.71 45.40
C GLU F 122 -26.87 39.00 44.69
N GLN F 123 -25.82 38.91 43.88
CA GLN F 123 -25.38 40.09 43.12
C GLN F 123 -26.46 40.54 42.14
N ASP F 124 -27.14 39.57 41.50
CA ASP F 124 -28.21 39.91 40.56
C ASP F 124 -29.34 40.64 41.26
N LEU F 125 -29.78 40.12 42.41
CA LEU F 125 -30.88 40.77 43.13
C LEU F 125 -30.45 42.12 43.71
N LEU F 126 -29.17 42.28 44.04
CA LEU F 126 -28.74 43.54 44.64
C LEU F 126 -28.56 44.63 43.59
N ALA F 127 -27.97 44.30 42.44
CA ALA F 127 -27.72 45.30 41.42
C ALA F 127 -29.02 45.84 40.83
N LEU F 128 -30.08 45.03 40.85
CA LEU F 128 -31.36 45.45 40.30
C LEU F 128 -32.04 46.51 41.15
N ASP F 129 -31.82 46.51 42.47
CA ASP F 129 -32.46 47.48 43.36
C ASP F 129 -31.50 48.60 43.73
N GLN G 1 -7.29 19.95 -79.50
CA GLN G 1 -7.76 19.49 -80.81
C GLN G 1 -6.64 18.73 -81.52
N VAL G 2 -6.28 17.58 -80.96
CA VAL G 2 -5.15 16.78 -81.44
C VAL G 2 -5.63 15.37 -81.74
N GLN G 3 -5.12 14.79 -82.82
CA GLN G 3 -5.44 13.42 -83.22
C GLN G 3 -4.16 12.63 -83.39
N LEU G 4 -4.14 11.41 -82.84
CA LEU G 4 -2.98 10.54 -82.92
C LEU G 4 -3.33 9.30 -83.74
N GLN G 5 -2.43 8.93 -84.64
CA GLN G 5 -2.63 7.77 -85.51
C GLN G 5 -1.41 6.87 -85.42
N GLU G 6 -1.63 5.61 -85.08
CA GLU G 6 -0.54 4.67 -84.86
C GLU G 6 -0.39 3.74 -86.05
N SER G 7 0.80 3.14 -86.17
CA SER G 7 1.10 2.22 -87.24
C SER G 7 2.11 1.20 -86.76
N GLY G 8 1.83 -0.08 -87.03
CA GLY G 8 2.70 -1.15 -86.61
C GLY G 8 2.75 -2.30 -87.59
N PRO G 9 3.64 -3.27 -87.35
CA PRO G 9 3.75 -4.40 -88.30
C PRO G 9 2.58 -5.36 -88.21
N GLY G 10 2.06 -5.62 -87.02
CA GLY G 10 0.92 -6.50 -86.87
C GLY G 10 1.30 -7.94 -86.57
N LEU G 11 1.97 -8.60 -87.51
CA LEU G 11 2.38 -9.99 -87.36
C LEU G 11 3.89 -10.06 -87.32
N VAL G 12 4.43 -10.67 -86.26
CA VAL G 12 5.88 -10.75 -86.06
C VAL G 12 6.18 -11.99 -85.23
N LYS G 13 7.26 -12.69 -85.62
CA LYS G 13 7.72 -13.83 -84.85
C LYS G 13 8.14 -13.39 -83.46
N PRO G 14 8.11 -14.30 -82.48
CA PRO G 14 8.41 -13.89 -81.10
C PRO G 14 9.89 -13.62 -80.90
N SER G 15 10.19 -12.94 -79.79
CA SER G 15 11.56 -12.61 -79.39
C SER G 15 12.26 -11.73 -80.41
N GLU G 16 11.54 -10.77 -80.97
CA GLU G 16 12.13 -9.73 -81.80
C GLU G 16 11.56 -8.37 -81.39
N THR G 17 12.05 -7.33 -82.04
CA THR G 17 11.65 -5.97 -81.72
C THR G 17 10.27 -5.66 -82.26
N LEU G 18 9.38 -5.18 -81.39
CA LEU G 18 8.03 -4.76 -81.76
C LEU G 18 7.89 -3.28 -81.47
N SER G 19 7.84 -2.47 -82.53
CA SER G 19 7.76 -1.02 -82.41
C SER G 19 6.54 -0.53 -83.17
N VAL G 20 5.65 0.16 -82.48
CA VAL G 20 4.45 0.76 -83.07
C VAL G 20 4.47 2.24 -82.72
N THR G 21 4.65 3.09 -83.73
CA THR G 21 4.75 4.53 -83.51
C THR G 21 3.41 5.20 -83.75
N CYS G 22 3.14 6.24 -82.98
CA CYS G 22 1.90 7.02 -83.06
C CYS G 22 2.24 8.45 -83.45
N SER G 23 1.94 8.82 -84.70
CA SER G 23 2.15 10.18 -85.16
C SER G 23 1.05 11.10 -84.66
N VAL G 24 1.39 12.38 -84.55
CA VAL G 24 0.53 13.40 -83.98
C VAL G 24 0.10 14.35 -85.08
N SER G 25 -1.12 14.87 -84.97
CA SER G 25 -1.64 15.86 -85.92
C SER G 25 -2.50 16.84 -85.15
N GLY G 26 -2.07 18.09 -85.09
CA GLY G 26 -2.81 19.12 -84.39
C GLY G 26 -1.85 20.16 -83.84
N ASP G 27 -2.18 20.67 -82.65
CA ASP G 27 -1.39 21.71 -82.02
C ASP G 27 -0.08 21.14 -81.49
N SER G 28 0.84 22.05 -81.18
CA SER G 28 2.14 21.68 -80.63
C SER G 28 2.00 21.24 -79.17
N MET G 29 2.93 20.39 -78.73
CA MET G 29 2.93 19.86 -77.38
C MET G 29 3.85 20.70 -76.50
N ASN G 30 3.30 21.22 -75.39
CA ASN G 30 4.07 22.00 -74.45
C ASN G 30 3.89 21.59 -73.00
N ASN G 31 2.74 21.06 -72.61
CA ASN G 31 2.49 20.68 -71.22
C ASN G 31 1.82 19.32 -71.05
N TYR G 32 1.13 18.81 -72.07
CA TYR G 32 0.37 17.57 -71.91
C TYR G 32 1.30 16.37 -71.82
N TYR G 33 0.82 15.34 -71.12
CA TYR G 33 1.57 14.09 -70.98
C TYR G 33 1.00 13.05 -71.95
N TRP G 34 1.79 12.01 -72.20
CA TRP G 34 1.41 10.97 -73.14
C TRP G 34 1.52 9.60 -72.47
N THR G 35 0.71 8.66 -72.96
CA THR G 35 0.58 7.36 -72.33
C THR G 35 0.23 6.32 -73.39
N TRP G 36 0.71 5.11 -73.20
CA TRP G 36 0.36 3.96 -74.03
C TRP G 36 -0.50 2.99 -73.22
N ILE G 37 -1.51 2.42 -73.86
CA ILE G 37 -2.44 1.50 -73.21
C ILE G 37 -2.50 0.21 -74.02
N ARG G 38 -2.53 -0.91 -73.33
CA ARG G 38 -2.65 -2.23 -73.94
C ARG G 38 -3.95 -2.88 -73.50
N GLN G 39 -4.66 -3.50 -74.43
CA GLN G 39 -5.90 -4.19 -74.12
C GLN G 39 -5.91 -5.54 -74.81
N SER G 40 -6.03 -6.61 -74.02
CA SER G 40 -6.08 -7.96 -74.55
C SER G 40 -7.51 -8.47 -74.56
N PRO G 41 -7.90 -9.24 -75.59
CA PRO G 41 -9.26 -9.80 -75.62
C PRO G 41 -9.53 -10.76 -74.49
N GLY G 42 -10.44 -10.39 -73.59
CA GLY G 42 -10.73 -11.15 -72.40
C GLY G 42 -10.25 -10.50 -71.11
N LYS G 43 -9.36 -9.51 -71.21
CA LYS G 43 -8.86 -8.78 -70.06
C LYS G 43 -9.10 -7.29 -70.27
N GLY G 44 -8.98 -6.54 -69.17
CA GLY G 44 -9.22 -5.11 -69.20
C GLY G 44 -8.06 -4.34 -69.81
N LEU G 45 -8.08 -3.03 -69.58
CA LEU G 45 -7.04 -2.15 -70.09
C LEU G 45 -5.80 -2.23 -69.20
N GLU G 46 -4.63 -2.17 -69.83
CA GLU G 46 -3.35 -2.31 -69.14
C GLU G 46 -2.59 -1.00 -69.27
N TRP G 47 -2.61 -0.19 -68.20
CA TRP G 47 -1.85 1.05 -68.16
C TRP G 47 -0.39 0.73 -67.91
N ILE G 48 0.43 0.82 -68.96
CA ILE G 48 1.80 0.33 -68.89
C ILE G 48 2.76 1.41 -68.42
N GLY G 49 2.44 2.67 -68.69
CA GLY G 49 3.32 3.75 -68.29
C GLY G 49 3.05 5.01 -69.08
N TYR G 50 3.70 6.08 -68.64
CA TYR G 50 3.53 7.40 -69.24
C TYR G 50 4.91 8.00 -69.50
N ILE G 51 4.92 9.05 -70.32
CA ILE G 51 6.16 9.75 -70.68
C ILE G 51 6.00 11.23 -70.36
N SER G 52 7.13 11.86 -70.06
CA SER G 52 7.16 13.28 -69.74
C SER G 52 8.43 13.89 -70.33
N ASP G 53 8.56 15.21 -70.17
CA ASP G 53 9.73 15.93 -70.65
C ASP G 53 10.93 15.83 -69.73
N ARG G 54 10.80 15.15 -68.59
CA ARG G 54 11.89 14.98 -67.64
C ARG G 54 12.62 13.66 -67.81
N GLU G 55 12.46 13.01 -68.97
CA GLU G 55 13.13 11.73 -69.27
C GLU G 55 12.77 10.66 -68.25
N SER G 56 11.57 10.73 -67.69
CA SER G 56 11.11 9.76 -66.71
C SER G 56 10.36 8.63 -67.42
N ALA G 57 10.78 7.40 -67.17
CA ALA G 57 10.18 6.21 -67.78
C ALA G 57 9.94 5.18 -66.68
N THR G 58 8.76 5.25 -66.06
CA THR G 58 8.37 4.31 -65.03
C THR G 58 7.20 3.47 -65.52
N TYR G 59 7.12 2.24 -65.02
CA TYR G 59 6.11 1.29 -65.46
C TYR G 59 5.58 0.54 -64.24
N ASN G 60 4.77 -0.48 -64.50
CA ASN G 60 4.21 -1.27 -63.42
C ASN G 60 5.28 -2.18 -62.82
N PRO G 61 5.22 -2.41 -61.51
CA PRO G 61 6.20 -3.31 -60.87
C PRO G 61 5.98 -4.78 -61.21
N SER G 62 4.88 -5.13 -61.87
CA SER G 62 4.58 -6.51 -62.21
C SER G 62 4.77 -6.82 -63.69
N LEU G 63 5.15 -5.84 -64.50
CA LEU G 63 5.40 -6.05 -65.92
C LEU G 63 6.84 -6.45 -66.21
N ASN G 64 7.58 -6.88 -65.19
CA ASN G 64 8.91 -7.47 -65.35
C ASN G 64 9.95 -6.47 -65.85
N SER G 65 9.52 -5.23 -66.10
CA SER G 65 10.41 -4.15 -66.54
C SER G 65 11.25 -4.57 -67.75
N ARG G 66 10.56 -5.07 -68.78
CA ARG G 66 11.21 -5.49 -70.01
C ARG G 66 10.82 -4.65 -71.23
N VAL G 67 9.94 -3.67 -71.05
CA VAL G 67 9.49 -2.80 -72.13
C VAL G 67 9.94 -1.38 -71.83
N VAL G 68 10.28 -0.64 -72.88
CA VAL G 68 10.77 0.73 -72.75
C VAL G 68 9.96 1.63 -73.68
N ILE G 69 9.72 2.87 -73.24
CA ILE G 69 9.06 3.87 -74.05
C ILE G 69 10.10 4.88 -74.52
N SER G 70 9.77 5.57 -75.61
CA SER G 70 10.68 6.57 -76.14
C SER G 70 9.90 7.58 -76.97
N ARG G 71 10.44 8.79 -77.07
CA ARG G 71 9.85 9.86 -77.86
C ARG G 71 10.92 10.53 -78.68
N ASP G 72 10.69 10.64 -79.99
CA ASP G 72 11.61 11.26 -80.93
C ASP G 72 11.03 12.64 -81.26
N THR G 73 11.74 13.69 -80.85
CA THR G 73 11.26 15.05 -81.06
C THR G 73 11.47 15.51 -82.50
N SER G 74 12.51 14.99 -83.17
CA SER G 74 12.75 15.36 -84.56
C SER G 74 11.59 14.97 -85.46
N LYS G 75 11.26 13.67 -85.49
CA LYS G 75 10.10 13.20 -86.21
C LYS G 75 8.79 13.50 -85.47
N ASN G 76 8.86 13.91 -84.22
CA ASN G 76 7.69 14.19 -83.38
C ASN G 76 6.78 12.96 -83.30
N GLN G 77 7.36 11.85 -82.84
CA GLN G 77 6.65 10.59 -82.72
C GLN G 77 6.97 9.95 -81.38
N LEU G 78 6.19 8.93 -81.02
CA LEU G 78 6.40 8.19 -79.79
C LEU G 78 6.34 6.70 -80.11
N SER G 79 7.31 5.95 -79.60
CA SER G 79 7.42 4.53 -79.89
C SER G 79 7.66 3.74 -78.61
N LEU G 80 7.47 2.43 -78.73
CA LEU G 80 7.72 1.49 -77.63
C LEU G 80 8.55 0.34 -78.15
N LYS G 81 9.40 -0.19 -77.28
CA LYS G 81 10.26 -1.32 -77.61
C LYS G 81 10.08 -2.39 -76.54
N LEU G 82 9.57 -3.56 -76.96
CA LEU G 82 9.38 -4.70 -76.08
C LEU G 82 10.10 -5.89 -76.70
N ASN G 83 11.20 -6.31 -76.08
CA ASN G 83 11.97 -7.44 -76.57
C ASN G 83 11.60 -8.72 -75.82
N SER G 84 11.98 -9.85 -76.41
CA SER G 84 11.66 -11.18 -75.88
C SER G 84 10.16 -11.32 -75.60
N VAL G 85 9.38 -11.15 -76.66
CA VAL G 85 7.93 -11.23 -76.54
C VAL G 85 7.48 -12.69 -76.55
N THR G 86 6.26 -12.91 -76.08
CA THR G 86 5.58 -14.19 -76.02
C THR G 86 4.37 -14.21 -76.94
N PRO G 87 4.17 -15.28 -77.71
CA PRO G 87 3.01 -15.32 -78.62
C PRO G 87 1.66 -15.09 -77.93
N ALA G 88 1.60 -15.19 -76.60
CA ALA G 88 0.37 -14.94 -75.86
C ALA G 88 0.19 -13.45 -75.51
N ASP G 89 0.89 -12.56 -76.20
CA ASP G 89 0.82 -11.13 -75.93
C ASP G 89 0.09 -10.35 -77.01
N THR G 90 -0.76 -11.02 -77.80
CA THR G 90 -1.54 -10.32 -78.81
C THR G 90 -2.54 -9.38 -78.14
N ALA G 91 -2.60 -8.14 -78.60
CA ALA G 91 -3.45 -7.14 -77.96
C ALA G 91 -3.52 -5.91 -78.85
N VAL G 92 -4.46 -5.03 -78.53
CA VAL G 92 -4.59 -3.75 -79.21
C VAL G 92 -3.86 -2.69 -78.39
N TYR G 93 -3.16 -1.80 -79.08
CA TYR G 93 -2.30 -0.80 -78.47
C TYR G 93 -2.81 0.59 -78.83
N TYR G 94 -3.14 1.39 -77.82
CA TYR G 94 -3.58 2.76 -78.01
C TYR G 94 -2.50 3.72 -77.53
N CYS G 95 -2.38 4.85 -78.24
CA CYS G 95 -1.43 5.92 -77.90
C CYS G 95 -2.26 7.17 -77.61
N ALA G 96 -2.47 7.47 -76.33
CA ALA G 96 -3.34 8.57 -75.94
C ALA G 96 -2.57 9.58 -75.12
N THR G 97 -3.24 10.67 -74.79
CA THR G 97 -2.67 11.73 -73.97
C THR G 97 -3.41 11.83 -72.65
N ALA G 98 -2.80 12.51 -71.69
CA ALA G 98 -3.33 12.62 -70.34
C ALA G 98 -2.79 13.87 -69.68
N ARG G 99 -3.50 14.30 -68.64
CA ARG G 99 -3.19 15.50 -67.89
C ARG G 99 -3.05 15.17 -66.41
N ARG G 100 -2.11 15.82 -65.74
CA ARG G 100 -1.83 15.57 -64.33
C ARG G 100 -2.55 16.60 -63.48
N GLY G 101 -3.25 16.13 -62.46
CA GLY G 101 -3.86 17.01 -61.48
C GLY G 101 -3.45 16.61 -60.09
N GLN G 102 -3.56 17.56 -59.17
CA GLN G 102 -3.21 17.34 -57.77
C GLN G 102 -4.44 17.52 -56.90
N ARG G 103 -4.48 16.77 -55.80
CA ARG G 103 -5.59 16.84 -54.85
C ARG G 103 -5.03 17.07 -53.46
N ILE G 104 -5.46 18.16 -52.83
CA ILE G 104 -4.93 18.59 -51.54
C ILE G 104 -6.01 18.42 -50.48
N TYR G 105 -5.62 17.88 -49.33
CA TYR G 105 -6.56 17.69 -48.22
C TYR G 105 -6.02 18.30 -46.94
N GLY G 106 -4.69 18.37 -46.82
CA GLY G 106 -4.08 18.90 -45.62
C GLY G 106 -3.40 20.24 -45.80
N VAL G 107 -2.11 20.30 -45.50
CA VAL G 107 -1.32 21.52 -45.64
C VAL G 107 -0.28 21.30 -46.73
N VAL G 108 -0.12 22.28 -47.62
CA VAL G 108 0.82 22.14 -48.72
C VAL G 108 2.25 22.26 -48.23
N SER G 109 2.46 22.94 -47.10
CA SER G 109 3.82 23.14 -46.61
C SER G 109 4.47 21.84 -46.17
N PHE G 110 3.68 20.87 -45.74
CA PHE G 110 4.20 19.57 -45.34
C PHE G 110 4.04 18.50 -46.40
N GLY G 111 3.31 18.78 -47.48
CA GLY G 111 3.17 17.83 -48.56
C GLY G 111 2.04 16.83 -48.38
N GLU G 112 0.87 17.31 -47.99
CA GLU G 112 -0.31 16.46 -47.86
C GLU G 112 -1.14 16.47 -49.14
N PHE G 113 -0.48 16.21 -50.27
CA PHE G 113 -1.15 16.19 -51.56
C PHE G 113 -0.68 14.99 -52.35
N PHE G 114 -1.38 14.69 -53.44
CA PHE G 114 -1.00 13.59 -54.30
C PHE G 114 -1.52 13.86 -55.71
N TYR G 115 -0.82 13.29 -56.68
CA TYR G 115 -1.10 13.49 -58.10
C TYR G 115 -1.96 12.35 -58.65
N TYR G 116 -2.61 12.63 -59.77
CA TYR G 116 -3.38 11.63 -60.49
C TYR G 116 -3.52 12.07 -61.94
N TYR G 117 -3.40 11.12 -62.85
CA TYR G 117 -3.42 11.39 -64.29
C TYR G 117 -4.77 10.99 -64.87
N SER G 118 -5.25 11.80 -65.80
CA SER G 118 -6.53 11.56 -66.45
C SER G 118 -6.37 11.66 -67.96
N MET G 119 -6.72 10.60 -68.68
CA MET G 119 -6.64 10.58 -70.13
C MET G 119 -7.88 11.25 -70.70
N ASP G 120 -7.70 12.43 -71.31
CA ASP G 120 -8.82 13.17 -71.89
C ASP G 120 -9.00 12.87 -73.36
N VAL G 121 -7.96 13.08 -74.17
CA VAL G 121 -8.01 12.84 -75.61
C VAL G 121 -7.37 11.50 -75.90
N TRP G 122 -8.05 10.69 -76.71
CA TRP G 122 -7.60 9.35 -77.03
C TRP G 122 -7.22 9.27 -78.52
N GLY G 123 -6.89 8.05 -78.95
CA GLY G 123 -6.55 7.81 -80.34
C GLY G 123 -7.42 6.72 -80.95
N LYS G 124 -6.93 6.07 -82.00
CA LYS G 124 -7.68 5.01 -82.67
C LYS G 124 -7.30 3.63 -82.15
N GLY G 125 -6.02 3.27 -82.24
CA GLY G 125 -5.55 1.98 -81.75
C GLY G 125 -5.66 0.87 -82.77
N THR G 126 -4.60 0.06 -82.88
CA THR G 126 -4.58 -1.09 -83.76
C THR G 126 -4.16 -2.32 -82.98
N THR G 127 -4.53 -3.49 -83.51
CA THR G 127 -4.27 -4.76 -82.85
C THR G 127 -3.04 -5.43 -83.45
N VAL G 128 -2.12 -5.83 -82.59
CA VAL G 128 -0.92 -6.56 -83.00
C VAL G 128 -1.04 -7.98 -82.46
N THR G 129 -0.84 -8.95 -83.34
CA THR G 129 -0.91 -10.37 -83.00
C THR G 129 0.45 -11.00 -83.25
N VAL G 130 1.10 -11.43 -82.18
CA VAL G 130 2.42 -12.06 -82.24
C VAL G 130 2.24 -13.56 -82.08
N SER G 131 3.06 -14.33 -82.80
CA SER G 131 3.01 -15.78 -82.78
C SER G 131 4.26 -16.31 -83.44
N SER G 132 4.46 -17.63 -83.32
CA SER G 132 5.61 -18.28 -83.92
C SER G 132 5.43 -18.58 -85.40
N ALA G 133 4.28 -18.21 -85.98
CA ALA G 133 4.03 -18.45 -87.39
C ALA G 133 3.06 -17.42 -87.96
N GLN H 1 -45.99 -68.13 4.53
CA GLN H 1 -45.93 -69.58 4.49
C GLN H 1 -46.08 -70.07 3.05
N VAL H 2 -45.07 -69.79 2.23
CA VAL H 2 -45.11 -70.09 0.80
C VAL H 2 -43.89 -70.93 0.45
N GLN H 3 -44.08 -71.89 -0.46
CA GLN H 3 -43.00 -72.73 -0.96
C GLN H 3 -42.96 -72.67 -2.48
N LEU H 4 -41.75 -72.55 -3.02
CA LEU H 4 -41.55 -72.47 -4.46
C LEU H 4 -40.77 -73.69 -4.93
N GLN H 5 -41.24 -74.29 -6.02
CA GLN H 5 -40.61 -75.48 -6.58
C GLN H 5 -40.35 -75.27 -8.06
N GLU H 6 -39.10 -75.39 -8.47
CA GLU H 6 -38.69 -75.09 -9.83
C GLU H 6 -38.53 -76.37 -10.64
N SER H 7 -38.64 -76.22 -11.96
CA SER H 7 -38.48 -77.33 -12.88
C SER H 7 -37.86 -76.83 -14.18
N GLY H 8 -36.84 -77.54 -14.66
CA GLY H 8 -36.15 -77.15 -15.87
C GLY H 8 -35.67 -78.33 -16.68
N PRO H 9 -35.22 -78.08 -17.90
CA PRO H 9 -34.76 -79.19 -18.75
C PRO H 9 -33.44 -79.79 -18.31
N GLY H 10 -32.49 -78.96 -17.88
CA GLY H 10 -31.21 -79.44 -17.40
C GLY H 10 -30.13 -79.49 -18.46
N LEU H 11 -30.32 -80.31 -19.49
CA LEU H 11 -29.35 -80.47 -20.57
C LEU H 11 -29.95 -79.91 -21.86
N VAL H 12 -29.31 -78.88 -22.40
CA VAL H 12 -29.77 -78.22 -23.61
C VAL H 12 -28.58 -77.68 -24.38
N LYS H 13 -28.63 -77.81 -25.71
CA LYS H 13 -27.56 -77.32 -26.56
C LYS H 13 -27.46 -75.79 -26.46
N PRO H 14 -26.31 -75.22 -26.80
CA PRO H 14 -26.15 -73.77 -26.70
C PRO H 14 -27.07 -73.01 -27.65
N SER H 15 -27.34 -71.75 -27.29
CA SER H 15 -28.08 -70.81 -28.14
C SER H 15 -29.52 -71.28 -28.37
N GLU H 16 -30.17 -71.79 -27.32
CA GLU H 16 -31.60 -72.07 -27.34
C GLU H 16 -32.22 -71.56 -26.05
N THR H 17 -33.55 -71.67 -25.99
CA THR H 17 -34.31 -71.12 -24.88
C THR H 17 -34.14 -71.96 -23.63
N LEU H 18 -33.81 -71.30 -22.52
CA LEU H 18 -33.67 -71.94 -21.21
C LEU H 18 -34.74 -71.36 -20.30
N SER H 19 -35.79 -72.12 -20.04
CA SER H 19 -36.92 -71.68 -19.24
C SER H 19 -37.08 -72.61 -18.04
N VAL H 20 -36.91 -72.06 -16.83
CA VAL H 20 -37.08 -72.80 -15.59
C VAL H 20 -38.20 -72.12 -14.81
N THR H 21 -39.35 -72.77 -14.72
CA THR H 21 -40.50 -72.22 -14.03
C THR H 21 -40.49 -72.65 -12.57
N CYS H 22 -40.77 -71.70 -11.68
CA CYS H 22 -40.86 -71.94 -10.24
C CYS H 22 -42.31 -71.78 -9.82
N SER H 23 -43.02 -72.89 -9.69
CA SER H 23 -44.40 -72.87 -9.25
C SER H 23 -44.48 -72.52 -7.76
N VAL H 24 -45.60 -71.89 -7.40
CA VAL H 24 -45.83 -71.35 -6.07
C VAL H 24 -46.89 -72.18 -5.36
N SER H 25 -46.72 -72.36 -4.05
CA SER H 25 -47.70 -73.08 -3.23
C SER H 25 -47.83 -72.34 -1.90
N GLY H 26 -48.98 -71.75 -1.66
CA GLY H 26 -49.23 -71.03 -0.43
C GLY H 26 -50.25 -69.92 -0.66
N ASP H 27 -50.02 -68.80 0.02
CA ASP H 27 -50.93 -67.67 -0.05
C ASP H 27 -50.78 -66.93 -1.38
N SER H 28 -51.77 -66.09 -1.67
CA SER H 28 -51.76 -65.30 -2.90
C SER H 28 -50.74 -64.17 -2.80
N MET H 29 -50.25 -63.75 -3.96
CA MET H 29 -49.24 -62.71 -4.05
C MET H 29 -49.91 -61.36 -4.27
N ASN H 30 -49.67 -60.41 -3.36
CA ASN H 30 -50.21 -59.07 -3.48
C ASN H 30 -49.20 -57.95 -3.27
N ASN H 31 -48.15 -58.16 -2.48
CA ASN H 31 -47.15 -57.14 -2.22
C ASN H 31 -45.71 -57.62 -2.31
N TYR H 32 -45.45 -58.91 -2.14
CA TYR H 32 -44.08 -59.40 -2.09
C TYR H 32 -43.43 -59.34 -3.46
N TYR H 33 -42.11 -59.18 -3.47
CA TYR H 33 -41.33 -59.18 -4.70
C TYR H 33 -40.67 -60.54 -4.90
N TRP H 34 -40.26 -60.80 -6.14
CA TRP H 34 -39.65 -62.07 -6.50
C TRP H 34 -38.33 -61.82 -7.20
N THR H 35 -37.41 -62.78 -7.04
CA THR H 35 -36.05 -62.64 -7.53
C THR H 35 -35.51 -64.00 -7.94
N TRP H 36 -34.58 -63.99 -8.88
CA TRP H 36 -33.86 -65.18 -9.32
C TRP H 36 -32.39 -65.04 -9.00
N ILE H 37 -31.78 -66.14 -8.58
CA ILE H 37 -30.37 -66.16 -8.18
C ILE H 37 -29.67 -67.26 -8.94
N ARG H 38 -28.47 -66.98 -9.44
CA ARG H 38 -27.65 -67.95 -10.13
C ARG H 38 -26.37 -68.19 -9.35
N GLN H 39 -25.96 -69.45 -9.22
CA GLN H 39 -24.74 -69.79 -8.50
C GLN H 39 -23.95 -70.80 -9.32
N SER H 40 -22.72 -70.44 -9.68
CA SER H 40 -21.82 -71.32 -10.41
C SER H 40 -20.78 -71.92 -9.49
N PRO H 41 -20.38 -73.18 -9.73
CA PRO H 41 -19.34 -73.80 -8.87
C PRO H 41 -18.01 -73.09 -8.99
N GLY H 42 -17.57 -72.46 -7.90
CA GLY H 42 -16.37 -71.65 -7.88
C GLY H 42 -16.63 -70.17 -7.77
N LYS H 43 -17.86 -69.73 -8.00
CA LYS H 43 -18.23 -68.33 -7.89
C LYS H 43 -19.42 -68.19 -6.93
N GLY H 44 -19.62 -66.98 -6.44
CA GLY H 44 -20.68 -66.70 -5.49
C GLY H 44 -22.05 -66.64 -6.14
N LEU H 45 -22.99 -66.07 -5.40
CA LEU H 45 -24.35 -65.92 -5.88
C LEU H 45 -24.45 -64.73 -6.82
N GLU H 46 -25.26 -64.87 -7.86
CA GLU H 46 -25.43 -63.86 -8.90
C GLU H 46 -26.84 -63.30 -8.84
N TRP H 47 -26.98 -62.10 -8.29
CA TRP H 47 -28.27 -61.41 -8.23
C TRP H 47 -28.54 -60.82 -9.61
N ILE H 48 -29.40 -61.48 -10.38
CA ILE H 48 -29.58 -61.14 -11.79
C ILE H 48 -30.66 -60.09 -11.97
N GLY H 49 -31.66 -60.08 -11.09
CA GLY H 49 -32.72 -59.11 -11.19
C GLY H 49 -33.97 -59.56 -10.49
N TYR H 50 -34.87 -58.61 -10.28
CA TYR H 50 -36.11 -58.85 -9.55
C TYR H 50 -37.29 -58.42 -10.40
N ILE H 51 -38.47 -58.88 -10.01
CA ILE H 51 -39.71 -58.58 -10.73
C ILE H 51 -40.71 -57.97 -9.76
N SER H 52 -41.58 -57.11 -10.30
CA SER H 52 -42.62 -56.46 -9.51
C SER H 52 -43.88 -56.33 -10.36
N ASP H 53 -44.92 -55.76 -9.77
CA ASP H 53 -46.20 -55.57 -10.44
C ASP H 53 -46.20 -54.40 -11.41
N ARG H 54 -45.12 -53.62 -11.46
CA ARG H 54 -45.03 -52.47 -12.35
C ARG H 54 -44.35 -52.81 -13.68
N GLU H 55 -44.24 -54.10 -14.00
CA GLU H 55 -43.62 -54.56 -15.24
C GLU H 55 -42.18 -54.08 -15.38
N SER H 56 -41.50 -53.90 -14.25
CA SER H 56 -40.12 -53.44 -14.24
C SER H 56 -39.19 -54.64 -14.35
N ALA H 57 -38.30 -54.60 -15.35
CA ALA H 57 -37.34 -55.68 -15.60
C ALA H 57 -35.96 -55.07 -15.73
N THR H 58 -35.29 -54.88 -14.60
CA THR H 58 -33.94 -54.36 -14.57
C THR H 58 -32.97 -55.46 -14.13
N TYR H 59 -31.73 -55.36 -14.60
CA TYR H 59 -30.73 -56.38 -14.35
C TYR H 59 -29.38 -55.72 -14.10
N ASN H 60 -28.35 -56.54 -13.94
CA ASN H 60 -27.02 -56.04 -13.71
C ASN H 60 -26.48 -55.38 -14.97
N PRO H 61 -25.69 -54.31 -14.83
CA PRO H 61 -25.09 -53.67 -16.02
C PRO H 61 -24.00 -54.50 -16.67
N SER H 62 -23.61 -55.62 -16.09
CA SER H 62 -22.57 -56.47 -16.65
C SER H 62 -23.10 -57.79 -17.20
N LEU H 63 -24.41 -58.04 -17.09
CA LEU H 63 -25.01 -59.25 -17.62
C LEU H 63 -25.50 -59.08 -19.06
N ASN H 64 -25.05 -58.04 -19.74
CA ASN H 64 -25.28 -57.85 -21.18
C ASN H 64 -26.74 -57.65 -21.53
N SER H 65 -27.62 -57.67 -20.53
CA SER H 65 -29.06 -57.45 -20.70
C SER H 65 -29.63 -58.34 -21.81
N ARG H 66 -29.50 -59.65 -21.63
CA ARG H 66 -29.98 -60.63 -22.59
C ARG H 66 -30.99 -61.61 -21.99
N VAL H 67 -31.37 -61.45 -20.73
CA VAL H 67 -32.31 -62.33 -20.05
C VAL H 67 -33.54 -61.52 -19.69
N VAL H 68 -34.72 -62.13 -19.80
CA VAL H 68 -35.99 -61.48 -19.50
C VAL H 68 -36.76 -62.32 -18.49
N ILE H 69 -37.43 -61.66 -17.56
CA ILE H 69 -38.26 -62.33 -16.57
C ILE H 69 -39.72 -62.00 -16.85
N SER H 70 -40.59 -62.97 -16.59
CA SER H 70 -42.01 -62.80 -16.87
C SER H 70 -42.81 -63.52 -15.80
N ARG H 71 -44.04 -63.04 -15.58
CA ARG H 71 -44.96 -63.63 -14.64
C ARG H 71 -46.35 -63.70 -15.25
N ASP H 72 -46.97 -64.87 -15.20
CA ASP H 72 -48.31 -65.09 -15.74
C ASP H 72 -49.27 -65.28 -14.56
N THR H 73 -50.26 -64.39 -14.47
CA THR H 73 -51.23 -64.47 -13.38
C THR H 73 -52.27 -65.54 -13.66
N SER H 74 -52.48 -65.90 -14.93
CA SER H 74 -53.44 -66.95 -15.27
C SER H 74 -53.02 -68.28 -14.64
N LYS H 75 -51.85 -68.79 -15.04
CA LYS H 75 -51.30 -69.97 -14.40
C LYS H 75 -50.67 -69.68 -13.05
N ASN H 76 -50.49 -68.40 -12.71
CA ASN H 76 -49.84 -67.99 -11.47
C ASN H 76 -48.44 -68.58 -11.36
N GLN H 77 -47.64 -68.31 -12.40
CA GLN H 77 -46.29 -68.85 -12.49
C GLN H 77 -45.32 -67.74 -12.85
N LEU H 78 -44.04 -68.01 -12.64
CA LEU H 78 -42.97 -67.07 -12.95
C LEU H 78 -41.91 -67.80 -13.76
N SER H 79 -41.51 -67.22 -14.89
CA SER H 79 -40.56 -67.86 -15.79
C SER H 79 -39.50 -66.88 -16.22
N LEU H 80 -38.43 -67.42 -16.80
CA LEU H 80 -37.33 -66.63 -17.32
C LEU H 80 -36.94 -67.16 -18.69
N LYS H 81 -36.50 -66.25 -19.57
CA LYS H 81 -36.04 -66.60 -20.90
C LYS H 81 -34.64 -66.01 -21.09
N LEU H 82 -33.67 -66.87 -21.33
CA LEU H 82 -32.29 -66.47 -21.57
C LEU H 82 -31.81 -67.15 -22.84
N ASN H 83 -31.64 -66.38 -23.90
CA ASN H 83 -31.19 -66.89 -25.19
C ASN H 83 -29.69 -66.70 -25.35
N SER H 84 -29.14 -67.33 -26.39
CA SER H 84 -27.72 -67.29 -26.71
C SER H 84 -26.87 -67.67 -25.50
N VAL H 85 -27.06 -68.92 -25.05
CA VAL H 85 -26.32 -69.41 -23.89
C VAL H 85 -24.98 -70.00 -24.33
N THR H 86 -24.04 -70.04 -23.38
CA THR H 86 -22.69 -70.54 -23.56
C THR H 86 -22.46 -71.77 -22.70
N PRO H 87 -21.82 -72.81 -23.23
CA PRO H 87 -21.59 -74.04 -22.44
C PRO H 87 -20.88 -73.80 -21.11
N ALA H 88 -20.22 -72.66 -20.94
CA ALA H 88 -19.56 -72.32 -19.68
C ALA H 88 -20.49 -71.66 -18.68
N ASP H 89 -21.80 -71.81 -18.86
CA ASP H 89 -22.79 -71.17 -17.99
C ASP H 89 -23.57 -72.17 -17.15
N THR H 90 -23.00 -73.36 -16.89
CA THR H 90 -23.64 -74.32 -16.01
C THR H 90 -23.71 -73.74 -14.59
N ALA H 91 -24.88 -73.84 -13.97
CA ALA H 91 -25.07 -73.22 -12.66
C ALA H 91 -26.40 -73.70 -12.08
N VAL H 92 -26.57 -73.47 -10.79
CA VAL H 92 -27.83 -73.75 -10.11
C VAL H 92 -28.64 -72.46 -10.03
N TYR H 93 -29.95 -72.58 -10.24
CA TYR H 93 -30.85 -71.45 -10.33
C TYR H 93 -31.90 -71.55 -9.23
N TYR H 94 -31.96 -70.55 -8.37
CA TYR H 94 -32.94 -70.47 -7.30
C TYR H 94 -33.97 -69.38 -7.61
N CYS H 95 -35.22 -69.66 -7.27
CA CYS H 95 -36.33 -68.72 -7.44
C CYS H 95 -36.86 -68.40 -6.05
N ALA H 96 -36.54 -67.21 -5.54
CA ALA H 96 -36.89 -66.84 -4.18
C ALA H 96 -37.71 -65.57 -4.18
N THR H 97 -38.16 -65.18 -2.98
CA THR H 97 -38.92 -63.96 -2.79
C THR H 97 -38.14 -62.99 -1.92
N ALA H 98 -38.58 -61.73 -1.93
CA ALA H 98 -37.87 -60.66 -1.24
C ALA H 98 -38.84 -59.53 -0.93
N ARG H 99 -38.45 -58.72 0.05
CA ARG H 99 -39.24 -57.60 0.54
C ARG H 99 -38.41 -56.33 0.49
N ARG H 100 -39.05 -55.21 0.16
CA ARG H 100 -38.38 -53.93 0.02
C ARG H 100 -38.53 -53.13 1.30
N GLY H 101 -37.44 -52.57 1.79
CA GLY H 101 -37.48 -51.66 2.91
C GLY H 101 -36.77 -50.37 2.57
N GLN H 102 -37.09 -49.32 3.32
CA GLN H 102 -36.49 -48.01 3.13
C GLN H 102 -35.73 -47.60 4.37
N ARG H 103 -34.66 -46.83 4.18
CA ARG H 103 -33.85 -46.34 5.29
C ARG H 103 -33.72 -44.83 5.16
N ILE H 104 -34.12 -44.11 6.21
CA ILE H 104 -34.16 -42.65 6.20
C ILE H 104 -33.11 -42.12 7.17
N TYR H 105 -32.37 -41.11 6.74
CA TYR H 105 -31.35 -40.50 7.57
C TYR H 105 -31.52 -38.98 7.62
N GLY H 106 -32.09 -38.41 6.57
CA GLY H 106 -32.27 -36.97 6.49
C GLY H 106 -33.71 -36.54 6.60
N VAL H 107 -34.18 -35.77 5.61
CA VAL H 107 -35.55 -35.28 5.56
C VAL H 107 -36.26 -35.98 4.42
N VAL H 108 -37.50 -36.42 4.67
CA VAL H 108 -38.23 -37.13 3.64
C VAL H 108 -38.75 -36.19 2.57
N SER H 109 -38.96 -34.91 2.92
CA SER H 109 -39.50 -33.96 1.94
C SER H 109 -38.51 -33.71 0.80
N PHE H 110 -37.22 -33.90 1.04
CA PHE H 110 -36.20 -33.70 0.02
C PHE H 110 -35.74 -35.01 -0.61
N GLY H 111 -36.19 -36.15 -0.10
CA GLY H 111 -35.81 -37.43 -0.67
C GLY H 111 -34.46 -37.93 -0.18
N GLU H 112 -34.23 -37.83 1.12
CA GLU H 112 -32.99 -38.30 1.72
C GLU H 112 -33.12 -39.73 2.23
N PHE H 113 -33.60 -40.62 1.37
CA PHE H 113 -33.81 -42.02 1.73
C PHE H 113 -33.39 -42.92 0.58
N PHE H 114 -33.33 -44.22 0.85
CA PHE H 114 -32.97 -45.18 -0.17
C PHE H 114 -33.56 -46.54 0.19
N TYR H 115 -33.81 -47.34 -0.85
CA TYR H 115 -34.44 -48.64 -0.71
C TYR H 115 -33.38 -49.75 -0.69
N TYR H 116 -33.80 -50.90 -0.17
CA TYR H 116 -32.96 -52.10 -0.16
C TYR H 116 -33.86 -53.32 -0.04
N TYR H 117 -33.52 -54.37 -0.78
CA TYR H 117 -34.32 -55.57 -0.84
C TYR H 117 -33.66 -56.68 -0.02
N SER H 118 -34.50 -57.45 0.67
CA SER H 118 -34.02 -58.56 1.50
C SER H 118 -34.81 -59.81 1.14
N MET H 119 -34.10 -60.86 0.74
CA MET H 119 -34.73 -62.13 0.40
C MET H 119 -34.95 -62.93 1.68
N ASP H 120 -36.21 -63.05 2.11
CA ASP H 120 -36.53 -63.72 3.36
C ASP H 120 -36.80 -65.21 3.15
N VAL H 121 -37.74 -65.54 2.27
CA VAL H 121 -38.08 -66.94 1.97
C VAL H 121 -37.39 -67.35 0.69
N TRP H 122 -36.78 -68.52 0.70
CA TRP H 122 -36.02 -69.04 -0.43
C TRP H 122 -36.74 -70.24 -1.05
N GLY H 123 -36.08 -70.84 -2.03
CA GLY H 123 -36.60 -72.04 -2.68
C GLY H 123 -35.63 -73.20 -2.60
N LYS H 124 -35.78 -74.17 -3.50
CA LYS H 124 -34.91 -75.33 -3.53
C LYS H 124 -33.73 -75.15 -4.49
N GLY H 125 -34.02 -74.91 -5.76
CA GLY H 125 -32.98 -74.69 -6.74
C GLY H 125 -32.51 -75.96 -7.43
N THR H 126 -32.37 -75.91 -8.75
CA THR H 126 -31.88 -77.03 -9.53
C THR H 126 -30.70 -76.56 -10.39
N THR H 127 -29.87 -77.52 -10.77
CA THR H 127 -28.65 -77.24 -11.53
C THR H 127 -28.91 -77.53 -13.01
N VAL H 128 -28.51 -76.59 -13.86
CA VAL H 128 -28.62 -76.73 -15.31
C VAL H 128 -27.21 -76.71 -15.89
N THR H 129 -26.91 -77.70 -16.71
CA THR H 129 -25.62 -77.84 -17.39
C THR H 129 -25.85 -77.82 -18.89
N VAL H 130 -25.38 -76.76 -19.55
CA VAL H 130 -25.54 -76.60 -20.99
C VAL H 130 -24.22 -76.91 -21.67
N SER H 131 -24.30 -77.50 -22.86
CA SER H 131 -23.13 -77.89 -23.64
C SER H 131 -23.60 -78.32 -25.01
N SER H 132 -22.65 -78.52 -25.91
CA SER H 132 -22.95 -78.97 -27.26
C SER H 132 -23.24 -80.47 -27.34
N ALA H 133 -23.17 -81.19 -26.22
CA ALA H 133 -23.44 -82.62 -26.23
C ALA H 133 -24.26 -83.02 -25.01
N GLN I 1 76.27 -30.68 3.23
CA GLN I 1 77.39 -31.18 2.44
C GLN I 1 77.20 -32.65 2.12
N VAL I 2 76.26 -32.93 1.22
CA VAL I 2 75.89 -34.30 0.86
C VAL I 2 75.93 -34.43 -0.65
N GLN I 3 76.34 -35.60 -1.13
CA GLN I 3 76.38 -35.92 -2.55
C GLN I 3 75.68 -37.25 -2.79
N LEU I 4 74.82 -37.28 -3.81
CA LEU I 4 74.07 -38.48 -4.17
C LEU I 4 74.53 -38.97 -5.53
N GLN I 5 74.76 -40.28 -5.63
CA GLN I 5 75.22 -40.90 -6.86
C GLN I 5 74.34 -42.10 -7.18
N GLU I 6 73.72 -42.08 -8.36
CA GLU I 6 72.76 -43.09 -8.75
C GLU I 6 73.38 -44.10 -9.70
N SER I 7 72.76 -45.27 -9.77
CA SER I 7 73.21 -46.34 -10.66
C SER I 7 72.00 -47.15 -11.11
N GLY I 8 71.94 -47.44 -12.42
CA GLY I 8 70.83 -48.17 -12.98
C GLY I 8 71.23 -49.03 -14.16
N PRO I 9 70.32 -49.91 -14.58
CA PRO I 9 70.66 -50.81 -15.70
C PRO I 9 70.72 -50.11 -17.05
N GLY I 10 69.81 -49.18 -17.32
CA GLY I 10 69.83 -48.44 -18.56
C GLY I 10 68.95 -49.01 -19.65
N LEU I 11 69.26 -50.22 -20.11
CA LEU I 11 68.54 -50.86 -21.21
C LEU I 11 67.82 -52.09 -20.67
N VAL I 12 66.48 -52.03 -20.65
CA VAL I 12 65.65 -53.14 -20.18
C VAL I 12 64.49 -53.32 -21.14
N LYS I 13 63.94 -54.54 -21.15
CA LYS I 13 62.77 -54.83 -21.95
C LYS I 13 61.52 -54.25 -21.29
N PRO I 14 60.42 -54.12 -22.04
CA PRO I 14 59.20 -53.58 -21.44
C PRO I 14 58.64 -54.51 -20.37
N SER I 15 57.89 -53.92 -19.44
CA SER I 15 57.18 -54.66 -18.39
C SER I 15 58.14 -55.45 -17.50
N GLU I 16 59.23 -54.81 -17.08
CA GLU I 16 60.13 -55.38 -16.11
C GLU I 16 60.36 -54.38 -14.98
N THR I 17 61.03 -54.84 -13.93
CA THR I 17 61.30 -54.00 -12.77
C THR I 17 62.46 -53.06 -13.07
N LEU I 18 62.24 -51.77 -12.87
CA LEU I 18 63.25 -50.74 -13.07
C LEU I 18 63.59 -50.13 -11.71
N SER I 19 64.77 -50.46 -11.19
CA SER I 19 65.22 -49.99 -9.88
C SER I 19 66.54 -49.25 -10.06
N VAL I 20 66.54 -47.97 -9.71
CA VAL I 20 67.73 -47.13 -9.78
C VAL I 20 68.02 -46.65 -8.37
N THR I 21 69.12 -47.11 -7.80
CA THR I 21 69.50 -46.75 -6.44
C THR I 21 70.45 -45.55 -6.44
N CYS I 22 70.15 -44.58 -5.59
CA CYS I 22 70.98 -43.40 -5.42
C CYS I 22 71.62 -43.46 -4.04
N SER I 23 72.90 -43.83 -3.99
CA SER I 23 73.63 -43.89 -2.74
C SER I 23 74.01 -42.50 -2.26
N VAL I 24 74.17 -42.38 -0.94
CA VAL I 24 74.41 -41.11 -0.27
C VAL I 24 75.85 -41.09 0.23
N SER I 25 76.46 -39.90 0.22
CA SER I 25 77.81 -39.71 0.73
C SER I 25 77.86 -38.35 1.43
N GLY I 26 78.03 -38.37 2.74
CA GLY I 26 78.11 -37.15 3.51
C GLY I 26 77.54 -37.38 4.91
N ASP I 27 76.85 -36.35 5.41
CA ASP I 27 76.29 -36.40 6.76
C ASP I 27 75.08 -37.33 6.81
N SER I 28 74.71 -37.72 8.02
CA SER I 28 73.56 -38.59 8.23
C SER I 28 72.26 -37.83 7.99
N MET I 29 71.23 -38.58 7.61
CA MET I 29 69.92 -38.01 7.31
C MET I 29 69.04 -38.06 8.56
N ASN I 30 68.55 -36.90 8.98
CA ASN I 30 67.66 -36.81 10.13
C ASN I 30 66.41 -35.97 9.91
N ASN I 31 66.44 -34.96 9.03
CA ASN I 31 65.28 -34.12 8.78
C ASN I 31 65.01 -33.84 7.32
N TYR I 32 65.99 -33.97 6.43
CA TYR I 32 65.80 -33.60 5.04
C TYR I 32 64.92 -34.62 4.32
N TYR I 33 64.21 -34.15 3.30
CA TYR I 33 63.36 -35.00 2.49
C TYR I 33 64.07 -35.35 1.19
N TRP I 34 63.61 -36.43 0.56
CA TRP I 34 64.21 -36.90 -0.68
C TRP I 34 63.14 -37.00 -1.76
N THR I 35 63.58 -36.82 -3.02
CA THR I 35 62.66 -36.72 -4.14
C THR I 35 63.34 -37.26 -5.38
N TRP I 36 62.53 -37.82 -6.28
CA TRP I 36 63.00 -38.29 -7.58
C TRP I 36 62.36 -37.45 -8.69
N ILE I 37 63.14 -37.13 -9.71
CA ILE I 37 62.71 -36.29 -10.81
C ILE I 37 62.96 -37.02 -12.12
N ARG I 38 62.00 -36.95 -13.04
CA ARG I 38 62.12 -37.55 -14.35
C ARG I 38 62.08 -36.46 -15.41
N GLN I 39 62.96 -36.57 -16.40
CA GLN I 39 63.01 -35.58 -17.48
C GLN I 39 63.12 -36.32 -18.81
N SER I 40 62.16 -36.09 -19.70
CA SER I 40 62.17 -36.70 -21.02
C SER I 40 62.61 -35.68 -22.07
N PRO I 41 63.35 -36.10 -23.10
CA PRO I 41 63.76 -35.16 -24.15
C PRO I 41 62.58 -34.62 -24.93
N GLY I 42 62.34 -33.31 -24.80
CA GLY I 42 61.20 -32.66 -25.40
C GLY I 42 60.15 -32.22 -24.39
N LYS I 43 60.22 -32.73 -23.16
CA LYS I 43 59.30 -32.36 -22.10
C LYS I 43 60.08 -31.87 -20.90
N GLY I 44 59.37 -31.19 -20.00
CA GLY I 44 59.98 -30.62 -18.82
C GLY I 44 60.27 -31.67 -17.76
N LEU I 45 60.53 -31.18 -16.55
CA LEU I 45 60.83 -32.05 -15.43
C LEU I 45 59.54 -32.60 -14.83
N GLU I 46 59.59 -33.85 -14.38
CA GLU I 46 58.42 -34.56 -13.85
C GLU I 46 58.65 -34.84 -12.36
N TRP I 47 58.01 -34.05 -11.51
CA TRP I 47 58.06 -34.26 -10.07
C TRP I 47 57.11 -35.39 -9.71
N ILE I 48 57.65 -36.59 -9.50
CA ILE I 48 56.84 -37.79 -9.38
C ILE I 48 56.41 -38.03 -7.94
N GLY I 49 57.21 -37.59 -6.98
CA GLY I 49 56.86 -37.78 -5.59
C GLY I 49 58.07 -37.68 -4.69
N TYR I 50 57.78 -37.62 -3.39
CA TYR I 50 58.80 -37.45 -2.37
C TYR I 50 58.62 -38.50 -1.29
N ILE I 51 59.65 -38.66 -0.45
CA ILE I 51 59.62 -39.63 0.63
C ILE I 51 59.94 -38.90 1.94
N SER I 52 59.39 -39.43 3.03
CA SER I 52 59.60 -38.88 4.36
C SER I 52 59.73 -40.03 5.35
N ASP I 53 60.00 -39.67 6.61
CA ASP I 53 60.16 -40.65 7.68
C ASP I 53 58.84 -41.21 8.19
N ARG I 54 57.70 -40.71 7.71
CA ARG I 54 56.39 -41.18 8.16
C ARG I 54 55.80 -42.24 7.23
N GLU I 55 56.64 -42.90 6.44
CA GLU I 55 56.21 -43.96 5.52
C GLU I 55 55.16 -43.44 4.53
N SER I 56 55.20 -42.16 4.22
CA SER I 56 54.25 -41.55 3.30
C SER I 56 54.77 -41.67 1.87
N ALA I 57 53.97 -42.26 0.99
CA ALA I 57 54.34 -42.46 -0.42
C ALA I 57 53.19 -41.93 -1.28
N THR I 58 53.22 -40.63 -1.56
CA THR I 58 52.22 -39.99 -2.42
C THR I 58 52.88 -39.56 -3.73
N TYR I 59 52.08 -39.56 -4.79
CA TYR I 59 52.58 -39.28 -6.13
C TYR I 59 51.57 -38.41 -6.87
N ASN I 60 51.85 -38.16 -8.14
CA ASN I 60 50.96 -37.35 -8.96
C ASN I 60 49.67 -38.10 -9.24
N PRO I 61 48.53 -37.40 -9.30
CA PRO I 61 47.27 -38.06 -9.63
C PRO I 61 47.16 -38.46 -11.09
N SER I 62 48.11 -38.08 -11.93
CA SER I 62 48.08 -38.40 -13.36
C SER I 62 49.11 -39.45 -13.75
N LEU I 63 49.95 -39.89 -12.82
CA LEU I 63 50.96 -40.91 -13.11
C LEU I 63 50.42 -42.33 -12.89
N ASN I 64 49.10 -42.49 -12.86
CA ASN I 64 48.43 -43.80 -12.86
C ASN I 64 48.71 -44.60 -11.59
N SER I 65 49.50 -44.04 -10.67
CA SER I 65 49.81 -44.67 -9.39
C SER I 65 50.34 -46.10 -9.59
N ARG I 66 51.33 -46.23 -10.48
CA ARG I 66 51.94 -47.52 -10.77
C ARG I 66 53.40 -47.58 -10.33
N VAL I 67 53.94 -46.52 -9.75
CA VAL I 67 55.32 -46.47 -9.29
C VAL I 67 55.32 -46.31 -7.78
N VAL I 68 56.27 -46.98 -7.11
CA VAL I 68 56.39 -46.93 -5.66
C VAL I 68 57.80 -46.53 -5.29
N ILE I 69 57.93 -45.75 -4.23
CA ILE I 69 59.23 -45.35 -3.70
C ILE I 69 59.49 -46.16 -2.43
N SER I 70 60.77 -46.25 -2.06
CA SER I 70 61.13 -46.98 -0.86
C SER I 70 62.49 -46.52 -0.38
N ARG I 71 62.73 -46.68 0.92
CA ARG I 71 64.01 -46.32 1.53
C ARG I 71 64.40 -47.41 2.51
N ASP I 72 65.63 -47.91 2.39
CA ASP I 72 66.17 -48.94 3.26
C ASP I 72 67.21 -48.29 4.18
N THR I 73 66.93 -48.30 5.48
CA THR I 73 67.84 -47.69 6.44
C THR I 73 69.05 -48.59 6.71
N SER I 74 68.91 -49.90 6.47
CA SER I 74 70.04 -50.81 6.66
C SER I 74 71.19 -50.45 5.73
N LYS I 75 70.95 -50.51 4.43
CA LYS I 75 71.94 -50.06 3.45
C LYS I 75 71.99 -48.54 3.34
N ASN I 76 71.04 -47.83 3.94
CA ASN I 76 70.95 -46.37 3.86
C ASN I 76 70.86 -45.91 2.40
N GLN I 77 69.86 -46.43 1.70
CA GLN I 77 69.66 -46.13 0.29
C GLN I 77 68.19 -45.86 0.03
N LEU I 78 67.92 -45.30 -1.15
CA LEU I 78 66.56 -44.99 -1.58
C LEU I 78 66.38 -45.48 -3.01
N SER I 79 65.31 -46.22 -3.26
CA SER I 79 65.08 -46.82 -4.56
C SER I 79 63.62 -46.63 -4.98
N LEU I 80 63.36 -46.97 -6.25
CA LEU I 80 62.03 -46.88 -6.83
C LEU I 80 61.75 -48.15 -7.60
N LYS I 81 60.46 -48.49 -7.70
CA LYS I 81 60.00 -49.67 -8.42
C LYS I 81 58.83 -49.26 -9.31
N LEU I 82 58.98 -49.44 -10.61
CA LEU I 82 57.94 -49.12 -11.58
C LEU I 82 57.76 -50.34 -12.48
N ASN I 83 56.64 -51.04 -12.31
CA ASN I 83 56.33 -52.21 -13.11
C ASN I 83 55.46 -51.84 -14.30
N SER I 84 55.37 -52.76 -15.26
CA SER I 84 54.61 -52.58 -16.49
C SER I 84 55.00 -51.27 -17.19
N VAL I 85 56.27 -51.21 -17.58
CA VAL I 85 56.79 -50.01 -18.25
C VAL I 85 56.46 -50.06 -19.74
N THR I 86 56.50 -48.88 -20.36
CA THR I 86 56.23 -48.67 -21.77
C THR I 86 57.50 -48.17 -22.47
N PRO I 87 57.83 -48.71 -23.65
CA PRO I 87 59.05 -48.27 -24.34
C PRO I 87 59.12 -46.78 -24.60
N ALA I 88 58.00 -46.07 -24.52
CA ALA I 88 57.97 -44.62 -24.71
C ALA I 88 58.28 -43.85 -23.43
N ASP I 89 58.92 -44.50 -22.45
CA ASP I 89 59.22 -43.89 -21.17
C ASP I 89 60.72 -43.67 -20.95
N THR I 90 61.49 -43.56 -22.04
CA THR I 90 62.91 -43.26 -21.90
C THR I 90 63.09 -41.85 -21.37
N ALA I 91 63.95 -41.70 -20.36
CA ALA I 91 64.12 -40.42 -19.70
C ALA I 91 65.33 -40.48 -18.77
N VAL I 92 65.75 -39.32 -18.30
CA VAL I 92 66.82 -39.23 -17.31
C VAL I 92 66.20 -39.07 -15.94
N TYR I 93 66.77 -39.77 -14.96
CA TYR I 93 66.23 -39.85 -13.60
C TYR I 93 67.23 -39.25 -12.63
N TYR I 94 66.81 -38.25 -11.88
CA TYR I 94 67.62 -37.61 -10.85
C TYR I 94 67.08 -37.94 -9.46
N CYS I 95 68.00 -38.13 -8.52
CA CYS I 95 67.66 -38.40 -7.12
C CYS I 95 68.21 -37.23 -6.29
N ALA I 96 67.33 -36.32 -5.89
CA ALA I 96 67.76 -35.11 -5.20
C ALA I 96 67.10 -35.04 -3.83
N THR I 97 67.46 -34.00 -3.08
CA THR I 97 66.90 -33.75 -1.76
C THR I 97 66.15 -32.42 -1.76
N ALA I 98 65.31 -32.25 -0.74
CA ALA I 98 64.45 -31.08 -0.66
C ALA I 98 64.09 -30.83 0.80
N ARG I 99 63.68 -29.58 1.06
CA ARG I 99 63.31 -29.12 2.39
C ARG I 99 61.92 -28.52 2.35
N ARG I 100 61.16 -28.74 3.42
CA ARG I 100 59.79 -28.26 3.51
C ARG I 100 59.74 -26.94 4.27
N GLY I 101 59.04 -25.96 3.73
CA GLY I 101 58.80 -24.72 4.42
C GLY I 101 57.31 -24.41 4.45
N GLN I 102 56.92 -23.56 5.40
CA GLN I 102 55.54 -23.17 5.55
C GLN I 102 55.40 -21.67 5.34
N ARG I 103 54.25 -21.27 4.83
CA ARG I 103 53.95 -19.85 4.58
C ARG I 103 52.64 -19.50 5.26
N ILE I 104 52.67 -18.51 6.14
CA ILE I 104 51.52 -18.12 6.94
C ILE I 104 51.06 -16.73 6.50
N TYR I 105 49.76 -16.58 6.34
CA TYR I 105 49.18 -15.29 5.97
C TYR I 105 48.05 -14.90 6.92
N GLY I 106 47.44 -15.89 7.55
CA GLY I 106 46.33 -15.62 8.45
C GLY I 106 46.65 -15.87 9.90
N VAL I 107 45.88 -16.75 10.53
CA VAL I 107 46.06 -17.10 11.94
C VAL I 107 46.47 -18.57 12.01
N VAL I 108 47.44 -18.88 12.86
CA VAL I 108 47.88 -20.27 12.97
C VAL I 108 46.84 -21.10 13.71
N SER I 109 46.00 -20.47 14.54
CA SER I 109 45.04 -21.24 15.33
C SER I 109 43.99 -21.91 14.47
N PHE I 110 43.65 -21.32 13.32
CA PHE I 110 42.63 -21.87 12.44
C PHE I 110 43.19 -22.62 11.24
N GLY I 111 44.50 -22.52 11.01
CA GLY I 111 45.12 -23.26 9.92
C GLY I 111 45.11 -22.55 8.58
N GLU I 112 45.43 -21.26 8.58
CA GLU I 112 45.61 -20.51 7.34
C GLU I 112 47.08 -20.48 6.91
N PHE I 113 47.68 -21.66 6.80
CA PHE I 113 49.05 -21.80 6.33
C PHE I 113 49.10 -22.94 5.32
N PHE I 114 50.22 -23.03 4.62
CA PHE I 114 50.40 -24.11 3.65
C PHE I 114 51.88 -24.37 3.46
N TYR I 115 52.19 -25.60 3.07
CA TYR I 115 53.56 -26.07 2.91
C TYR I 115 54.00 -25.99 1.45
N TYR I 116 55.32 -25.98 1.26
CA TYR I 116 55.91 -26.02 -0.07
C TYR I 116 57.32 -26.56 0.06
N TYR I 117 57.71 -27.41 -0.90
CA TYR I 117 59.01 -28.07 -0.88
C TYR I 117 59.96 -27.40 -1.86
N SER I 118 61.22 -27.31 -1.47
CA SER I 118 62.25 -26.72 -2.32
C SER I 118 63.45 -27.67 -2.39
N MET I 119 63.82 -28.06 -3.61
CA MET I 119 64.96 -28.95 -3.81
C MET I 119 66.23 -28.11 -3.86
N ASP I 120 67.03 -28.18 -2.78
CA ASP I 120 68.22 -27.35 -2.68
C ASP I 120 69.45 -28.04 -3.26
N VAL I 121 69.76 -29.24 -2.78
CA VAL I 121 70.92 -30.01 -3.26
C VAL I 121 70.43 -31.06 -4.25
N TRP I 122 71.08 -31.12 -5.40
CA TRP I 122 70.71 -32.01 -6.48
C TRP I 122 71.75 -33.14 -6.60
N GLY I 123 71.55 -33.99 -7.60
CA GLY I 123 72.47 -35.06 -7.89
C GLY I 123 73.02 -34.99 -9.29
N LYS I 124 73.47 -36.13 -9.83
CA LYS I 124 74.01 -36.19 -11.18
C LYS I 124 72.95 -36.61 -12.19
N GLY I 125 72.33 -37.77 -12.00
CA GLY I 125 71.29 -38.25 -12.89
C GLY I 125 71.81 -39.01 -14.09
N THR I 126 71.18 -40.13 -14.40
CA THR I 126 71.53 -40.93 -15.56
C THR I 126 70.29 -41.17 -16.40
N THR I 127 70.51 -41.46 -17.68
CA THR I 127 69.43 -41.66 -18.64
C THR I 127 69.17 -43.15 -18.81
N VAL I 128 67.90 -43.54 -18.68
CA VAL I 128 67.46 -44.91 -18.89
C VAL I 128 66.57 -44.93 -20.12
N THR I 129 66.89 -45.83 -21.06
CA THR I 129 66.14 -46.00 -22.30
C THR I 129 65.53 -47.39 -22.29
N VAL I 130 64.21 -47.46 -22.28
CA VAL I 130 63.47 -48.72 -22.28
C VAL I 130 62.89 -48.94 -23.67
N SER I 131 62.92 -50.20 -24.12
CA SER I 131 62.45 -50.57 -25.44
C SER I 131 62.42 -52.09 -25.51
N SER I 132 61.86 -52.60 -26.61
CA SER I 132 61.78 -54.04 -26.83
C SER I 132 63.10 -54.64 -27.33
N ALA I 133 64.13 -53.82 -27.52
CA ALA I 133 65.42 -54.32 -27.99
C ALA I 133 66.57 -53.64 -27.24
N VAL J 1 -15.73 -8.65 -63.76
CA VAL J 1 -16.80 -9.20 -64.59
C VAL J 1 -18.06 -9.42 -63.75
N ARG J 2 -19.03 -8.53 -63.91
CA ARG J 2 -20.28 -8.62 -63.17
C ARG J 2 -21.39 -7.94 -63.96
N PRO J 3 -22.40 -8.68 -64.41
CA PRO J 3 -23.46 -8.10 -65.21
C PRO J 3 -24.51 -7.39 -64.36
N LEU J 4 -25.32 -6.58 -65.03
CA LEU J 4 -26.44 -5.90 -64.38
C LEU J 4 -27.48 -5.60 -65.44
N SER J 5 -28.65 -6.23 -65.33
CA SER J 5 -29.72 -6.10 -66.30
C SER J 5 -30.75 -5.09 -65.80
N VAL J 6 -30.91 -4.00 -66.52
CA VAL J 6 -31.88 -2.95 -66.18
C VAL J 6 -32.61 -2.54 -67.45
N ALA J 7 -33.93 -2.65 -67.44
CA ALA J 7 -34.73 -2.37 -68.62
C ALA J 7 -34.71 -0.86 -68.94
N LEU J 8 -35.30 -0.53 -70.07
CA LEU J 8 -35.36 0.87 -70.50
C LEU J 8 -36.38 1.63 -69.67
N GLY J 9 -35.99 2.82 -69.21
CA GLY J 9 -36.83 3.64 -68.38
C GLY J 9 -36.49 3.62 -66.90
N GLU J 10 -35.67 2.66 -66.47
CA GLU J 10 -35.25 2.54 -65.08
C GLU J 10 -33.87 3.17 -64.90
N THR J 11 -33.69 3.86 -63.78
CA THR J 11 -32.44 4.54 -63.46
C THR J 11 -31.60 3.61 -62.59
N ALA J 12 -30.47 3.15 -63.13
CA ALA J 12 -29.60 2.23 -62.40
C ALA J 12 -28.42 2.97 -61.79
N ARG J 13 -27.73 2.29 -60.87
CA ARG J 13 -26.58 2.82 -60.17
C ARG J 13 -25.54 1.72 -60.02
N ILE J 14 -24.34 1.97 -60.52
CA ILE J 14 -23.24 1.01 -60.47
C ILE J 14 -22.12 1.57 -59.60
N SER J 15 -21.60 0.75 -58.70
CA SER J 15 -20.55 1.17 -57.78
C SER J 15 -19.25 0.44 -58.12
N CYS J 16 -18.17 0.89 -57.48
CA CYS J 16 -16.86 0.29 -57.67
C CYS J 16 -16.67 -0.86 -56.68
N GLY J 17 -15.91 -1.87 -57.11
CA GLY J 17 -15.71 -3.03 -56.27
C GLY J 17 -14.81 -2.75 -55.08
N ARG J 18 -13.64 -2.15 -55.33
CA ARG J 18 -12.68 -1.88 -54.27
C ARG J 18 -13.03 -0.56 -53.59
N GLN J 19 -13.25 -0.62 -52.28
CA GLN J 19 -13.58 0.58 -51.52
C GLN J 19 -12.32 1.41 -51.27
N ALA J 20 -12.53 2.65 -50.86
CA ALA J 20 -11.45 3.59 -50.61
C ALA J 20 -11.24 3.79 -49.12
N LEU J 21 -10.10 4.37 -48.77
CA LEU J 21 -9.72 4.62 -47.37
C LEU J 21 -9.15 6.04 -47.30
N GLY J 22 -9.99 7.01 -46.95
CA GLY J 22 -9.53 8.38 -46.78
C GLY J 22 -9.93 9.30 -47.91
N SER J 23 -9.09 10.30 -48.20
CA SER J 23 -9.38 11.22 -49.30
C SER J 23 -9.47 10.45 -50.61
N ARG J 24 -10.46 10.80 -51.42
CA ARG J 24 -10.83 9.99 -52.56
C ARG J 24 -10.89 10.82 -53.83
N ALA J 25 -10.57 10.19 -54.95
CA ALA J 25 -10.74 10.78 -56.27
C ALA J 25 -11.04 9.65 -57.24
N VAL J 26 -12.23 9.66 -57.85
CA VAL J 26 -12.69 8.58 -58.69
C VAL J 26 -12.88 9.09 -60.10
N GLN J 27 -12.46 8.29 -61.08
CA GLN J 27 -12.69 8.56 -62.49
C GLN J 27 -13.49 7.41 -63.10
N TRP J 28 -14.29 7.72 -64.12
CA TRP J 28 -15.14 6.75 -64.77
C TRP J 28 -14.80 6.68 -66.25
N TYR J 29 -14.88 5.47 -66.80
CA TYR J 29 -14.59 5.24 -68.21
C TYR J 29 -15.64 4.31 -68.80
N GLN J 30 -15.97 4.51 -70.06
CA GLN J 30 -16.87 3.63 -70.79
C GLN J 30 -16.16 3.10 -72.03
N HIS J 31 -16.36 1.81 -72.30
CA HIS J 31 -15.69 1.15 -73.42
C HIS J 31 -16.68 0.24 -74.11
N ARG J 32 -16.84 0.43 -75.42
CA ARG J 32 -17.61 -0.44 -76.30
C ARG J 32 -16.65 -1.36 -77.06
N PRO J 33 -17.04 -2.61 -77.30
CA PRO J 33 -16.16 -3.52 -78.05
C PRO J 33 -15.92 -3.04 -79.47
N GLY J 34 -14.69 -2.64 -79.77
CA GLY J 34 -14.33 -2.13 -81.08
C GLY J 34 -14.14 -0.64 -81.14
N GLN J 35 -14.71 0.11 -80.20
CA GLN J 35 -14.61 1.56 -80.17
C GLN J 35 -13.47 1.99 -79.25
N ALA J 36 -13.32 3.30 -79.09
CA ALA J 36 -12.28 3.84 -78.22
C ALA J 36 -12.88 4.25 -76.87
N PRO J 37 -12.20 3.92 -75.77
CA PRO J 37 -12.72 4.30 -74.45
C PRO J 37 -12.70 5.81 -74.26
N ILE J 38 -13.79 6.32 -73.70
CA ILE J 38 -13.95 7.75 -73.43
C ILE J 38 -14.33 7.92 -71.97
N LEU J 39 -13.65 8.83 -71.27
CA LEU J 39 -13.96 9.09 -69.88
C LEU J 39 -15.32 9.77 -69.74
N LEU J 40 -15.92 9.61 -68.56
CA LEU J 40 -17.22 10.19 -68.27
C LEU J 40 -17.15 11.28 -67.21
N ILE J 41 -16.62 10.98 -66.03
CA ILE J 41 -16.53 11.94 -64.93
C ILE J 41 -15.13 11.86 -64.33
N TYR J 42 -14.60 13.01 -63.94
CA TYR J 42 -13.34 13.09 -63.21
C TYR J 42 -13.49 14.10 -62.08
N ASN J 43 -12.71 13.89 -61.02
CA ASN J 43 -12.74 14.68 -59.79
C ASN J 43 -14.07 14.57 -59.05
N ASN J 44 -14.95 13.66 -59.48
CA ASN J 44 -16.17 13.30 -58.78
C ASN J 44 -17.25 14.37 -58.87
N GLN J 45 -16.92 15.54 -59.41
CA GLN J 45 -17.91 16.58 -59.58
C GLN J 45 -17.80 17.33 -60.91
N ASP J 46 -16.71 17.18 -61.66
CA ASP J 46 -16.52 17.92 -62.89
C ASP J 46 -17.18 17.20 -64.06
N ARG J 47 -17.63 17.99 -65.03
CA ARG J 47 -18.24 17.49 -66.25
C ARG J 47 -17.36 17.87 -67.45
N PRO J 48 -16.98 16.91 -68.28
CA PRO J 48 -16.10 17.22 -69.41
C PRO J 48 -16.88 17.92 -70.52
N SER J 49 -16.19 18.18 -71.63
CA SER J 49 -16.77 18.83 -72.78
C SER J 49 -17.29 17.78 -73.75
N GLY J 50 -18.60 17.81 -74.02
CA GLY J 50 -19.19 16.86 -74.94
C GLY J 50 -19.86 15.68 -74.25
N ILE J 51 -20.65 15.95 -73.22
CA ILE J 51 -21.36 14.90 -72.50
C ILE J 51 -22.70 15.47 -72.03
N PRO J 52 -23.78 14.70 -72.10
CA PRO J 52 -25.06 15.18 -71.56
C PRO J 52 -25.01 15.27 -70.04
N GLU J 53 -25.72 16.26 -69.51
CA GLU J 53 -25.77 16.46 -68.06
C GLU J 53 -26.81 15.55 -67.43
N ARG J 54 -26.74 14.25 -67.71
CA ARG J 54 -27.64 13.27 -67.13
C ARG J 54 -26.95 12.32 -66.17
N PHE J 55 -25.62 12.27 -66.18
CA PHE J 55 -24.84 11.41 -65.28
C PHE J 55 -24.41 12.26 -64.09
N SER J 56 -25.08 12.06 -62.96
CA SER J 56 -24.79 12.83 -61.75
C SER J 56 -23.70 12.14 -60.94
N GLY J 57 -22.63 12.86 -60.64
CA GLY J 57 -21.53 12.33 -59.87
C GLY J 57 -21.86 12.24 -58.40
N THR J 58 -20.89 11.73 -57.63
CA THR J 58 -21.03 11.57 -56.19
C THR J 58 -20.10 12.53 -55.47
N PRO J 59 -20.60 13.64 -54.94
CA PRO J 59 -19.72 14.57 -54.21
C PRO J 59 -19.21 13.93 -52.93
N ASP J 60 -17.92 14.15 -52.67
CA ASP J 60 -17.25 13.58 -51.49
C ASP J 60 -17.10 14.68 -50.46
N ILE J 61 -18.14 14.87 -49.65
CA ILE J 61 -18.13 15.80 -48.54
C ILE J 61 -18.50 15.03 -47.28
N ASN J 62 -17.84 15.35 -46.17
CA ASN J 62 -18.05 14.66 -44.89
C ASN J 62 -17.84 13.15 -45.05
N PHE J 63 -16.56 12.82 -45.31
CA PHE J 63 -16.14 11.47 -45.65
C PHE J 63 -16.83 10.41 -44.80
N GLY J 64 -17.17 9.29 -45.45
CA GLY J 64 -17.93 8.23 -44.84
C GLY J 64 -18.89 7.61 -45.84
N THR J 65 -18.99 8.24 -47.01
CA THR J 65 -19.86 7.77 -48.09
C THR J 65 -19.07 6.87 -49.02
N ARG J 66 -19.68 6.53 -50.15
CA ARG J 66 -19.06 5.67 -51.16
C ARG J 66 -19.19 6.33 -52.53
N ALA J 67 -18.58 5.70 -53.52
CA ALA J 67 -18.61 6.18 -54.90
C ALA J 67 -19.54 5.31 -55.73
N THR J 68 -20.36 5.96 -56.56
CA THR J 68 -21.32 5.26 -57.40
C THR J 68 -21.73 6.17 -58.54
N LEU J 69 -21.76 5.62 -59.76
CA LEU J 69 -22.19 6.33 -60.95
C LEU J 69 -23.60 5.88 -61.30
N THR J 70 -24.51 6.85 -61.46
CA THR J 70 -25.89 6.57 -61.80
C THR J 70 -26.15 6.92 -63.26
N ILE J 71 -27.21 6.33 -63.81
CA ILE J 71 -27.62 6.58 -65.19
C ILE J 71 -29.07 7.06 -65.15
N SER J 72 -29.29 8.29 -65.61
CA SER J 72 -30.62 8.88 -65.68
C SER J 72 -31.01 9.07 -67.14
N GLY J 73 -32.14 8.49 -67.53
CA GLY J 73 -32.58 8.55 -68.90
C GLY J 73 -31.70 7.74 -69.83
N VAL J 74 -31.73 6.42 -69.67
CA VAL J 74 -30.90 5.54 -70.49
C VAL J 74 -31.42 5.52 -71.91
N GLU J 75 -30.52 5.49 -72.88
CA GLU J 75 -30.85 5.46 -74.30
C GLU J 75 -30.17 4.25 -74.95
N ALA J 76 -30.23 4.20 -76.29
CA ALA J 76 -29.63 3.09 -77.01
C ALA J 76 -28.12 3.13 -76.93
N GLY J 77 -27.54 4.33 -76.89
CA GLY J 77 -26.10 4.46 -76.82
C GLY J 77 -25.48 4.19 -75.46
N ASP J 78 -26.30 4.07 -74.42
CA ASP J 78 -25.80 3.85 -73.06
C ASP J 78 -25.82 2.35 -72.73
N GLU J 79 -24.99 1.60 -73.46
CA GLU J 79 -24.89 0.16 -73.23
C GLU J 79 -23.47 -0.26 -73.63
N ALA J 80 -22.59 -0.37 -72.64
CA ALA J 80 -21.20 -0.75 -72.85
C ALA J 80 -20.62 -1.22 -71.53
N ASP J 81 -19.30 -1.40 -71.49
CA ASP J 81 -18.61 -1.81 -70.28
C ASP J 81 -18.13 -0.56 -69.53
N TYR J 82 -18.23 -0.59 -68.21
CA TYR J 82 -17.84 0.54 -67.38
C TYR J 82 -16.63 0.19 -66.53
N TYR J 83 -15.77 1.19 -66.33
CA TYR J 83 -14.55 1.03 -65.57
C TYR J 83 -14.45 2.14 -64.54
N CYS J 84 -14.04 1.76 -63.32
CA CYS J 84 -13.87 2.68 -62.20
C CYS J 84 -12.38 2.79 -61.89
N HIS J 85 -11.91 3.99 -61.63
CA HIS J 85 -10.51 4.26 -61.32
C HIS J 85 -10.45 5.01 -59.99
N MET J 86 -9.72 4.44 -59.03
CA MET J 86 -9.64 4.98 -57.68
C MET J 86 -8.27 5.59 -57.43
N TRP J 87 -8.24 6.72 -56.72
CA TRP J 87 -7.00 7.35 -56.31
C TRP J 87 -7.19 7.91 -54.91
N ASP J 88 -6.42 7.39 -53.96
CA ASP J 88 -6.57 7.81 -52.56
C ASP J 88 -5.24 8.21 -51.96
N SER J 89 -5.20 8.39 -50.65
CA SER J 89 -3.99 8.82 -49.96
C SER J 89 -3.26 7.70 -49.23
N ARG J 90 -4.00 6.73 -48.70
CA ARG J 90 -3.41 5.65 -47.91
C ARG J 90 -3.16 4.39 -48.72
N SER J 91 -2.91 4.53 -50.02
CA SER J 91 -2.56 3.40 -50.87
C SER J 91 -1.39 3.66 -51.80
N GLY J 92 -1.00 4.91 -51.99
CA GLY J 92 0.14 5.22 -52.85
C GLY J 92 -0.29 5.43 -54.28
N PHE J 93 0.37 4.74 -55.20
CA PHE J 93 0.13 4.89 -56.63
C PHE J 93 -0.66 3.70 -57.14
N SER J 94 -1.85 3.96 -57.69
CA SER J 94 -2.67 2.92 -58.29
C SER J 94 -2.24 2.71 -59.74
N TRP J 95 -2.17 1.46 -60.16
CA TRP J 95 -1.70 1.09 -61.49
C TRP J 95 -2.78 0.41 -62.34
N SER J 96 -3.42 -0.62 -61.81
CA SER J 96 -4.42 -1.35 -62.56
C SER J 96 -5.78 -0.66 -62.46
N PHE J 97 -6.67 -1.02 -63.38
CA PHE J 97 -8.01 -0.47 -63.41
C PHE J 97 -9.00 -1.28 -62.56
N GLY J 98 -8.65 -2.51 -62.21
CA GLY J 98 -9.53 -3.34 -61.41
C GLY J 98 -10.65 -3.96 -62.23
N GLY J 99 -11.61 -4.54 -61.50
CA GLY J 99 -12.74 -5.18 -62.14
C GLY J 99 -13.66 -4.18 -62.82
N ALA J 100 -14.40 -4.67 -63.81
CA ALA J 100 -15.32 -3.88 -64.60
C ALA J 100 -16.73 -4.47 -64.51
N THR J 101 -17.70 -3.67 -64.95
CA THR J 101 -19.10 -4.08 -64.95
C THR J 101 -19.67 -3.94 -66.35
N ARG J 102 -20.73 -4.70 -66.61
CA ARG J 102 -21.38 -4.74 -67.91
C ARG J 102 -22.86 -4.46 -67.74
N LEU J 103 -23.40 -3.56 -68.57
CA LEU J 103 -24.79 -3.15 -68.48
C LEU J 103 -25.57 -3.72 -69.66
N THR J 104 -26.78 -4.20 -69.39
CA THR J 104 -27.68 -4.71 -70.42
C THR J 104 -29.05 -4.10 -70.23
N VAL J 105 -29.70 -3.75 -71.34
CA VAL J 105 -31.01 -3.12 -71.31
C VAL J 105 -32.04 -4.12 -71.81
N LEU J 106 -33.28 -3.95 -71.35
CA LEU J 106 -34.40 -4.82 -71.72
C LEU J 106 -35.49 -3.98 -72.36
N GLY J 107 -35.86 -4.33 -73.59
CA GLY J 107 -36.91 -3.62 -74.30
C GLY J 107 -36.51 -2.21 -74.72
N VAL K 1 -12.73 -65.02 -1.13
CA VAL K 1 -12.18 -66.28 -0.65
C VAL K 1 -11.12 -66.02 0.41
N ARG K 2 -11.48 -66.25 1.67
CA ARG K 2 -10.56 -66.04 2.78
C ARG K 2 -10.95 -66.93 3.95
N PRO K 3 -10.09 -67.88 4.33
CA PRO K 3 -10.44 -68.80 5.42
C PRO K 3 -10.19 -68.18 6.79
N LEU K 4 -10.77 -68.83 7.79
CA LEU K 4 -10.56 -68.43 9.19
C LEU K 4 -10.78 -69.66 10.06
N SER K 5 -9.73 -70.11 10.73
CA SER K 5 -9.77 -71.32 11.56
C SER K 5 -9.92 -70.93 13.01
N VAL K 6 -11.03 -71.33 13.63
CA VAL K 6 -11.31 -71.04 15.03
C VAL K 6 -11.85 -72.31 15.68
N ALA K 7 -11.19 -72.76 16.73
CA ALA K 7 -11.56 -74.02 17.38
C ALA K 7 -12.89 -73.88 18.11
N LEU K 8 -13.38 -75.00 18.62
CA LEU K 8 -14.65 -75.02 19.33
C LEU K 8 -14.48 -74.39 20.71
N GLY K 9 -15.40 -73.50 21.05
CA GLY K 9 -15.37 -72.79 22.32
C GLY K 9 -14.86 -71.37 22.23
N GLU K 10 -14.27 -70.98 21.10
CA GLU K 10 -13.78 -69.63 20.90
C GLU K 10 -14.78 -68.81 20.11
N THR K 11 -14.94 -67.55 20.48
CA THR K 11 -15.88 -66.65 19.83
C THR K 11 -15.15 -65.87 18.74
N ALA K 12 -15.50 -66.12 17.49
CA ALA K 12 -14.87 -65.47 16.36
C ALA K 12 -15.70 -64.29 15.86
N ARG K 13 -15.07 -63.43 15.07
CA ARG K 13 -15.70 -62.24 14.51
C ARG K 13 -15.21 -62.06 13.09
N ILE K 14 -16.14 -62.05 12.13
CA ILE K 14 -15.81 -61.90 10.72
C ILE K 14 -16.39 -60.57 10.22
N SER K 15 -15.59 -59.83 9.48
CA SER K 15 -15.99 -58.53 8.95
C SER K 15 -16.10 -58.58 7.44
N CYS K 16 -16.69 -57.53 6.88
CA CYS K 16 -16.85 -57.41 5.43
C CYS K 16 -15.62 -56.80 4.81
N GLY K 17 -15.31 -57.21 3.58
CA GLY K 17 -14.12 -56.71 2.92
C GLY K 17 -14.24 -55.25 2.51
N ARG K 18 -15.32 -54.90 1.82
CA ARG K 18 -15.52 -53.55 1.33
C ARG K 18 -16.15 -52.69 2.43
N GLN K 19 -15.47 -51.60 2.79
CA GLN K 19 -15.98 -50.69 3.80
C GLN K 19 -17.09 -49.81 3.21
N ALA K 20 -17.83 -49.17 4.11
CA ALA K 20 -18.95 -48.31 3.74
C ALA K 20 -18.57 -46.85 3.92
N LEU K 21 -19.37 -45.97 3.32
CA LEU K 21 -19.16 -44.52 3.37
C LEU K 21 -20.50 -43.86 3.66
N GLY K 22 -20.76 -43.57 4.93
CA GLY K 22 -21.97 -42.88 5.31
C GLY K 22 -23.01 -43.77 5.97
N SER K 23 -24.28 -43.46 5.75
CA SER K 23 -25.35 -44.28 6.31
C SER K 23 -25.26 -45.70 5.77
N ARG K 24 -25.42 -46.67 6.66
CA ARG K 24 -25.10 -48.06 6.35
C ARG K 24 -26.28 -48.98 6.64
N ALA K 25 -26.37 -50.04 5.87
CA ALA K 25 -27.32 -51.13 6.14
C ALA K 25 -26.68 -52.41 5.63
N VAL K 26 -26.42 -53.35 6.53
CA VAL K 26 -25.70 -54.57 6.19
C VAL K 26 -26.61 -55.77 6.42
N GLN K 27 -26.58 -56.71 5.48
CA GLN K 27 -27.29 -57.97 5.59
C GLN K 27 -26.29 -59.12 5.58
N TRP K 28 -26.64 -60.21 6.25
CA TRP K 28 -25.76 -61.36 6.37
C TRP K 28 -26.46 -62.60 5.82
N TYR K 29 -25.68 -63.46 5.17
CA TYR K 29 -26.21 -64.70 4.61
C TYR K 29 -25.25 -65.84 4.89
N GLN K 30 -25.79 -67.05 5.05
CA GLN K 30 -24.98 -68.24 5.21
C GLN K 30 -25.38 -69.27 4.17
N HIS K 31 -24.38 -69.93 3.59
CA HIS K 31 -24.62 -70.91 2.53
C HIS K 31 -23.74 -72.13 2.77
N ARG K 32 -24.37 -73.30 2.82
CA ARG K 32 -23.70 -74.59 2.86
C ARG K 32 -23.69 -75.21 1.47
N PRO K 33 -22.62 -75.90 1.08
CA PRO K 33 -22.59 -76.54 -0.24
C PRO K 33 -23.66 -77.61 -0.39
N GLY K 34 -24.66 -77.35 -1.23
CA GLY K 34 -25.75 -78.28 -1.45
C GLY K 34 -27.06 -77.85 -0.82
N GLN K 35 -27.03 -76.95 0.16
CA GLN K 35 -28.23 -76.50 0.84
C GLN K 35 -28.68 -75.15 0.27
N ALA K 36 -29.70 -74.57 0.90
CA ALA K 36 -30.23 -73.28 0.45
C ALA K 36 -29.74 -72.17 1.36
N PRO K 37 -29.31 -71.04 0.79
CA PRO K 37 -28.85 -69.92 1.62
C PRO K 37 -29.97 -69.30 2.43
N ILE K 38 -29.69 -69.03 3.70
CA ILE K 38 -30.65 -68.43 4.61
C ILE K 38 -30.00 -67.21 5.26
N LEU K 39 -30.77 -66.12 5.35
CA LEU K 39 -30.24 -64.90 5.96
C LEU K 39 -30.03 -65.10 7.46
N LEU K 40 -29.19 -64.25 8.03
CA LEU K 40 -28.91 -64.25 9.46
C LEU K 40 -29.39 -62.98 10.15
N ILE K 41 -28.92 -61.82 9.71
CA ILE K 41 -29.30 -60.54 10.29
C ILE K 41 -29.58 -59.55 9.18
N TYR K 42 -30.59 -58.71 9.39
CA TYR K 42 -30.89 -57.60 8.49
C TYR K 42 -31.16 -56.35 9.32
N ASN K 43 -30.95 -55.20 8.70
CA ASN K 43 -31.06 -53.88 9.34
C ASN K 43 -30.08 -53.68 10.48
N ASN K 44 -29.11 -54.59 10.63
CA ASN K 44 -27.98 -54.46 11.55
C ASN K 44 -28.38 -54.60 13.01
N GLN K 45 -29.68 -54.66 13.31
CA GLN K 45 -30.12 -54.90 14.67
C GLN K 45 -31.30 -55.85 14.78
N ASP K 46 -31.99 -56.17 13.70
CA ASP K 46 -33.19 -57.00 13.75
C ASP K 46 -32.81 -58.48 13.77
N ARG K 47 -33.66 -59.27 14.42
CA ARG K 47 -33.50 -60.71 14.49
C ARG K 47 -34.66 -61.38 13.78
N PRO K 48 -34.40 -62.27 12.84
CA PRO K 48 -35.48 -62.93 12.10
C PRO K 48 -36.18 -63.98 12.95
N SER K 49 -37.12 -64.68 12.34
CA SER K 49 -37.88 -65.74 13.01
C SER K 49 -37.22 -67.09 12.71
N GLY K 50 -36.79 -67.78 13.76
CA GLY K 50 -36.17 -69.07 13.60
C GLY K 50 -34.66 -69.03 13.62
N ILE K 51 -34.10 -68.31 14.60
CA ILE K 51 -32.65 -68.20 14.75
C ILE K 51 -32.34 -68.10 16.24
N PRO K 52 -31.29 -68.76 16.74
CA PRO K 52 -30.91 -68.57 18.14
C PRO K 52 -30.38 -67.17 18.39
N GLU K 53 -30.65 -66.66 19.58
CA GLU K 53 -30.20 -65.32 19.95
C GLU K 53 -28.76 -65.33 20.43
N ARG K 54 -27.87 -65.91 19.63
CA ARG K 54 -26.44 -65.96 19.96
C ARG K 54 -25.60 -65.13 19.01
N PHE K 55 -26.15 -64.71 17.86
CA PHE K 55 -25.43 -63.88 16.90
C PHE K 55 -25.85 -62.43 17.15
N SER K 56 -24.97 -61.68 17.83
CA SER K 56 -25.25 -60.30 18.16
C SER K 56 -24.83 -59.39 17.02
N GLY K 57 -25.75 -58.55 16.55
CA GLY K 57 -25.46 -57.64 15.47
C GLY K 57 -24.62 -56.46 15.91
N THR K 58 -24.28 -55.61 14.94
CA THR K 58 -23.47 -54.43 15.19
C THR K 58 -24.32 -53.18 15.02
N PRO K 59 -24.76 -52.55 16.12
CA PRO K 59 -25.56 -51.33 15.98
C PRO K 59 -24.76 -50.19 15.38
N ASP K 60 -25.38 -49.44 14.48
CA ASP K 60 -24.75 -48.32 13.79
C ASP K 60 -25.27 -47.03 14.38
N ILE K 61 -24.61 -46.57 15.45
CA ILE K 61 -24.91 -45.30 16.08
C ILE K 61 -23.61 -44.50 16.16
N ASN K 62 -23.70 -43.19 15.93
CA ASN K 62 -22.54 -42.31 15.94
C ASN K 62 -21.49 -42.79 14.93
N PHE K 63 -21.87 -42.66 13.66
CA PHE K 63 -21.11 -43.21 12.53
C PHE K 63 -19.62 -43.00 12.69
N GLY K 64 -18.85 -44.02 12.31
CA GLY K 64 -17.41 -44.03 12.50
C GLY K 64 -16.93 -45.42 12.84
N THR K 65 -17.87 -46.34 13.06
CA THR K 65 -17.56 -47.73 13.39
C THR K 65 -17.57 -48.56 12.11
N ARG K 66 -17.50 -49.88 12.27
CA ARG K 66 -17.50 -50.81 11.16
C ARG K 66 -18.55 -51.89 11.41
N ALA K 67 -18.72 -52.76 10.42
CA ALA K 67 -19.67 -53.86 10.50
C ALA K 67 -18.93 -55.18 10.67
N THR K 68 -19.43 -56.03 11.57
CA THR K 68 -18.80 -57.31 11.86
C THR K 68 -19.82 -58.24 12.50
N LEU K 69 -19.86 -59.47 12.03
CA LEU K 69 -20.72 -60.51 12.57
C LEU K 69 -19.90 -61.42 13.49
N THR K 70 -20.35 -61.58 14.73
CA THR K 70 -19.69 -62.42 15.70
C THR K 70 -20.46 -63.72 15.89
N ILE K 71 -19.76 -64.75 16.34
CA ILE K 71 -20.34 -66.05 16.62
C ILE K 71 -20.05 -66.40 18.07
N SER K 72 -21.09 -66.53 18.88
CA SER K 72 -20.97 -66.88 20.29
C SER K 72 -21.59 -68.25 20.52
N GLY K 73 -20.79 -69.16 21.09
CA GLY K 73 -21.26 -70.51 21.31
C GLY K 73 -21.43 -71.28 20.02
N VAL K 74 -20.33 -71.52 19.32
CA VAL K 74 -20.40 -72.21 18.03
C VAL K 74 -20.68 -73.70 18.26
N GLU K 75 -21.51 -74.26 17.38
CA GLU K 75 -21.86 -75.68 17.44
C GLU K 75 -21.54 -76.33 16.09
N ALA K 76 -21.98 -77.58 15.94
CA ALA K 76 -21.68 -78.32 14.72
C ALA K 76 -22.40 -77.72 13.51
N GLY K 77 -23.55 -77.09 13.73
CA GLY K 77 -24.32 -76.53 12.64
C GLY K 77 -23.80 -75.22 12.10
N ASP K 78 -22.91 -74.54 12.82
CA ASP K 78 -22.38 -73.25 12.40
C ASP K 78 -21.02 -73.42 11.71
N GLU K 79 -21.06 -74.01 10.51
CA GLU K 79 -19.84 -74.17 9.72
C GLU K 79 -20.25 -74.17 8.25
N ALA K 80 -20.11 -73.01 7.61
CA ALA K 80 -20.49 -72.84 6.21
C ALA K 80 -19.82 -71.57 5.69
N ASP K 81 -20.20 -71.15 4.49
CA ASP K 81 -19.68 -69.93 3.89
C ASP K 81 -20.57 -68.75 4.27
N TYR K 82 -19.96 -67.60 4.52
CA TYR K 82 -20.69 -66.41 4.93
C TYR K 82 -20.60 -65.34 3.85
N TYR K 83 -21.66 -64.55 3.73
CA TYR K 83 -21.77 -63.50 2.73
C TYR K 83 -22.26 -62.22 3.40
N CYS K 84 -21.61 -61.12 3.05
CA CYS K 84 -21.96 -59.79 3.55
C CYS K 84 -22.53 -58.97 2.40
N HIS K 85 -23.63 -58.26 2.68
CA HIS K 85 -24.31 -57.42 1.70
C HIS K 85 -24.37 -56.00 2.24
N MET K 86 -23.84 -55.06 1.48
CA MET K 86 -23.75 -53.65 1.90
C MET K 86 -24.73 -52.80 1.13
N TRP K 87 -25.35 -51.83 1.82
CA TRP K 87 -26.21 -50.85 1.17
C TRP K 87 -25.97 -49.51 1.85
N ASP K 88 -25.48 -48.54 1.09
CA ASP K 88 -25.16 -47.22 1.64
C ASP K 88 -25.82 -46.12 0.82
N SER K 89 -25.44 -44.87 1.09
CA SER K 89 -26.03 -43.72 0.42
C SER K 89 -25.13 -43.13 -0.67
N ARG K 90 -23.82 -43.21 -0.51
CA ARG K 90 -22.89 -42.58 -1.45
C ARG K 90 -22.32 -43.59 -2.45
N SER K 91 -23.08 -44.63 -2.78
CA SER K 91 -22.67 -45.58 -3.80
C SER K 91 -23.78 -45.96 -4.77
N GLY K 92 -25.03 -45.65 -4.47
CA GLY K 92 -26.12 -45.94 -5.38
C GLY K 92 -26.71 -47.31 -5.13
N PHE K 93 -26.82 -48.11 -6.19
CA PHE K 93 -27.43 -49.42 -6.13
C PHE K 93 -26.36 -50.48 -6.18
N SER K 94 -26.29 -51.32 -5.14
CA SER K 94 -25.35 -52.43 -5.10
C SER K 94 -25.97 -53.65 -5.76
N TRP K 95 -25.17 -54.35 -6.56
CA TRP K 95 -25.65 -55.49 -7.33
C TRP K 95 -25.00 -56.80 -6.90
N SER K 96 -23.68 -56.86 -6.85
CA SER K 96 -22.96 -58.08 -6.51
C SER K 96 -22.87 -58.23 -4.99
N PHE K 97 -22.62 -59.47 -4.56
CA PHE K 97 -22.47 -59.77 -3.15
C PHE K 97 -21.04 -59.59 -2.65
N GLY K 98 -20.07 -59.46 -3.54
CA GLY K 98 -18.69 -59.29 -3.14
C GLY K 98 -18.05 -60.58 -2.67
N GLY K 99 -16.87 -60.42 -2.07
CA GLY K 99 -16.14 -61.56 -1.58
C GLY K 99 -16.81 -62.20 -0.38
N ALA K 100 -16.52 -63.49 -0.19
CA ALA K 100 -17.10 -64.28 0.89
C ALA K 100 -15.99 -64.85 1.76
N THR K 101 -16.38 -65.34 2.92
CA THR K 101 -15.44 -65.93 3.88
C THR K 101 -15.89 -67.35 4.23
N ARG K 102 -14.93 -68.15 4.67
CA ARG K 102 -15.16 -69.55 5.01
C ARG K 102 -14.60 -69.82 6.40
N LEU K 103 -15.42 -70.43 7.25
CA LEU K 103 -15.06 -70.71 8.63
C LEU K 103 -14.79 -72.20 8.80
N THR K 104 -13.76 -72.53 9.57
CA THR K 104 -13.42 -73.91 9.90
C THR K 104 -13.21 -74.03 11.41
N VAL K 105 -13.66 -75.15 11.96
CA VAL K 105 -13.58 -75.40 13.40
C VAL K 105 -12.52 -76.46 13.66
N LEU K 106 -11.91 -76.38 14.85
CA LEU K 106 -10.88 -77.31 15.26
C LEU K 106 -11.34 -78.06 16.50
N GLY K 107 -11.38 -79.39 16.40
CA GLY K 107 -11.81 -80.22 17.52
C GLY K 107 -13.29 -80.10 17.84
N VAL L 1 57.04 -23.43 -24.02
CA VAL L 1 58.08 -23.15 -25.00
C VAL L 1 57.87 -21.76 -25.60
N ARG L 2 58.74 -20.82 -25.24
CA ARG L 2 58.64 -19.45 -25.75
C ARG L 2 60.03 -18.80 -25.74
N PRO L 3 60.58 -18.47 -26.90
CA PRO L 3 61.92 -17.89 -26.94
C PRO L 3 61.91 -16.40 -26.60
N LEU L 4 63.10 -15.89 -26.32
CA LEU L 4 63.28 -14.46 -26.06
C LEU L 4 64.72 -14.09 -26.40
N SER L 5 64.88 -13.25 -27.42
CA SER L 5 66.20 -12.87 -27.92
C SER L 5 66.57 -11.51 -27.32
N VAL L 6 67.60 -11.51 -26.48
CA VAL L 6 68.10 -10.28 -25.84
C VAL L 6 69.61 -10.25 -25.98
N ALA L 7 70.13 -9.20 -26.61
CA ALA L 7 71.56 -9.11 -26.86
C ALA L 7 72.33 -8.87 -25.56
N LEU L 8 73.66 -8.91 -25.67
CA LEU L 8 74.51 -8.71 -24.52
C LEU L 8 74.51 -7.24 -24.11
N GLY L 9 74.35 -7.00 -22.82
CA GLY L 9 74.29 -5.65 -22.28
C GLY L 9 72.90 -5.16 -21.97
N GLU L 10 71.86 -5.87 -22.42
CA GLU L 10 70.48 -5.49 -22.15
C GLU L 10 69.93 -6.32 -21.00
N THR L 11 69.14 -5.68 -20.15
CA THR L 11 68.54 -6.33 -18.98
C THR L 11 67.15 -6.83 -19.36
N ALA L 12 66.98 -8.14 -19.34
CA ALA L 12 65.70 -8.75 -19.71
C ALA L 12 64.91 -9.15 -18.47
N ARG L 13 63.62 -9.40 -18.68
CA ARG L 13 62.71 -9.79 -17.61
C ARG L 13 61.76 -10.84 -18.16
N ILE L 14 61.72 -12.01 -17.52
CA ILE L 14 60.86 -13.12 -17.92
C ILE L 14 59.86 -13.40 -16.81
N SER L 15 58.60 -13.56 -17.20
CA SER L 15 57.52 -13.80 -16.24
C SER L 15 56.98 -15.21 -16.40
N CYS L 16 56.17 -15.64 -15.43
CA CYS L 16 55.57 -16.96 -15.45
C CYS L 16 54.27 -16.93 -16.26
N GLY L 17 53.95 -18.06 -16.89
CA GLY L 17 52.77 -18.11 -17.74
C GLY L 17 51.48 -18.10 -16.93
N ARG L 18 51.37 -19.00 -15.96
CA ARG L 18 50.16 -19.12 -15.16
C ARG L 18 50.19 -18.11 -14.03
N GLN L 19 49.19 -17.23 -13.98
CA GLN L 19 49.10 -16.25 -12.92
C GLN L 19 48.63 -16.89 -11.61
N ALA L 20 48.79 -16.15 -10.52
CA ALA L 20 48.43 -16.64 -9.19
C ALA L 20 47.17 -15.93 -8.70
N LEU L 21 46.57 -16.51 -7.65
CA LEU L 21 45.34 -15.99 -7.05
C LEU L 21 45.51 -16.02 -5.54
N GLY L 22 45.91 -14.89 -4.96
CA GLY L 22 46.03 -14.78 -3.52
C GLY L 22 47.46 -14.80 -3.02
N SER L 23 47.68 -15.33 -1.82
CA SER L 23 49.03 -15.42 -1.27
C SER L 23 49.90 -16.26 -2.19
N ARG L 24 51.13 -15.80 -2.41
CA ARG L 24 51.97 -16.33 -3.47
C ARG L 24 53.34 -16.71 -2.92
N ALA L 25 53.92 -17.75 -3.53
CA ALA L 25 55.30 -18.13 -3.27
C ALA L 25 55.85 -18.73 -4.57
N VAL L 26 56.86 -18.09 -5.14
CA VAL L 26 57.39 -18.48 -6.44
C VAL L 26 58.84 -18.94 -6.28
N GLN L 27 59.18 -20.03 -6.95
CA GLN L 27 60.54 -20.54 -7.00
C GLN L 27 61.02 -20.53 -8.45
N TRP L 28 62.32 -20.35 -8.64
CA TRP L 28 62.91 -20.27 -9.97
C TRP L 28 63.97 -21.34 -10.13
N TYR L 29 64.05 -21.91 -11.32
CA TYR L 29 65.03 -22.94 -11.62
C TYR L 29 65.65 -22.68 -12.98
N GLN L 30 66.93 -23.03 -13.13
CA GLN L 30 67.63 -22.93 -14.41
C GLN L 30 68.19 -24.29 -14.77
N HIS L 31 68.04 -24.66 -16.04
CA HIS L 31 68.48 -25.97 -16.53
C HIS L 31 69.18 -25.79 -17.86
N ARG L 32 70.41 -26.28 -17.95
CA ARG L 32 71.17 -26.38 -19.19
C ARG L 32 71.08 -27.81 -19.72
N PRO L 33 71.03 -27.99 -21.04
CA PRO L 33 70.95 -29.35 -21.59
C PRO L 33 72.20 -30.16 -21.28
N GLY L 34 72.05 -31.18 -20.45
CA GLY L 34 73.16 -32.03 -20.04
C GLY L 34 73.64 -31.79 -18.62
N GLN L 35 73.36 -30.63 -18.05
CA GLN L 35 73.79 -30.29 -16.70
C GLN L 35 72.67 -30.59 -15.70
N ALA L 36 72.92 -30.24 -14.44
CA ALA L 36 71.93 -30.46 -13.39
C ALA L 36 71.20 -29.16 -13.07
N PRO L 37 69.88 -29.21 -12.93
CA PRO L 37 69.13 -27.98 -12.61
C PRO L 37 69.46 -27.47 -11.21
N ILE L 38 69.65 -26.17 -11.11
CA ILE L 38 69.97 -25.50 -9.85
C ILE L 38 68.99 -24.36 -9.65
N LEU L 39 68.44 -24.25 -8.44
CA LEU L 39 67.51 -23.17 -8.14
C LEU L 39 68.23 -21.83 -8.14
N LEU L 40 67.45 -20.76 -8.32
CA LEU L 40 67.97 -19.41 -8.30
C LEU L 40 67.42 -18.61 -7.11
N ILE L 41 66.10 -18.49 -6.98
CA ILE L 41 65.47 -17.73 -5.91
C ILE L 41 64.34 -18.56 -5.32
N TYR L 42 64.18 -18.49 -4.00
CA TYR L 42 63.05 -19.08 -3.32
C TYR L 42 62.50 -18.08 -2.31
N ASN L 43 61.21 -18.20 -2.02
CA ASN L 43 60.45 -17.30 -1.15
C ASN L 43 60.39 -15.87 -1.69
N ASN L 44 60.80 -15.66 -2.94
CA ASN L 44 60.63 -14.42 -3.69
C ASN L 44 61.55 -13.31 -3.19
N GLN L 45 62.24 -13.53 -2.07
CA GLN L 45 63.19 -12.54 -1.58
C GLN L 45 64.49 -13.13 -1.05
N ASP L 46 64.57 -14.44 -0.83
CA ASP L 46 65.76 -15.05 -0.25
C ASP L 46 66.79 -15.36 -1.34
N ARG L 47 68.06 -15.31 -0.95
CA ARG L 47 69.16 -15.63 -1.83
C ARG L 47 69.91 -16.85 -1.30
N PRO L 48 70.12 -17.88 -2.11
CA PRO L 48 70.79 -19.08 -1.63
C PRO L 48 72.29 -18.85 -1.47
N SER L 49 72.99 -19.92 -1.09
CA SER L 49 74.43 -19.86 -0.89
C SER L 49 75.13 -20.23 -2.19
N GLY L 50 75.94 -19.32 -2.72
CA GLY L 50 76.67 -19.58 -3.94
C GLY L 50 76.00 -19.04 -5.19
N ILE L 51 75.53 -17.80 -5.13
CA ILE L 51 74.90 -17.17 -6.28
C ILE L 51 75.26 -15.68 -6.27
N PRO L 52 75.50 -15.07 -7.44
CA PRO L 52 75.76 -13.63 -7.47
C PRO L 52 74.51 -12.84 -7.12
N GLU L 53 74.72 -11.69 -6.48
CA GLU L 53 73.60 -10.82 -6.10
C GLU L 53 73.23 -9.91 -7.26
N ARG L 54 73.01 -10.49 -8.44
CA ARG L 54 72.59 -9.73 -9.62
C ARG L 54 71.17 -10.04 -10.05
N PHE L 55 70.57 -11.10 -9.54
CA PHE L 55 69.19 -11.47 -9.85
C PHE L 55 68.29 -10.95 -8.73
N SER L 56 67.57 -9.88 -9.01
CA SER L 56 66.70 -9.26 -8.02
C SER L 56 65.31 -9.90 -8.08
N GLY L 57 64.83 -10.37 -6.93
CA GLY L 57 63.52 -10.98 -6.85
C GLY L 57 62.41 -9.95 -6.86
N THR L 58 61.19 -10.46 -6.84
CA THR L 58 59.99 -9.62 -6.85
C THR L 58 59.28 -9.71 -5.51
N PRO L 59 59.43 -8.71 -4.63
CA PRO L 59 58.73 -8.77 -3.34
C PRO L 59 57.23 -8.70 -3.52
N ASP L 60 56.52 -9.51 -2.73
CA ASP L 60 55.06 -9.59 -2.79
C ASP L 60 54.49 -8.86 -1.58
N ILE L 61 54.34 -7.54 -1.72
CA ILE L 61 53.71 -6.70 -0.72
C ILE L 61 52.57 -5.95 -1.38
N ASN L 62 51.45 -5.81 -0.65
CA ASN L 62 50.25 -5.15 -1.17
C ASN L 62 49.78 -5.86 -2.45
N PHE L 63 49.33 -7.10 -2.25
CA PHE L 63 48.98 -8.01 -3.33
C PHE L 63 48.20 -7.32 -4.44
N GLY L 64 48.53 -7.71 -5.68
CA GLY L 64 47.97 -7.09 -6.86
C GLY L 64 49.01 -7.02 -7.96
N THR L 65 50.25 -7.35 -7.62
CA THR L 65 51.36 -7.35 -8.56
C THR L 65 51.51 -8.73 -9.20
N ARG L 66 52.61 -8.93 -9.91
CA ARG L 66 52.90 -10.20 -10.57
C ARG L 66 54.32 -10.64 -10.24
N ALA L 67 54.67 -11.83 -10.70
CA ALA L 67 55.98 -12.40 -10.49
C ALA L 67 56.79 -12.35 -11.78
N THR L 68 58.06 -11.96 -11.66
CA THR L 68 58.94 -11.85 -12.82
C THR L 68 60.38 -11.89 -12.35
N LEU L 69 61.21 -12.66 -13.06
CA LEU L 69 62.64 -12.76 -12.79
C LEU L 69 63.39 -11.91 -13.81
N THR L 70 64.22 -11.00 -13.33
CA THR L 70 65.01 -10.13 -14.17
C THR L 70 66.46 -10.60 -14.18
N ILE L 71 67.18 -10.21 -15.23
CA ILE L 71 68.60 -10.54 -15.38
C ILE L 71 69.37 -9.23 -15.56
N SER L 72 70.26 -8.93 -14.61
CA SER L 72 71.10 -7.74 -14.66
C SER L 72 72.54 -8.17 -14.87
N GLY L 73 73.16 -7.63 -15.92
CA GLY L 73 74.53 -8.00 -16.25
C GLY L 73 74.65 -9.42 -16.74
N VAL L 74 74.08 -9.70 -17.91
CA VAL L 74 74.11 -11.06 -18.44
C VAL L 74 75.52 -11.40 -18.91
N GLU L 75 75.92 -12.66 -18.71
CA GLU L 75 77.24 -13.15 -19.09
C GLU L 75 77.08 -14.38 -19.98
N ALA L 76 78.20 -15.05 -20.26
CA ALA L 76 78.18 -16.23 -21.11
C ALA L 76 77.47 -17.39 -20.40
N GLY L 77 77.58 -17.47 -19.09
CA GLY L 77 76.95 -18.55 -18.34
C GLY L 77 75.45 -18.39 -18.14
N ASP L 78 74.90 -17.21 -18.44
CA ASP L 78 73.48 -16.95 -18.24
C ASP L 78 72.71 -17.18 -19.55
N GLU L 79 72.68 -18.44 -19.98
CA GLU L 79 71.95 -18.81 -21.18
C GLU L 79 71.53 -20.28 -21.04
N ALA L 80 70.28 -20.49 -20.64
CA ALA L 80 69.74 -21.82 -20.45
C ALA L 80 68.21 -21.71 -20.43
N ASP L 81 67.55 -22.81 -20.05
CA ASP L 81 66.10 -22.83 -19.94
C ASP L 81 65.70 -22.46 -18.52
N TYR L 82 64.61 -21.71 -18.39
CA TYR L 82 64.14 -21.25 -17.09
C TYR L 82 62.79 -21.88 -16.76
N TYR L 83 62.58 -22.14 -15.47
CA TYR L 83 61.36 -22.77 -14.98
C TYR L 83 60.84 -21.99 -13.79
N CYS L 84 59.52 -21.78 -13.79
CA CYS L 84 58.82 -21.08 -12.72
C CYS L 84 57.95 -22.08 -11.97
N HIS L 85 57.96 -21.99 -10.64
CA HIS L 85 57.19 -22.87 -9.77
C HIS L 85 56.30 -22.00 -8.88
N MET L 86 54.99 -22.22 -8.96
CA MET L 86 54.02 -21.41 -8.23
C MET L 86 53.43 -22.20 -7.07
N TRP L 87 53.22 -21.53 -5.95
CA TRP L 87 52.55 -22.12 -4.80
C TRP L 87 51.65 -21.06 -4.17
N ASP L 88 50.34 -21.32 -4.19
CA ASP L 88 49.38 -20.35 -3.68
C ASP L 88 48.44 -20.99 -2.66
N SER L 89 47.39 -20.27 -2.28
CA SER L 89 46.44 -20.76 -1.28
C SER L 89 45.14 -21.26 -1.89
N ARG L 90 44.69 -20.68 -3.00
CA ARG L 90 43.41 -21.02 -3.60
C ARG L 90 43.54 -22.01 -4.76
N SER L 91 44.57 -22.86 -4.73
CA SER L 91 44.73 -23.91 -5.73
C SER L 91 45.10 -25.25 -5.15
N GLY L 92 45.52 -25.32 -3.90
CA GLY L 92 45.85 -26.60 -3.28
C GLY L 92 47.30 -26.97 -3.48
N PHE L 93 47.54 -28.18 -3.97
CA PHE L 93 48.88 -28.72 -4.13
C PHE L 93 49.26 -28.69 -5.62
N SER L 94 50.33 -27.98 -5.95
CA SER L 94 50.83 -27.93 -7.31
C SER L 94 51.79 -29.09 -7.53
N TRP L 95 51.68 -29.74 -8.69
CA TRP L 95 52.48 -30.91 -9.01
C TRP L 95 53.42 -30.68 -10.18
N SER L 96 52.91 -30.20 -11.30
CA SER L 96 53.73 -29.99 -12.50
C SER L 96 54.43 -28.63 -12.44
N PHE L 97 55.48 -28.50 -13.23
CA PHE L 97 56.24 -27.26 -13.31
C PHE L 97 55.67 -26.28 -14.33
N GLY L 98 54.80 -26.73 -15.22
CA GLY L 98 54.23 -25.87 -16.22
C GLY L 98 55.18 -25.58 -17.36
N GLY L 99 54.77 -24.64 -18.20
CA GLY L 99 55.59 -24.26 -19.33
C GLY L 99 56.88 -23.57 -18.92
N ALA L 100 57.86 -23.64 -19.81
CA ALA L 100 59.18 -23.07 -19.58
C ALA L 100 59.51 -22.06 -20.67
N THR L 101 60.58 -21.30 -20.43
CA THR L 101 61.04 -20.30 -21.37
C THR L 101 62.52 -20.53 -21.69
N ARG L 102 62.93 -20.03 -22.85
CA ARG L 102 64.30 -20.20 -23.35
C ARG L 102 64.85 -18.83 -23.74
N LEU L 103 66.04 -18.52 -23.25
CA LEU L 103 66.68 -17.23 -23.49
C LEU L 103 67.83 -17.40 -24.48
N THR L 104 67.95 -16.45 -25.41
CA THR L 104 69.04 -16.44 -26.38
C THR L 104 69.69 -15.06 -26.39
N VAL L 105 71.01 -15.04 -26.54
CA VAL L 105 71.78 -13.81 -26.52
C VAL L 105 72.26 -13.51 -27.94
N LEU L 106 72.43 -12.23 -28.23
CA LEU L 106 72.87 -11.75 -29.53
C LEU L 106 74.21 -11.04 -29.38
N GLY L 107 75.24 -11.56 -30.06
CA GLY L 107 76.56 -10.96 -30.02
C GLY L 107 77.24 -11.11 -28.67
N GLN M 1 34.53 13.22 -0.70
CA GLN M 1 34.87 14.64 -0.70
C GLN M 1 34.44 15.31 -2.00
N VAL M 2 34.18 16.61 -1.94
CA VAL M 2 33.76 17.37 -3.12
C VAL M 2 34.97 17.53 -4.02
N GLN M 3 34.92 16.92 -5.20
CA GLN M 3 36.04 16.95 -6.14
C GLN M 3 35.54 16.54 -7.50
N LEU M 4 36.40 16.70 -8.51
CA LEU M 4 36.07 16.40 -9.89
C LEU M 4 37.28 15.75 -10.55
N VAL M 5 37.10 14.55 -11.09
CA VAL M 5 38.17 13.85 -11.78
C VAL M 5 37.96 14.00 -13.29
N GLN M 6 39.07 13.92 -14.03
CA GLN M 6 39.05 13.96 -15.48
C GLN M 6 39.87 12.81 -16.02
N SER M 7 39.99 12.74 -17.34
CA SER M 7 40.74 11.69 -18.02
C SER M 7 41.71 12.35 -19.00
N GLY M 8 43.00 12.06 -18.83
CA GLY M 8 43.99 12.66 -19.71
C GLY M 8 43.83 12.21 -21.15
N ALA M 9 44.17 13.10 -22.07
CA ALA M 9 43.97 12.88 -23.50
C ALA M 9 45.30 12.94 -24.23
N GLU M 10 45.39 12.20 -25.33
CA GLU M 10 46.58 12.18 -26.16
C GLU M 10 46.51 13.30 -27.20
N VAL M 11 47.68 13.63 -27.76
CA VAL M 11 47.75 14.64 -28.80
C VAL M 11 46.99 14.16 -30.03
N LYS M 12 46.17 15.04 -30.60
CA LYS M 12 45.33 14.71 -31.74
C LYS M 12 45.78 15.46 -32.98
N LYS M 13 45.38 14.95 -34.14
CA LYS M 13 45.72 15.55 -35.41
C LYS M 13 44.69 16.62 -35.78
N PRO M 14 45.06 17.57 -36.63
CA PRO M 14 44.10 18.60 -37.04
C PRO M 14 42.94 18.01 -37.81
N GLY M 15 41.74 18.55 -37.58
CA GLY M 15 40.54 18.05 -38.21
C GLY M 15 39.88 16.90 -37.49
N ALA M 16 40.27 16.61 -36.26
CA ALA M 16 39.72 15.51 -35.49
C ALA M 16 38.84 16.03 -34.36
N SER M 17 38.15 15.11 -33.69
CA SER M 17 37.26 15.43 -32.59
C SER M 17 37.85 14.92 -31.29
N VAL M 18 37.82 15.76 -30.26
CA VAL M 18 38.32 15.39 -28.94
C VAL M 18 37.14 14.99 -28.06
N LYS M 19 37.44 14.20 -27.05
CA LYS M 19 36.46 13.74 -26.07
C LYS M 19 36.96 14.08 -24.68
N VAL M 20 36.25 14.96 -23.99
CA VAL M 20 36.63 15.40 -22.65
C VAL M 20 35.56 14.93 -21.68
N SER M 21 35.99 14.40 -20.54
CA SER M 21 35.07 13.91 -19.52
C SER M 21 35.29 14.69 -18.22
N CYS M 22 34.31 14.57 -17.32
CA CYS M 22 34.39 15.21 -16.01
C CYS M 22 33.42 14.46 -15.10
N LYS M 23 33.95 13.79 -14.08
CA LYS M 23 33.15 12.99 -13.17
C LYS M 23 33.21 13.58 -11.78
N ALA M 24 32.05 13.84 -11.18
CA ALA M 24 31.96 14.39 -9.84
C ALA M 24 31.50 13.31 -8.87
N SER M 25 31.59 13.64 -7.57
CA SER M 25 31.18 12.72 -6.52
C SER M 25 30.81 13.53 -5.29
N GLY M 26 30.15 12.86 -4.33
CA GLY M 26 29.78 13.50 -3.09
C GLY M 26 28.44 14.21 -3.16
N TYR M 27 28.49 15.52 -3.38
CA TYR M 27 27.28 16.33 -3.46
C TYR M 27 26.38 15.85 -4.60
N THR M 28 25.10 16.22 -4.53
CA THR M 28 24.15 15.83 -5.55
C THR M 28 24.48 16.51 -6.87
N PHE M 29 24.44 15.74 -7.96
CA PHE M 29 24.89 16.21 -9.25
C PHE M 29 23.82 16.99 -10.01
N THR M 30 22.54 16.77 -9.73
CA THR M 30 21.45 17.38 -10.48
C THR M 30 20.90 18.62 -9.79
N GLY M 31 21.74 19.37 -9.09
CA GLY M 31 21.27 20.53 -8.36
C GLY M 31 21.90 21.84 -8.79
N TYR M 32 23.13 21.78 -9.31
CA TYR M 32 23.88 22.98 -9.65
C TYR M 32 24.39 22.89 -11.08
N TYR M 33 24.85 24.03 -11.60
CA TYR M 33 25.34 24.12 -12.96
C TYR M 33 26.70 23.44 -13.08
N MET M 34 27.30 23.54 -14.26
CA MET M 34 28.66 23.05 -14.47
C MET M 34 29.26 23.80 -15.63
N HIS M 35 30.37 24.49 -15.40
CA HIS M 35 30.97 25.34 -16.41
C HIS M 35 32.19 24.64 -17.04
N TRP M 36 32.59 25.14 -18.20
CA TRP M 36 33.79 24.69 -18.88
C TRP M 36 34.68 25.90 -19.16
N VAL M 37 35.96 25.80 -18.80
CA VAL M 37 36.90 26.90 -18.98
C VAL M 37 38.17 26.37 -19.63
N ARG M 38 38.83 27.23 -20.40
CA ARG M 38 40.09 26.88 -21.05
C ARG M 38 41.17 27.88 -20.66
N GLN M 39 42.41 27.40 -20.65
CA GLN M 39 43.58 28.21 -20.31
C GLN M 39 44.67 27.93 -21.33
N ALA M 40 45.09 28.96 -22.05
CA ALA M 40 46.17 28.80 -23.00
C ALA M 40 47.51 28.93 -22.29
N PRO M 41 48.53 28.19 -22.72
CA PRO M 41 49.85 28.28 -22.06
C PRO M 41 50.47 29.65 -22.22
N GLY M 42 50.61 30.38 -21.12
CA GLY M 42 51.18 31.71 -21.17
C GLY M 42 50.19 32.82 -21.43
N GLN M 43 48.90 32.59 -21.23
CA GLN M 43 47.88 33.60 -21.46
C GLN M 43 46.86 33.52 -20.34
N GLY M 44 45.77 34.28 -20.47
CA GLY M 44 44.72 34.29 -19.48
C GLY M 44 43.64 33.26 -19.76
N LEU M 45 42.67 33.22 -18.86
CA LEU M 45 41.57 32.27 -18.98
C LEU M 45 40.54 32.75 -19.99
N GLU M 46 39.71 31.83 -20.44
CA GLU M 46 38.61 32.15 -21.35
C GLU M 46 37.48 31.17 -21.11
N TRP M 47 36.27 31.70 -20.97
CA TRP M 47 35.10 30.88 -20.67
C TRP M 47 34.53 30.26 -21.94
N MET M 48 34.10 29.01 -21.82
CA MET M 48 33.55 28.27 -22.95
C MET M 48 32.02 28.18 -22.91
N GLY M 49 31.46 27.71 -21.80
CA GLY M 49 30.02 27.59 -21.70
C GLY M 49 29.63 26.98 -20.38
N TRP M 50 28.32 26.82 -20.20
CA TRP M 50 27.77 26.22 -19.00
C TRP M 50 26.63 25.29 -19.36
N ILE M 51 26.61 24.12 -18.71
CA ILE M 51 25.60 23.10 -18.90
C ILE M 51 24.87 22.89 -17.58
N ASN M 52 23.56 22.66 -17.67
CA ASN M 52 22.74 22.35 -16.51
C ASN M 52 22.38 20.88 -16.56
N PRO M 53 23.00 20.02 -15.74
CA PRO M 53 22.72 18.58 -15.83
C PRO M 53 21.33 18.19 -15.39
N ASN M 54 20.57 19.10 -14.78
CA ASN M 54 19.22 18.78 -14.34
C ASN M 54 18.30 18.53 -15.52
N SER M 55 18.37 19.39 -16.54
CA SER M 55 17.47 19.29 -17.69
C SER M 55 18.19 19.40 -19.03
N GLY M 56 19.52 19.37 -19.04
CA GLY M 56 20.26 19.37 -20.29
C GLY M 56 20.29 20.68 -21.03
N GLY M 57 19.79 21.77 -20.44
CA GLY M 57 19.84 23.07 -21.09
C GLY M 57 21.22 23.69 -21.03
N THR M 58 21.83 23.92 -22.18
CA THR M 58 23.19 24.41 -22.27
C THR M 58 23.22 25.81 -22.84
N ASN M 59 24.34 26.50 -22.61
CA ASN M 59 24.55 27.83 -23.20
C ASN M 59 26.04 28.09 -23.27
N TYR M 60 26.57 28.30 -24.47
CA TYR M 60 28.00 28.50 -24.67
C TYR M 60 28.24 29.82 -25.37
N ALA M 61 29.48 30.32 -25.24
CA ALA M 61 29.86 31.60 -25.80
C ALA M 61 29.81 31.55 -27.33
N GLN M 62 29.90 32.74 -27.94
CA GLN M 62 29.84 32.84 -29.39
C GLN M 62 31.16 32.51 -30.07
N LYS M 63 32.26 32.44 -29.32
CA LYS M 63 33.53 32.08 -29.93
C LYS M 63 33.55 30.64 -30.41
N PHE M 64 32.81 29.75 -29.74
CA PHE M 64 32.74 28.35 -30.10
C PHE M 64 31.36 27.95 -30.62
N GLN M 65 30.56 28.92 -31.05
CA GLN M 65 29.20 28.63 -31.51
C GLN M 65 29.23 27.76 -32.76
N GLY M 66 28.57 26.62 -32.70
CA GLY M 66 28.50 25.74 -33.85
C GLY M 66 29.65 24.79 -34.02
N ARG M 67 30.47 24.61 -32.99
CA ARG M 67 31.59 23.67 -33.06
C ARG M 67 31.73 22.77 -31.85
N VAL M 68 31.06 23.06 -30.74
CA VAL M 68 31.16 22.26 -29.53
C VAL M 68 29.78 21.71 -29.19
N THR M 69 29.75 20.50 -28.64
CA THR M 69 28.52 19.85 -28.19
C THR M 69 28.72 19.33 -26.78
N MET M 70 27.81 19.66 -25.88
CA MET M 70 27.88 19.25 -24.49
C MET M 70 26.69 18.37 -24.16
N THR M 71 26.97 17.21 -23.57
CA THR M 71 25.91 16.28 -23.18
C THR M 71 26.03 15.93 -21.70
N ARG M 72 25.21 14.99 -21.22
CA ARG M 72 25.24 14.59 -19.83
C ARG M 72 24.55 13.24 -19.67
N ASP M 73 25.10 12.42 -18.79
CA ASP M 73 24.53 11.11 -18.45
C ASP M 73 24.37 11.06 -16.93
N THR M 74 23.22 11.55 -16.44
CA THR M 74 23.00 11.63 -15.00
C THR M 74 22.83 10.26 -14.35
N SER M 75 22.79 9.18 -15.13
CA SER M 75 22.68 7.86 -14.54
C SER M 75 23.94 7.45 -13.80
N ILE M 76 25.10 8.00 -14.21
CA ILE M 76 26.37 7.72 -13.56
C ILE M 76 27.07 9.01 -13.12
N SER M 77 26.37 10.15 -13.19
CA SER M 77 26.88 11.45 -12.76
C SER M 77 28.21 11.78 -13.42
N THR M 78 28.18 11.88 -14.74
CA THR M 78 29.33 12.26 -15.54
C THR M 78 28.89 13.29 -16.59
N ALA M 79 29.81 14.18 -16.96
CA ALA M 79 29.58 15.12 -18.04
C ALA M 79 30.43 14.73 -19.25
N TYR M 80 30.22 15.44 -20.36
CA TYR M 80 30.95 15.18 -21.58
C TYR M 80 31.16 16.47 -22.34
N MET M 81 32.16 16.46 -23.23
CA MET M 81 32.44 17.61 -24.07
C MET M 81 33.08 17.13 -25.36
N GLU M 82 32.45 17.41 -26.49
CA GLU M 82 32.95 17.06 -27.81
C GLU M 82 33.33 18.31 -28.58
N LEU M 83 34.29 18.16 -29.49
CA LEU M 83 34.75 19.29 -30.29
C LEU M 83 35.48 18.74 -31.52
N SER M 84 34.94 19.00 -32.69
CA SER M 84 35.55 18.60 -33.95
C SER M 84 35.95 19.83 -34.75
N ARG M 85 36.51 19.59 -35.94
CA ARG M 85 37.00 20.64 -36.83
C ARG M 85 37.97 21.56 -36.10
N LEU M 86 39.06 20.95 -35.63
CA LEU M 86 40.02 21.64 -34.78
C LEU M 86 40.95 22.52 -35.61
N ARG M 87 41.82 23.24 -34.92
CA ARG M 87 42.83 24.09 -35.55
C ARG M 87 44.11 23.97 -34.74
N SER M 88 45.06 24.87 -35.00
CA SER M 88 46.34 24.85 -34.30
C SER M 88 46.34 25.72 -33.05
N ASP M 89 45.51 26.77 -33.02
CA ASP M 89 45.49 27.69 -31.90
C ASP M 89 44.67 27.17 -30.72
N ASP M 90 44.07 25.98 -30.82
CA ASP M 90 43.26 25.42 -29.75
C ASP M 90 44.09 24.57 -28.79
N THR M 91 45.39 24.83 -28.69
CA THR M 91 46.26 24.11 -27.77
C THR M 91 46.18 24.78 -26.41
N ALA M 92 45.61 24.07 -25.43
CA ALA M 92 45.32 24.69 -24.14
C ALA M 92 45.11 23.59 -23.11
N VAL M 93 44.58 23.97 -21.95
CA VAL M 93 44.18 23.02 -20.91
C VAL M 93 42.74 23.34 -20.51
N TYR M 94 41.93 22.30 -20.32
CA TYR M 94 40.51 22.47 -20.06
C TYR M 94 40.17 22.07 -18.62
N TYR M 95 39.17 22.75 -18.05
CA TYR M 95 38.74 22.52 -16.69
C TYR M 95 37.22 22.56 -16.61
N CYS M 96 36.67 21.77 -15.70
CA CYS M 96 35.25 21.75 -15.39
C CYS M 96 35.07 22.21 -13.95
N ALA M 97 34.26 23.25 -13.74
CA ALA M 97 34.12 23.88 -12.45
C ALA M 97 32.66 23.94 -12.03
N THR M 98 32.45 23.94 -10.71
CA THR M 98 31.11 24.06 -10.13
C THR M 98 31.10 25.13 -9.04
N GLN M 99 29.96 25.30 -8.36
CA GLN M 99 29.77 26.31 -7.33
C GLN M 99 29.09 25.70 -6.11
N VAL M 100 29.63 24.59 -5.62
CA VAL M 100 28.93 23.76 -4.65
C VAL M 100 28.74 24.49 -3.31
N LYS M 101 29.67 25.37 -2.93
CA LYS M 101 29.65 25.96 -1.60
C LYS M 101 30.00 27.44 -1.68
N LEU M 102 29.06 28.29 -1.27
CA LEU M 102 29.24 29.74 -1.21
C LEU M 102 28.03 30.32 -0.48
N ASP M 103 28.28 31.37 0.31
CA ASP M 103 27.19 32.02 1.02
C ASP M 103 26.22 32.69 0.05
N SER M 104 26.74 33.36 -0.99
CA SER M 104 25.89 34.02 -1.96
C SER M 104 25.18 32.99 -2.83
N SER M 105 24.05 33.41 -3.40
CA SER M 105 23.22 32.51 -4.20
C SER M 105 23.43 32.67 -5.70
N ALA M 106 24.17 33.69 -6.14
CA ALA M 106 24.39 33.90 -7.56
C ALA M 106 25.24 32.77 -8.14
N GLY M 107 25.12 32.59 -9.46
CA GLY M 107 25.86 31.53 -10.12
C GLY M 107 27.35 31.77 -10.20
N TYR M 108 27.77 33.03 -10.13
CA TYR M 108 29.17 33.39 -10.21
C TYR M 108 29.63 34.04 -8.91
N PRO M 109 30.91 33.86 -8.52
CA PRO M 109 31.91 33.05 -9.22
C PRO M 109 32.03 31.63 -8.69
N PHE M 110 32.71 30.78 -9.46
CA PHE M 110 32.93 29.40 -9.05
C PHE M 110 34.27 29.27 -8.33
N ASP M 111 34.32 28.36 -7.35
CA ASP M 111 35.49 28.20 -6.51
C ASP M 111 36.18 26.86 -6.68
N ILE M 112 35.45 25.75 -6.54
CA ILE M 112 36.04 24.43 -6.62
C ILE M 112 36.37 24.11 -8.07
N TRP M 113 37.55 23.52 -8.30
CA TRP M 113 37.99 23.12 -9.62
C TRP M 113 38.38 21.65 -9.59
N GLY M 114 38.89 21.17 -10.72
CA GLY M 114 39.32 19.78 -10.82
C GLY M 114 40.78 19.64 -11.18
N GLN M 115 41.20 18.45 -11.59
CA GLN M 115 42.59 18.23 -11.97
C GLN M 115 42.93 18.98 -13.25
N GLY M 116 42.16 18.74 -14.31
CA GLY M 116 42.40 19.39 -15.58
C GLY M 116 43.17 18.53 -16.55
N THR M 117 42.92 18.72 -17.84
CA THR M 117 43.58 17.96 -18.89
C THR M 117 44.12 18.92 -19.94
N MET M 118 45.40 18.78 -20.26
CA MET M 118 46.04 19.64 -21.26
C MET M 118 45.96 18.95 -22.61
N VAL M 119 45.24 19.56 -23.55
CA VAL M 119 45.06 19.03 -24.89
C VAL M 119 45.82 19.92 -25.87
N THR M 120 46.61 19.30 -26.73
CA THR M 120 47.38 19.98 -27.75
C THR M 120 47.30 19.19 -29.04
N VAL M 121 47.58 19.86 -30.15
CA VAL M 121 47.49 19.26 -31.47
C VAL M 121 48.85 19.32 -32.16
N SER M 122 49.05 18.40 -33.09
CA SER M 122 50.27 18.33 -33.89
C SER M 122 49.89 18.10 -35.34
N SER M 123 50.41 18.95 -36.23
CA SER M 123 50.09 18.83 -37.65
C SER M 123 50.58 17.50 -38.22
N ALA M 124 51.84 17.18 -37.98
CA ALA M 124 52.46 15.94 -38.46
C ALA M 124 52.92 15.10 -37.28
N SER M 125 53.53 13.96 -37.60
CA SER M 125 54.02 13.05 -36.57
C SER M 125 55.54 13.17 -36.43
N GLN N 1 -25.83 14.79 -21.92
CA GLN N 1 -27.10 15.32 -21.44
C GLN N 1 -28.00 14.21 -20.91
N VAL N 2 -28.91 14.57 -20.01
CA VAL N 2 -29.85 13.60 -19.45
C VAL N 2 -30.87 13.24 -20.52
N GLN N 3 -30.85 11.99 -20.98
CA GLN N 3 -31.74 11.55 -22.03
C GLN N 3 -31.77 10.02 -22.03
N LEU N 4 -32.67 9.47 -22.82
CA LEU N 4 -32.86 8.03 -22.93
C LEU N 4 -33.13 7.66 -24.37
N VAL N 5 -32.32 6.77 -24.93
CA VAL N 5 -32.50 6.32 -26.30
C VAL N 5 -33.16 4.95 -26.28
N GLN N 6 -33.89 4.64 -27.35
CA GLN N 6 -34.53 3.35 -27.54
C GLN N 6 -34.17 2.83 -28.93
N SER N 7 -34.66 1.63 -29.24
CA SER N 7 -34.43 0.99 -30.52
C SER N 7 -35.78 0.62 -31.13
N GLY N 8 -36.03 1.12 -32.34
CA GLY N 8 -37.30 0.85 -33.00
C GLY N 8 -37.46 -0.63 -33.32
N ALA N 9 -38.71 -1.09 -33.26
CA ALA N 9 -39.04 -2.49 -33.44
C ALA N 9 -39.98 -2.67 -34.62
N GLU N 10 -39.89 -3.84 -35.26
CA GLU N 10 -40.74 -4.16 -36.39
C GLU N 10 -42.04 -4.80 -35.90
N VAL N 11 -43.02 -4.87 -36.81
CA VAL N 11 -44.29 -5.50 -36.49
C VAL N 11 -44.06 -6.99 -36.27
N LYS N 12 -44.65 -7.53 -35.21
CA LYS N 12 -44.49 -8.93 -34.84
C LYS N 12 -45.81 -9.67 -35.00
N LYS N 13 -45.72 -10.99 -35.17
CA LYS N 13 -46.88 -11.83 -35.32
C LYS N 13 -47.44 -12.22 -33.95
N PRO N 14 -48.73 -12.57 -33.88
CA PRO N 14 -49.31 -12.96 -32.60
C PRO N 14 -48.64 -14.24 -32.05
N GLY N 15 -48.47 -14.27 -30.74
CA GLY N 15 -47.82 -15.39 -30.10
C GLY N 15 -46.32 -15.31 -30.04
N ALA N 16 -45.74 -14.14 -30.35
CA ALA N 16 -44.30 -13.95 -30.35
C ALA N 16 -43.88 -13.08 -29.17
N SER N 17 -42.57 -13.01 -28.96
CA SER N 17 -41.99 -12.23 -27.88
C SER N 17 -41.27 -11.01 -28.44
N VAL N 18 -41.52 -9.85 -27.83
CA VAL N 18 -40.90 -8.61 -28.25
C VAL N 18 -39.69 -8.34 -27.35
N LYS N 19 -38.78 -7.51 -27.86
CA LYS N 19 -37.58 -7.11 -27.14
C LYS N 19 -37.51 -5.59 -27.17
N VAL N 20 -37.61 -4.96 -26.01
CA VAL N 20 -37.57 -3.51 -25.88
C VAL N 20 -36.32 -3.14 -25.09
N SER N 21 -35.62 -2.11 -25.55
CA SER N 21 -34.41 -1.64 -24.90
C SER N 21 -34.59 -0.19 -24.45
N CYS N 22 -33.69 0.23 -23.56
CA CYS N 22 -33.69 1.62 -23.08
C CYS N 22 -32.29 1.89 -22.53
N LYS N 23 -31.57 2.80 -23.17
CA LYS N 23 -30.20 3.12 -22.79
C LYS N 23 -30.13 4.56 -22.32
N ALA N 24 -29.57 4.76 -21.12
CA ALA N 24 -29.41 6.08 -20.53
C ALA N 24 -27.95 6.50 -20.58
N SER N 25 -27.72 7.78 -20.29
CA SER N 25 -26.37 8.33 -20.28
C SER N 25 -26.34 9.54 -19.37
N GLY N 26 -25.13 9.98 -19.04
CA GLY N 26 -24.96 11.16 -18.20
C GLY N 26 -24.97 10.84 -16.72
N TYR N 27 -26.13 11.03 -16.09
CA TYR N 27 -26.28 10.77 -14.67
C TYR N 27 -25.97 9.31 -14.34
N THR N 28 -25.69 9.05 -13.07
CA THR N 28 -25.38 7.70 -12.63
C THR N 28 -26.62 6.82 -12.74
N PHE N 29 -26.43 5.62 -13.29
CA PHE N 29 -27.55 4.74 -13.62
C PHE N 29 -28.03 3.92 -12.45
N THR N 30 -27.19 3.69 -11.44
CA THR N 30 -27.54 2.82 -10.32
C THR N 30 -27.99 3.61 -9.09
N GLY N 31 -28.67 4.72 -9.29
CA GLY N 31 -29.09 5.54 -8.17
C GLY N 31 -30.60 5.73 -8.06
N TYR N 32 -31.32 5.65 -9.17
CA TYR N 32 -32.74 5.94 -9.20
C TYR N 32 -33.49 4.80 -9.88
N TYR N 33 -34.80 4.79 -9.68
CA TYR N 33 -35.66 3.77 -10.27
C TYR N 33 -35.79 4.00 -11.78
N MET N 34 -36.57 3.14 -12.43
CA MET N 34 -36.92 3.36 -13.84
C MET N 34 -38.27 2.71 -14.11
N HIS N 35 -39.20 3.47 -14.66
CA HIS N 35 -40.55 2.97 -14.90
C HIS N 35 -40.75 2.64 -16.38
N TRP N 36 -41.79 1.86 -16.65
CA TRP N 36 -42.21 1.54 -18.00
C TRP N 36 -43.67 1.90 -18.15
N VAL N 37 -44.00 2.60 -19.23
CA VAL N 37 -45.37 3.07 -19.45
C VAL N 37 -45.76 2.78 -20.90
N ARG N 38 -47.06 2.59 -21.13
CA ARG N 38 -47.59 2.34 -22.45
C ARG N 38 -48.71 3.33 -22.78
N GLN N 39 -48.85 3.62 -24.07
CA GLN N 39 -49.86 4.55 -24.56
C GLN N 39 -50.53 3.94 -25.77
N ALA N 40 -51.83 3.72 -25.68
CA ALA N 40 -52.57 3.19 -26.81
C ALA N 40 -52.97 4.32 -27.76
N PRO N 41 -52.99 4.08 -29.08
CA PRO N 41 -53.36 5.14 -30.02
C PRO N 41 -54.81 5.59 -29.83
N GLY N 42 -54.99 6.83 -29.39
CA GLY N 42 -56.32 7.36 -29.16
C GLY N 42 -56.89 7.10 -27.78
N GLN N 43 -56.06 6.77 -26.80
CA GLN N 43 -56.52 6.50 -25.44
C GLN N 43 -55.54 7.13 -24.47
N GLY N 44 -55.74 6.85 -23.18
CA GLY N 44 -54.88 7.39 -22.14
C GLY N 44 -53.70 6.49 -21.83
N LEU N 45 -52.88 6.94 -20.90
CA LEU N 45 -51.69 6.20 -20.51
C LEU N 45 -52.06 5.07 -19.55
N GLU N 46 -51.14 4.12 -19.40
CA GLU N 46 -51.30 3.02 -18.48
C GLU N 46 -49.92 2.58 -18.00
N TRP N 47 -49.77 2.45 -16.69
CA TRP N 47 -48.48 2.10 -16.10
C TRP N 47 -48.26 0.60 -16.15
N MET N 48 -47.03 0.20 -16.45
CA MET N 48 -46.65 -1.21 -16.55
C MET N 48 -45.92 -1.71 -15.31
N GLY N 49 -44.85 -1.04 -14.91
CA GLY N 49 -44.09 -1.47 -13.75
C GLY N 49 -42.89 -0.59 -13.55
N TRP N 50 -42.12 -0.92 -12.51
CA TRP N 50 -40.90 -0.20 -12.17
C TRP N 50 -39.81 -1.18 -11.78
N ILE N 51 -38.60 -0.92 -12.27
CA ILE N 51 -37.43 -1.73 -11.98
C ILE N 51 -36.39 -0.85 -11.29
N ASN N 52 -35.70 -1.43 -10.32
CA ASN N 52 -34.60 -0.75 -9.63
C ASN N 52 -33.29 -1.34 -10.13
N PRO N 53 -32.53 -0.64 -10.98
CA PRO N 53 -31.31 -1.24 -11.53
C PRO N 53 -30.21 -1.44 -10.51
N ASN N 54 -30.33 -0.88 -9.31
CA ASN N 54 -29.30 -1.05 -8.29
C ASN N 54 -29.21 -2.50 -7.84
N SER N 55 -30.35 -3.15 -7.63
CA SER N 55 -30.38 -4.51 -7.11
C SER N 55 -31.31 -5.43 -7.88
N GLY N 56 -31.87 -4.98 -9.00
CA GLY N 56 -32.71 -5.84 -9.81
C GLY N 56 -34.08 -6.14 -9.24
N GLY N 57 -34.48 -5.47 -8.16
CA GLY N 57 -35.81 -5.67 -7.60
C GLY N 57 -36.88 -4.99 -8.42
N THR N 58 -37.81 -5.76 -8.96
CA THR N 58 -38.84 -5.24 -9.86
C THR N 58 -40.21 -5.34 -9.21
N ASN N 59 -41.15 -4.56 -9.74
CA ASN N 59 -42.53 -4.63 -9.30
C ASN N 59 -43.42 -4.09 -10.41
N TYR N 60 -44.33 -4.91 -10.91
CA TYR N 60 -45.18 -4.54 -12.03
C TYR N 60 -46.65 -4.73 -11.64
N ALA N 61 -47.52 -4.05 -12.40
CA ALA N 61 -48.95 -4.08 -12.13
C ALA N 61 -49.51 -5.47 -12.36
N GLN N 62 -50.75 -5.67 -11.90
CA GLN N 62 -51.40 -6.97 -12.03
C GLN N 62 -51.97 -7.22 -13.41
N LYS N 63 -52.07 -6.19 -14.25
CA LYS N 63 -52.60 -6.40 -15.61
C LYS N 63 -51.64 -7.21 -16.45
N PHE N 64 -50.34 -7.12 -16.18
CA PHE N 64 -49.32 -7.87 -16.91
C PHE N 64 -48.62 -8.91 -16.04
N GLN N 65 -49.24 -9.31 -14.93
CA GLN N 65 -48.62 -10.25 -14.02
C GLN N 65 -48.46 -11.60 -14.68
N GLY N 66 -47.23 -12.10 -14.71
CA GLY N 66 -46.97 -13.41 -15.27
C GLY N 66 -46.77 -13.45 -16.77
N ARG N 67 -46.55 -12.29 -17.40
CA ARG N 67 -46.32 -12.25 -18.84
C ARG N 67 -45.15 -11.37 -19.26
N VAL N 68 -44.64 -10.51 -18.38
CA VAL N 68 -43.53 -9.62 -18.70
C VAL N 68 -42.36 -9.94 -17.78
N THR N 69 -41.14 -9.78 -18.32
CA THR N 69 -39.91 -9.98 -17.57
C THR N 69 -39.00 -8.79 -17.81
N MET N 70 -38.47 -8.22 -16.74
CA MET N 70 -37.59 -7.07 -16.82
C MET N 70 -36.23 -7.41 -16.24
N THR N 71 -35.17 -7.12 -16.99
CA THR N 71 -33.81 -7.39 -16.55
C THR N 71 -32.98 -6.11 -16.59
N ARG N 72 -31.67 -6.23 -16.35
CA ARG N 72 -30.78 -5.07 -16.37
C ARG N 72 -29.34 -5.55 -16.48
N ASP N 73 -28.56 -4.83 -17.28
CA ASP N 73 -27.12 -5.08 -17.43
C ASP N 73 -26.40 -3.78 -17.09
N THR N 74 -26.09 -3.60 -15.80
CA THR N 74 -25.47 -2.36 -15.35
C THR N 74 -24.03 -2.22 -15.83
N SER N 75 -23.47 -3.24 -16.48
CA SER N 75 -22.10 -3.13 -16.99
C SER N 75 -22.01 -2.13 -18.13
N ILE N 76 -23.10 -1.94 -18.88
CA ILE N 76 -23.15 -1.00 -19.98
C ILE N 76 -24.28 0.01 -19.83
N SER N 77 -24.94 0.02 -18.67
CA SER N 77 -26.02 0.95 -18.35
C SER N 77 -27.14 0.91 -19.40
N THR N 78 -27.70 -0.29 -19.56
CA THR N 78 -28.82 -0.52 -20.46
C THR N 78 -29.86 -1.36 -19.75
N ALA N 79 -31.13 -1.18 -20.11
CA ALA N 79 -32.21 -1.99 -19.58
C ALA N 79 -32.81 -2.87 -20.67
N TYR N 80 -33.75 -3.72 -20.27
CA TYR N 80 -34.41 -4.62 -21.21
C TYR N 80 -35.86 -4.82 -20.78
N MET N 81 -36.66 -5.30 -21.72
CA MET N 81 -38.06 -5.61 -21.45
C MET N 81 -38.52 -6.68 -22.43
N GLU N 82 -38.97 -7.82 -21.90
CA GLU N 82 -39.44 -8.93 -22.71
C GLU N 82 -40.93 -9.13 -22.48
N LEU N 83 -41.60 -9.68 -23.49
CA LEU N 83 -43.04 -9.93 -23.41
C LEU N 83 -43.42 -10.93 -24.48
N SER N 84 -43.88 -12.11 -24.07
CA SER N 84 -44.34 -13.14 -24.98
C SER N 84 -45.83 -13.38 -24.78
N ARG N 85 -46.38 -14.31 -25.56
CA ARG N 85 -47.80 -14.65 -25.54
C ARG N 85 -48.65 -13.40 -25.75
N LEU N 86 -48.43 -12.78 -26.90
CA LEU N 86 -49.05 -11.49 -27.22
C LEU N 86 -50.50 -11.68 -27.66
N ARG N 87 -51.17 -10.56 -27.90
CA ARG N 87 -52.55 -10.54 -28.38
C ARG N 87 -52.66 -9.41 -29.39
N SER N 88 -53.90 -9.06 -29.75
CA SER N 88 -54.14 -7.99 -30.71
C SER N 88 -54.34 -6.63 -30.06
N ASP N 89 -54.81 -6.60 -28.81
CA ASP N 89 -55.08 -5.34 -28.13
C ASP N 89 -53.83 -4.70 -27.53
N ASP N 90 -52.66 -5.34 -27.67
CA ASP N 90 -51.42 -4.80 -27.14
C ASP N 90 -50.69 -3.89 -28.12
N THR N 91 -51.40 -3.32 -29.09
CA THR N 91 -50.81 -2.42 -30.06
C THR N 91 -50.75 -1.02 -29.44
N ALA N 92 -49.54 -0.54 -29.19
CA ALA N 92 -49.37 0.71 -28.44
C ALA N 92 -47.97 1.25 -28.69
N VAL N 93 -47.57 2.23 -27.88
CA VAL N 93 -46.21 2.76 -27.88
C VAL N 93 -45.69 2.72 -26.46
N TYR N 94 -44.42 2.32 -26.30
CA TYR N 94 -43.83 2.11 -24.98
C TYR N 94 -42.77 3.16 -24.69
N TYR N 95 -42.65 3.52 -23.41
CA TYR N 95 -41.71 4.54 -22.97
C TYR N 95 -41.06 4.10 -21.66
N CYS N 96 -39.81 4.53 -21.48
CA CYS N 96 -39.06 4.33 -20.24
C CYS N 96 -38.74 5.70 -19.65
N ALA N 97 -39.13 5.89 -18.38
CA ALA N 97 -39.02 7.19 -17.74
C ALA N 97 -38.27 7.08 -16.41
N THR N 98 -37.62 8.18 -16.04
CA THR N 98 -36.92 8.27 -14.76
C THR N 98 -37.32 9.55 -14.02
N GLN N 99 -36.68 9.82 -12.89
CA GLN N 99 -36.97 10.98 -12.05
C GLN N 99 -35.68 11.67 -11.63
N VAL N 100 -34.81 11.95 -12.60
CA VAL N 100 -33.44 12.36 -12.31
C VAL N 100 -33.39 13.70 -11.57
N LYS N 101 -34.31 14.62 -11.85
CA LYS N 101 -34.22 15.97 -11.32
C LYS N 101 -35.59 16.45 -10.86
N LEU N 102 -35.71 16.73 -9.57
CA LEU N 102 -36.92 17.26 -8.95
C LEU N 102 -36.59 17.67 -7.53
N ASP N 103 -37.26 18.74 -7.06
CA ASP N 103 -37.03 19.20 -5.70
C ASP N 103 -37.52 18.19 -4.67
N SER N 104 -38.69 17.60 -4.90
CA SER N 104 -39.23 16.63 -3.95
C SER N 104 -38.46 15.32 -4.02
N SER N 105 -38.56 14.53 -2.96
CA SER N 105 -37.83 13.28 -2.85
C SER N 105 -38.67 12.05 -3.17
N ALA N 106 -39.98 12.19 -3.30
CA ALA N 106 -40.83 11.05 -3.59
C ALA N 106 -40.56 10.52 -4.99
N GLY N 107 -40.89 9.24 -5.19
CA GLY N 107 -40.64 8.61 -6.47
C GLY N 107 -41.51 9.14 -7.60
N TYR N 108 -42.68 9.68 -7.27
CA TYR N 108 -43.60 10.20 -8.26
C TYR N 108 -43.77 11.71 -8.11
N PRO N 109 -44.01 12.44 -9.21
CA PRO N 109 -44.10 11.93 -10.58
C PRO N 109 -42.80 12.05 -11.35
N PHE N 110 -42.71 11.33 -12.47
CA PHE N 110 -41.54 11.37 -13.33
C PHE N 110 -41.71 12.43 -14.41
N ASP N 111 -40.60 13.07 -14.79
CA ASP N 111 -40.64 14.18 -15.73
C ASP N 111 -39.93 13.88 -17.03
N ILE N 112 -38.67 13.46 -16.98
CA ILE N 112 -37.89 13.21 -18.19
C ILE N 112 -38.39 11.93 -18.85
N TRP N 113 -38.50 11.96 -20.19
CA TRP N 113 -38.93 10.81 -20.96
C TRP N 113 -37.90 10.55 -22.07
N GLY N 114 -38.20 9.57 -22.91
CA GLY N 114 -37.31 9.25 -24.01
C GLY N 114 -37.99 9.38 -25.36
N GLN N 115 -37.38 8.81 -26.41
CA GLN N 115 -37.96 8.88 -27.74
C GLN N 115 -39.24 8.06 -27.83
N GLY N 116 -39.16 6.78 -27.47
CA GLY N 116 -40.31 5.91 -27.52
C GLY N 116 -40.36 5.06 -28.76
N THR N 117 -40.94 3.86 -28.64
CA THR N 117 -41.05 2.92 -29.76
C THR N 117 -42.49 2.45 -29.85
N MET N 118 -43.07 2.54 -31.04
CA MET N 118 -44.44 2.11 -31.28
C MET N 118 -44.42 0.67 -31.77
N VAL N 119 -44.98 -0.24 -30.98
CA VAL N 119 -45.04 -1.66 -31.30
C VAL N 119 -46.49 -2.01 -31.63
N THR N 120 -46.68 -2.68 -32.77
CA THR N 120 -47.99 -3.13 -33.21
C THR N 120 -47.85 -4.54 -33.78
N VAL N 121 -48.96 -5.26 -33.82
CA VAL N 121 -48.98 -6.64 -34.27
C VAL N 121 -49.95 -6.78 -35.43
N SER N 122 -49.71 -7.80 -36.26
CA SER N 122 -50.58 -8.12 -37.39
C SER N 122 -50.77 -9.62 -37.44
N SER N 123 -52.03 -10.05 -37.57
CA SER N 123 -52.33 -11.48 -37.60
C SER N 123 -51.68 -12.16 -38.80
N ALA N 124 -51.90 -11.63 -39.99
CA ALA N 124 -51.37 -12.19 -41.23
C ALA N 124 -50.42 -11.19 -41.87
N SER N 125 -49.88 -11.58 -43.02
CA SER N 125 -48.95 -10.72 -43.76
C SER N 125 -49.65 -10.06 -44.95
N GLN O 1 -9.80 -24.24 26.06
CA GLN O 1 -9.49 -24.08 27.48
C GLN O 1 -7.99 -24.22 27.73
N VAL O 2 -7.52 -23.59 28.81
CA VAL O 2 -6.10 -23.66 29.15
C VAL O 2 -5.81 -25.06 29.69
N GLN O 3 -4.99 -25.81 28.96
CA GLN O 3 -4.68 -27.19 29.32
C GLN O 3 -3.46 -27.63 28.53
N LEU O 4 -2.95 -28.80 28.89
CA LEU O 4 -1.76 -29.37 28.25
C LEU O 4 -1.96 -30.87 28.08
N VAL O 5 -1.85 -31.36 26.86
CA VAL O 5 -1.97 -32.78 26.58
C VAL O 5 -0.58 -33.37 26.40
N GLN O 6 -0.47 -34.66 26.69
CA GLN O 6 0.77 -35.41 26.52
C GLN O 6 0.46 -36.68 25.75
N SER O 7 1.51 -37.45 25.45
CA SER O 7 1.40 -38.70 24.73
C SER O 7 2.00 -39.82 25.56
N GLY O 8 1.20 -40.83 25.88
CA GLY O 8 1.68 -41.91 26.72
C GLY O 8 2.81 -42.67 26.06
N ALA O 9 3.74 -43.14 26.89
CA ALA O 9 4.96 -43.79 26.43
C ALA O 9 4.98 -45.25 26.90
N GLU O 10 5.60 -46.10 26.10
CA GLU O 10 5.74 -47.50 26.42
C GLU O 10 7.02 -47.73 27.24
N VAL O 11 7.09 -48.90 27.89
CA VAL O 11 8.27 -49.25 28.66
C VAL O 11 9.47 -49.40 27.72
N LYS O 12 10.59 -48.84 28.13
CA LYS O 12 11.80 -48.83 27.31
C LYS O 12 12.89 -49.66 27.96
N LYS O 13 13.87 -50.04 27.15
CA LYS O 13 15.01 -50.83 27.62
C LYS O 13 16.14 -49.91 28.08
N PRO O 14 17.01 -50.40 28.97
CA PRO O 14 18.12 -49.56 29.44
C PRO O 14 19.07 -49.22 28.30
N GLY O 15 19.61 -48.00 28.35
CA GLY O 15 20.49 -47.52 27.31
C GLY O 15 19.81 -46.95 26.09
N ALA O 16 18.51 -46.69 26.17
CA ALA O 16 17.73 -46.16 25.06
C ALA O 16 17.36 -44.72 25.31
N SER O 17 16.78 -44.09 24.29
CA SER O 17 16.36 -42.69 24.35
C SER O 17 14.84 -42.62 24.33
N VAL O 18 14.28 -41.83 25.24
CA VAL O 18 12.84 -41.63 25.31
C VAL O 18 12.47 -40.34 24.61
N LYS O 19 11.23 -40.26 24.17
CA LYS O 19 10.68 -39.09 23.50
C LYS O 19 9.41 -38.66 24.23
N VAL O 20 9.44 -37.48 24.83
CA VAL O 20 8.31 -36.94 25.57
C VAL O 20 7.80 -35.70 24.85
N SER O 21 6.49 -35.58 24.74
CA SER O 21 5.87 -34.44 24.09
C SER O 21 4.97 -33.69 25.08
N CYS O 22 4.57 -32.49 24.70
CA CYS O 22 3.66 -31.68 25.50
C CYS O 22 3.06 -30.63 24.57
N LYS O 23 1.75 -30.69 24.37
CA LYS O 23 1.07 -29.79 23.45
C LYS O 23 0.08 -28.93 24.22
N ALA O 24 0.18 -27.62 24.03
CA ALA O 24 -0.70 -26.66 24.69
C ALA O 24 -1.69 -26.09 23.68
N SER O 25 -2.68 -25.39 24.19
CA SER O 25 -3.72 -24.78 23.36
C SER O 25 -4.31 -23.60 24.11
N GLY O 26 -5.03 -22.76 23.37
CA GLY O 26 -5.69 -21.61 23.96
C GLY O 26 -4.81 -20.39 24.05
N TYR O 27 -4.22 -20.17 25.21
CA TYR O 27 -3.34 -19.03 25.44
C TYR O 27 -2.16 -19.06 24.46
N THR O 28 -1.55 -17.89 24.27
CA THR O 28 -0.41 -17.78 23.37
C THR O 28 0.78 -18.55 23.91
N PHE O 29 1.43 -19.32 23.05
CA PHE O 29 2.48 -20.24 23.48
C PHE O 29 3.85 -19.58 23.62
N THR O 30 4.10 -18.48 22.92
CA THR O 30 5.40 -17.83 22.90
C THR O 30 5.49 -16.67 23.89
N GLY O 31 4.79 -16.75 25.01
CA GLY O 31 4.79 -15.67 25.97
C GLY O 31 5.31 -16.04 27.35
N TYR O 32 5.19 -17.31 27.72
CA TYR O 32 5.54 -17.77 29.06
C TYR O 32 6.48 -18.97 28.97
N TYR O 33 7.12 -19.27 30.10
CA TYR O 33 8.07 -20.35 30.19
C TYR O 33 7.34 -21.70 30.15
N MET O 34 8.11 -22.78 30.29
CA MET O 34 7.53 -24.11 30.39
C MET O 34 8.51 -24.99 31.14
N HIS O 35 8.07 -25.56 32.26
CA HIS O 35 8.95 -26.36 33.11
C HIS O 35 8.70 -27.84 32.90
N TRP O 36 9.68 -28.65 33.32
CA TRP O 36 9.57 -30.10 33.32
C TRP O 36 9.83 -30.61 34.72
N VAL O 37 8.95 -31.47 35.21
CA VAL O 37 9.07 -32.01 36.56
C VAL O 37 8.88 -33.51 36.53
N ARG O 38 9.48 -34.22 37.48
CA ARG O 38 9.38 -35.65 37.59
C ARG O 38 8.92 -36.04 38.99
N GLN O 39 8.22 -37.17 39.07
CA GLN O 39 7.70 -37.68 40.34
C GLN O 39 7.98 -39.19 40.39
N ALA O 40 8.76 -39.60 41.37
CA ALA O 40 9.05 -41.02 41.54
C ALA O 40 7.92 -41.68 42.33
N PRO O 41 7.58 -42.93 42.01
CA PRO O 41 6.49 -43.60 42.73
C PRO O 41 6.83 -43.81 44.20
N GLY O 42 6.09 -43.13 45.08
CA GLY O 42 6.34 -43.23 46.50
C GLY O 42 7.37 -42.27 47.05
N GLN O 43 7.68 -41.20 46.33
CA GLN O 43 8.67 -40.22 46.78
C GLN O 43 8.13 -38.83 46.45
N GLY O 44 8.98 -37.81 46.66
CA GLY O 44 8.61 -36.45 46.38
C GLY O 44 8.96 -36.02 44.96
N LEU O 45 8.61 -34.77 44.66
CA LEU O 45 8.87 -34.23 43.33
C LEU O 45 10.33 -33.81 43.18
N GLU O 46 10.74 -33.64 41.93
CA GLU O 46 12.08 -33.17 41.63
C GLU O 46 12.04 -32.41 40.32
N TRP O 47 12.62 -31.21 40.30
CA TRP O 47 12.58 -30.34 39.14
C TRP O 47 13.68 -30.73 38.15
N MET O 48 13.34 -30.69 36.87
CA MET O 48 14.28 -31.06 35.81
C MET O 48 14.87 -29.84 35.12
N GLY O 49 14.04 -28.93 34.63
CA GLY O 49 14.53 -27.75 33.94
C GLY O 49 13.39 -26.91 33.43
N TRP O 50 13.75 -25.82 32.77
CA TRP O 50 12.78 -24.90 32.19
C TRP O 50 13.26 -24.44 30.83
N ILE O 51 12.32 -24.41 29.88
CA ILE O 51 12.58 -23.99 28.50
C ILE O 51 11.72 -22.76 28.20
N ASN O 52 12.28 -21.83 27.45
CA ASN O 52 11.58 -20.64 27.00
C ASN O 52 11.28 -20.78 25.53
N PRO O 53 10.05 -21.11 25.13
CA PRO O 53 9.78 -21.34 23.70
C PRO O 53 9.85 -20.09 22.85
N ASN O 54 9.95 -18.90 23.45
CA ASN O 54 10.03 -17.68 22.67
C ASN O 54 11.34 -17.62 21.88
N SER O 55 12.46 -17.98 22.50
CA SER O 55 13.76 -17.87 21.86
C SER O 55 14.61 -19.12 22.03
N GLY O 56 14.06 -20.21 22.57
CA GLY O 56 14.79 -21.46 22.67
C GLY O 56 15.84 -21.52 23.76
N GLY O 57 15.88 -20.53 24.65
CA GLY O 57 16.82 -20.55 25.76
C GLY O 57 16.39 -21.49 26.87
N THR O 58 17.20 -22.48 27.18
CA THR O 58 16.87 -23.50 28.16
C THR O 58 17.82 -23.42 29.35
N ASN O 59 17.38 -24.01 30.46
CA ASN O 59 18.23 -24.11 31.65
C ASN O 59 17.72 -25.26 32.50
N TYR O 60 18.57 -26.26 32.74
CA TYR O 60 18.20 -27.44 33.48
C TYR O 60 19.13 -27.65 34.67
N ALA O 61 18.65 -28.42 35.63
CA ALA O 61 19.40 -28.66 36.86
C ALA O 61 20.67 -29.45 36.56
N GLN O 62 21.55 -29.52 37.56
CA GLN O 62 22.82 -30.20 37.40
C GLN O 62 22.72 -31.71 37.55
N LYS O 63 21.58 -32.22 38.05
CA LYS O 63 21.41 -33.66 38.17
C LYS O 63 21.32 -34.33 36.81
N PHE O 64 20.78 -33.63 35.81
CA PHE O 64 20.63 -34.17 34.47
C PHE O 64 21.51 -33.44 33.45
N GLN O 65 22.55 -32.74 33.92
CA GLN O 65 23.41 -31.98 33.03
C GLN O 65 24.16 -32.91 32.08
N GLY O 66 24.02 -32.66 30.79
CA GLY O 66 24.71 -33.45 29.79
C GLY O 66 24.01 -34.74 29.39
N ARG O 67 22.73 -34.89 29.72
CA ARG O 67 21.98 -36.07 29.34
C ARG O 67 20.59 -35.78 28.78
N VAL O 68 20.07 -34.57 28.94
CA VAL O 68 18.74 -34.22 28.47
C VAL O 68 18.85 -33.08 27.46
N THR O 69 18.05 -33.15 26.40
CA THR O 69 17.99 -32.13 25.38
C THR O 69 16.53 -31.71 25.18
N MET O 70 16.28 -30.41 25.21
CA MET O 70 14.94 -29.87 25.07
C MET O 70 14.88 -28.97 23.84
N THR O 71 13.90 -29.23 22.97
CA THR O 71 13.71 -28.44 21.77
C THR O 71 12.32 -27.82 21.76
N ARG O 72 11.95 -27.18 20.66
CA ARG O 72 10.63 -26.58 20.53
C ARG O 72 10.33 -26.31 19.06
N ASP O 73 9.08 -26.54 18.67
CA ASP O 73 8.59 -26.27 17.31
C ASP O 73 7.39 -25.34 17.46
N THR O 74 7.65 -24.04 17.49
CA THR O 74 6.59 -23.06 17.69
C THR O 74 5.64 -22.96 16.50
N SER O 75 5.92 -23.65 15.40
CA SER O 75 5.01 -23.62 14.25
C SER O 75 3.72 -24.35 14.55
N ILE O 76 3.75 -25.34 15.43
CA ILE O 76 2.58 -26.11 15.82
C ILE O 76 2.35 -26.09 17.33
N SER O 77 3.08 -25.25 18.05
CA SER O 77 2.94 -25.05 19.49
C SER O 77 3.00 -26.37 20.26
N THR O 78 4.15 -27.04 20.12
CA THR O 78 4.45 -28.26 20.87
C THR O 78 5.86 -28.19 21.41
N ALA O 79 6.10 -28.83 22.55
CA ALA O 79 7.43 -28.95 23.11
C ALA O 79 7.93 -30.39 22.95
N TYR O 80 9.19 -30.60 23.32
CA TYR O 80 9.81 -31.91 23.20
C TYR O 80 10.80 -32.12 24.33
N MET O 81 11.09 -33.39 24.60
CA MET O 81 12.07 -33.75 25.63
C MET O 81 12.70 -35.08 25.24
N GLU O 82 14.02 -35.07 25.08
CA GLU O 82 14.78 -36.28 24.77
C GLU O 82 15.68 -36.65 25.93
N LEU O 83 15.99 -37.94 26.05
CA LEU O 83 16.84 -38.43 27.13
C LEU O 83 17.37 -39.80 26.74
N SER O 84 18.68 -39.92 26.58
CA SER O 84 19.34 -41.18 26.27
C SER O 84 20.25 -41.57 27.42
N ARG O 85 20.93 -42.71 27.26
CA ARG O 85 21.82 -43.27 28.26
C ARG O 85 21.10 -43.41 29.61
N LEU O 86 20.02 -44.21 29.58
CA LEU O 86 19.14 -44.34 30.72
C LEU O 86 19.73 -45.27 31.77
N ARG O 87 19.02 -45.40 32.89
CA ARG O 87 19.40 -46.28 33.98
C ARG O 87 18.12 -46.91 34.53
N SER O 88 18.23 -47.56 35.69
CA SER O 88 17.09 -48.21 36.32
C SER O 88 16.35 -47.30 37.29
N ASP O 89 17.04 -46.33 37.89
CA ASP O 89 16.43 -45.46 38.88
C ASP O 89 15.62 -44.32 38.27
N ASP O 90 15.53 -44.24 36.94
CA ASP O 90 14.79 -43.19 36.27
C ASP O 90 13.33 -43.57 36.02
N THR O 91 12.80 -44.50 36.81
CA THR O 91 11.40 -44.92 36.68
C THR O 91 10.53 -43.94 37.44
N ALA O 92 9.72 -43.17 36.72
CA ALA O 92 8.96 -42.08 37.34
C ALA O 92 7.82 -41.70 36.42
N VAL O 93 7.20 -40.55 36.71
CA VAL O 93 6.18 -39.96 35.84
C VAL O 93 6.56 -38.49 35.61
N TYR O 94 6.44 -38.05 34.37
CA TYR O 94 6.89 -36.73 33.96
C TYR O 94 5.70 -35.81 33.68
N TYR O 95 5.89 -34.52 33.96
CA TYR O 95 4.86 -33.52 33.78
C TYR O 95 5.46 -32.24 33.21
N CYS O 96 4.64 -31.53 32.41
CA CYS O 96 5.00 -30.23 31.85
C CYS O 96 4.02 -29.20 32.38
N ALA O 97 4.54 -28.14 32.99
CA ALA O 97 3.71 -27.15 33.66
C ALA O 97 4.06 -25.74 33.20
N THR O 98 3.07 -24.86 33.28
CA THR O 98 3.23 -23.45 32.97
C THR O 98 2.69 -22.58 34.10
N GLN O 99 2.63 -21.26 33.88
CA GLN O 99 2.18 -20.29 34.86
C GLN O 99 1.24 -19.28 34.21
N VAL O 100 0.23 -19.80 33.49
CA VAL O 100 -0.58 -18.96 32.61
C VAL O 100 -1.36 -17.90 33.37
N LYS O 101 -1.79 -18.18 34.60
CA LYS O 101 -2.69 -17.29 35.32
C LYS O 101 -2.29 -17.20 36.78
N LEU O 102 -1.93 -16.00 37.23
CA LEU O 102 -1.58 -15.72 38.62
C LEU O 102 -1.47 -14.21 38.77
N ASP O 103 -1.84 -13.72 39.95
CA ASP O 103 -1.75 -12.28 40.21
C ASP O 103 -0.30 -11.81 40.23
N SER O 104 0.59 -12.56 40.85
CA SER O 104 1.99 -12.17 40.93
C SER O 104 2.67 -12.35 39.58
N SER O 105 3.79 -11.64 39.41
CA SER O 105 4.52 -11.65 38.15
C SER O 105 5.73 -12.56 38.14
N ALA O 106 6.13 -13.08 39.29
CA ALA O 106 7.30 -13.96 39.36
C ALA O 106 7.02 -15.28 38.63
N GLY O 107 8.10 -15.94 38.21
CA GLY O 107 7.96 -17.17 37.48
C GLY O 107 7.45 -18.33 38.32
N TYR O 108 7.70 -18.29 39.62
CA TYR O 108 7.27 -19.33 40.53
C TYR O 108 6.20 -18.83 41.50
N PRO O 109 5.27 -19.69 41.92
CA PRO O 109 5.14 -21.10 41.53
C PRO O 109 4.17 -21.32 40.38
N PHE O 110 4.22 -22.51 39.79
CA PHE O 110 3.32 -22.87 38.70
C PHE O 110 2.10 -23.60 39.24
N ASP O 111 0.96 -23.38 38.58
CA ASP O 111 -0.31 -23.93 39.05
C ASP O 111 -0.92 -24.93 38.08
N ILE O 112 -1.09 -24.56 36.81
CA ILE O 112 -1.72 -25.44 35.84
C ILE O 112 -0.78 -26.57 35.47
N TRP O 113 -1.30 -27.78 35.39
CA TRP O 113 -0.53 -28.96 35.03
C TRP O 113 -1.22 -29.67 33.87
N GLY O 114 -0.68 -30.83 33.49
CA GLY O 114 -1.25 -31.61 32.41
C GLY O 114 -1.64 -33.01 32.84
N GLN O 115 -1.84 -33.90 31.87
CA GLN O 115 -2.22 -35.27 32.18
C GLN O 115 -1.06 -36.02 32.84
N GLY O 116 0.08 -36.08 32.15
CA GLY O 116 1.24 -36.78 32.67
C GLY O 116 1.45 -38.16 32.08
N THR O 117 2.70 -38.55 31.91
CA THR O 117 3.05 -39.84 31.35
C THR O 117 4.02 -40.55 32.28
N MET O 118 3.69 -41.78 32.65
CA MET O 118 4.53 -42.58 33.52
C MET O 118 5.48 -43.42 32.67
N VAL O 119 6.77 -43.17 32.80
CA VAL O 119 7.81 -43.88 32.06
C VAL O 119 8.58 -44.76 33.02
N THR O 120 8.74 -46.02 32.67
CA THR O 120 9.50 -46.98 33.47
C THR O 120 10.35 -47.82 32.54
N VAL O 121 11.39 -48.43 33.10
CA VAL O 121 12.35 -49.21 32.32
C VAL O 121 12.32 -50.65 32.80
N SER O 122 12.72 -51.55 31.89
CA SER O 122 12.80 -52.97 32.20
C SER O 122 14.09 -53.52 31.61
N SER O 123 14.90 -54.17 32.44
CA SER O 123 16.18 -54.70 31.98
C SER O 123 15.98 -55.77 30.92
N ALA O 124 15.13 -56.74 31.19
CA ALA O 124 14.85 -57.84 30.28
C ALA O 124 13.38 -57.83 29.89
N SER O 125 12.99 -58.81 29.07
CA SER O 125 11.62 -58.92 28.61
C SER O 125 10.88 -60.03 29.36
N SER P 2 33.16 45.75 -21.67
CA SER P 2 34.14 45.26 -22.64
C SER P 2 34.95 44.10 -22.07
N ALA P 3 36.06 44.43 -21.42
CA ALA P 3 36.93 43.44 -20.81
C ALA P 3 37.71 44.10 -19.69
N LEU P 4 38.35 43.27 -18.87
CA LEU P 4 39.15 43.74 -17.75
C LEU P 4 40.63 43.56 -18.06
N THR P 5 41.43 44.56 -17.72
CA THR P 5 42.87 44.54 -17.92
C THR P 5 43.58 44.77 -16.60
N GLN P 6 44.84 44.34 -16.53
CA GLN P 6 45.61 44.40 -15.30
C GLN P 6 47.09 44.36 -15.64
N PRO P 7 47.94 45.00 -14.82
CA PRO P 7 49.37 45.00 -15.12
C PRO P 7 49.95 43.60 -15.15
N ARG P 8 50.97 43.41 -15.98
CA ARG P 8 51.52 42.07 -16.22
C ARG P 8 52.24 41.55 -14.99
N SER P 9 53.08 42.39 -14.36
CA SER P 9 53.85 41.96 -13.21
C SER P 9 54.21 43.16 -12.35
N VAL P 10 54.33 42.92 -11.04
CA VAL P 10 54.74 43.94 -10.08
C VAL P 10 55.79 43.34 -9.18
N SER P 11 56.73 44.18 -8.73
CA SER P 11 57.81 43.71 -7.88
C SER P 11 57.34 43.59 -6.43
N GLY P 12 58.11 42.82 -5.65
CA GLY P 12 57.79 42.63 -4.25
C GLY P 12 58.98 42.09 -3.50
N SER P 13 59.15 42.56 -2.26
CA SER P 13 60.22 42.15 -1.39
C SER P 13 59.68 41.36 -0.20
N PRO P 14 60.46 40.43 0.35
CA PRO P 14 59.97 39.65 1.50
C PRO P 14 59.67 40.54 2.69
N GLY P 15 58.56 40.25 3.36
CA GLY P 15 58.12 40.99 4.53
C GLY P 15 57.31 42.23 4.23
N GLN P 16 57.61 42.90 3.11
CA GLN P 16 56.91 44.14 2.77
C GLN P 16 55.51 43.84 2.26
N SER P 17 54.55 44.68 2.66
CA SER P 17 53.19 44.57 2.18
C SER P 17 53.10 45.13 0.77
N VAL P 18 52.40 44.42 -0.11
CA VAL P 18 52.29 44.83 -1.51
C VAL P 18 50.82 45.01 -1.87
N THR P 19 50.59 45.59 -3.04
CA THR P 19 49.25 45.93 -3.50
C THR P 19 49.10 45.61 -4.97
N ILE P 20 47.86 45.35 -5.39
CA ILE P 20 47.54 45.19 -6.81
C ILE P 20 46.12 45.71 -7.05
N SER P 21 45.97 46.58 -8.05
CA SER P 21 44.69 47.20 -8.32
C SER P 21 44.46 47.28 -9.82
N CYS P 22 43.26 46.87 -10.25
CA CYS P 22 42.93 46.87 -11.68
C CYS P 22 41.42 46.88 -11.86
N THR P 23 40.95 47.81 -12.69
CA THR P 23 39.54 47.90 -13.07
C THR P 23 39.47 48.37 -14.52
N GLY P 24 38.37 48.04 -15.19
CA GLY P 24 38.11 48.59 -16.51
C GLY P 24 37.40 49.92 -16.42
N THR P 25 36.48 50.17 -17.35
CA THR P 25 35.67 51.39 -17.25
C THR P 25 34.58 51.21 -16.22
N SER P 26 34.07 52.33 -15.69
CA SER P 26 33.09 52.29 -14.62
C SER P 26 31.67 52.09 -15.11
N SER P 27 31.43 52.19 -16.43
CA SER P 27 30.08 52.09 -16.95
C SER P 27 29.51 50.69 -16.81
N ASP P 28 30.31 49.66 -17.11
CA ASP P 28 29.83 48.29 -16.96
C ASP P 28 30.08 47.77 -15.55
N VAL P 29 31.17 48.21 -14.92
CA VAL P 29 31.45 47.80 -13.55
C VAL P 29 30.40 48.35 -12.60
N GLY P 30 30.18 49.66 -12.62
CA GLY P 30 29.20 50.29 -11.75
C GLY P 30 29.50 50.19 -10.27
N GLY P 31 30.62 49.55 -9.91
CA GLY P 31 30.99 49.37 -8.53
C GLY P 31 30.25 48.26 -7.80
N TYR P 32 29.33 47.55 -8.46
CA TYR P 32 28.55 46.52 -7.81
C TYR P 32 28.67 45.15 -8.45
N ASN P 33 29.50 45.00 -9.50
CA ASN P 33 29.68 43.67 -10.08
C ASN P 33 30.39 42.71 -9.13
N TYR P 34 31.14 43.24 -8.17
CA TYR P 34 31.81 42.44 -7.14
C TYR P 34 32.79 41.44 -7.78
N VAL P 35 33.81 42.00 -8.44
CA VAL P 35 34.84 41.19 -9.08
C VAL P 35 35.55 40.33 -8.04
N SER P 36 35.78 39.07 -8.38
CA SER P 36 36.46 38.13 -7.51
C SER P 36 37.96 38.11 -7.82
N TRP P 37 38.71 37.30 -7.08
CA TRP P 37 40.14 37.17 -7.32
C TRP P 37 40.57 35.71 -7.20
N TYR P 38 41.26 35.22 -8.21
CA TYR P 38 41.75 33.84 -8.26
C TYR P 38 43.28 33.82 -8.21
N GLN P 39 43.81 32.73 -7.69
CA GLN P 39 45.25 32.48 -7.64
C GLN P 39 45.57 31.28 -8.52
N GLN P 40 46.39 31.49 -9.54
CA GLN P 40 46.78 30.46 -10.48
C GLN P 40 48.22 30.03 -10.17
N HIS P 41 48.38 28.80 -9.74
CA HIS P 41 49.70 28.26 -9.43
C HIS P 41 50.37 27.70 -10.69
N PRO P 42 51.70 27.67 -10.73
CA PRO P 42 52.39 27.10 -11.91
C PRO P 42 52.12 25.62 -12.09
N GLY P 43 51.39 25.28 -13.15
CA GLY P 43 51.11 23.89 -13.44
C GLY P 43 50.20 23.21 -12.44
N LYS P 44 49.31 23.96 -11.79
CA LYS P 44 48.39 23.37 -10.82
C LYS P 44 46.96 23.81 -11.10
N ALA P 45 46.05 23.48 -10.18
CA ALA P 45 44.66 23.86 -10.31
C ALA P 45 44.39 25.15 -9.55
N PRO P 46 43.88 26.19 -10.19
CA PRO P 46 43.64 27.45 -9.48
C PRO P 46 42.62 27.28 -8.36
N LYS P 47 42.59 28.28 -7.47
CA LYS P 47 41.69 28.25 -6.33
C LYS P 47 41.26 29.67 -6.01
N LEU P 48 40.11 29.79 -5.35
CA LEU P 48 39.56 31.10 -5.03
C LEU P 48 40.26 31.69 -3.81
N MET P 49 40.72 32.93 -3.95
CA MET P 49 41.31 33.70 -2.85
C MET P 49 40.31 34.59 -2.15
N ILE P 50 39.48 35.32 -2.90
CA ILE P 50 38.45 36.17 -2.30
C ILE P 50 37.30 36.28 -3.30
N TYR P 51 36.09 36.03 -2.81
CA TYR P 51 34.88 36.07 -3.61
C TYR P 51 34.30 37.49 -3.58
N ASP P 52 33.02 37.64 -3.94
CA ASP P 52 32.50 38.84 -4.59
C ASP P 52 33.12 40.15 -4.10
N VAL P 53 33.01 40.47 -2.83
CA VAL P 53 33.60 41.70 -2.29
C VAL P 53 33.63 41.68 -0.78
N SER P 54 34.68 42.25 -0.20
CA SER P 54 34.79 42.53 1.23
C SER P 54 34.48 41.31 2.10
N LYS P 55 34.64 40.11 1.56
CA LYS P 55 34.33 38.89 2.29
C LYS P 55 35.31 37.81 1.89
N ARG P 56 35.75 37.01 2.86
CA ARG P 56 36.73 35.97 2.64
C ARG P 56 36.08 34.61 2.80
N PRO P 57 36.31 33.68 1.87
CA PRO P 57 35.75 32.33 2.01
C PRO P 57 36.52 31.53 3.05
N SER P 58 35.99 30.35 3.35
CA SER P 58 36.59 29.47 4.34
C SER P 58 37.77 28.72 3.74
N GLY P 59 38.70 28.33 4.61
CA GLY P 59 39.86 27.55 4.21
C GLY P 59 41.06 28.33 3.77
N VAL P 60 40.95 29.65 3.65
CA VAL P 60 42.08 30.48 3.20
C VAL P 60 42.43 31.49 4.29
N PRO P 61 43.71 31.73 4.55
CA PRO P 61 44.08 32.73 5.55
C PRO P 61 43.70 34.14 5.11
N ASP P 62 43.33 34.97 6.08
CA ASP P 62 42.94 36.35 5.83
C ASP P 62 44.11 37.32 6.01
N ARG P 63 45.35 36.83 5.98
CA ARG P 63 46.50 37.72 6.11
C ARG P 63 46.67 38.62 4.89
N PHE P 64 46.08 38.24 3.75
CA PHE P 64 46.06 39.08 2.55
C PHE P 64 44.63 39.12 2.04
N SER P 65 44.12 40.33 1.81
CA SER P 65 42.71 40.48 1.49
C SER P 65 42.51 41.68 0.59
N GLY P 66 41.29 41.82 0.06
CA GLY P 66 40.97 42.87 -0.86
C GLY P 66 39.91 43.82 -0.33
N SER P 67 39.68 44.88 -1.11
CA SER P 67 38.66 45.87 -0.81
C SER P 67 38.25 46.54 -2.12
N LYS P 68 37.16 47.31 -2.07
CA LYS P 68 36.64 48.01 -3.23
C LYS P 68 36.49 49.48 -2.90
N SER P 69 37.24 50.32 -3.60
CA SER P 69 37.15 51.76 -3.43
C SER P 69 35.97 52.29 -4.25
N GLY P 70 35.87 53.61 -4.38
CA GLY P 70 34.78 54.19 -5.13
C GLY P 70 34.83 53.89 -6.61
N ASN P 71 36.04 53.68 -7.16
CA ASN P 71 36.17 53.39 -8.58
C ASN P 71 37.22 52.32 -8.87
N THR P 72 37.84 51.70 -7.87
CA THR P 72 38.90 50.74 -8.11
C THR P 72 38.88 49.67 -7.03
N ALA P 73 38.92 48.41 -7.46
CA ALA P 73 39.02 47.28 -6.55
C ALA P 73 40.48 46.90 -6.38
N SER P 74 40.95 46.90 -5.12
CA SER P 74 42.34 46.64 -4.81
C SER P 74 42.47 45.38 -3.97
N LEU P 75 43.67 44.81 -3.98
CA LEU P 75 44.01 43.62 -3.20
C LEU P 75 45.34 43.89 -2.52
N THR P 76 45.33 43.95 -1.19
CA THR P 76 46.51 44.21 -0.38
C THR P 76 46.99 42.88 0.18
N ILE P 77 48.23 42.52 -0.14
CA ILE P 77 48.90 41.36 0.45
C ILE P 77 49.75 41.87 1.60
N SER P 78 49.25 41.69 2.83
CA SER P 78 49.95 42.12 4.02
C SER P 78 50.79 40.98 4.57
N GLY P 79 52.04 41.27 4.92
CA GLY P 79 52.94 40.25 5.40
C GLY P 79 53.29 39.24 4.32
N LEU P 80 53.98 39.71 3.29
CA LEU P 80 54.38 38.84 2.19
C LEU P 80 55.33 37.76 2.71
N GLN P 81 55.14 36.53 2.21
CA GLN P 81 55.97 35.42 2.64
C GLN P 81 56.58 34.72 1.43
N ALA P 82 57.19 33.55 1.67
CA ALA P 82 57.86 32.79 0.61
C ALA P 82 56.94 31.76 -0.05
N GLU P 83 55.62 31.99 -0.03
CA GLU P 83 54.68 31.09 -0.68
C GLU P 83 53.74 31.83 -1.62
N ASP P 84 54.08 33.06 -2.01
CA ASP P 84 53.25 33.88 -2.89
C ASP P 84 53.77 33.89 -4.31
N GLU P 85 54.31 32.78 -4.79
CA GLU P 85 54.86 32.68 -6.14
C GLU P 85 53.78 32.08 -7.05
N ALA P 86 52.78 32.89 -7.36
CA ALA P 86 51.69 32.46 -8.22
C ALA P 86 51.03 33.69 -8.85
N ASP P 87 50.36 33.45 -9.98
CA ASP P 87 49.69 34.51 -10.69
C ASP P 87 48.36 34.87 -10.02
N TYR P 88 47.93 36.11 -10.21
CA TYR P 88 46.66 36.59 -9.65
C TYR P 88 45.78 37.09 -10.79
N TYR P 89 44.55 36.60 -10.83
CA TYR P 89 43.59 36.94 -11.88
C TYR P 89 42.37 37.59 -11.26
N CYS P 90 41.79 38.57 -11.96
CA CYS P 90 40.52 39.16 -11.58
C CYS P 90 39.44 38.66 -12.52
N SER P 91 38.23 38.43 -11.99
CA SER P 91 37.17 37.83 -12.77
C SER P 91 35.83 38.46 -12.43
N ALA P 92 35.10 38.86 -13.47
CA ALA P 92 33.72 39.28 -13.35
C ALA P 92 32.81 38.06 -13.54
N PHE P 93 31.52 38.31 -13.76
CA PHE P 93 30.59 37.21 -14.01
C PHE P 93 31.08 36.30 -15.13
N GLU P 94 31.45 36.88 -16.27
CA GLU P 94 31.90 36.09 -17.41
C GLU P 94 33.24 36.59 -17.94
N TYR P 95 33.53 37.88 -17.76
CA TYR P 95 34.77 38.45 -18.26
C TYR P 95 35.92 38.15 -17.31
N PHE P 96 37.13 38.12 -17.88
CA PHE P 96 38.34 37.85 -17.13
C PHE P 96 39.39 38.93 -17.43
N GLY P 97 40.46 38.91 -16.63
CA GLY P 97 41.54 39.86 -16.81
C GLY P 97 42.68 39.29 -17.63
N GLY P 98 43.69 40.13 -17.86
CA GLY P 98 44.84 39.69 -18.63
C GLY P 98 45.79 38.81 -17.85
N GLY P 99 46.13 39.23 -16.64
CA GLY P 99 46.98 38.45 -15.75
C GLY P 99 47.96 39.33 -15.01
N THR P 100 48.29 38.93 -13.78
CA THR P 100 49.28 39.64 -12.97
C THR P 100 50.19 38.62 -12.32
N LYS P 101 51.49 38.91 -12.31
CA LYS P 101 52.47 38.07 -11.63
C LYS P 101 53.08 38.84 -10.47
N LEU P 102 53.22 38.15 -9.34
CA LEU P 102 53.80 38.74 -8.13
C LEU P 102 55.11 38.03 -7.83
N THR P 103 56.22 38.75 -7.97
CA THR P 103 57.55 38.19 -7.83
C THR P 103 58.14 38.58 -6.49
N VAL P 104 58.97 37.70 -5.94
CA VAL P 104 59.65 37.93 -4.67
C VAL P 104 61.15 37.95 -4.93
N LEU P 105 61.89 38.49 -3.96
CA LEU P 105 63.33 38.61 -4.05
C LEU P 105 63.99 37.46 -3.29
N SER P 106 64.87 36.74 -3.98
CA SER P 106 65.56 35.61 -3.37
C SER P 106 66.70 36.09 -2.48
N SER Q 2 -60.00 4.62 -6.82
CA SER Q 2 -60.45 4.06 -8.10
C SER Q 2 -59.59 4.56 -9.24
N ALA Q 3 -60.06 5.61 -9.91
CA ALA Q 3 -59.34 6.21 -11.03
C ALA Q 3 -59.76 7.66 -11.15
N LEU Q 4 -59.03 8.40 -11.97
CA LEU Q 4 -59.29 9.82 -12.21
C LEU Q 4 -59.93 10.00 -13.58
N THR Q 5 -60.91 10.90 -13.65
CA THR Q 5 -61.62 11.21 -14.87
C THR Q 5 -61.53 12.71 -15.16
N GLN Q 6 -61.74 13.06 -16.42
CA GLN Q 6 -61.64 14.45 -16.86
C GLN Q 6 -62.39 14.61 -18.18
N PRO Q 7 -62.93 15.80 -18.44
CA PRO Q 7 -63.68 16.00 -19.69
C PRO Q 7 -62.82 15.75 -20.91
N ARG Q 8 -63.46 15.24 -21.98
CA ARG Q 8 -62.72 14.82 -23.16
C ARG Q 8 -62.11 16.02 -23.88
N SER Q 9 -62.89 17.09 -24.06
CA SER Q 9 -62.41 18.25 -24.79
C SER Q 9 -63.14 19.49 -24.31
N VAL Q 10 -62.44 20.63 -24.34
CA VAL Q 10 -63.00 21.92 -23.99
C VAL Q 10 -62.60 22.93 -25.05
N SER Q 11 -63.48 23.88 -25.33
CA SER Q 11 -63.22 24.88 -26.35
C SER Q 11 -62.32 25.99 -25.81
N GLY Q 12 -61.72 26.74 -26.72
CA GLY Q 12 -60.84 27.83 -26.35
C GLY Q 12 -60.64 28.78 -27.50
N SER Q 13 -60.58 30.08 -27.19
CA SER Q 13 -60.36 31.12 -28.17
C SER Q 13 -59.02 31.79 -27.96
N PRO Q 14 -58.37 32.26 -29.02
CA PRO Q 14 -57.06 32.92 -28.88
C PRO Q 14 -57.15 34.16 -27.99
N GLY Q 15 -56.15 34.33 -27.14
CA GLY Q 15 -56.07 35.45 -26.23
C GLY Q 15 -56.82 35.27 -24.93
N GLN Q 16 -57.96 34.58 -24.97
CA GLN Q 16 -58.77 34.40 -23.78
C GLN Q 16 -58.13 33.39 -22.83
N SER Q 17 -58.20 33.67 -21.53
CA SER Q 17 -57.73 32.76 -20.51
C SER Q 17 -58.71 31.62 -20.33
N VAL Q 18 -58.21 30.39 -20.31
CA VAL Q 18 -59.05 29.20 -20.23
C VAL Q 18 -58.73 28.44 -18.95
N THR Q 19 -59.62 27.50 -18.61
CA THR Q 19 -59.49 26.73 -17.39
C THR Q 19 -59.86 25.27 -17.66
N ILE Q 20 -59.25 24.37 -16.89
CA ILE Q 20 -59.60 22.96 -16.93
C ILE Q 20 -59.54 22.40 -15.52
N SER Q 21 -60.62 21.77 -15.07
CA SER Q 21 -60.72 21.28 -13.70
C SER Q 21 -61.31 19.88 -13.71
N CYS Q 22 -60.68 18.97 -12.99
CA CYS Q 22 -61.14 17.59 -12.89
C CYS Q 22 -60.65 16.99 -11.57
N THR Q 23 -61.49 16.13 -11.00
CA THR Q 23 -61.18 15.46 -9.74
C THR Q 23 -62.17 14.33 -9.53
N GLY Q 24 -61.65 13.15 -9.14
CA GLY Q 24 -62.50 12.02 -8.86
C GLY Q 24 -63.13 12.10 -7.48
N THR Q 25 -63.32 10.95 -6.83
CA THR Q 25 -63.88 10.94 -5.49
C THR Q 25 -62.84 11.41 -4.49
N SER Q 26 -63.26 12.30 -3.58
CA SER Q 26 -62.33 12.94 -2.66
C SER Q 26 -61.78 12.00 -1.60
N SER Q 27 -62.37 10.81 -1.44
CA SER Q 27 -61.86 9.87 -0.44
C SER Q 27 -60.48 9.35 -0.84
N ASP Q 28 -60.23 9.18 -2.13
CA ASP Q 28 -58.90 8.77 -2.59
C ASP Q 28 -57.98 9.97 -2.74
N VAL Q 29 -58.52 11.12 -3.13
CA VAL Q 29 -57.71 12.32 -3.28
C VAL Q 29 -57.31 12.88 -1.93
N GLY Q 30 -58.29 13.25 -1.11
CA GLY Q 30 -58.01 13.83 0.19
C GLY Q 30 -57.39 15.22 0.13
N GLY Q 31 -57.12 15.70 -1.08
CA GLY Q 31 -56.53 17.01 -1.27
C GLY Q 31 -55.04 17.09 -1.08
N TYR Q 32 -54.37 15.97 -0.76
CA TYR Q 32 -52.94 16.00 -0.48
C TYR Q 32 -52.12 15.06 -1.36
N ASN Q 33 -52.73 14.34 -2.30
CA ASN Q 33 -51.93 13.50 -3.19
C ASN Q 33 -51.09 14.34 -4.15
N TYR Q 34 -51.47 15.59 -4.39
CA TYR Q 34 -50.72 16.51 -5.24
C TYR Q 34 -50.62 15.97 -6.67
N VAL Q 35 -51.78 15.89 -7.32
CA VAL Q 35 -51.86 15.42 -8.70
C VAL Q 35 -51.02 16.32 -9.60
N SER Q 36 -50.28 15.71 -10.52
CA SER Q 36 -49.44 16.43 -11.45
C SER Q 36 -50.20 16.68 -12.74
N TRP Q 37 -49.55 17.36 -13.70
CA TRP Q 37 -50.17 17.59 -15.01
C TRP Q 37 -49.14 17.43 -16.11
N TYR Q 38 -49.45 16.57 -17.07
CA TYR Q 38 -48.59 16.30 -18.21
C TYR Q 38 -49.20 16.86 -19.49
N GLN Q 39 -48.32 17.19 -20.44
CA GLN Q 39 -48.72 17.66 -21.77
C GLN Q 39 -48.28 16.64 -22.80
N GLN Q 40 -49.25 16.05 -23.50
CA GLN Q 40 -49.00 15.05 -24.52
C GLN Q 40 -49.13 15.71 -25.89
N HIS Q 41 -48.02 15.79 -26.61
CA HIS Q 41 -48.03 16.38 -27.94
C HIS Q 41 -48.41 15.35 -29.00
N PRO Q 42 -48.99 15.77 -30.13
CA PRO Q 42 -49.35 14.82 -31.17
C PRO Q 42 -48.13 14.14 -31.80
N GLY Q 43 -48.01 12.84 -31.58
CA GLY Q 43 -46.90 12.10 -32.16
C GLY Q 43 -45.53 12.48 -31.63
N LYS Q 44 -45.46 12.95 -30.39
CA LYS Q 44 -44.18 13.34 -29.81
C LYS Q 44 -43.99 12.71 -28.43
N ALA Q 45 -42.95 13.12 -27.71
CA ALA Q 45 -42.67 12.62 -26.38
C ALA Q 45 -43.27 13.57 -25.35
N PRO Q 46 -44.13 13.10 -24.45
CA PRO Q 46 -44.75 14.00 -23.48
C PRO Q 46 -43.71 14.62 -22.55
N LYS Q 47 -44.12 15.70 -21.88
CA LYS Q 47 -43.25 16.41 -20.97
C LYS Q 47 -44.08 16.96 -19.82
N LEU Q 48 -43.41 17.19 -18.69
CA LEU Q 48 -44.09 17.67 -17.49
C LEU Q 48 -44.31 19.17 -17.56
N MET Q 49 -45.55 19.59 -17.34
CA MET Q 49 -45.90 21.01 -17.24
C MET Q 49 -45.89 21.53 -15.81
N ILE Q 50 -46.44 20.78 -14.87
CA ILE Q 50 -46.43 21.16 -13.47
C ILE Q 50 -46.46 19.91 -12.60
N TYR Q 51 -45.52 19.84 -11.66
CA TYR Q 51 -45.39 18.71 -10.75
C TYR Q 51 -46.27 18.95 -9.53
N ASP Q 52 -46.02 18.22 -8.44
CA ASP Q 52 -47.03 17.82 -7.47
C ASP Q 52 -48.13 18.87 -7.22
N VAL Q 53 -47.76 20.06 -6.75
CA VAL Q 53 -48.77 21.09 -6.51
C VAL Q 53 -48.11 22.46 -6.30
N SER Q 54 -48.77 23.51 -6.78
CA SER Q 54 -48.42 24.90 -6.50
C SER Q 54 -46.96 25.21 -6.76
N LYS Q 55 -46.32 24.46 -7.64
CA LYS Q 55 -44.90 24.65 -7.92
C LYS Q 55 -44.63 24.31 -9.38
N ARG Q 56 -43.75 25.09 -10.00
CA ARG Q 56 -43.43 24.93 -11.41
C ARG Q 56 -41.99 24.45 -11.55
N PRO Q 57 -41.74 23.43 -12.37
CA PRO Q 57 -40.37 22.98 -12.59
C PRO Q 57 -39.60 23.95 -13.50
N SER Q 58 -38.31 23.70 -13.62
CA SER Q 58 -37.45 24.56 -14.42
C SER Q 58 -37.61 24.22 -15.91
N GLY Q 59 -37.26 25.20 -16.75
CA GLY Q 59 -37.29 25.03 -18.18
C GLY Q 59 -38.64 25.29 -18.85
N VAL Q 60 -39.71 25.46 -18.08
CA VAL Q 60 -41.04 25.68 -18.66
C VAL Q 60 -41.54 27.06 -18.25
N PRO Q 61 -42.19 27.80 -19.14
CA PRO Q 61 -42.74 29.09 -18.74
C PRO Q 61 -43.89 28.95 -17.76
N ASP Q 62 -44.04 29.96 -16.89
CA ASP Q 62 -45.10 29.99 -15.90
C ASP Q 62 -46.30 30.83 -16.33
N ARG Q 63 -46.47 31.07 -17.63
CA ARG Q 63 -47.61 31.84 -18.10
C ARG Q 63 -48.92 31.08 -17.95
N PHE Q 64 -48.87 29.76 -17.84
CA PHE Q 64 -50.04 28.94 -17.55
C PHE Q 64 -49.69 28.00 -16.42
N SER Q 65 -50.53 27.97 -15.38
CA SER Q 65 -50.17 27.23 -14.17
C SER Q 65 -51.43 26.70 -13.51
N GLY Q 66 -51.25 25.83 -12.53
CA GLY Q 66 -52.34 25.19 -11.83
C GLY Q 66 -52.43 25.59 -10.37
N SER Q 67 -53.49 25.10 -9.73
CA SER Q 67 -53.71 25.31 -8.31
C SER Q 67 -54.60 24.18 -7.79
N LYS Q 68 -54.71 24.08 -6.48
CA LYS Q 68 -55.51 23.06 -5.82
C LYS Q 68 -56.53 23.73 -4.92
N SER Q 69 -57.82 23.57 -5.25
CA SER Q 69 -58.89 24.11 -4.43
C SER Q 69 -59.15 23.17 -3.26
N GLY Q 70 -60.24 23.41 -2.54
CA GLY Q 70 -60.55 22.57 -1.39
C GLY Q 70 -60.98 21.17 -1.77
N ASN Q 71 -61.52 21.00 -2.99
CA ASN Q 71 -61.98 19.68 -3.41
C ASN Q 71 -61.66 19.36 -4.87
N THR Q 72 -60.95 20.23 -5.58
CA THR Q 72 -60.67 20.01 -6.99
C THR Q 72 -59.40 20.73 -7.39
N ALA Q 73 -58.56 20.03 -8.16
CA ALA Q 73 -57.35 20.63 -8.72
C ALA Q 73 -57.67 21.19 -10.10
N SER Q 74 -57.28 22.46 -10.31
CA SER Q 74 -57.57 23.16 -11.55
C SER Q 74 -56.29 23.62 -12.21
N LEU Q 75 -56.37 23.90 -13.51
CA LEU Q 75 -55.24 24.38 -14.30
C LEU Q 75 -55.75 25.55 -15.14
N THR Q 76 -55.22 26.74 -14.89
CA THR Q 76 -55.59 27.96 -15.59
C THR Q 76 -54.50 28.26 -16.61
N ILE Q 77 -54.89 28.32 -17.89
CA ILE Q 77 -54.01 28.76 -18.96
C ILE Q 77 -54.30 30.24 -19.20
N SER Q 78 -53.42 31.10 -18.70
CA SER Q 78 -53.57 32.54 -18.85
C SER Q 78 -52.81 33.00 -20.08
N GLY Q 79 -53.48 33.79 -20.92
CA GLY Q 79 -52.88 34.25 -22.16
C GLY Q 79 -52.66 33.11 -23.13
N LEU Q 80 -53.77 32.55 -23.63
CA LEU Q 80 -53.68 31.46 -24.59
C LEU Q 80 -52.99 31.94 -25.87
N GLN Q 81 -52.13 31.09 -26.42
CA GLN Q 81 -51.39 31.42 -27.63
C GLN Q 81 -51.59 30.35 -28.70
N ALA Q 82 -50.81 30.43 -29.78
CA ALA Q 82 -50.93 29.48 -30.89
C ALA Q 82 -50.00 28.30 -30.77
N GLU Q 83 -49.61 27.92 -29.54
CA GLU Q 83 -48.75 26.76 -29.32
C GLU Q 83 -49.32 25.82 -28.27
N ASP Q 84 -50.62 25.93 -27.98
CA ASP Q 84 -51.29 25.09 -26.97
C ASP Q 84 -52.13 24.00 -27.61
N GLU Q 85 -51.67 23.44 -28.73
CA GLU Q 85 -52.39 22.38 -29.45
C GLU Q 85 -51.84 21.03 -29.00
N ALA Q 86 -52.17 20.65 -27.78
CA ALA Q 86 -51.72 19.38 -27.21
C ALA Q 86 -52.67 18.94 -26.12
N ASP Q 87 -52.66 17.64 -25.83
CA ASP Q 87 -53.54 17.08 -24.82
C ASP Q 87 -52.97 17.31 -23.43
N TYR Q 88 -53.86 17.36 -22.44
CA TYR Q 88 -53.48 17.55 -21.05
C TYR Q 88 -53.97 16.38 -20.22
N TYR Q 89 -53.08 15.77 -19.45
CA TYR Q 89 -53.38 14.61 -18.62
C TYR Q 89 -53.12 14.93 -17.16
N CYS Q 90 -53.95 14.40 -16.29
CA CYS Q 90 -53.71 14.47 -14.85
C CYS Q 90 -53.24 13.11 -14.35
N SER Q 91 -52.30 13.10 -13.42
CA SER Q 91 -51.69 11.87 -12.96
C SER Q 91 -51.43 11.91 -11.46
N ALA Q 92 -51.87 10.85 -10.79
CA ALA Q 92 -51.56 10.63 -9.38
C ALA Q 92 -50.28 9.80 -9.28
N PHE Q 93 -50.01 9.23 -8.11
CA PHE Q 93 -48.85 8.37 -7.93
C PHE Q 93 -48.78 7.29 -9.01
N GLU Q 94 -49.89 6.57 -9.21
CA GLU Q 94 -49.92 5.48 -10.17
C GLU Q 94 -51.12 5.59 -11.11
N TYR Q 95 -52.18 6.25 -10.64
CA TYR Q 95 -53.39 6.38 -11.43
C TYR Q 95 -53.27 7.52 -12.43
N PHE Q 96 -54.02 7.41 -13.53
CA PHE Q 96 -54.02 8.42 -14.58
C PHE Q 96 -55.46 8.81 -14.91
N GLY Q 97 -55.59 9.86 -15.72
CA GLY Q 97 -56.90 10.32 -16.14
C GLY Q 97 -57.27 9.86 -17.53
N GLY Q 98 -58.47 10.26 -17.96
CA GLY Q 98 -58.94 9.87 -19.28
C GLY Q 98 -58.30 10.66 -20.39
N GLY Q 99 -58.25 11.98 -20.25
CA GLY Q 99 -57.61 12.84 -21.22
C GLY Q 99 -58.46 14.06 -21.52
N THR Q 100 -57.79 15.18 -21.78
CA THR Q 100 -58.46 16.44 -22.13
C THR Q 100 -57.78 17.03 -23.34
N LYS Q 101 -58.59 17.59 -24.25
CA LYS Q 101 -58.08 18.27 -25.42
C LYS Q 101 -58.45 19.75 -25.36
N LEU Q 102 -57.47 20.62 -25.61
CA LEU Q 102 -57.67 22.05 -25.63
C LEU Q 102 -57.51 22.55 -27.06
N THR Q 103 -58.62 22.98 -27.66
CA THR Q 103 -58.65 23.41 -29.05
C THR Q 103 -58.69 24.92 -29.15
N VAL Q 104 -58.08 25.45 -30.21
CA VAL Q 104 -58.04 26.88 -30.46
C VAL Q 104 -58.82 27.16 -31.73
N LEU Q 105 -59.15 28.44 -31.92
CA LEU Q 105 -59.90 28.90 -33.09
C LEU Q 105 -58.95 29.46 -34.13
N SER Q 106 -59.04 28.95 -35.34
CA SER Q 106 -58.19 29.41 -36.44
C SER Q 106 -58.65 30.76 -36.96
N SER R 2 19.29 -25.22 51.49
CA SER R 2 19.46 -26.66 51.36
C SER R 2 18.22 -27.31 50.75
N ALA R 3 17.32 -27.76 51.61
CA ALA R 3 16.08 -28.38 51.17
C ALA R 3 15.05 -28.22 52.27
N LEU R 4 13.80 -28.50 51.93
CA LEU R 4 12.69 -28.41 52.87
C LEU R 4 12.25 -29.80 53.30
N THR R 5 11.98 -29.96 54.58
CA THR R 5 11.54 -31.22 55.16
C THR R 5 10.21 -31.02 55.88
N GLN R 6 9.46 -32.11 56.00
CA GLN R 6 8.13 -32.06 56.60
C GLN R 6 7.77 -33.45 57.09
N PRO R 7 6.95 -33.56 58.15
CA PRO R 7 6.62 -34.87 58.69
C PRO R 7 5.91 -35.74 57.67
N ARG R 8 6.14 -37.05 57.78
CA ARG R 8 5.65 -37.99 56.77
C ARG R 8 4.14 -38.09 56.80
N SER R 9 3.54 -38.20 57.99
CA SER R 9 2.10 -38.36 58.11
C SER R 9 1.64 -37.86 59.47
N VAL R 10 0.43 -37.30 59.49
CA VAL R 10 -0.20 -36.83 60.72
C VAL R 10 -1.63 -37.36 60.77
N SER R 11 -2.09 -37.67 61.97
CA SER R 11 -3.43 -38.21 62.14
C SER R 11 -4.47 -37.11 62.07
N GLY R 12 -5.72 -37.51 61.82
CA GLY R 12 -6.82 -36.57 61.74
C GLY R 12 -8.14 -37.27 61.87
N SER R 13 -9.09 -36.60 62.53
CA SER R 13 -10.42 -37.12 62.73
C SER R 13 -11.45 -36.28 61.97
N PRO R 14 -12.55 -36.88 61.52
CA PRO R 14 -13.56 -36.11 60.77
C PRO R 14 -14.15 -35.00 61.63
N GLY R 15 -14.33 -33.84 61.01
CA GLY R 15 -14.89 -32.66 61.67
C GLY R 15 -13.88 -31.82 62.42
N GLN R 16 -12.86 -32.45 63.00
CA GLN R 16 -11.87 -31.72 63.77
C GLN R 16 -10.95 -30.92 62.85
N SER R 17 -10.62 -29.70 63.28
CA SER R 17 -9.67 -28.87 62.56
C SER R 17 -8.25 -29.37 62.81
N VAL R 18 -7.49 -29.55 61.74
CA VAL R 18 -6.14 -30.09 61.84
C VAL R 18 -5.14 -29.05 61.33
N THR R 19 -3.86 -29.31 61.59
CA THR R 19 -2.80 -28.39 61.21
C THR R 19 -1.58 -29.17 60.74
N ILE R 20 -0.79 -28.52 59.88
CA ILE R 20 0.49 -29.07 59.43
C ILE R 20 1.49 -27.93 59.33
N SER R 21 2.68 -28.12 59.92
CA SER R 21 3.67 -27.06 59.99
C SER R 21 5.04 -27.64 59.70
N CYS R 22 5.79 -26.99 58.81
CA CYS R 22 7.13 -27.40 58.47
C CYS R 22 7.92 -26.20 57.96
N THR R 23 9.22 -26.19 58.28
CA THR R 23 10.10 -25.11 57.87
C THR R 23 11.54 -25.55 58.12
N GLY R 24 12.40 -25.37 57.12
CA GLY R 24 13.81 -25.69 57.27
C GLY R 24 14.57 -24.64 58.05
N THR R 25 15.85 -24.46 57.72
CA THR R 25 16.65 -23.45 58.41
C THR R 25 16.24 -22.07 57.97
N SER R 26 16.11 -21.15 58.94
CA SER R 26 15.62 -19.81 58.67
C SER R 26 16.60 -18.96 57.86
N SER R 27 17.87 -19.39 57.76
CA SER R 27 18.83 -18.63 56.97
C SER R 27 18.51 -18.68 55.48
N ASP R 28 17.97 -19.81 55.01
CA ASP R 28 17.55 -19.91 53.63
C ASP R 28 16.14 -19.36 53.45
N VAL R 29 15.27 -19.60 54.44
CA VAL R 29 13.89 -19.13 54.34
C VAL R 29 13.82 -17.62 54.52
N GLY R 30 14.34 -17.10 55.62
CA GLY R 30 14.31 -15.68 55.91
C GLY R 30 12.91 -15.12 56.17
N GLY R 31 11.90 -15.98 56.07
CA GLY R 31 10.52 -15.56 56.27
C GLY R 31 9.87 -14.88 55.09
N TYR R 32 10.59 -14.67 53.98
CA TYR R 32 10.05 -13.96 52.83
C TYR R 32 10.11 -14.76 51.54
N ASN R 33 10.54 -16.01 51.56
CA ASN R 33 10.54 -16.81 50.34
C ASN R 33 9.13 -17.15 49.87
N TYR R 34 8.15 -17.13 50.77
CA TYR R 34 6.75 -17.35 50.44
C TYR R 34 6.53 -18.76 49.85
N VAL R 35 6.75 -19.76 50.68
CA VAL R 35 6.54 -21.15 50.27
C VAL R 35 5.09 -21.36 49.88
N SER R 36 4.88 -22.12 48.80
CA SER R 36 3.54 -22.46 48.34
C SER R 36 3.13 -23.82 48.89
N TRP R 37 1.90 -24.24 48.59
CA TRP R 37 1.45 -25.55 49.03
C TRP R 37 0.64 -26.22 47.93
N TYR R 38 1.03 -27.46 47.59
CA TYR R 38 0.38 -28.26 46.57
C TYR R 38 -0.30 -29.46 47.19
N GLN R 39 -1.34 -29.95 46.50
CA GLN R 39 -2.05 -31.17 46.89
C GLN R 39 -1.86 -32.22 45.81
N GLN R 40 -1.23 -33.32 46.17
CA GLN R 40 -0.97 -34.44 45.26
C GLN R 40 -2.01 -35.52 45.51
N HIS R 41 -2.85 -35.78 44.53
CA HIS R 41 -3.87 -36.79 44.66
C HIS R 41 -3.32 -38.16 44.25
N PRO R 42 -3.87 -39.25 44.80
CA PRO R 42 -3.39 -40.58 44.43
C PRO R 42 -3.64 -40.90 42.96
N GLY R 43 -2.57 -41.01 42.18
CA GLY R 43 -2.69 -41.34 40.78
C GLY R 43 -3.35 -40.27 39.93
N LYS R 44 -3.24 -38.99 40.32
CA LYS R 44 -3.84 -37.91 39.57
C LYS R 44 -2.83 -36.79 39.32
N ALA R 45 -3.30 -35.68 38.78
CA ALA R 45 -2.45 -34.52 38.52
C ALA R 45 -2.55 -33.54 39.67
N PRO R 46 -1.44 -33.13 40.28
CA PRO R 46 -1.52 -32.20 41.42
C PRO R 46 -2.11 -30.86 41.00
N LYS R 47 -2.47 -30.08 42.02
CA LYS R 47 -3.07 -28.77 41.80
C LYS R 47 -2.69 -27.85 42.96
N LEU R 48 -2.66 -26.56 42.67
CA LEU R 48 -2.25 -25.57 43.66
C LEU R 48 -3.38 -25.31 44.65
N MET R 49 -3.05 -25.32 45.94
CA MET R 49 -3.99 -24.99 47.00
C MET R 49 -3.82 -23.57 47.53
N ILE R 50 -2.59 -23.14 47.77
CA ILE R 50 -2.32 -21.77 48.20
C ILE R 50 -0.95 -21.36 47.67
N TYR R 51 -0.91 -20.20 47.02
CA TYR R 51 0.32 -19.66 46.44
C TYR R 51 1.02 -18.79 47.49
N ASP R 52 1.92 -17.91 47.05
CA ASP R 52 3.10 -17.51 47.82
C ASP R 52 2.86 -17.39 49.32
N VAL R 53 1.94 -16.54 49.76
CA VAL R 53 1.65 -16.41 51.19
C VAL R 53 0.36 -15.65 51.41
N SER R 54 -0.40 -16.05 52.45
CA SER R 54 -1.56 -15.32 52.94
C SER R 54 -2.54 -14.94 51.84
N LYS R 55 -2.56 -15.69 50.74
CA LYS R 55 -3.45 -15.38 49.64
C LYS R 55 -3.90 -16.68 48.99
N ARG R 56 -5.18 -16.76 48.66
CA ARG R 56 -5.77 -17.95 48.07
C ARG R 56 -6.08 -17.72 46.61
N PRO R 57 -5.69 -18.63 45.72
CA PRO R 57 -6.02 -18.47 44.30
C PRO R 57 -7.49 -18.75 44.04
N SER R 58 -7.91 -18.46 42.81
CA SER R 58 -9.29 -18.65 42.43
C SER R 58 -9.58 -20.11 42.12
N GLY R 59 -10.86 -20.48 42.20
CA GLY R 59 -11.31 -21.82 41.88
C GLY R 59 -11.22 -22.82 43.02
N VAL R 60 -10.68 -22.43 44.17
CA VAL R 60 -10.52 -23.36 45.29
C VAL R 60 -11.25 -22.82 46.51
N PRO R 61 -11.94 -23.66 47.28
CA PRO R 61 -12.57 -23.19 48.51
C PRO R 61 -11.54 -22.76 49.54
N ASP R 62 -11.92 -21.76 50.35
CA ASP R 62 -11.06 -21.23 51.40
C ASP R 62 -11.38 -21.81 52.77
N ARG R 63 -12.04 -22.97 52.82
CA ARG R 63 -12.33 -23.60 54.11
C ARG R 63 -11.08 -24.11 54.80
N PHE R 64 -10.00 -24.37 54.05
CA PHE R 64 -8.72 -24.74 54.61
C PHE R 64 -7.66 -23.83 53.98
N SER R 65 -6.83 -23.22 54.83
CA SER R 65 -5.90 -22.21 54.33
C SER R 65 -4.66 -22.19 55.20
N GLY R 66 -3.64 -21.45 54.75
CA GLY R 66 -2.37 -21.38 55.43
C GLY R 66 -2.04 -19.97 55.90
N SER R 67 -0.91 -19.88 56.60
CA SER R 67 -0.38 -18.62 57.08
C SER R 67 1.12 -18.80 57.32
N LYS R 68 1.80 -17.70 57.59
CA LYS R 68 3.24 -17.70 57.86
C LYS R 68 3.49 -17.04 59.20
N SER R 69 4.04 -17.80 60.14
CA SER R 69 4.41 -17.27 61.44
C SER R 69 5.77 -16.57 61.32
N GLY R 70 6.35 -16.21 62.46
CA GLY R 70 7.64 -15.53 62.44
C GLY R 70 8.78 -16.41 61.98
N ASN R 71 8.65 -17.74 62.16
CA ASN R 71 9.72 -18.64 61.78
C ASN R 71 9.23 -19.93 61.14
N THR R 72 7.93 -20.08 60.92
CA THR R 72 7.39 -21.33 60.38
C THR R 72 6.11 -21.05 59.62
N ALA R 73 5.99 -21.66 58.43
CA ALA R 73 4.77 -21.58 57.65
C ALA R 73 3.85 -22.75 58.00
N SER R 74 2.60 -22.45 58.31
CA SER R 74 1.64 -23.44 58.74
C SER R 74 0.45 -23.47 57.78
N LEU R 75 -0.26 -24.59 57.80
CA LEU R 75 -1.47 -24.79 56.99
C LEU R 75 -2.52 -25.44 57.89
N THR R 76 -3.60 -24.72 58.15
CA THR R 76 -4.69 -25.19 59.00
C THR R 76 -5.84 -25.60 58.09
N ILE R 77 -6.27 -26.86 58.22
CA ILE R 77 -7.45 -27.38 57.55
C ILE R 77 -8.60 -27.29 58.56
N SER R 78 -9.49 -26.30 58.36
CA SER R 78 -10.63 -26.11 59.22
C SER R 78 -11.85 -26.79 58.62
N GLY R 79 -12.60 -27.51 59.46
CA GLY R 79 -13.74 -28.26 58.98
C GLY R 79 -13.33 -29.40 58.07
N LEU R 80 -12.60 -30.36 58.61
CA LEU R 80 -12.15 -31.51 57.83
C LEU R 80 -13.35 -32.31 57.34
N GLN R 81 -13.28 -32.76 56.09
CA GLN R 81 -14.37 -33.52 55.49
C GLN R 81 -13.87 -34.84 54.93
N ALA R 82 -14.72 -35.55 54.18
CA ALA R 82 -14.38 -36.84 53.62
C ALA R 82 -13.79 -36.76 52.21
N GLU R 83 -13.16 -35.62 51.87
CA GLU R 83 -12.53 -35.47 50.57
C GLU R 83 -11.09 -34.98 50.68
N ASP R 84 -10.47 -35.07 51.86
CA ASP R 84 -9.10 -34.60 52.08
C ASP R 84 -8.12 -35.76 52.13
N GLU R 85 -8.33 -36.79 51.31
CA GLU R 85 -7.45 -37.96 51.28
C GLU R 85 -6.43 -37.77 50.16
N ALA R 86 -5.47 -36.89 50.40
CA ALA R 86 -4.42 -36.61 49.43
C ALA R 86 -3.20 -36.08 50.17
N ASP R 87 -2.05 -36.17 49.50
CA ASP R 87 -0.79 -35.72 50.08
C ASP R 87 -0.66 -34.21 49.94
N TYR R 88 0.12 -33.62 50.85
CA TYR R 88 0.38 -32.18 50.84
C TYR R 88 1.88 -31.94 50.75
N TYR R 89 2.27 -31.10 49.80
CA TYR R 89 3.68 -30.78 49.55
C TYR R 89 3.91 -29.29 49.72
N CYS R 90 5.07 -28.94 50.25
CA CYS R 90 5.52 -27.55 50.31
C CYS R 90 6.60 -27.34 49.26
N SER R 91 6.59 -26.17 48.63
CA SER R 91 7.50 -25.90 47.53
C SER R 91 7.99 -24.46 47.58
N ALA R 92 9.30 -24.30 47.48
CA ALA R 92 9.95 -23.01 47.32
C ALA R 92 10.08 -22.69 45.83
N PHE R 93 10.92 -21.72 45.50
CA PHE R 93 11.15 -21.37 44.10
C PHE R 93 11.54 -22.60 43.29
N GLU R 94 12.52 -23.36 43.77
CA GLU R 94 13.00 -24.54 43.05
C GLU R 94 13.02 -25.78 43.95
N TYR R 95 13.20 -25.57 45.25
CA TYR R 95 13.27 -26.67 46.19
C TYR R 95 11.87 -27.19 46.53
N PHE R 96 11.80 -28.45 46.95
CA PHE R 96 10.55 -29.09 47.32
C PHE R 96 10.71 -29.75 48.68
N GLY R 97 9.58 -30.21 49.23
CA GLY R 97 9.57 -30.88 50.52
C GLY R 97 9.60 -32.39 50.38
N GLY R 98 9.64 -33.05 51.54
CA GLY R 98 9.67 -34.52 51.54
C GLY R 98 8.30 -35.12 51.28
N GLY R 99 7.28 -34.61 51.96
CA GLY R 99 5.91 -35.07 51.75
C GLY R 99 5.19 -35.23 53.07
N THR R 100 3.87 -35.01 53.04
CA THR R 100 3.03 -35.20 54.22
C THR R 100 1.75 -35.89 53.78
N LYS R 101 1.28 -36.84 54.59
CA LYS R 101 0.02 -37.53 54.36
C LYS R 101 -0.96 -37.15 55.45
N LEU R 102 -2.18 -36.83 55.04
CA LEU R 102 -3.26 -36.47 55.96
C LEU R 102 -4.31 -37.56 55.93
N THR R 103 -4.38 -38.34 57.00
CA THR R 103 -5.28 -39.49 57.09
C THR R 103 -6.51 -39.15 57.91
N VAL R 104 -7.63 -39.77 57.55
CA VAL R 104 -8.89 -39.57 58.24
C VAL R 104 -9.31 -40.90 58.86
N LEU R 105 -10.24 -40.81 59.82
CA LEU R 105 -10.74 -41.98 60.53
C LEU R 105 -12.05 -42.43 59.90
N SER R 106 -12.08 -43.68 59.44
CA SER R 106 -13.27 -44.24 58.81
C SER R 106 -14.37 -44.51 59.85
C1 NAG S . -6.22 27.65 -21.80
C2 NAG S . -6.07 26.13 -21.93
C3 NAG S . -7.04 25.59 -22.95
C4 NAG S . -8.46 26.03 -22.63
C5 NAG S . -8.52 27.54 -22.48
C6 NAG S . -9.88 28.04 -22.06
C7 NAG S . -4.09 24.69 -21.80
C8 NAG S . -2.68 24.47 -22.26
N2 NAG S . -4.70 25.78 -22.27
O3 NAG S . -6.97 24.16 -22.97
O4 NAG S . -9.36 25.61 -23.66
O5 NAG S . -7.58 27.97 -21.48
O6 NAG S . -10.42 28.94 -23.01
O7 NAG S . -4.65 23.91 -21.05
C1 NAG S . -10.36 24.70 -23.46
C2 NAG S . -11.19 24.76 -24.73
C3 NAG S . -12.26 23.66 -24.73
C4 NAG S . -11.62 22.31 -24.46
C5 NAG S . -10.77 22.36 -23.20
C6 NAG S . -10.02 21.07 -22.94
C7 NAG S . -12.68 26.62 -24.08
C8 NAG S . -13.19 27.98 -24.46
N2 NAG S . -11.80 26.07 -24.92
O3 NAG S . -12.93 23.65 -25.98
O4 NAG S . -12.63 21.31 -24.30
O5 NAG S . -9.80 23.40 -23.31
O6 NAG S . -10.52 20.01 -23.73
O7 NAG S . -13.06 26.06 -23.06
C1 BMA S . -13.76 20.79 -23.72
C2 BMA S . -14.22 19.53 -22.97
C3 BMA S . -14.52 18.41 -23.96
C4 BMA S . -15.43 18.90 -25.10
C5 BMA S . -14.82 20.14 -25.76
C6 BMA S . -15.69 20.71 -26.86
O2 BMA S . -15.43 19.79 -22.28
O3 BMA S . -15.10 17.29 -23.32
O4 BMA S . -15.59 17.88 -26.07
O5 BMA S . -14.66 21.15 -24.75
O6 BMA S . -15.04 21.84 -27.42
C1 MAN S . -15.42 15.95 -23.41
C2 MAN S . -15.41 16.19 -21.88
C3 MAN S . -14.79 15.00 -21.15
C4 MAN S . -15.42 13.68 -21.63
C5 MAN S . -15.27 13.56 -23.14
C6 MAN S . -15.90 12.29 -23.70
O2 MAN S . -16.74 16.31 -21.38
O3 MAN S . -14.92 15.13 -19.75
O4 MAN S . -14.77 12.58 -21.00
O5 MAN S . -15.93 14.68 -23.77
O6 MAN S . -17.31 12.43 -23.64
C1 NAG T . -3.32 26.47 -40.19
C2 NAG T . -4.67 25.86 -40.56
C3 NAG T . -4.58 25.19 -41.94
C4 NAG T . -4.03 26.17 -42.97
C5 NAG T . -2.71 26.76 -42.48
C6 NAG T . -2.16 27.83 -43.40
C7 NAG T . -5.75 25.27 -38.45
C8 NAG T . -6.15 24.16 -37.52
N2 NAG T . -5.12 24.90 -39.57
O3 NAG T . -5.87 24.75 -42.33
O4 NAG T . -3.80 25.49 -44.20
O5 NAG T . -2.90 27.38 -41.20
O6 NAG T . -3.00 28.02 -44.53
O7 NAG T . -5.98 26.44 -38.18
C1 NAG T . -4.53 25.20 -45.32
C2 NAG T . -4.01 24.72 -46.67
C3 NAG T . -5.15 24.64 -47.68
C4 NAG T . -6.29 23.78 -47.12
C5 NAG T . -6.71 24.30 -45.75
C6 NAG T . -7.74 23.42 -45.08
C7 NAG T . -3.04 26.86 -47.43
C8 NAG T . -1.80 27.53 -47.95
N2 NAG T . -2.93 25.55 -47.17
O3 NAG T . -4.67 24.07 -48.90
O4 NAG T . -7.40 23.82 -48.00
O5 NAG T . -5.57 24.35 -44.87
O6 NAG T . -7.19 22.73 -43.97
O7 NAG T . -4.10 27.48 -47.26
C1 BMA T . -7.54 22.62 -48.65
C2 BMA T . -9.03 22.49 -48.28
C3 BMA T . -9.78 21.70 -49.35
C4 BMA T . -9.43 22.19 -50.76
C5 BMA T . -7.92 22.18 -50.96
C6 BMA T . -7.50 22.68 -52.33
O2 BMA T . -9.65 23.77 -48.24
O3 BMA T . -11.17 21.75 -49.15
O4 BMA T . -10.04 21.36 -51.72
O5 BMA T . -7.35 23.05 -49.98
O6 BMA T . -7.98 24.00 -52.48
C1 MAN T . -9.03 24.00 -53.47
C2 MAN T . -10.33 24.47 -52.83
C3 MAN T . -11.45 24.47 -53.85
C4 MAN T . -11.05 25.24 -55.10
C5 MAN T . -9.71 24.72 -55.62
C6 MAN T . -9.25 25.53 -56.84
O2 MAN T . -10.15 25.80 -52.32
O3 MAN T . -12.62 25.08 -53.28
O4 MAN T . -12.05 25.08 -56.12
O5 MAN T . -8.72 24.83 -54.60
O6 MAN T . -10.31 25.57 -57.80
C1 MAN T . -10.16 24.45 -58.70
C2 MAN T . -8.93 24.64 -59.56
C3 MAN T . -9.11 25.83 -60.49
C4 MAN T . -10.41 25.71 -61.27
C5 MAN T . -11.57 25.44 -60.32
C6 MAN T . -12.87 25.25 -61.09
O2 MAN T . -8.70 23.47 -60.34
O3 MAN T . -8.00 25.90 -61.40
O4 MAN T . -10.64 26.92 -62.00
O5 MAN T . -11.30 24.28 -59.55
O6 MAN T . -12.74 24.13 -61.97
C1 MAN T . -7.71 22.66 -59.68
C2 MAN T . -6.39 23.40 -59.64
C3 MAN T . -5.82 23.56 -61.05
C4 MAN T . -5.78 22.22 -61.76
C5 MAN T . -7.15 21.53 -61.69
C6 MAN T . -7.10 20.16 -62.35
O2 MAN T . -5.45 22.66 -58.84
O3 MAN T . -4.49 24.10 -60.97
O4 MAN T . -5.42 22.42 -63.13
O5 MAN T . -7.53 21.39 -60.33
O6 MAN T . -8.40 19.56 -62.29
C1 MAN T . -11.51 25.56 -52.14
C2 MAN T . -12.94 26.09 -52.34
C3 MAN T . -13.26 27.29 -51.45
C4 MAN T . -12.12 28.31 -51.45
C5 MAN T . -11.01 27.89 -52.40
C6 MAN T . -9.87 28.89 -52.37
O2 MAN T . -13.87 25.04 -52.09
O3 MAN T . -13.50 26.83 -50.12
O4 MAN T . -12.63 29.59 -51.83
O5 MAN T . -10.55 26.61 -51.98
O6 MAN T . -10.32 30.16 -52.81
C1 NAG U . -14.18 9.34 -37.04
C2 NAG U . -15.14 10.50 -37.34
C3 NAG U . -16.55 10.13 -36.89
C4 NAG U . -16.98 8.79 -37.49
C5 NAG U . -15.94 7.73 -37.18
C6 NAG U . -16.24 6.39 -37.83
C7 NAG U . -15.03 12.94 -37.17
C8 NAG U . -14.50 14.10 -36.40
N2 NAG U . -14.71 11.73 -36.71
O3 NAG U . -17.47 11.14 -37.30
O4 NAG U . -18.24 8.40 -36.97
O5 NAG U . -14.65 8.14 -37.65
O6 NAG U . -16.60 6.57 -39.20
O7 NAG U . -15.73 13.09 -38.17
C1 NAG U . -19.59 8.46 -37.24
C2 NAG U . -20.84 7.61 -37.06
C3 NAG U . -21.49 7.34 -38.42
C4 NAG U . -21.73 8.65 -39.16
C5 NAG U . -20.44 9.45 -39.24
C6 NAG U . -20.63 10.82 -39.86
C7 NAG U . -20.34 6.26 -35.08
C8 NAG U . -20.03 4.88 -34.55
N2 NAG U . -20.54 6.35 -36.39
O3 NAG U . -22.72 6.64 -38.24
O4 NAG U . -22.20 8.39 -40.48
O5 NAG U . -19.91 9.67 -37.93
O6 NAG U . -21.86 11.40 -39.45
O7 NAG U . -20.40 7.24 -34.34
C1 NAG V . -8.22 30.29 -34.06
C2 NAG V . -8.02 31.21 -35.27
C3 NAG V . -9.01 32.37 -35.20
C4 NAG V . -10.43 31.86 -35.07
C5 NAG V . -10.53 30.92 -33.87
C6 NAG V . -11.90 30.27 -33.76
C7 NAG V . -6.00 31.86 -36.48
C8 NAG V . -4.58 32.38 -36.36
N2 NAG V . -6.65 31.70 -35.33
O3 NAG V . -8.87 33.16 -36.39
O4 NAG V . -11.33 32.94 -34.88
O5 NAG V . -9.58 29.85 -34.01
O6 NAG V . -12.30 29.68 -34.99
O7 NAG V . -6.50 31.61 -37.57
C1 NAG V . -12.19 33.42 -35.84
C2 NAG V . -13.58 34.02 -35.68
C3 NAG V . -14.49 33.56 -36.82
C4 NAG V . -13.84 33.88 -38.16
C5 NAG V . -12.43 33.31 -38.22
C6 NAG V . -11.69 33.71 -39.48
C7 NAG V . -13.86 34.29 -33.25
C8 NAG V . -14.55 33.78 -32.02
N2 NAG V . -14.16 33.66 -34.39
O3 NAG V . -15.75 34.21 -36.71
O4 NAG V . -14.62 33.32 -39.21
O5 NAG V . -11.65 33.79 -37.12
O6 NAG V . -10.50 34.40 -39.17
O7 NAG V . -13.06 35.22 -33.21
C1 NAG W . 18.14 26.27 -35.21
C2 NAG W . 18.08 24.76 -35.44
C3 NAG W . 19.25 24.31 -36.31
C4 NAG W . 19.30 25.13 -37.59
C5 NAG W . 19.31 26.62 -37.27
C6 NAG W . 19.24 27.50 -38.50
C7 NAG W . 17.06 23.30 -33.75
C8 NAG W . 17.23 22.63 -32.43
N2 NAG W . 18.09 24.04 -34.18
O3 NAG W . 19.09 22.93 -36.62
O4 NAG W . 20.47 24.80 -38.33
O5 NAG W . 18.18 26.95 -36.46
O6 NAG W . 19.77 26.84 -39.63
O7 NAG W . 16.02 23.19 -34.40
C1 NAG W . 21.32 23.88 -38.90
C2 NAG W . 22.02 24.03 -40.24
C3 NAG W . 21.38 23.11 -41.27
C4 NAG W . 21.34 21.68 -40.77
C5 NAG W . 20.67 21.63 -39.39
C6 NAG W . 20.71 20.25 -38.76
C7 NAG W . 22.89 26.33 -40.32
C8 NAG W . 22.70 27.70 -40.88
N2 NAG W . 21.99 25.41 -40.70
O3 NAG W . 22.11 23.18 -42.49
O4 NAG W . 20.61 20.85 -41.67
O5 NAG W . 21.35 22.52 -38.49
O6 NAG W . 21.45 20.25 -37.57
O7 NAG W . 23.80 26.05 -39.54
C1 MAN X . -11.85 20.03 -50.09
C2 MAN X . -13.32 20.22 -50.46
C3 MAN X . -14.21 20.16 -49.22
C4 MAN X . -13.90 18.90 -48.42
C5 MAN X . -12.40 18.78 -48.15
C6 MAN X . -12.08 17.50 -47.40
O2 MAN X . -13.71 19.20 -51.38
O3 MAN X . -15.58 20.16 -49.61
O4 MAN X . -14.60 18.95 -47.17
O5 MAN X . -11.69 18.79 -49.39
O6 MAN X . -12.48 16.37 -48.19
C1 MAN X . -13.74 19.75 -52.71
C2 MAN X . -15.18 20.14 -53.08
C3 MAN X . -15.99 18.89 -53.43
C4 MAN X . -15.24 17.99 -54.42
C5 MAN X . -13.85 17.67 -53.89
C6 MAN X . -13.02 16.86 -54.86
O2 MAN X . -15.22 20.96 -54.24
O3 MAN X . -17.27 19.23 -53.94
O4 MAN X . -15.96 16.78 -54.62
O5 MAN X . -13.15 18.90 -53.65
O6 MAN X . -12.62 17.72 -55.92
C1 NAG Y . -0.52 -3.50 -38.83
C2 NAG Y . -1.62 -2.87 -39.69
C3 NAG Y . -2.96 -3.56 -39.42
C4 NAG Y . -2.82 -5.06 -39.64
C5 NAG Y . -1.71 -5.61 -38.76
C6 NAG Y . -1.45 -7.07 -38.98
C7 NAG Y . -1.93 -0.56 -40.44
C8 NAG Y . -2.01 0.88 -40.03
N2 NAG Y . -1.73 -1.44 -39.46
O3 NAG Y . -3.95 -3.03 -40.28
O4 NAG Y . -4.05 -5.72 -39.35
O5 NAG Y . -0.49 -4.92 -39.04
O6 NAG Y . -0.59 -7.28 -40.10
O7 NAG Y . -2.06 -0.90 -41.61
C1 NAG Y . -4.82 -6.36 -40.30
C2 NAG Y . -6.18 -7.05 -40.36
C3 NAG Y . -6.40 -7.68 -41.73
C4 NAG Y . -6.17 -6.66 -42.84
C5 NAG Y . -4.80 -6.01 -42.67
C6 NAG Y . -4.55 -4.90 -43.67
C7 NAG Y . -5.58 -9.12 -39.16
C8 NAG Y . -5.91 -10.01 -38.00
N2 NAG Y . -6.34 -8.03 -39.30
O3 NAG Y . -7.72 -8.20 -41.81
O4 NAG Y . -6.23 -7.29 -44.11
O5 NAG Y . -4.70 -5.42 -41.37
O6 NAG Y . -3.48 -5.23 -44.55
O7 NAG Y . -4.65 -9.38 -39.93
C1 NAG Z . -28.49 -13.89 16.53
C2 NAG Z . -27.39 -14.38 15.59
C3 NAG Z . -26.95 -15.79 15.96
C4 NAG Z . -26.56 -15.85 17.43
C5 NAG Z . -27.69 -15.32 18.30
C6 NAG Z . -27.32 -15.24 19.76
C7 NAG Z . -27.05 -14.02 13.18
C8 NAG Z . -27.69 -14.03 11.83
N2 NAG Z . -27.85 -14.33 14.21
O3 NAG Z . -25.87 -16.18 15.14
O4 NAG Z . -26.27 -17.19 17.80
O5 NAG Z . -28.02 -13.98 17.89
O6 NAG Z . -28.24 -15.97 20.56
O7 NAG Z . -25.87 -13.75 13.34
C1 NAG Z . -25.01 -17.60 18.19
C2 NAG Z . -25.27 -19.01 18.70
C3 NAG Z . -23.95 -19.72 19.02
C4 NAG Z . -23.02 -19.66 17.82
C5 NAG Z . -22.85 -18.22 17.34
C6 NAG Z . -22.03 -18.09 16.09
C7 NAG Z . -25.85 -18.42 21.03
C8 NAG Z . -26.91 -18.54 22.09
N2 NAG Z . -26.15 -19.00 19.86
O3 NAG Z . -24.21 -21.07 19.37
O4 NAG Z . -21.73 -20.17 18.18
O5 NAG Z . -24.14 -17.66 17.06
O6 NAG Z . -21.38 -19.32 15.78
O7 NAG Z . -24.81 -17.81 21.22
C1 BMA Z . -21.15 -19.31 19.17
C2 BMA Z . -19.68 -19.07 18.83
C3 BMA Z . -18.85 -20.31 19.03
C4 BMA Z . -19.06 -20.86 20.43
C5 BMA Z . -20.56 -21.07 20.69
C6 BMA Z . -20.80 -21.60 22.09
O2 BMA Z . -19.18 -18.01 19.66
O3 BMA Z . -17.47 -20.00 18.85
O4 BMA Z . -18.37 -22.09 20.58
O5 BMA Z . -21.27 -19.85 20.49
O6 BMA Z . -20.06 -22.80 22.29
C1 NAG AA . -36.55 -29.78 10.71
C2 NAG AA . -35.60 -30.74 11.44
C3 NAG AA . -35.65 -32.11 10.78
C4 NAG AA . -37.08 -32.62 10.68
C5 NAG AA . -37.96 -31.57 9.99
C6 NAG AA . -39.43 -31.95 9.98
C7 NAG AA . -33.82 -29.32 12.34
C8 NAG AA . -32.39 -28.89 12.21
N2 NAG AA . -34.25 -30.22 11.45
O3 NAG AA . -34.86 -33.02 11.53
O4 NAG AA . -37.12 -33.81 9.92
O5 NAG AA . -37.86 -30.32 10.70
O6 NAG AA . -39.65 -33.15 10.70
O7 NAG AA . -34.55 -28.87 13.21
C1 NAG AA . -37.05 -35.14 10.27
C2 NAG AA . -37.44 -36.31 9.38
C3 NAG AA . -37.30 -37.62 10.13
C4 NAG AA . -35.89 -37.75 10.70
C5 NAG AA . -35.54 -36.52 11.53
C6 NAG AA . -34.11 -36.51 12.02
C7 NAG AA . -39.89 -36.06 9.61
C8 NAG AA . -41.19 -35.92 8.87
N2 NAG AA . -38.79 -36.15 8.85
O3 NAG AA . -37.57 -38.71 9.24
O4 NAG AA . -35.79 -38.91 11.52
O5 NAG AA . -35.71 -35.33 10.75
O6 NAG AA . -33.36 -35.49 11.39
O7 NAG AA . -39.86 -36.10 10.84
C1 BMA AA . -35.06 -39.90 10.91
C2 BMA AA . -34.15 -40.10 12.14
C3 BMA AA . -33.64 -41.53 12.18
C4 BMA AA . -34.77 -42.54 11.97
C5 BMA AA . -35.51 -42.22 10.67
C6 BMA AA . -36.65 -43.18 10.39
O2 BMA AA . -34.89 -39.90 13.33
O3 BMA AA . -32.98 -41.78 13.41
O4 BMA AA . -34.23 -43.85 11.89
O5 BMA AA . -36.04 -40.89 10.79
O6 BMA AA . -37.58 -43.07 11.46
C1 MAN AA . -38.42 -44.13 11.20
C2 MAN AA . -39.21 -43.35 12.27
C3 MAN AA . -38.75 -43.77 13.67
C4 MAN AA . -38.74 -45.29 13.81
C5 MAN AA . -37.86 -45.91 12.72
C6 MAN AA . -37.84 -47.42 12.76
O2 MAN AA . -40.60 -43.64 12.22
O3 MAN AA . -39.56 -43.18 14.68
O4 MAN AA . -38.23 -45.66 15.09
O5 MAN AA . -38.39 -45.51 11.43
O6 MAN AA . -39.12 -47.90 12.38
C1 MAN AA . -39.68 -48.95 11.69
C2 MAN AA . -40.96 -48.48 10.94
C3 MAN AA . -42.04 -48.06 11.93
C4 MAN AA . -42.24 -49.14 13.01
C5 MAN AA . -40.90 -49.41 13.71
C6 MAN AA . -41.00 -50.49 14.77
O2 MAN AA . -41.52 -49.54 10.16
O3 MAN AA . -43.28 -47.81 11.28
O4 MAN AA . -43.18 -48.69 13.97
O5 MAN AA . -39.95 -49.86 12.72
O6 MAN AA . -41.14 -51.74 14.12
C1 MAN AA . -41.12 -49.00 8.96
C2 MAN AA . -42.35 -48.90 8.03
C3 MAN AA . -42.91 -50.29 7.75
C4 MAN AA . -41.81 -51.24 7.28
C5 MAN AA . -40.70 -51.28 8.34
C6 MAN AA . -39.53 -52.17 7.94
O2 MAN AA . -41.99 -48.36 6.77
O3 MAN AA . -43.96 -50.24 6.78
O4 MAN AA . -42.33 -52.55 7.10
O5 MAN AA . -40.18 -49.95 8.52
O6 MAN AA . -38.64 -52.24 9.04
C1 MAN AA . -39.51 -42.75 15.83
C2 MAN AA . -38.72 -43.58 16.84
C3 MAN AA . -38.15 -42.70 17.93
C4 MAN AA . -39.27 -42.01 18.70
C5 MAN AA . -40.48 -41.83 17.79
C6 MAN AA . -41.35 -40.67 18.28
O2 MAN AA . -37.67 -44.27 16.16
O3 MAN AA . -37.29 -41.70 17.34
O4 MAN AA . -39.63 -42.82 19.83
O5 MAN AA . -40.03 -41.57 16.46
O6 MAN AA . -40.59 -39.47 18.25
C1 NAG BA . -16.72 -35.43 11.23
C2 NAG BA . -17.35 -35.72 12.60
C3 NAG BA . -16.26 -35.90 13.65
C4 NAG BA . -15.25 -36.96 13.20
C5 NAG BA . -14.71 -36.60 11.84
C6 NAG BA . -13.78 -37.66 11.27
C7 NAG BA . -19.29 -34.86 13.81
C8 NAG BA . -20.15 -33.66 14.11
N2 NAG BA . -18.27 -34.66 12.98
O3 NAG BA . -16.86 -36.30 14.88
O4 NAG BA . -14.18 -37.03 14.14
O5 NAG BA . -15.79 -36.46 10.89
O6 NAG BA . -14.35 -38.96 11.37
O7 NAG BA . -19.54 -35.96 14.30
C1 NAG BA . -13.78 -37.75 15.23
C2 NAG BA . -12.49 -38.27 15.88
C3 NAG BA . -12.56 -39.78 16.07
C4 NAG BA . -13.82 -40.16 16.84
C5 NAG BA . -15.05 -39.57 16.16
C6 NAG BA . -16.33 -39.81 16.93
C7 NAG BA . -10.80 -36.68 15.05
C8 NAG BA . -9.61 -36.50 14.17
N2 NAG BA . -11.34 -37.91 15.07
O3 NAG BA . -11.41 -40.22 16.77
O4 NAG BA . -13.95 -41.57 16.90
O5 NAG BA . -14.90 -38.14 16.03
O6 NAG BA . -16.12 -39.66 18.33
O7 NAG BA . -11.26 -35.77 15.72
C1 NAG CA . -34.84 -24.84 17.74
C2 NAG CA . -36.16 -25.59 17.86
C3 NAG CA . -36.65 -25.55 19.31
C4 NAG CA . -35.56 -26.06 20.26
C5 NAG CA . -34.26 -25.29 20.03
C6 NAG CA . -33.11 -25.84 20.84
C7 NAG CA . -38.04 -25.80 16.31
C8 NAG CA . -39.01 -25.07 15.44
N2 NAG CA . -37.16 -25.04 16.98
O3 NAG CA . -37.81 -26.34 19.44
O4 NAG CA . -35.97 -25.90 21.60
O5 NAG CA . -33.88 -25.39 18.65
O6 NAG CA . -33.05 -27.26 20.77
O7 NAG CA . -38.05 -27.02 16.42
C1 NAG CA . -36.40 -26.92 22.43
C2 NAG CA . -36.22 -27.09 23.94
C3 NAG CA . -35.96 -28.56 24.26
C4 NAG CA . -37.05 -29.44 23.67
C5 NAG CA . -37.21 -29.16 22.18
C6 NAG CA . -38.38 -29.90 21.56
C7 NAG CA . -35.29 -24.96 24.69
C8 NAG CA . -34.07 -24.24 25.20
N2 NAG CA . -35.14 -26.25 24.43
O3 NAG CA . -35.90 -28.72 25.67
O4 NAG CA . -36.72 -30.81 23.86
O5 NAG CA . -37.46 -27.77 21.97
O6 NAG CA . -39.32 -29.00 21.01
O7 NAG CA . -36.36 -24.37 24.53
C1 NAG DA . -43.49 -18.01 -6.59
C2 NAG DA . -42.37 -18.68 -7.38
C3 NAG DA . -42.90 -19.20 -8.71
C4 NAG DA . -44.12 -20.09 -8.50
C5 NAG DA . -45.16 -19.35 -7.67
C6 NAG DA . -46.35 -20.21 -7.31
C7 NAG DA . -40.07 -17.93 -7.01
C8 NAG DA . -39.03 -16.89 -7.34
N2 NAG DA . -41.26 -17.77 -7.59
O3 NAG DA . -41.87 -19.93 -9.37
O4 NAG DA . -44.69 -20.44 -9.75
O5 NAG DA . -44.58 -18.92 -6.43
O6 NAG DA . -46.53 -21.27 -8.24
O7 NAG DA . -39.83 -18.86 -6.24
C1 NAG DA . -44.56 -20.94 -11.03
C2 NAG DA . -45.55 -21.88 -11.73
C3 NAG DA . -44.95 -23.29 -11.83
C4 NAG DA . -43.58 -23.23 -12.50
C5 NAG DA . -42.68 -22.24 -11.78
C6 NAG DA . -41.35 -22.05 -12.45
C7 NAG DA . -47.78 -21.00 -11.21
C8 NAG DA . -49.02 -21.19 -10.40
N2 NAG DA . -46.82 -21.91 -11.03
O3 NAG DA . -45.83 -24.11 -12.58
O4 NAG DA . -42.98 -24.52 -12.47
O5 NAG DA . -43.31 -20.95 -11.73
O6 NAG DA . -41.17 -20.70 -12.87
O7 NAG DA . -47.64 -20.07 -12.00
C1 MAN EA . -32.07 -42.95 12.47
C2 MAN EA . -31.20 -44.17 12.77
C3 MAN EA . -29.81 -43.73 13.21
C4 MAN EA . -29.22 -42.75 12.21
C5 MAN EA . -30.19 -41.61 11.94
C6 MAN EA . -29.64 -40.65 10.89
O2 MAN EA . -31.10 -44.98 11.59
O3 MAN EA . -28.96 -44.89 13.31
O4 MAN EA . -27.99 -42.22 12.72
O5 MAN EA . -31.44 -42.14 11.49
O6 MAN EA . -29.43 -41.36 9.66
C1 MAN EA . -31.89 -46.16 11.79
C2 MAN EA . -31.65 -47.12 10.61
C3 MAN EA . -32.49 -48.38 10.79
C4 MAN EA . -32.25 -48.99 12.17
C5 MAN EA . -32.44 -47.94 13.25
C6 MAN EA . -32.15 -48.52 14.63
O2 MAN EA . -30.26 -47.46 10.56
O3 MAN EA . -32.12 -49.34 9.78
O4 MAN EA . -33.15 -50.07 12.38
O5 MAN EA . -31.58 -46.82 13.00
O6 MAN EA . -33.02 -49.62 14.88
C1 NAG FA . -13.05 -35.99 -7.33
C2 NAG FA . -13.47 -36.96 -6.22
C3 NAG FA . -12.24 -37.38 -5.40
C4 NAG FA . -11.18 -37.98 -6.32
C5 NAG FA . -10.83 -36.97 -7.41
C6 NAG FA . -9.85 -37.52 -8.42
C7 NAG FA . -15.47 -37.07 -4.81
C8 NAG FA . -16.43 -36.29 -3.96
N2 NAG FA . -14.48 -36.36 -5.36
O3 NAG FA . -12.63 -38.33 -4.42
O4 NAG FA . -10.02 -38.32 -5.58
O5 NAG FA . -12.02 -36.60 -8.13
O6 NAG FA . -10.53 -38.17 -9.49
O7 NAG FA . -15.62 -38.27 -5.02
C1 NAG FA . -9.58 -39.61 -5.41
C2 NAG FA . -8.48 -40.35 -4.64
C3 NAG FA . -8.45 -41.82 -5.02
C4 NAG FA . -9.83 -42.45 -4.85
C5 NAG FA . -10.87 -41.63 -5.61
C6 NAG FA . -12.28 -42.13 -5.41
C7 NAG FA . -6.56 -39.65 -6.05
C8 NAG FA . -5.23 -38.98 -6.05
N2 NAG FA . -7.17 -39.74 -4.85
O3 NAG FA . -7.51 -42.50 -4.20
O4 NAG FA . -9.83 -43.78 -5.34
O5 NAG FA . -10.83 -40.26 -5.19
O6 NAG FA . -12.88 -42.54 -6.63
O7 NAG FA . -7.07 -40.08 -7.08
C1 NAG GA . 30.33 1.26 18.93
C2 NAG GA . 29.85 0.63 17.62
C3 NAG GA . 30.94 0.72 16.56
C4 NAG GA . 31.41 2.16 16.41
C5 NAG GA . 31.85 2.70 17.77
C6 NAG GA . 32.24 4.15 17.73
C7 NAG GA . 28.40 -1.30 17.18
C8 NAG GA . 28.11 -2.73 17.50
N2 NAG GA . 29.44 -0.74 17.81
O3 NAG GA . 30.43 0.25 15.32
O4 NAG GA . 32.52 2.21 15.51
O5 NAG GA . 30.76 2.59 18.70
O6 NAG GA . 33.57 4.35 18.21
O7 NAG GA . 27.72 -0.66 16.38
C1 NAG GA . 32.47 2.86 14.30
C2 NAG GA . 33.93 2.87 13.83
C3 NAG GA . 34.03 3.41 12.40
C4 NAG GA . 33.07 2.66 11.48
C5 NAG GA . 31.67 2.66 12.06
C6 NAG GA . 30.70 1.83 11.25
C7 NAG GA . 34.64 4.94 14.99
C8 NAG GA . 35.62 5.54 15.95
N2 NAG GA . 34.78 3.64 14.73
O3 NAG GA . 35.37 3.28 11.95
O4 NAG GA . 33.06 3.27 10.20
O5 NAG GA . 31.68 2.12 13.39
O6 NAG GA . 31.26 1.46 9.99
O7 NAG GA . 33.76 5.62 14.47
C1 BMA GA . 33.01 4.69 10.37
C2 BMA GA . 31.96 5.28 9.43
C3 BMA GA . 32.43 5.22 7.98
C4 BMA GA . 33.79 5.86 7.85
C5 BMA GA . 34.77 5.20 8.82
C6 BMA GA . 36.14 5.83 8.73
O2 BMA GA . 31.70 6.64 9.79
O3 BMA GA . 31.49 5.92 7.15
O4 BMA GA . 34.28 5.70 6.51
O5 BMA GA . 34.29 5.31 10.16
O6 BMA GA . 36.63 5.71 7.39
C1 MAN GA . 31.05 5.05 6.10
C2 MAN GA . 29.63 5.40 5.69
C3 MAN GA . 29.14 4.48 4.59
C4 MAN GA . 30.15 4.45 3.44
C5 MAN GA . 31.54 4.15 3.97
C6 MAN GA . 32.57 4.16 2.84
O2 MAN GA . 29.60 6.76 5.24
O3 MAN GA . 27.88 4.95 4.09
O4 MAN GA . 29.76 3.45 2.49
O5 MAN GA . 31.90 5.11 4.96
O6 MAN GA . 32.60 5.46 2.24
C1 NAG HA . 43.99 -11.14 16.26
C2 NAG HA . 44.69 -10.43 15.11
C3 NAG HA . 45.57 -11.41 14.33
C4 NAG HA . 46.51 -12.13 15.28
C5 NAG HA . 45.73 -12.77 16.43
C6 NAG HA . 46.62 -13.40 17.47
C7 NAG HA . 43.19 -8.60 14.47
C8 NAG HA . 42.22 -8.10 13.45
N2 NAG HA . 43.73 -9.79 14.23
O3 NAG HA . 46.31 -10.70 13.35
O4 NAG HA . 47.22 -13.15 14.58
O5 NAG HA . 44.95 -11.77 17.10
O6 NAG HA . 48.00 -13.24 17.15
O7 NAG HA . 43.46 -7.96 15.47
C1 NAG HA . 48.39 -13.24 13.87
C2 NAG HA . 49.13 -14.51 13.46
C3 NAG HA . 50.44 -14.15 12.76
C4 NAG HA . 50.18 -13.20 11.60
C5 NAG HA . 49.38 -11.98 12.09
C6 NAG HA . 48.97 -11.06 10.98
C7 NAG HA . 50.08 -15.06 15.68
C8 NAG HA . 50.20 -16.12 16.73
N2 NAG HA . 49.37 -15.39 14.59
O3 NAG HA . 51.05 -15.34 12.29
O4 NAG HA . 51.40 -12.75 11.04
O5 NAG HA . 48.17 -12.41 12.73
O6 NAG HA . 47.57 -11.08 10.78
O7 NAG HA . 50.60 -13.96 15.81
C1 BMA HA . 51.63 -13.33 9.82
C2 BMA HA . 51.90 -11.98 9.13
C3 BMA HA . 52.84 -12.18 7.94
C4 BMA HA . 54.05 -13.03 8.32
C5 BMA HA . 53.58 -14.35 8.93
C6 BMA HA . 54.73 -15.25 9.33
O2 BMA HA . 52.56 -11.09 10.02
O3 BMA HA . 53.27 -10.93 7.44
O4 BMA HA . 54.83 -13.29 7.17
O5 BMA HA . 52.82 -14.05 10.09
O6 BMA HA . 55.51 -14.58 10.31
C1 MAN HA . 56.31 -15.53 11.01
C2 MAN HA . 56.38 -15.17 12.48
C3 MAN HA . 57.13 -13.85 12.67
C4 MAN HA . 58.48 -13.92 11.96
C5 MAN HA . 58.30 -14.36 10.52
C6 MAN HA . 59.66 -14.48 9.82
O2 MAN HA . 57.05 -16.20 13.21
O3 MAN HA . 57.34 -13.61 14.06
O4 MAN HA . 59.09 -12.62 11.99
O5 MAN HA . 57.63 -15.62 10.48
O6 MAN HA . 60.47 -15.43 10.52
C1 MAN HA . 61.01 -16.37 9.57
C2 MAN HA . 61.24 -17.71 10.27
C3 MAN HA . 62.34 -17.58 11.32
C4 MAN HA . 63.58 -16.95 10.71
C5 MAN HA . 63.23 -15.65 9.99
C6 MAN HA . 64.47 -15.04 9.34
O2 MAN HA . 61.62 -18.68 9.30
O3 MAN HA . 62.66 -18.89 11.83
O4 MAN HA . 64.53 -16.69 11.75
O5 MAN HA . 62.24 -15.90 9.00
O6 MAN HA . 64.99 -15.96 8.37
C1 MAN HA . 60.52 -19.59 9.08
C2 MAN HA . 60.51 -20.64 10.19
C3 MAN HA . 61.73 -21.55 10.06
C4 MAN HA . 61.84 -22.10 8.65
C5 MAN HA . 61.77 -20.96 7.62
C6 MAN HA . 61.83 -21.51 6.20
O2 MAN HA . 59.32 -21.42 10.09
O3 MAN HA . 61.61 -22.63 10.99
O4 MAN HA . 63.08 -22.80 8.50
O5 MAN HA . 60.57 -20.22 7.81
O6 MAN HA . 61.79 -20.41 5.28
C1 MAN HA . 57.76 -12.47 13.98
C2 MAN HA . 57.35 -11.42 12.95
C3 MAN HA . 58.40 -10.31 12.87
C4 MAN HA . 58.71 -9.77 14.26
C5 MAN HA . 59.04 -10.91 15.22
C6 MAN HA . 59.29 -10.37 16.63
O2 MAN HA . 56.09 -10.84 13.33
O3 MAN HA . 57.92 -9.25 12.04
O4 MAN HA . 59.81 -8.86 14.19
O5 MAN HA . 57.97 -11.83 15.25
O6 MAN HA . 58.11 -9.74 17.11
C1 MAN HA . 53.41 -11.62 6.36
C2 MAN HA . 53.95 -11.41 4.95
C3 MAN HA . 52.94 -11.90 3.93
C4 MAN HA . 51.66 -11.10 4.03
C5 MAN HA . 51.48 -10.59 5.46
C6 MAN HA . 50.01 -10.33 5.77
O2 MAN HA . 55.19 -12.11 4.80
O3 MAN HA . 52.67 -13.29 4.15
O4 MAN HA . 51.71 -9.99 3.13
O5 MAN HA . 51.99 -11.56 6.36
O6 MAN HA . 49.88 -9.84 7.10
C1 MAN HA . 55.72 -11.83 3.49
C2 MAN HA . 56.37 -10.46 3.49
C3 MAN HA . 56.93 -10.13 2.12
C4 MAN HA . 57.82 -11.27 1.63
C5 MAN HA . 57.09 -12.59 1.73
C6 MAN HA . 58.00 -13.75 1.29
O2 MAN HA . 57.42 -10.43 4.46
O3 MAN HA . 57.70 -8.92 2.19
O4 MAN HA . 58.20 -11.02 0.27
O5 MAN HA . 56.66 -12.81 3.07
O6 MAN HA . 59.14 -13.80 2.16
C1 NAG IA . 40.25 -5.58 -3.12
C2 NAG IA . 41.30 -4.65 -2.53
C3 NAG IA . 41.41 -3.38 -3.36
C4 NAG IA . 41.65 -3.72 -4.83
C5 NAG IA . 40.58 -4.68 -5.32
C6 NAG IA . 40.81 -5.15 -6.74
C7 NAG IA . 41.91 -3.99 -0.25
C8 NAG IA . 41.42 -3.69 1.13
N2 NAG IA . 40.99 -4.33 -1.14
O3 NAG IA . 42.48 -2.57 -2.87
O4 NAG IA . 41.62 -2.53 -5.62
O5 NAG IA . 40.56 -5.85 -4.50
O6 NAG IA . 42.16 -5.53 -6.94
O7 NAG IA . 43.12 -3.92 -0.54
C1 NAG IA . 42.44 -1.60 -6.21
C2 NAG IA . 42.54 -0.74 -7.47
C3 NAG IA . 43.86 -1.01 -8.18
C4 NAG IA . 45.04 -0.84 -7.23
C5 NAG IA . 44.82 -1.69 -5.98
C6 NAG IA . 45.89 -1.48 -4.94
C7 NAG IA . 40.20 -0.47 -8.16
C8 NAG IA . 39.16 -0.82 -9.17
N2 NAG IA . 41.42 -0.98 -8.36
O3 NAG IA . 43.99 -0.11 -9.28
O4 NAG IA . 46.25 -1.23 -7.86
O5 NAG IA . 43.57 -1.36 -5.37
O6 NAG IA . 46.25 -0.11 -4.82
O7 NAG IA . 39.95 0.24 -7.19
C1 NAG JA . 42.31 -2.87 18.60
C2 NAG JA . 43.54 -3.38 19.34
C3 NAG JA . 44.31 -2.23 19.98
C4 NAG JA . 44.63 -1.17 18.94
C5 NAG JA . 43.35 -0.74 18.21
C6 NAG JA . 43.62 0.22 17.08
C7 NAG JA . 43.89 -5.48 20.56
C8 NAG JA . 43.37 -6.39 21.64
N2 NAG JA . 43.17 -4.38 20.34
O3 NAG JA . 45.50 -2.73 20.56
O4 NAG JA . 45.22 -0.05 19.56
O5 NAG JA . 42.70 -1.88 17.64
O6 NAG JA . 44.61 -0.28 16.19
O7 NAG JA . 44.91 -5.74 19.94
C1 NAG JA . 46.56 0.27 19.48
C2 NAG JA . 47.25 1.63 19.48
C3 NAG JA . 48.46 1.61 18.54
C4 NAG JA . 49.38 0.45 18.89
C5 NAG JA . 48.60 -0.86 18.94
C6 NAG JA . 49.43 -2.03 19.41
C7 NAG JA . 45.46 3.23 19.95
C8 NAG JA . 44.58 4.31 19.40
N2 NAG JA . 46.33 2.68 19.10
O3 NAG JA . 49.16 2.84 18.64
O4 NAG JA . 50.42 0.35 17.93
O5 NAG JA . 47.49 -0.75 19.83
O6 NAG JA . 48.89 -2.60 20.59
O7 NAG JA . 45.37 2.86 21.12
C1 NAG KA . 30.45 -25.77 25.78
C2 NAG KA . 30.17 -26.28 24.36
C3 NAG KA . 30.25 -27.80 24.32
C4 NAG KA . 31.57 -28.28 24.90
C5 NAG KA . 31.77 -27.71 26.29
C6 NAG KA . 33.12 -28.06 26.89
C7 NAG KA . 28.75 -24.92 22.89
C8 NAG KA . 27.34 -24.56 22.52
N2 NAG KA . 28.88 -25.80 23.88
O3 NAG KA . 30.12 -28.23 22.97
O4 NAG KA . 31.56 -29.71 24.97
O5 NAG KA . 31.70 -26.28 26.24
O6 NAG KA . 33.66 -29.22 26.28
O7 NAG KA . 29.71 -24.45 22.31
C1 NAG KA . 31.37 -30.95 24.40
C2 NAG KA . 32.26 -32.16 24.62
C3 NAG KA . 33.09 -32.44 23.37
C4 NAG KA . 32.19 -32.56 22.15
C5 NAG KA . 31.30 -31.32 22.04
C6 NAG KA . 30.29 -31.42 20.91
C7 NAG KA . 32.74 -32.23 27.02
C8 NAG KA . 33.76 -31.98 28.09
N2 NAG KA . 33.13 -31.97 25.77
O3 NAG KA . 33.83 -33.64 23.55
O4 NAG KA . 32.97 -32.68 20.97
O5 NAG KA . 30.55 -31.14 23.24
O6 NAG KA . 28.97 -31.25 21.39
O7 NAG KA . 31.60 -32.63 27.28
C1 NAG LA . 31.47 -21.09 -9.23
C2 NAG LA . 32.88 -20.50 -9.25
C3 NAG LA . 33.01 -19.48 -10.37
C4 NAG LA . 32.62 -20.11 -11.70
C5 NAG LA . 31.21 -20.69 -11.60
C6 NAG LA . 30.78 -21.43 -12.85
C7 NAG LA . 34.43 -20.02 -7.41
C8 NAG LA . 34.62 -19.35 -6.08
N2 NAG LA . 33.22 -19.91 -7.97
O3 NAG LA . 34.35 -19.00 -10.43
O4 NAG LA . 32.68 -19.17 -12.75
O5 NAG LA . 31.14 -21.63 -10.52
O6 NAG LA . 31.19 -22.78 -12.81
O7 NAG LA . 35.34 -20.64 -7.95
C1 NAG LA . 33.57 -19.24 -13.80
C2 NAG LA . 33.98 -18.36 -14.99
C3 NAG LA . 35.00 -19.10 -15.86
C4 NAG LA . 36.18 -19.58 -15.03
C5 NAG LA . 35.67 -20.40 -13.85
C6 NAG LA . 36.77 -20.82 -12.90
C7 NAG LA . 32.00 -18.79 -16.42
C8 NAG LA . 30.88 -18.16 -17.17
N2 NAG LA . 32.82 -17.95 -15.79
O3 NAG LA . 35.46 -18.23 -16.89
O4 NAG LA . 37.03 -20.38 -15.82
O5 NAG LA . 34.74 -19.63 -13.07
O6 NAG LA . 36.87 -22.24 -12.81
O7 NAG LA . 32.16 -20.01 -16.39
C1 NAG MA . -1.55 59.46 5.21
C2 NAG MA . -2.73 59.92 6.06
C3 NAG MA . -3.22 61.29 5.60
C4 NAG MA . -2.08 62.29 5.59
C5 NAG MA . -0.90 61.75 4.77
C6 NAG MA . 0.32 62.62 4.83
C7 NAG MA . -4.53 58.61 7.08
C8 NAG MA . -5.61 57.59 6.85
N2 NAG MA . -3.81 58.94 6.01
O3 NAG MA . -4.25 61.74 6.48
O4 NAG MA . -2.51 63.52 5.01
O5 NAG MA . -0.51 60.46 5.27
O6 NAG MA . 0.98 62.50 6.08
O7 NAG MA . -4.34 59.11 8.19
C1 NAG NA . 14.34 47.30 -9.42
C2 NAG NA . 15.68 46.73 -9.88
C3 NAG NA . 16.69 46.76 -8.75
C4 NAG NA . 16.80 48.18 -8.18
C5 NAG NA . 15.43 48.70 -7.79
C6 NAG NA . 15.45 50.15 -7.34
C7 NAG NA . 15.21 45.10 -11.65
C8 NAG NA . 15.09 43.64 -11.99
N2 NAG NA . 15.52 45.37 -10.38
O3 NAG NA . 17.96 46.33 -9.23
O4 NAG NA . 17.66 48.18 -7.04
O5 NAG NA . 14.54 48.63 -8.91
O6 NAG NA . 16.70 50.76 -7.62
O7 NAG NA . 15.03 45.97 -12.48
C1 NAG OA . -8.17 35.06 -24.34
C2 NAG OA . -9.08 34.74 -23.16
C3 NAG OA . -10.53 35.09 -23.51
C4 NAG OA . -10.62 36.53 -23.97
C5 NAG OA . -9.64 36.80 -25.11
C6 NAG OA . -9.58 38.25 -25.53
C7 NAG OA . -9.06 32.93 -21.50
C8 NAG OA . -8.93 31.45 -21.28
N2 NAG OA . -8.98 33.34 -22.78
O3 NAG OA . -11.35 34.89 -22.37
O4 NAG OA . -11.94 36.82 -24.41
O5 NAG OA . -8.31 36.43 -24.70
O6 NAG OA . -9.19 39.08 -24.44
O7 NAG OA . -9.22 33.71 -20.58
C1 NAG PA . 14.55 32.10 -40.92
C2 NAG PA . 13.96 30.93 -41.69
C3 NAG PA . 14.72 30.70 -42.99
C4 NAG PA . 14.77 32.00 -43.80
C5 NAG PA . 15.34 33.12 -42.96
C6 NAG PA . 15.31 34.46 -43.66
C7 NAG PA . 12.89 28.94 -40.71
C8 NAG PA . 13.09 27.73 -39.84
N2 NAG PA . 13.97 29.72 -40.88
O3 NAG PA . 14.08 29.68 -43.75
O4 NAG PA . 15.58 31.81 -44.96
O5 NAG PA . 14.56 33.27 -41.76
O6 NAG PA . 15.45 34.30 -45.06
O7 NAG PA . 11.82 29.21 -41.23
C1 NAG QA . 4.19 -15.20 -29.48
C2 NAG QA . 4.07 -14.59 -30.89
C3 NAG QA . 4.40 -15.65 -31.94
C4 NAG QA . 5.76 -16.27 -31.66
C5 NAG QA . 5.81 -16.81 -30.23
C6 NAG QA . 7.17 -17.34 -29.85
C7 NAG QA . 2.45 -13.11 -32.00
C8 NAG QA . 1.03 -12.68 -32.09
N2 NAG QA . 2.73 -14.06 -31.10
O3 NAG QA . 4.40 -15.04 -33.23
O4 NAG QA . 5.99 -17.34 -32.57
O5 NAG QA . 5.50 -15.76 -29.32
O6 NAG QA . 7.62 -16.78 -28.64
O7 NAG QA . 3.33 -12.62 -32.71
C1 NAG RA . 10.33 0.68 -43.04
C2 NAG RA . 11.04 0.22 -44.31
C3 NAG RA . 12.54 0.52 -44.22
C4 NAG RA . 12.77 1.99 -43.89
C5 NAG RA . 12.00 2.37 -42.63
C6 NAG RA . 12.09 3.84 -42.30
C7 NAG RA . 9.74 -1.67 -45.17
C8 NAG RA . 9.68 -3.16 -45.34
N2 NAG RA . 10.82 -1.20 -44.55
O3 NAG RA . 13.16 0.20 -45.45
O4 NAG RA . 14.16 2.23 -43.68
O5 NAG RA . 10.61 2.07 -42.81
O6 NAG RA . 12.92 4.52 -43.22
O7 NAG RA . 8.85 -0.93 -45.58
C1 MAN SA . -16.79 20.78 -27.25
C2 MAN SA . -17.39 19.41 -27.53
C3 MAN SA . -18.83 19.48 -28.05
C4 MAN SA . -18.99 20.56 -29.12
C5 MAN SA . -17.65 21.19 -29.45
C6 MAN SA . -17.79 22.27 -30.50
O2 MAN SA . -17.37 18.62 -26.33
O3 MAN SA . -19.71 19.75 -26.96
O4 MAN SA . -19.55 19.98 -30.30
O5 MAN SA . -17.13 21.75 -28.24
O6 MAN SA . -18.35 21.72 -31.70
C1 MAN TA . -15.86 -21.79 17.79
C2 MAN TA . -15.44 -20.35 18.14
C3 MAN TA . -14.44 -19.82 17.11
C4 MAN TA . -13.30 -20.82 16.88
C5 MAN TA . -13.90 -22.17 16.47
C6 MAN TA . -12.83 -23.24 16.26
O2 MAN TA . -14.75 -20.30 19.39
O3 MAN TA . -13.91 -18.55 17.50
O4 MAN TA . -12.44 -20.35 15.86
O5 MAN TA . -14.77 -22.63 17.51
O6 MAN TA . -12.34 -23.63 17.53
C1 NAG UA . -44.81 20.86 33.55
C2 NAG UA . -44.32 21.35 34.91
C3 NAG UA . -45.39 21.15 35.96
C4 NAG UA . -46.69 21.80 35.52
C5 NAG UA . -47.09 21.31 34.13
C6 NAG UA . -48.30 22.02 33.57
C7 NAG UA . -42.05 21.30 35.86
C8 NAG UA . -40.87 20.45 36.19
N2 NAG UA . -43.09 20.68 35.29
O3 NAG UA . -44.96 21.72 37.20
O4 NAG UA . -47.73 21.48 36.45
O5 NAG UA . -46.02 21.54 33.20
O6 NAG UA . -47.98 23.34 33.15
O7 NAG UA . -42.08 22.51 36.09
C1 NAG VA . -47.96 9.74 11.63
C2 NAG VA . -48.28 9.62 10.14
C3 NAG VA . -48.27 10.99 9.49
C4 NAG VA . -49.21 11.94 10.22
C5 NAG VA . -48.87 11.96 11.71
C6 NAG VA . -49.84 12.78 12.53
C7 NAG VA . -47.50 7.41 9.40
C8 NAG VA . -46.44 6.65 8.67
N2 NAG VA . -47.34 8.73 9.47
O3 NAG VA . -48.67 10.88 8.13
O4 NAG VA . -49.10 13.25 9.69
O5 NAG VA . -48.89 10.63 12.25
O6 NAG VA . -51.00 13.11 11.78
O7 NAG VA . -48.47 6.85 9.90
C1 NAG WA . -34.65 -14.76 21.70
C2 NAG WA . -33.52 -14.11 22.49
C3 NAG WA . -33.33 -14.82 23.83
C4 NAG WA . -34.66 -14.85 24.58
C5 NAG WA . -35.75 -15.46 23.72
C6 NAG WA . -37.11 -15.40 24.36
C7 NAG WA . -31.40 -13.10 21.73
C8 NAG WA . -30.17 -13.29 20.91
N2 NAG WA . -32.28 -14.13 21.74
O3 NAG WA . -32.35 -14.14 24.60
O4 NAG WA . -34.51 -15.63 25.77
O5 NAG WA . -35.85 -14.74 22.47
O6 NAG WA . -37.49 -14.07 24.65
O7 NAG WA . -31.61 -12.08 22.38
C1 NAG XA . -49.00 -22.73 -1.33
C2 NAG XA . -48.12 -23.96 -1.57
C3 NAG XA . -48.83 -24.94 -2.52
C4 NAG XA . -50.21 -25.27 -1.99
C5 NAG XA . -51.01 -24.00 -1.74
C6 NAG XA . -52.36 -24.26 -1.11
C7 NAG XA . -45.67 -23.99 -1.59
C8 NAG XA . -44.43 -23.50 -2.26
N2 NAG XA . -46.83 -23.57 -2.11
O3 NAG XA . -48.05 -26.12 -2.63
O4 NAG XA . -50.90 -26.09 -2.92
O5 NAG XA . -50.28 -23.14 -0.84
O6 NAG XA . -52.90 -25.50 -1.53
O7 NAG XA . -45.63 -24.73 -0.61
C1 NAG YA . -1.92 -29.32 -15.97
C2 NAG YA . -2.93 -30.44 -15.76
C3 NAG YA . -2.68 -31.57 -16.75
C4 NAG YA . -2.65 -31.04 -18.17
C5 NAG YA . -1.64 -29.91 -18.29
C6 NAG YA . -1.63 -29.26 -19.65
C7 NAG YA . -3.90 -31.56 -13.79
C8 NAG YA . -3.65 -32.01 -12.38
N2 NAG YA . -2.87 -30.94 -14.40
O3 NAG YA . -3.71 -32.55 -16.62
O4 NAG YA . -2.29 -32.09 -19.07
O5 NAG YA . -1.96 -28.88 -17.34
O6 NAG YA . -1.92 -27.86 -19.56
O7 NAG YA . -4.96 -31.75 -14.37
C1 NAG ZA . -22.87 -34.90 -14.74
C2 NAG ZA . -23.36 -35.93 -15.76
C3 NAG ZA . -24.21 -35.26 -16.84
C4 NAG ZA . -25.33 -34.45 -16.21
C5 NAG ZA . -24.75 -33.47 -15.18
C6 NAG ZA . -25.82 -32.71 -14.43
C7 NAG ZA . -21.65 -37.70 -15.79
C8 NAG ZA . -20.51 -38.31 -16.54
N2 NAG ZA . -22.24 -36.64 -16.36
O3 NAG ZA . -24.75 -36.25 -17.70
O4 NAG ZA . -26.03 -33.73 -17.21
O5 NAG ZA . -24.00 -34.19 -14.20
O6 NAG ZA . -27.13 -33.09 -14.85
O7 NAG ZA . -22.02 -38.14 -14.71
C1 MAN AB . -20.86 -25.01 21.45
C2 MAN AB . -20.33 -24.41 22.75
C3 MAN AB . -19.38 -25.34 23.50
C4 MAN AB . -18.37 -25.99 22.57
C5 MAN AB . -18.52 -25.46 21.15
C6 MAN AB . -17.54 -26.12 20.21
O2 MAN AB . -21.43 -24.07 23.61
O3 MAN AB . -20.14 -26.36 24.16
O4 MAN AB . -17.04 -25.72 23.04
O5 MAN AB . -19.85 -25.73 20.73
O6 MAN AB . -16.20 -25.83 20.63
C1 NAG BB . 16.55 20.75 53.47
C2 NAG BB . 16.50 22.26 53.51
C3 NAG BB . 17.56 22.81 54.47
C4 NAG BB . 17.42 22.16 55.84
C5 NAG BB . 17.42 20.63 55.71
C6 NAG BB . 17.14 19.94 57.02
C7 NAG BB . 15.98 23.89 51.75
C8 NAG BB . 16.28 24.34 50.35
N2 NAG BB . 16.67 22.83 52.19
O3 NAG BB . 17.42 24.22 54.57
O4 NAG BB . 18.50 22.56 56.68
O5 NAG BB . 16.39 20.22 54.80
O6 NAG BB . 15.76 20.00 57.36
O7 NAG BB . 15.14 24.45 52.45
C1 NAG CB . 17.77 -3.15 46.98
C2 NAG CB . 17.39 -4.62 46.96
C3 NAG CB . 16.01 -4.81 47.58
C4 NAG CB . 15.97 -4.20 48.98
C5 NAG CB . 16.42 -2.74 48.93
C6 NAG CB . 16.53 -2.10 50.30
C7 NAG CB . 18.51 -5.64 45.03
C8 NAG CB . 18.35 -6.15 43.63
N2 NAG CB . 17.40 -5.16 45.60
O3 NAG CB . 15.71 -6.20 47.66
O4 NAG CB . 14.65 -4.27 49.51
O5 NAG CB . 17.72 -2.65 48.32
O6 NAG CB . 16.44 -3.08 51.32
O7 NAG CB . 19.58 -5.68 45.62
C1 NAG DB . 35.75 3.52 24.40
C2 NAG DB . 35.06 4.78 23.91
C3 NAG DB . 36.10 5.86 23.59
C4 NAG DB . 37.01 6.10 24.79
C5 NAG DB . 37.62 4.77 25.25
C6 NAG DB . 38.43 4.92 26.51
C7 NAG DB . 33.04 5.10 22.56
C8 NAG DB . 32.31 4.70 21.32
N2 NAG DB . 34.22 4.51 22.76
O3 NAG DB . 35.43 7.07 23.24
O4 NAG DB . 38.05 6.99 24.43
O5 NAG DB . 36.59 3.83 25.53
O6 NAG DB . 37.64 5.40 27.59
O7 NAG DB . 32.58 5.92 23.36
C1 NAG EB . 38.78 -24.23 28.65
C2 NAG EB . 39.29 -24.49 27.24
C3 NAG EB . 39.98 -25.86 27.16
C4 NAG EB . 41.07 -25.96 28.22
C5 NAG EB . 40.49 -25.66 29.59
C6 NAG EB . 41.54 -25.64 30.68
C7 NAG EB . 38.28 -23.68 25.16
C8 NAG EB . 37.07 -23.72 24.27
N2 NAG EB . 38.21 -24.41 26.27
O3 NAG EB . 40.55 -26.03 25.86
O4 NAG EB . 41.62 -27.27 28.22
O5 NAG EB . 39.88 -24.36 29.58
O6 NAG EB . 42.59 -26.55 30.41
O7 NAG EB . 39.28 -23.03 24.87
C1 NAG FB . 31.72 -30.81 -1.60
C2 NAG FB . 32.31 -32.19 -1.91
C3 NAG FB . 31.68 -33.25 -1.01
C4 NAG FB . 31.80 -32.85 0.46
C5 NAG FB . 31.22 -31.46 0.67
C6 NAG FB . 31.41 -30.95 2.07
C7 NAG FB . 32.94 -32.12 -4.28
C8 NAG FB . 32.60 -32.57 -5.67
N2 NAG FB . 32.12 -32.52 -3.31
O3 NAG FB . 32.33 -34.49 -1.24
O4 NAG FB . 31.11 -33.79 1.27
O5 NAG FB . 31.88 -30.53 -0.20
O6 NAG FB . 32.09 -31.89 2.88
O7 NAG FB . 33.93 -31.41 -4.05
C1 MAN GB . 36.41 5.79 5.83
C2 MAN GB . 36.23 7.29 5.67
C3 MAN GB . 37.38 7.90 4.89
C4 MAN GB . 37.42 7.31 3.49
C5 MAN GB . 36.82 5.91 3.49
C6 MAN GB . 37.34 5.09 2.33
O2 MAN GB . 36.15 7.90 6.97
O3 MAN GB . 38.62 7.62 5.56
O4 MAN GB . 36.67 8.15 2.60
O5 MAN GB . 37.15 5.27 4.73
O6 MAN GB . 36.99 5.72 1.10
C1 NAG HB . 17.11 -22.82 -16.21
C2 NAG HB . 16.07 -23.76 -16.81
C3 NAG HB . 16.26 -25.20 -16.34
C4 NAG HB . 17.71 -25.62 -16.56
C5 NAG HB . 18.65 -24.62 -15.90
C6 NAG HB . 20.11 -25.01 -16.12
C7 NAG HB . 13.66 -24.09 -16.52
C8 NAG HB . 12.73 -24.00 -15.34
N2 NAG HB . 14.73 -23.30 -16.45
O3 NAG HB . 15.41 -26.08 -17.09
O4 NAG HB . 17.92 -26.92 -16.00
O5 NAG HB . 18.43 -23.31 -16.44
O6 NAG HB . 20.30 -26.36 -15.68
O7 NAG HB . 13.47 -24.85 -17.45
C1 NAG IB . 18.43 45.31 19.80
C2 NAG IB . 19.00 46.13 18.64
C3 NAG IB . 19.87 45.25 17.74
C4 NAG IB . 20.94 44.53 18.57
C5 NAG IB . 20.29 43.78 19.72
C6 NAG IB . 21.30 43.13 20.64
C7 NAG IB . 17.72 48.08 17.88
C8 NAG IB . 16.59 48.56 17.03
N2 NAG IB . 17.95 46.76 17.88
O3 NAG IB . 20.48 46.05 16.74
O4 NAG IB . 21.65 43.61 17.74
O5 NAG IB . 19.51 44.68 20.52
O6 NAG IB . 21.72 41.87 20.15
O7 NAG IB . 18.42 48.84 18.54
C1 NAG JB . -35.76 36.55 11.31
C2 NAG JB . -37.11 35.95 10.95
C3 NAG JB . -37.03 35.24 9.59
C4 NAG JB . -36.49 36.19 8.54
C5 NAG JB . -35.16 36.79 9.00
C6 NAG JB . -34.61 37.82 8.05
C7 NAG JB . -38.40 35.39 12.96
C8 NAG JB . -38.77 34.31 13.94
N2 NAG JB . -37.57 35.03 11.98
O3 NAG JB . -38.33 34.78 9.22
O4 NAG JB . -36.28 35.48 7.31
O5 NAG JB . -35.34 37.44 10.26
O6 NAG JB . -33.70 37.24 7.12
O7 NAG JB . -38.84 36.52 13.06
C1 NAG KB . -9.23 8.40 51.35
C2 NAG KB . -8.23 7.55 52.12
C3 NAG KB . -8.16 6.14 51.55
C4 NAG KB . -9.56 5.53 51.50
C5 NAG KB . -10.51 6.46 50.74
C6 NAG KB . -11.94 5.97 50.77
C7 NAG KB . -6.36 8.69 53.23
C8 NAG KB . -5.00 9.29 53.06
N2 NAG KB . -6.91 8.17 52.13
O3 NAG KB . -7.31 5.34 52.36
O4 NAG KB . -9.51 4.28 50.82
O5 NAG KB . -10.51 7.75 51.36
O6 NAG KB . -12.22 5.11 49.67
O7 NAG KB . -6.93 8.69 54.31
#